data_5NPK
#
_entry.id   5NPK
#
_cell.length_a   89.442
_cell.length_b   120.680
_cell.length_c   168.899
_cell.angle_alpha   90.000
_cell.angle_beta   90.050
_cell.angle_gamma   90.000
#
_symmetry.space_group_name_H-M   'P 1 21 1'
#
loop_
_entity.id
_entity.type
_entity.pdbx_description
1 polymer 'DNA gyrase subunit B,DNA gyrase subunit B,DNA gyrase subunit A'
2 polymer "DNA (5'-D(*AP*GP*CP*CP*GP*TP*AP*GP*GP*TP*AP*CP*CP*TP*AP*CP*GP*GP*CP*T)-3')"
3 non-polymer 'MANGANESE (II) ION'
4 non-polymer ~{N}-[(1~{R})-2-azanyl-1-phenyl-ethyl]-4-(1~{H}-pyrrolo[2,3-b]pyridin-3-yl)thiophene-2-carboxamide
5 non-polymer GLYCEROL
6 non-polymer 'CHLORIDE ION'
7 non-polymer 'SULFATE ION'
8 non-polymer 'SODIUM ION'
9 non-polymer ~{N}-[(1~{S})-2-azanyl-1-phenyl-ethyl]-4-(1~{H}-pyrrolo[2,3-b]pyridin-3-yl)thiophene-2-carboxamide
10 water water
#
loop_
_entity_poly.entity_id
_entity_poly.type
_entity_poly.pdbx_seq_one_letter_code
_entity_poly.pdbx_strand_id
1 'polypeptide(L)'
;MDVASLPGKLADCSSKSPEECEIFLVEGDSAGGSTKSGRDSRTQAILPLRGKILNVEKARLDRILNNNEIRQMITAFGTG
IGGDFDLAKARYHKIVIMTDADVDGAHIRTLLLTFFYRFMRPLIEAGYVYIAQPPTGYKGLGEMNADQLWETTMNPEHRA
LLQVKLEDAIEADQTFEMLMGDVVENRRQFIEDNAVYANLDFAELPQSRINERNITSEMRESFLDYAMSVIVARALPDVR
DGLKPVHRRILYGLNEQGMTPDKSYKKSARIVGDVMGKYHPHGDSSIYEAMVRMAQDFSYRYPLVDGQGNFGSMDGDGAA
AMRFTEARMTKITLELLRDINKDTIDFIDNYDGNEREPSVLPARFPNLLANGASGIAVGMATNIPPHNLTELINGVLSLS
KNPDISIAELMEDIEGPDFPTAGLILGKSGIRRAYETGRGSIQMRSRAVIEERGGGRQRIVVTEIPFQVNKARMIEKIAE
LVRDKKIDGITDLRDETSLRTGVRVVIDVRKDANASVILNNLYKQTPLQTSFGVNMIALVNGRPKLINLKEALVHYLEHQ
KTVVRRRTQYNLRKAKDRAHILEGLRIALDHIDEIISTIRESDTDKVAMESLQQRFKLSEKQAQAILDMRLRRLTGLERD
KIEAEYNELLNYISELETILADEEVLLQLVRDELTEIRDRFGDDRRTEIQLG
;
B,D,b,d
2 'polydeoxyribonucleotide' (DA)(DG)(DC)(DC)(DG)(DT)(DA)(DG)(DG)(DT)(DA)(DC)(DC)(DT)(DA)(DC)(DG)(DG)(DC)(DT) E,F,e,f
#
# COMPACT_ATOMS: atom_id res chain seq x y z
N LYS A 9 47.69 38.56 -36.50
CA LYS A 9 47.46 37.37 -35.63
C LYS A 9 48.13 36.15 -36.24
N LEU A 10 48.61 36.27 -37.47
CA LEU A 10 49.23 35.14 -38.16
C LEU A 10 50.60 34.81 -37.57
N ALA A 11 50.80 33.55 -37.22
CA ALA A 11 52.12 33.05 -36.84
C ALA A 11 52.64 32.24 -38.01
N ASP A 12 53.49 32.86 -38.82
CA ASP A 12 53.96 32.24 -40.05
C ASP A 12 55.00 31.17 -39.77
N CYS A 13 55.30 30.38 -40.79
CA CYS A 13 56.37 29.39 -40.75
C CYS A 13 57.65 29.99 -41.34
N SER A 14 58.78 29.37 -41.03
CA SER A 14 60.07 29.91 -41.43
C SER A 14 60.40 29.62 -42.91
N SER A 15 59.92 28.50 -43.43
CA SER A 15 60.14 28.18 -44.83
C SER A 15 59.39 29.13 -45.74
N LYS A 16 59.93 29.32 -46.95
CA LYS A 16 59.32 30.17 -47.96
C LYS A 16 59.04 29.41 -49.24
N SER A 17 59.10 28.08 -49.21
CA SER A 17 58.73 27.24 -50.35
C SER A 17 57.27 26.82 -50.17
N PRO A 18 56.35 27.55 -50.94
CA PRO A 18 54.96 27.15 -50.69
C PRO A 18 54.58 25.69 -50.87
N GLU A 19 55.27 24.96 -51.72
CA GLU A 19 54.90 23.60 -52.00
C GLU A 19 54.86 22.74 -50.73
N GLU A 20 55.74 23.05 -49.77
CA GLU A 20 55.80 22.31 -48.53
C GLU A 20 55.18 23.05 -47.34
N CYS A 21 54.67 24.26 -47.55
CA CYS A 21 54.10 25.05 -46.46
C CYS A 21 52.61 24.86 -46.37
N GLU A 22 52.10 24.92 -45.13
CA GLU A 22 50.68 24.71 -44.83
C GLU A 22 50.26 25.75 -43.81
N ILE A 23 49.10 26.37 -44.03
CA ILE A 23 48.53 27.30 -43.07
C ILE A 23 47.26 26.66 -42.47
N PHE A 24 47.15 26.73 -41.15
CA PHE A 24 45.98 26.19 -40.45
C PHE A 24 45.11 27.34 -40.00
N LEU A 25 43.85 27.33 -40.43
CA LEU A 25 42.85 28.29 -39.97
C LEU A 25 42.14 27.68 -38.77
N VAL A 26 42.45 28.18 -37.57
CA VAL A 26 42.08 27.53 -36.31
C VAL A 26 40.97 28.26 -35.64
N GLU A 27 39.94 27.52 -35.19
CA GLU A 27 38.81 28.13 -34.47
C GLU A 27 39.29 28.39 -33.02
N GLY A 28 39.24 29.66 -32.61
CA GLY A 28 39.42 29.97 -31.21
C GLY A 28 40.84 30.47 -30.89
N ASP A 29 40.91 31.50 -30.01
CA ASP A 29 42.20 32.00 -29.59
C ASP A 29 42.93 31.01 -28.68
N SER A 30 42.18 30.26 -27.83
CA SER A 30 42.83 29.27 -27.02
C SER A 30 43.51 28.21 -27.90
N ALA A 31 42.75 27.65 -28.83
CA ALA A 31 43.32 26.66 -29.75
C ALA A 31 44.36 27.29 -30.64
N GLY A 32 44.22 28.57 -30.95
CA GLY A 32 45.26 29.24 -31.75
C GLY A 32 46.59 29.26 -31.07
N GLY A 33 46.61 29.51 -29.74
CA GLY A 33 47.88 29.53 -29.03
C GLY A 33 48.47 28.13 -28.87
N SER A 34 47.61 27.14 -28.64
CA SER A 34 48.13 25.78 -28.50
C SER A 34 48.67 25.22 -29.79
N THR A 35 47.98 25.45 -30.91
CA THR A 35 48.48 24.99 -32.22
C THR A 35 49.78 25.72 -32.58
N LYS A 36 49.92 27.00 -32.17
CA LYS A 36 51.16 27.70 -32.44
C LYS A 36 52.33 27.07 -31.69
N SER A 37 52.07 26.52 -30.51
N SER A 37 52.07 26.51 -30.52
CA SER A 37 53.12 25.84 -29.75
CA SER A 37 53.13 25.85 -29.77
C SER A 37 53.36 24.41 -30.21
C SER A 37 53.35 24.40 -30.19
N GLY A 38 52.31 23.72 -30.65
CA GLY A 38 52.43 22.34 -31.08
C GLY A 38 52.79 22.12 -32.55
N ARG A 39 52.78 23.17 -33.35
CA ARG A 39 53.03 23.03 -34.77
C ARG A 39 54.53 22.70 -35.03
N ASP A 40 54.77 22.21 -36.25
CA ASP A 40 56.12 22.19 -36.81
C ASP A 40 56.31 23.55 -37.49
N SER A 41 56.99 24.45 -36.78
CA SER A 41 57.03 25.86 -37.19
C SER A 41 57.88 26.10 -38.45
N ARG A 42 58.58 25.07 -38.93
N ARG A 42 58.60 25.10 -38.96
CA ARG A 42 59.33 25.19 -40.17
CA ARG A 42 59.30 25.34 -40.21
C ARG A 42 58.40 25.27 -41.38
C ARG A 42 58.31 25.38 -41.37
N THR A 43 57.29 24.52 -41.34
CA THR A 43 56.41 24.37 -42.49
C THR A 43 54.94 24.63 -42.23
N GLN A 44 54.54 24.96 -40.99
CA GLN A 44 53.13 25.12 -40.66
C GLN A 44 52.89 26.50 -40.06
N ALA A 45 51.95 27.24 -40.64
CA ALA A 45 51.53 28.54 -40.14
C ALA A 45 50.13 28.45 -39.52
N ILE A 46 49.85 29.35 -38.58
CA ILE A 46 48.58 29.36 -37.86
C ILE A 46 47.95 30.72 -38.05
N LEU A 47 46.68 30.74 -38.47
CA LEU A 47 45.86 31.93 -38.40
C LEU A 47 44.65 31.62 -37.52
N PRO A 48 44.61 32.13 -36.29
CA PRO A 48 43.44 31.89 -35.44
C PRO A 48 42.27 32.78 -35.91
N LEU A 49 41.05 32.21 -35.85
CA LEU A 49 39.85 32.96 -36.13
C LEU A 49 39.08 33.10 -34.82
N ARG A 50 38.58 34.27 -34.52
CA ARG A 50 37.89 34.50 -33.26
C ARG A 50 36.71 33.57 -33.06
N GLY A 51 35.91 33.33 -34.08
CA GLY A 51 34.78 32.40 -33.91
C GLY A 51 34.02 32.41 -35.25
N LYS A 52 32.77 32.79 -35.21
CA LYS A 52 31.99 32.88 -36.42
C LYS A 52 32.53 34.03 -37.28
N ILE A 53 32.56 33.82 -38.58
CA ILE A 53 33.14 34.79 -39.51
C ILE A 53 32.03 35.24 -40.46
N LEU A 54 32.32 36.28 -41.22
CA LEU A 54 31.33 36.85 -42.15
C LEU A 54 30.81 35.80 -43.13
N ASN A 55 29.53 35.80 -43.36
CA ASN A 55 28.92 34.99 -44.44
C ASN A 55 28.93 35.84 -45.71
N VAL A 56 29.83 35.57 -46.63
CA VAL A 56 29.96 36.40 -47.81
C VAL A 56 28.79 36.19 -48.79
N GLU A 57 28.03 35.11 -48.65
CA GLU A 57 26.89 34.91 -49.52
C GLU A 57 25.75 35.91 -49.20
N LYS A 58 25.69 36.39 -47.97
CA LYS A 58 24.70 37.39 -47.58
C LYS A 58 25.27 38.82 -47.51
N ALA A 59 26.58 38.98 -47.68
CA ALA A 59 27.23 40.24 -47.39
C ALA A 59 27.45 41.04 -48.71
N ARG A 60 27.54 42.35 -48.53
CA ARG A 60 27.88 43.25 -49.62
C ARG A 60 29.37 43.30 -49.82
N LEU A 61 29.81 43.62 -51.04
CA LEU A 61 31.23 43.58 -51.35
C LEU A 61 32.04 44.55 -50.45
N ASP A 62 31.46 45.69 -50.10
CA ASP A 62 32.15 46.65 -49.26
C ASP A 62 32.42 46.09 -47.87
N ARG A 63 31.47 45.34 -47.32
CA ARG A 63 31.68 44.74 -45.99
C ARG A 63 32.64 43.56 -46.04
N ILE A 64 32.63 42.79 -47.12
CA ILE A 64 33.55 41.66 -47.28
C ILE A 64 34.97 42.18 -47.31
N LEU A 65 35.21 43.19 -48.19
CA LEU A 65 36.58 43.65 -48.41
C LEU A 65 37.14 44.36 -47.16
N ASN A 66 36.29 45.02 -46.40
CA ASN A 66 36.72 45.71 -45.20
C ASN A 66 36.66 44.83 -43.95
N ASN A 67 36.28 43.56 -44.08
CA ASN A 67 36.23 42.67 -42.93
C ASN A 67 37.65 42.25 -42.55
N ASN A 68 37.99 42.35 -41.26
CA ASN A 68 39.34 42.18 -40.81
C ASN A 68 39.87 40.75 -41.03
N GLU A 69 39.03 39.76 -40.75
CA GLU A 69 39.49 38.37 -40.87
C GLU A 69 39.59 37.95 -42.33
N ILE A 70 38.63 38.36 -43.16
CA ILE A 70 38.76 38.17 -44.60
C ILE A 70 40.08 38.77 -45.10
N ARG A 71 40.43 39.94 -44.61
N ARG A 71 40.44 39.93 -44.59
CA ARG A 71 41.64 40.63 -45.07
CA ARG A 71 41.63 40.64 -45.07
C ARG A 71 42.89 39.90 -44.61
C ARG A 71 42.90 39.94 -44.59
N GLN A 72 42.85 39.42 -43.38
CA GLN A 72 43.99 38.63 -42.89
C GLN A 72 44.18 37.36 -43.72
N MET A 73 43.08 36.73 -44.12
CA MET A 73 43.19 35.50 -44.90
C MET A 73 43.69 35.76 -46.30
N ILE A 74 43.19 36.80 -46.95
CA ILE A 74 43.68 37.19 -48.29
C ILE A 74 45.17 37.47 -48.20
N THR A 75 45.57 38.29 -47.23
CA THR A 75 46.97 38.70 -47.12
C THR A 75 47.86 37.50 -46.82
N ALA A 76 47.38 36.56 -46.01
CA ALA A 76 48.18 35.39 -45.69
C ALA A 76 48.36 34.49 -46.91
N PHE A 77 47.31 34.35 -47.73
CA PHE A 77 47.40 33.45 -48.88
C PHE A 77 48.22 34.06 -50.03
N GLY A 78 48.11 35.38 -50.24
CA GLY A 78 48.87 36.07 -51.26
C GLY A 78 48.33 35.93 -52.67
N THR A 79 47.24 35.23 -52.86
CA THR A 79 46.72 34.93 -54.19
C THR A 79 45.95 36.07 -54.81
N GLY A 80 45.38 36.95 -53.98
CA GLY A 80 44.34 37.85 -54.47
C GLY A 80 43.00 37.15 -54.47
N ILE A 81 41.99 37.88 -54.93
CA ILE A 81 40.61 37.36 -54.92
C ILE A 81 39.92 37.62 -56.23
N GLY A 82 38.90 36.81 -56.47
CA GLY A 82 38.03 36.94 -57.66
C GLY A 82 38.80 36.87 -58.96
N GLY A 83 38.79 37.99 -59.69
CA GLY A 83 39.44 38.07 -60.99
C GLY A 83 40.94 38.18 -60.90
N ASP A 84 41.43 38.96 -59.94
CA ASP A 84 42.87 39.12 -59.73
C ASP A 84 43.50 37.92 -59.04
N PHE A 85 42.75 36.83 -58.87
CA PHE A 85 43.29 35.63 -58.23
C PHE A 85 44.42 35.05 -59.07
N ASP A 86 45.57 34.84 -58.43
CA ASP A 86 46.75 34.27 -59.08
C ASP A 86 47.17 33.06 -58.24
N LEU A 87 46.84 31.87 -58.72
CA LEU A 87 47.15 30.63 -58.02
C LEU A 87 48.63 30.40 -57.83
N ALA A 88 49.44 30.89 -58.75
CA ALA A 88 50.87 30.72 -58.67
C ALA A 88 51.45 31.52 -57.52
N LYS A 89 50.74 32.55 -57.09
CA LYS A 89 51.22 33.41 -56.03
C LYS A 89 50.87 32.88 -54.63
N ALA A 90 50.33 31.67 -54.54
CA ALA A 90 49.96 31.09 -53.25
C ALA A 90 51.16 30.81 -52.35
N ARG A 91 51.10 31.29 -51.12
CA ARG A 91 52.19 31.09 -50.18
C ARG A 91 52.11 29.75 -49.45
N TYR A 92 50.99 29.04 -49.56
CA TYR A 92 50.79 27.73 -48.96
C TYR A 92 50.04 26.85 -49.94
N HIS A 93 50.49 25.61 -50.08
CA HIS A 93 49.84 24.65 -50.94
C HIS A 93 48.79 23.82 -50.24
N LYS A 94 48.74 23.93 -48.92
CA LYS A 94 47.68 23.32 -48.12
C LYS A 94 47.07 24.40 -47.25
N ILE A 95 45.77 24.63 -47.42
CA ILE A 95 44.99 25.50 -46.53
C ILE A 95 44.06 24.59 -45.76
N VAL A 96 44.26 24.50 -44.44
CA VAL A 96 43.64 23.47 -43.63
C VAL A 96 42.63 24.14 -42.68
N ILE A 97 41.35 23.82 -42.86
CA ILE A 97 40.30 24.28 -41.98
C ILE A 97 40.30 23.36 -40.73
N MET A 98 40.51 23.95 -39.56
CA MET A 98 40.64 23.20 -38.32
C MET A 98 39.71 23.84 -37.26
N THR A 99 38.54 23.25 -37.08
CA THR A 99 37.55 23.71 -36.14
C THR A 99 37.23 22.61 -35.13
N ASP A 100 36.47 22.97 -34.09
CA ASP A 100 35.97 21.98 -33.16
C ASP A 100 35.13 20.93 -33.88
N ALA A 101 35.16 19.69 -33.39
CA ALA A 101 34.27 18.66 -33.90
C ALA A 101 32.90 18.77 -33.17
N ASP A 102 32.24 19.91 -33.41
CA ASP A 102 30.90 20.13 -32.90
C ASP A 102 30.14 20.98 -33.89
N VAL A 103 28.88 21.35 -33.53
CA VAL A 103 28.03 21.98 -34.55
C VAL A 103 28.48 23.37 -34.88
N ASP A 104 29.06 24.09 -33.94
CA ASP A 104 29.55 25.46 -34.25
C ASP A 104 30.80 25.43 -35.11
N GLY A 105 31.68 24.46 -34.85
CA GLY A 105 32.81 24.28 -35.72
C GLY A 105 32.37 23.92 -37.14
N ALA A 106 31.35 23.09 -37.26
CA ALA A 106 30.82 22.76 -38.56
C ALA A 106 30.23 24.00 -39.25
N HIS A 107 29.67 24.91 -38.47
CA HIS A 107 29.17 26.15 -39.05
C HIS A 107 30.29 27.02 -39.56
N ILE A 108 31.34 27.18 -38.74
CA ILE A 108 32.53 27.94 -39.16
C ILE A 108 33.12 27.30 -40.43
N ARG A 109 33.01 25.98 -40.55
CA ARG A 109 33.49 25.31 -41.74
C ARG A 109 32.67 25.72 -42.97
N THR A 110 31.34 25.75 -42.83
CA THR A 110 30.50 26.15 -43.96
C THR A 110 30.74 27.62 -44.31
N LEU A 111 31.06 28.45 -43.36
CA LEU A 111 31.31 29.87 -43.62
C LEU A 111 32.67 30.05 -44.34
N LEU A 112 33.67 29.27 -43.96
CA LEU A 112 34.96 29.37 -44.61
C LEU A 112 34.90 28.86 -46.05
N LEU A 113 34.17 27.74 -46.27
CA LEU A 113 34.05 27.22 -47.61
C LEU A 113 33.24 28.16 -48.50
N THR A 114 32.27 28.87 -47.95
CA THR A 114 31.52 29.85 -48.72
C THR A 114 32.42 30.97 -49.21
N PHE A 115 33.34 31.42 -48.37
CA PHE A 115 34.29 32.45 -48.78
C PHE A 115 35.24 31.92 -49.87
N PHE A 116 35.74 30.70 -49.70
CA PHE A 116 36.67 30.14 -50.69
C PHE A 116 35.97 29.91 -52.03
N TYR A 117 34.72 29.47 -52.01
CA TYR A 117 34.04 29.12 -53.26
C TYR A 117 33.67 30.38 -54.08
N ARG A 118 33.26 31.44 -53.40
CA ARG A 118 32.84 32.65 -54.10
C ARG A 118 33.96 33.60 -54.44
N PHE A 119 35.12 33.48 -53.78
CA PHE A 119 36.21 34.43 -53.97
C PHE A 119 37.56 33.79 -54.29
N MET A 120 37.74 32.50 -54.02
CA MET A 120 39.02 31.82 -54.33
C MET A 120 38.76 30.44 -54.88
N ARG A 121 37.84 30.34 -55.84
CA ARG A 121 37.45 29.03 -56.36
C ARG A 121 38.64 28.23 -56.91
N PRO A 122 39.58 28.81 -57.68
CA PRO A 122 40.72 27.98 -58.14
C PRO A 122 41.57 27.43 -57.01
N LEU A 123 41.54 28.04 -55.82
CA LEU A 123 42.19 27.44 -54.66
C LEU A 123 41.62 26.04 -54.40
N ILE A 124 40.29 25.91 -54.42
CA ILE A 124 39.66 24.61 -54.23
C ILE A 124 39.95 23.69 -55.40
N GLU A 125 39.77 24.19 -56.63
CA GLU A 125 39.98 23.37 -57.83
C GLU A 125 41.41 22.83 -57.89
N ALA A 126 42.37 23.56 -57.34
CA ALA A 126 43.75 23.09 -57.33
C ALA A 126 44.02 22.03 -56.26
N GLY A 127 43.06 21.78 -55.37
CA GLY A 127 43.26 20.80 -54.33
C GLY A 127 43.99 21.33 -53.09
N TYR A 128 44.05 22.65 -52.95
CA TYR A 128 44.83 23.25 -51.86
C TYR A 128 44.04 23.37 -50.56
N VAL A 129 42.71 23.23 -50.61
CA VAL A 129 41.87 23.45 -49.43
C VAL A 129 41.60 22.10 -48.77
N TYR A 130 41.83 22.03 -47.47
CA TYR A 130 41.63 20.80 -46.73
C TYR A 130 40.85 21.04 -45.45
N ILE A 131 40.37 19.95 -44.88
CA ILE A 131 39.65 19.95 -43.60
C ILE A 131 40.42 19.03 -42.66
N ALA A 132 40.85 19.56 -41.52
CA ALA A 132 41.52 18.75 -40.53
C ALA A 132 40.54 17.78 -39.90
N GLN A 133 41.08 16.73 -39.25
CA GLN A 133 40.23 15.73 -38.59
C GLN A 133 40.70 15.59 -37.13
N PRO A 134 40.33 16.52 -36.27
CA PRO A 134 40.66 16.39 -34.86
C PRO A 134 39.83 15.29 -34.22
N PRO A 135 40.23 14.83 -33.03
CA PRO A 135 39.49 13.77 -32.34
C PRO A 135 38.03 14.13 -32.19
N THR A 136 37.14 13.19 -32.47
CA THR A 136 35.72 13.49 -32.29
C THR A 136 35.30 13.17 -30.87
N GLY A 137 34.11 13.62 -30.50
CA GLY A 137 33.61 13.54 -29.13
C GLY A 137 33.17 15.00 -28.77
N TYR A 138 33.16 15.19 -27.42
CA TYR A 138 32.66 16.41 -26.85
C TYR A 138 33.75 17.43 -26.50
N LYS A 139 35.02 16.99 -26.50
N LYS A 139 35.01 17.00 -26.37
CA LYS A 139 36.14 17.86 -26.20
CA LYS A 139 36.12 17.92 -26.19
C LYS A 139 36.58 18.68 -27.41
C LYS A 139 36.46 18.68 -27.43
N GLY A 140 36.54 20.00 -27.29
CA GLY A 140 36.96 20.85 -28.37
C GLY A 140 38.43 21.11 -28.45
N LEU A 141 38.85 21.74 -29.57
CA LEU A 141 40.27 22.08 -29.76
C LEU A 141 40.86 22.85 -28.60
N GLY A 142 40.11 23.77 -28.01
CA GLY A 142 40.64 24.59 -26.92
C GLY A 142 40.94 23.84 -25.67
N GLU A 143 40.45 22.63 -25.52
CA GLU A 143 40.66 21.82 -24.31
C GLU A 143 41.82 20.84 -24.43
N MET A 144 42.49 20.78 -25.61
CA MET A 144 43.61 19.89 -25.80
C MET A 144 44.93 20.63 -25.59
N ASN A 145 45.98 19.87 -25.24
CA ASN A 145 47.27 20.47 -25.09
C ASN A 145 47.99 20.47 -26.44
N ALA A 146 49.17 21.13 -26.46
CA ALA A 146 49.84 21.36 -27.72
C ALA A 146 50.35 20.04 -28.33
N ASP A 147 50.80 19.09 -27.50
CA ASP A 147 51.28 17.82 -28.04
C ASP A 147 50.12 16.98 -28.61
N GLN A 148 48.95 17.02 -27.97
CA GLN A 148 47.81 16.30 -28.47
C GLN A 148 47.38 16.84 -29.84
N LEU A 149 47.31 18.16 -29.97
CA LEU A 149 46.94 18.76 -31.24
C LEU A 149 47.94 18.41 -32.35
N TRP A 150 49.21 18.27 -31.99
CA TRP A 150 50.21 17.85 -32.97
C TRP A 150 50.00 16.38 -33.37
N GLU A 151 49.99 15.49 -32.39
CA GLU A 151 49.99 14.06 -32.68
C GLU A 151 48.70 13.57 -33.36
N THR A 152 47.56 14.21 -33.05
CA THR A 152 46.29 13.71 -33.56
C THR A 152 45.88 14.44 -34.86
N THR A 153 46.21 15.74 -34.99
CA THR A 153 45.64 16.52 -36.03
C THR A 153 46.61 17.21 -36.99
N MET A 154 47.81 17.55 -36.52
CA MET A 154 48.73 18.34 -37.35
C MET A 154 49.93 17.55 -37.85
N ASN A 155 50.30 16.45 -37.19
CA ASN A 155 51.48 15.70 -37.58
C ASN A 155 51.20 14.93 -38.87
N PRO A 156 51.95 15.19 -39.94
CA PRO A 156 51.70 14.44 -41.20
C PRO A 156 51.84 12.94 -41.06
N GLU A 157 52.60 12.46 -40.09
CA GLU A 157 52.81 11.02 -39.93
C GLU A 157 51.54 10.32 -39.45
N HIS A 158 50.68 11.03 -38.73
CA HIS A 158 49.51 10.42 -38.10
C HIS A 158 48.18 11.05 -38.51
N ARG A 159 48.20 12.30 -39.00
CA ARG A 159 46.93 13.03 -39.14
C ARG A 159 46.13 12.49 -40.32
N ALA A 160 44.85 12.85 -40.35
CA ALA A 160 44.00 12.53 -41.52
C ALA A 160 43.38 13.82 -42.01
N LEU A 161 43.67 14.20 -43.24
CA LEU A 161 43.17 15.41 -43.83
C LEU A 161 42.15 15.09 -44.89
N LEU A 162 41.14 15.94 -45.04
CA LEU A 162 40.17 15.75 -46.07
C LEU A 162 40.44 16.79 -47.12
N GLN A 163 40.63 16.37 -48.36
CA GLN A 163 40.87 17.31 -49.44
C GLN A 163 39.55 17.68 -50.04
N VAL A 164 39.21 18.96 -50.02
CA VAL A 164 37.94 19.41 -50.55
C VAL A 164 37.97 19.34 -52.06
N LYS A 165 36.95 18.67 -52.62
N LYS A 165 36.94 18.69 -52.62
CA LYS A 165 36.86 18.48 -54.08
CA LYS A 165 36.89 18.47 -54.09
C LYS A 165 35.58 19.04 -54.69
C LYS A 165 35.60 19.02 -54.69
N LEU A 166 35.74 19.72 -55.82
CA LEU A 166 34.58 20.27 -56.52
C LEU A 166 34.25 19.34 -57.68
N GLU A 167 33.11 18.66 -57.59
N GLU A 167 33.29 18.44 -57.43
CA GLU A 167 32.71 17.71 -58.65
CA GLU A 167 32.64 17.63 -58.49
C GLU A 167 31.70 18.29 -59.64
C GLU A 167 31.70 18.26 -59.57
N ASP A 168 30.78 19.11 -59.16
CA ASP A 168 29.75 19.70 -60.06
C ASP A 168 29.58 21.17 -59.65
N ALA A 169 30.01 22.06 -60.52
CA ALA A 169 29.99 23.48 -60.21
C ALA A 169 28.55 24.04 -60.22
N ILE A 170 27.67 23.50 -61.07
CA ILE A 170 26.30 23.93 -61.06
C ILE A 170 25.60 23.48 -59.78
N GLU A 171 25.82 22.25 -59.36
CA GLU A 171 25.25 21.76 -58.11
C GLU A 171 25.83 22.54 -56.92
N ALA A 172 27.12 22.83 -56.95
CA ALA A 172 27.72 23.59 -55.87
C ALA A 172 27.13 25.01 -55.80
N ASP A 173 26.94 25.66 -56.96
CA ASP A 173 26.35 26.99 -56.99
C ASP A 173 24.98 27.00 -56.31
N GLN A 174 24.13 26.03 -56.65
CA GLN A 174 22.81 25.97 -56.05
C GLN A 174 22.88 25.59 -54.56
N THR A 175 23.88 24.83 -54.16
CA THR A 175 24.00 24.43 -52.78
C THR A 175 24.40 25.63 -51.90
N PHE A 176 25.38 26.40 -52.32
CA PHE A 176 25.78 27.55 -51.55
C PHE A 176 24.68 28.62 -51.51
N GLU A 177 23.96 28.80 -52.60
N GLU A 177 23.95 28.81 -52.59
CA GLU A 177 22.88 29.77 -52.64
CA GLU A 177 22.88 29.79 -52.58
C GLU A 177 21.72 29.35 -51.69
C GLU A 177 21.72 29.36 -51.65
N MET A 178 21.42 28.05 -51.65
N MET A 178 21.37 28.07 -51.69
CA MET A 178 20.32 27.58 -50.82
CA MET A 178 20.31 27.55 -50.82
C MET A 178 20.66 27.58 -49.34
C MET A 178 20.69 27.62 -49.34
N LEU A 179 21.86 27.11 -49.01
CA LEU A 179 22.28 27.00 -47.59
C LEU A 179 22.64 28.37 -47.04
N MET A 180 23.39 29.18 -47.78
CA MET A 180 24.01 30.37 -47.21
C MET A 180 23.41 31.68 -47.73
N GLY A 181 22.38 31.62 -48.57
CA GLY A 181 21.84 32.84 -49.19
C GLY A 181 20.70 33.46 -48.39
N ASP A 182 20.11 34.50 -49.00
CA ASP A 182 19.06 35.27 -48.25
C ASP A 182 17.71 34.65 -48.19
N VAL A 183 17.43 33.63 -49.02
CA VAL A 183 16.02 33.10 -49.08
C VAL A 183 15.92 32.05 -47.91
N VAL A 184 15.19 32.41 -46.87
CA VAL A 184 15.09 31.63 -45.71
C VAL A 184 14.28 30.32 -45.95
N GLU A 185 13.24 30.43 -46.80
CA GLU A 185 12.27 29.34 -46.83
C GLU A 185 12.86 28.09 -47.51
N ASN A 186 13.63 28.26 -48.57
CA ASN A 186 14.29 27.11 -49.19
C ASN A 186 15.25 26.42 -48.26
N ARG A 187 15.92 27.21 -47.43
CA ARG A 187 16.81 26.68 -46.37
C ARG A 187 15.99 25.91 -45.32
N ARG A 188 14.85 26.47 -44.93
CA ARG A 188 13.99 25.78 -43.94
C ARG A 188 13.46 24.43 -44.50
N GLN A 189 13.07 24.41 -45.77
CA GLN A 189 12.57 23.16 -46.34
C GLN A 189 13.71 22.10 -46.39
N PHE A 190 14.92 22.51 -46.73
CA PHE A 190 16.03 21.57 -46.71
C PHE A 190 16.25 20.99 -45.30
N ILE A 191 16.18 21.84 -44.26
CA ILE A 191 16.35 21.37 -42.92
C ILE A 191 15.23 20.39 -42.54
N GLU A 192 13.99 20.77 -42.83
CA GLU A 192 12.84 19.92 -42.48
C GLU A 192 12.92 18.62 -43.20
N ASP A 193 13.38 18.61 -44.46
CA ASP A 193 13.40 17.40 -45.25
C ASP A 193 14.55 16.46 -44.90
N ASN A 194 15.56 16.95 -44.24
CA ASN A 194 16.70 16.13 -43.81
C ASN A 194 16.91 16.00 -42.30
N ALA A 195 15.94 16.41 -41.51
CA ALA A 195 16.12 16.43 -40.05
C ALA A 195 16.45 15.08 -39.44
N VAL A 196 15.86 14.01 -39.98
CA VAL A 196 16.12 12.68 -39.48
C VAL A 196 17.58 12.24 -39.64
N TYR A 197 18.29 12.77 -40.62
N TYR A 197 18.27 12.81 -40.62
CA TYR A 197 19.69 12.45 -40.86
CA TYR A 197 19.69 12.61 -40.89
C TYR A 197 20.70 13.29 -40.06
C TYR A 197 20.64 13.16 -39.86
N ALA A 198 20.23 14.27 -39.32
CA ALA A 198 21.12 15.15 -38.55
C ALA A 198 21.77 14.57 -37.30
N ASN A 199 22.92 15.15 -36.96
CA ASN A 199 23.69 14.87 -35.73
C ASN A 199 23.63 13.42 -35.17
N ASN A 211 42.31 11.39 -47.73
CA ASN A 211 40.92 11.19 -48.18
C ASN A 211 40.39 12.44 -48.90
N GLU A 212 39.24 12.28 -49.51
CA GLU A 212 38.66 13.27 -50.40
C GLU A 212 37.28 13.60 -49.92
N ARG A 213 36.90 14.87 -50.07
CA ARG A 213 35.58 15.29 -49.57
C ARG A 213 34.84 16.17 -50.58
N ASN A 214 33.72 15.74 -51.09
CA ASN A 214 32.94 16.50 -52.04
C ASN A 214 32.45 17.78 -51.32
N ILE A 215 32.60 18.94 -51.96
CA ILE A 215 32.30 20.19 -51.28
C ILE A 215 30.80 20.37 -51.09
N THR A 216 29.98 19.85 -52.01
CA THR A 216 28.56 19.96 -51.86
C THR A 216 28.09 19.06 -50.68
N SER A 217 28.62 17.86 -50.59
CA SER A 217 28.23 16.97 -49.51
C SER A 217 28.69 17.51 -48.17
N GLU A 218 29.89 18.08 -48.09
CA GLU A 218 30.35 18.67 -46.87
C GLU A 218 29.45 19.83 -46.43
N MET A 219 29.07 20.68 -47.38
CA MET A 219 28.23 21.85 -47.07
C MET A 219 26.88 21.42 -46.53
N ARG A 220 26.24 20.52 -47.23
CA ARG A 220 24.91 20.05 -46.84
C ARG A 220 24.94 19.37 -45.45
N GLU A 221 25.89 18.49 -45.23
CA GLU A 221 25.93 17.74 -44.00
C GLU A 221 26.33 18.63 -42.81
N SER A 222 27.30 19.51 -42.99
CA SER A 222 27.72 20.37 -41.88
C SER A 222 26.68 21.43 -41.55
N PHE A 223 26.06 22.05 -42.56
CA PHE A 223 25.03 23.05 -42.28
C PHE A 223 23.82 22.42 -41.64
N LEU A 224 23.44 21.21 -42.08
CA LEU A 224 22.30 20.52 -41.49
C LEU A 224 22.54 20.30 -39.99
N ASP A 225 23.73 19.80 -39.63
CA ASP A 225 24.01 19.53 -38.24
C ASP A 225 23.91 20.80 -37.41
N TYR A 226 24.45 21.91 -37.92
CA TYR A 226 24.40 23.14 -37.18
C TYR A 226 22.94 23.67 -37.09
N ALA A 227 22.24 23.75 -38.24
CA ALA A 227 20.92 24.29 -38.21
C ALA A 227 19.97 23.44 -37.32
N MET A 228 20.08 22.13 -37.37
CA MET A 228 19.26 21.30 -36.51
C MET A 228 19.53 21.52 -35.04
N SER A 229 20.80 21.66 -34.67
CA SER A 229 21.15 21.85 -33.27
C SER A 229 20.67 23.21 -32.78
N VAL A 230 20.73 24.27 -33.64
CA VAL A 230 20.20 25.55 -33.26
C VAL A 230 18.69 25.48 -33.05
N ILE A 231 18.02 24.75 -33.92
CA ILE A 231 16.56 24.65 -33.83
C ILE A 231 16.12 23.90 -32.56
N VAL A 232 16.67 22.73 -32.35
CA VAL A 232 16.15 21.85 -31.29
C VAL A 232 16.95 21.91 -29.99
N ALA A 233 18.11 22.57 -30.00
CA ALA A 233 18.95 22.59 -28.76
C ALA A 233 19.65 23.90 -28.59
N ARG A 234 18.96 25.03 -28.85
CA ARG A 234 19.60 26.35 -28.55
C ARG A 234 18.62 27.50 -28.53
N ALA A 235 18.00 27.83 -29.69
CA ALA A 235 17.32 29.08 -29.82
C ALA A 235 15.81 29.01 -29.67
N LEU A 236 15.22 27.84 -29.58
CA LEU A 236 13.74 27.81 -29.53
C LEU A 236 13.29 27.17 -28.19
N PRO A 237 12.25 27.75 -27.60
CA PRO A 237 11.78 27.19 -26.32
C PRO A 237 10.91 26.02 -26.49
N ASP A 238 10.88 25.18 -25.45
CA ASP A 238 9.93 24.07 -25.42
C ASP A 238 8.57 24.53 -25.07
N VAL A 239 7.56 23.97 -25.76
CA VAL A 239 6.15 24.40 -25.54
C VAL A 239 5.71 24.12 -24.08
N ARG A 240 6.30 23.14 -23.45
CA ARG A 240 5.77 22.62 -22.19
C ARG A 240 6.22 23.48 -21.01
N ASP A 241 7.52 23.85 -20.94
CA ASP A 241 8.03 24.67 -19.87
C ASP A 241 8.49 26.03 -20.31
N GLY A 242 8.47 26.31 -21.61
CA GLY A 242 8.82 27.65 -22.12
C GLY A 242 10.26 27.98 -22.09
N LEU A 243 11.15 26.97 -21.97
CA LEU A 243 12.56 27.25 -21.74
C LEU A 243 13.38 26.72 -22.94
N LYS A 244 14.46 27.44 -23.27
CA LYS A 244 15.58 27.04 -24.06
C LYS A 244 16.55 26.24 -23.16
N PRO A 245 17.41 25.41 -23.78
CA PRO A 245 18.34 24.62 -22.94
C PRO A 245 19.18 25.43 -21.97
N VAL A 246 19.70 26.63 -22.37
CA VAL A 246 20.54 27.36 -21.49
C VAL A 246 19.76 27.79 -20.18
N HIS A 247 18.51 28.20 -20.36
CA HIS A 247 17.72 28.63 -19.22
C HIS A 247 17.32 27.44 -18.33
N ARG A 248 16.90 26.33 -18.95
CA ARG A 248 16.55 25.13 -18.22
C ARG A 248 17.74 24.66 -17.41
N ARG A 249 18.96 24.75 -17.98
CA ARG A 249 20.15 24.28 -17.27
C ARG A 249 20.53 25.24 -16.14
N ILE A 250 20.34 26.55 -16.33
CA ILE A 250 20.53 27.49 -15.26
C ILE A 250 19.58 27.19 -14.09
N LEU A 251 18.30 27.02 -14.39
CA LEU A 251 17.32 26.80 -13.31
C LEU A 251 17.51 25.42 -12.64
N TYR A 252 17.79 24.37 -13.41
CA TYR A 252 18.11 23.08 -12.82
C TYR A 252 19.38 23.15 -11.98
N GLY A 253 20.37 23.92 -12.46
CA GLY A 253 21.61 24.06 -11.69
C GLY A 253 21.35 24.78 -10.37
N LEU A 254 20.53 25.82 -10.37
CA LEU A 254 20.17 26.47 -9.12
C LEU A 254 19.50 25.48 -8.16
N ASN A 255 18.67 24.60 -8.68
CA ASN A 255 17.98 23.62 -7.83
C ASN A 255 18.98 22.56 -7.31
N GLU A 256 19.86 22.07 -8.16
CA GLU A 256 20.84 21.11 -7.71
C GLU A 256 21.85 21.70 -6.73
N GLN A 257 22.08 22.98 -6.81
CA GLN A 257 22.99 23.68 -5.86
C GLN A 257 22.25 24.17 -4.59
N GLY A 258 20.97 23.85 -4.45
CA GLY A 258 20.27 24.25 -3.24
C GLY A 258 19.96 25.71 -3.15
N MET A 259 19.89 26.42 -4.30
CA MET A 259 19.82 27.87 -4.30
C MET A 259 18.36 28.35 -4.20
N THR A 260 17.64 27.82 -3.22
CA THR A 260 16.25 28.19 -3.03
C THR A 260 16.15 29.58 -2.39
N PRO A 261 14.98 30.21 -2.45
CA PRO A 261 14.86 31.59 -1.96
C PRO A 261 15.17 31.76 -0.49
N ASP A 262 15.10 30.71 0.31
CA ASP A 262 15.40 30.85 1.75
C ASP A 262 16.89 30.85 2.03
N LYS A 263 17.72 30.31 1.13
CA LYS A 263 19.15 30.33 1.35
C LYS A 263 19.78 31.61 0.92
N SER A 264 21.02 31.86 1.37
N SER A 264 21.01 31.86 1.37
CA SER A 264 21.78 33.04 0.99
CA SER A 264 21.80 33.03 1.00
C SER A 264 22.11 33.09 -0.50
C SER A 264 22.13 33.09 -0.50
N TYR A 265 22.33 34.28 -1.00
CA TYR A 265 22.81 34.44 -2.38
C TYR A 265 24.16 33.82 -2.58
N LYS A 266 24.40 33.35 -3.80
CA LYS A 266 25.66 32.67 -4.18
C LYS A 266 26.28 33.47 -5.33
N LYS A 267 27.62 33.60 -5.28
N LYS A 267 27.62 33.51 -5.35
CA LYS A 267 28.33 34.29 -6.35
CA LYS A 267 28.31 34.28 -6.36
C LYS A 267 27.96 33.72 -7.72
C LYS A 267 27.97 33.72 -7.74
N SER A 268 27.72 34.62 -8.67
CA SER A 268 27.26 34.20 -10.01
C SER A 268 28.33 33.37 -10.74
N ALA A 269 29.62 33.67 -10.48
CA ALA A 269 30.67 32.91 -11.12
C ALA A 269 30.62 31.43 -10.72
N ARG A 270 30.22 31.15 -9.47
CA ARG A 270 30.12 29.77 -9.01
C ARG A 270 28.88 29.10 -9.67
N ILE A 271 27.75 29.80 -9.69
CA ILE A 271 26.57 29.28 -10.30
C ILE A 271 26.85 28.99 -11.83
N VAL A 272 27.41 29.98 -12.53
CA VAL A 272 27.64 29.79 -13.93
C VAL A 272 28.68 28.75 -14.23
N GLY A 273 29.76 28.70 -13.43
CA GLY A 273 30.81 27.71 -13.63
C GLY A 273 30.28 26.33 -13.46
N ASP A 274 29.47 26.11 -12.43
CA ASP A 274 28.86 24.77 -12.22
C ASP A 274 27.97 24.37 -13.41
N VAL A 275 27.16 25.30 -13.90
CA VAL A 275 26.31 24.99 -15.03
C VAL A 275 27.13 24.76 -16.30
N MET A 276 28.20 25.57 -16.50
CA MET A 276 29.02 25.39 -17.67
C MET A 276 29.69 24.04 -17.64
N GLY A 277 30.23 23.61 -16.49
CA GLY A 277 30.94 22.34 -16.42
C GLY A 277 30.06 21.11 -16.52
N LYS A 278 28.88 21.16 -15.89
CA LYS A 278 28.01 20.00 -15.74
C LYS A 278 27.05 19.79 -16.94
N TYR A 279 26.52 20.85 -17.52
CA TYR A 279 25.44 20.70 -18.49
C TYR A 279 25.59 21.49 -19.78
N HIS A 280 26.24 22.66 -19.72
CA HIS A 280 26.23 23.63 -20.80
C HIS A 280 27.63 24.00 -21.26
N PRO A 281 28.24 23.21 -22.11
CA PRO A 281 29.65 23.42 -22.46
C PRO A 281 29.84 24.53 -23.51
N HIS A 282 29.46 25.73 -23.14
CA HIS A 282 29.65 26.88 -24.01
C HIS A 282 30.22 28.05 -23.23
N GLY A 283 30.48 29.15 -23.90
CA GLY A 283 31.04 30.35 -23.31
C GLY A 283 30.29 30.78 -22.06
N ASP A 284 30.98 31.16 -20.95
CA ASP A 284 30.30 31.54 -19.77
C ASP A 284 29.45 32.84 -19.96
N SER A 285 29.82 33.67 -20.93
CA SER A 285 29.04 34.84 -21.16
C SER A 285 27.64 34.49 -21.69
N SER A 286 27.48 33.52 -22.50
N SER A 286 27.48 33.53 -22.51
CA SER A 286 26.17 33.10 -22.93
CA SER A 286 26.16 33.12 -22.91
C SER A 286 25.31 32.61 -21.75
C SER A 286 25.31 32.64 -21.72
N ILE A 287 25.90 31.88 -20.80
CA ILE A 287 25.17 31.41 -19.67
C ILE A 287 24.82 32.61 -18.72
N TYR A 288 25.82 33.43 -18.44
CA TYR A 288 25.59 34.50 -17.45
C TYR A 288 24.61 35.56 -17.97
N GLU A 289 24.71 35.95 -19.24
N GLU A 289 24.73 35.97 -19.24
CA GLU A 289 23.78 36.94 -19.76
CA GLU A 289 23.79 36.94 -19.77
C GLU A 289 22.36 36.41 -19.81
C GLU A 289 22.36 36.40 -19.76
N ALA A 290 22.19 35.11 -20.04
CA ALA A 290 20.84 34.53 -19.99
C ALA A 290 20.30 34.49 -18.54
N MET A 291 21.19 34.30 -17.56
CA MET A 291 20.77 34.35 -16.17
C MET A 291 20.40 35.79 -15.78
N VAL A 292 21.20 36.73 -16.22
CA VAL A 292 20.94 38.13 -15.89
C VAL A 292 19.56 38.55 -16.39
N ARG A 293 19.19 38.18 -17.62
N ARG A 293 19.19 38.17 -17.61
CA ARG A 293 17.90 38.52 -18.17
CA ARG A 293 17.90 38.54 -18.16
C ARG A 293 16.77 37.95 -17.33
C ARG A 293 16.76 37.94 -17.35
N MET A 294 16.93 36.71 -16.84
CA MET A 294 15.89 36.10 -16.04
C MET A 294 15.69 36.83 -14.70
N ALA A 295 16.62 37.71 -14.30
CA ALA A 295 16.55 38.45 -13.06
C ALA A 295 16.11 39.88 -13.23
N GLN A 296 15.83 40.33 -14.46
CA GLN A 296 15.47 41.71 -14.74
C GLN A 296 13.96 41.89 -14.77
N ASP A 297 13.43 42.78 -13.96
CA ASP A 297 11.96 42.91 -13.95
C ASP A 297 11.41 43.69 -15.11
N PHE A 298 12.33 44.29 -15.91
CA PHE A 298 11.90 44.94 -17.18
C PHE A 298 12.00 43.94 -18.37
N SER A 299 12.60 42.80 -18.18
CA SER A 299 12.66 41.79 -19.22
C SER A 299 11.73 40.59 -19.00
N TYR A 300 11.63 40.11 -17.75
CA TYR A 300 10.78 38.97 -17.44
C TYR A 300 9.55 39.43 -16.67
N ARG A 301 8.38 39.14 -17.18
CA ARG A 301 7.11 39.45 -16.55
C ARG A 301 6.99 38.77 -15.19
N TYR A 302 7.58 37.59 -15.04
CA TYR A 302 7.67 36.89 -13.75
C TYR A 302 9.12 36.43 -13.65
N PRO A 303 9.99 37.25 -13.05
CA PRO A 303 11.41 36.91 -13.02
C PRO A 303 11.68 35.57 -12.36
N LEU A 304 12.61 34.81 -12.99
CA LEU A 304 12.97 33.49 -12.54
C LEU A 304 14.21 33.46 -11.67
N VAL A 305 14.99 34.54 -11.64
CA VAL A 305 16.23 34.61 -10.86
C VAL A 305 16.17 35.82 -9.96
N ASP A 306 16.64 35.68 -8.72
CA ASP A 306 16.72 36.78 -7.76
C ASP A 306 18.20 37.20 -7.68
N GLY A 307 18.48 38.39 -8.22
CA GLY A 307 19.86 38.86 -8.30
C GLY A 307 20.24 39.88 -7.27
N GLN A 308 21.48 39.81 -6.81
CA GLN A 308 22.07 40.83 -5.93
C GLN A 308 23.30 41.44 -6.56
N GLY A 309 23.33 42.74 -6.60
CA GLY A 309 24.38 43.52 -7.31
C GLY A 309 23.77 44.25 -8.48
N ASN A 310 24.66 44.72 -9.35
CA ASN A 310 24.25 45.43 -10.58
C ASN A 310 23.92 44.42 -11.67
N PHE A 311 22.65 44.32 -12.00
CA PHE A 311 22.14 43.41 -13.03
C PHE A 311 21.63 44.16 -14.26
N GLY A 312 22.09 45.39 -14.47
CA GLY A 312 21.75 46.11 -15.69
C GLY A 312 20.58 47.03 -15.53
N SER A 313 20.16 47.62 -16.63
CA SER A 313 19.13 48.66 -16.57
C SER A 313 18.34 48.69 -17.87
N MET A 314 17.30 49.50 -17.84
N MET A 314 17.26 49.46 -17.85
CA MET A 314 16.49 49.72 -19.05
CA MET A 314 16.46 49.69 -19.06
C MET A 314 17.26 50.43 -20.12
C MET A 314 17.21 50.51 -20.12
N ASP A 315 18.34 51.09 -19.75
CA ASP A 315 19.12 51.89 -20.69
C ASP A 315 20.18 51.08 -21.44
N GLY A 316 20.05 49.76 -21.43
CA GLY A 316 21.01 48.92 -22.10
C GLY A 316 22.30 48.69 -21.34
N ASP A 317 22.42 49.17 -20.14
CA ASP A 317 23.60 48.87 -19.30
C ASP A 317 23.63 47.33 -19.04
N GLY A 318 24.79 46.79 -19.11
CA GLY A 318 24.94 45.38 -18.83
C GLY A 318 25.07 45.20 -17.29
N ALA A 319 24.89 43.94 -16.87
CA ALA A 319 25.22 43.59 -15.54
C ALA A 319 26.74 43.72 -15.33
N ALA A 320 27.14 43.90 -14.08
CA ALA A 320 28.54 43.80 -13.76
C ALA A 320 29.07 42.40 -14.04
N ALA A 321 30.39 42.23 -14.02
CA ALA A 321 30.98 40.92 -14.30
C ALA A 321 30.51 39.94 -13.18
N MET A 322 30.43 38.66 -13.60
CA MET A 322 29.76 37.69 -12.74
C MET A 322 30.53 37.41 -11.44
N ARG A 323 31.82 37.80 -11.36
CA ARG A 323 32.50 37.66 -10.09
C ARG A 323 32.03 38.72 -9.05
N PHE A 324 31.27 39.73 -9.50
CA PHE A 324 30.81 40.78 -8.65
C PHE A 324 29.32 40.69 -8.26
N THR A 325 28.57 39.75 -8.83
CA THR A 325 27.15 39.62 -8.55
C THR A 325 26.85 38.28 -7.87
N GLU A 326 25.64 38.15 -7.35
CA GLU A 326 25.20 36.96 -6.67
C GLU A 326 23.73 36.72 -7.08
N ALA A 327 23.26 35.49 -6.87
CA ALA A 327 21.90 35.19 -7.27
C ALA A 327 21.39 33.94 -6.57
N ARG A 328 20.09 33.73 -6.71
CA ARG A 328 19.38 32.54 -6.24
C ARG A 328 18.05 32.52 -7.03
N MET A 329 17.24 31.49 -6.74
CA MET A 329 15.92 31.44 -7.37
C MET A 329 14.97 32.49 -6.82
N THR A 330 13.98 32.85 -7.59
CA THR A 330 12.79 33.49 -7.04
C THR A 330 11.82 32.40 -6.54
N LYS A 331 10.81 32.82 -5.80
CA LYS A 331 9.82 31.89 -5.29
C LYS A 331 9.02 31.25 -6.40
N ILE A 332 8.75 31.98 -7.48
CA ILE A 332 7.94 31.40 -8.54
C ILE A 332 8.73 30.34 -9.31
N THR A 333 10.06 30.41 -9.30
CA THR A 333 10.84 29.36 -9.96
C THR A 333 10.70 28.02 -9.21
N LEU A 334 10.41 28.06 -7.89
CA LEU A 334 10.11 26.84 -7.20
C LEU A 334 8.95 26.09 -7.86
N GLU A 335 8.01 26.79 -8.47
CA GLU A 335 6.90 26.12 -9.13
C GLU A 335 7.29 25.52 -10.48
N LEU A 336 8.37 26.00 -11.10
CA LEU A 336 8.87 25.34 -12.31
C LEU A 336 9.55 24.03 -11.96
N LEU A 337 10.23 23.96 -10.83
CA LEU A 337 10.99 22.80 -10.41
C LEU A 337 10.18 21.84 -9.50
N ARG A 338 8.92 22.22 -9.16
CA ARG A 338 8.16 21.44 -8.22
C ARG A 338 7.85 20.05 -8.76
N ASP A 339 8.07 19.04 -7.89
CA ASP A 339 7.84 17.62 -8.19
C ASP A 339 8.83 17.04 -9.18
N ILE A 340 9.97 17.70 -9.38
CA ILE A 340 10.95 17.18 -10.36
C ILE A 340 11.58 15.88 -9.89
N ASN A 341 11.61 15.63 -8.58
CA ASN A 341 12.19 14.43 -8.01
C ASN A 341 11.17 13.37 -7.71
N LYS A 342 10.02 13.42 -8.40
CA LYS A 342 8.92 12.47 -8.24
C LYS A 342 8.60 11.80 -9.55
N ASP A 343 9.65 11.55 -10.36
CA ASP A 343 9.54 10.88 -11.66
C ASP A 343 8.41 11.50 -12.52
N THR A 344 8.34 12.82 -12.48
CA THR A 344 7.35 13.53 -13.29
C THR A 344 7.85 13.87 -14.68
N ILE A 345 9.16 13.97 -14.88
CA ILE A 345 9.75 14.30 -16.17
C ILE A 345 10.92 13.37 -16.43
N ASP A 346 11.22 13.17 -17.72
CA ASP A 346 12.32 12.32 -18.13
C ASP A 346 13.66 13.00 -17.99
N PHE A 347 14.63 12.32 -17.36
CA PHE A 347 16.02 12.83 -17.35
C PHE A 347 16.80 12.22 -18.50
N ILE A 348 17.87 12.89 -18.88
CA ILE A 348 18.74 12.43 -19.96
C ILE A 348 20.19 12.56 -19.51
N ASP A 349 21.08 11.87 -20.19
CA ASP A 349 22.51 12.06 -19.97
C ASP A 349 22.95 13.43 -20.46
N ASN A 350 23.90 14.01 -19.76
CA ASN A 350 24.38 15.36 -20.14
C ASN A 350 25.34 15.16 -21.34
N TYR A 351 26.09 16.21 -21.65
CA TYR A 351 26.88 16.21 -22.87
C TYR A 351 28.04 15.18 -22.80
N ASP A 352 28.59 14.91 -21.63
CA ASP A 352 29.72 14.02 -21.54
C ASP A 352 29.40 12.68 -20.83
N GLY A 353 28.14 12.45 -20.50
CA GLY A 353 27.76 11.21 -19.85
C GLY A 353 28.08 11.14 -18.36
N ASN A 354 28.67 12.18 -17.80
CA ASN A 354 29.01 12.22 -16.38
C ASN A 354 27.87 12.73 -15.50
N GLU A 355 26.84 13.38 -16.08
CA GLU A 355 25.77 13.93 -15.30
C GLU A 355 24.44 13.56 -15.91
N ARG A 356 23.36 13.86 -15.21
CA ARG A 356 22.00 13.71 -15.71
C ARG A 356 21.35 15.10 -15.65
N GLU A 357 20.54 15.39 -16.65
CA GLU A 357 19.81 16.66 -16.70
C GLU A 357 18.39 16.44 -17.16
N PRO A 358 17.49 17.32 -16.80
CA PRO A 358 16.06 17.15 -17.20
C PRO A 358 15.83 17.53 -18.62
N SER A 359 14.99 16.74 -19.30
CA SER A 359 14.59 17.09 -20.69
C SER A 359 13.59 18.23 -20.65
N VAL A 360 12.84 18.39 -19.59
CA VAL A 360 11.82 19.45 -19.47
C VAL A 360 11.55 19.65 -17.97
N LEU A 361 11.11 20.82 -17.62
CA LEU A 361 10.78 20.98 -16.19
C LEU A 361 9.29 20.75 -15.98
N PRO A 362 8.89 20.31 -14.78
CA PRO A 362 7.45 20.10 -14.49
C PRO A 362 6.58 21.31 -14.78
N ALA A 363 7.11 22.52 -14.56
CA ALA A 363 6.48 23.77 -14.99
C ALA A 363 5.06 23.89 -14.57
N ARG A 364 4.87 24.05 -13.25
CA ARG A 364 3.51 24.04 -12.72
C ARG A 364 2.75 25.32 -12.99
N PHE A 365 3.33 26.28 -13.69
CA PHE A 365 2.59 27.40 -14.27
C PHE A 365 2.95 27.57 -15.71
N PRO A 366 2.03 28.07 -16.54
CA PRO A 366 2.29 28.17 -18.02
C PRO A 366 3.38 29.19 -18.34
N ASN A 367 4.63 28.76 -18.33
CA ASN A 367 5.74 29.73 -18.37
C ASN A 367 6.00 30.24 -19.79
N LEU A 368 5.80 29.42 -20.84
CA LEU A 368 6.02 29.86 -22.17
C LEU A 368 5.26 31.13 -22.47
N LEU A 369 3.95 31.15 -22.19
CA LEU A 369 3.16 32.36 -22.46
C LEU A 369 3.35 33.42 -21.38
N ALA A 370 3.63 33.01 -20.13
CA ALA A 370 3.75 33.97 -19.04
C ALA A 370 4.96 34.93 -19.27
N ASN A 371 6.11 34.35 -19.51
CA ASN A 371 7.31 35.17 -19.71
C ASN A 371 7.70 35.40 -21.16
N GLY A 372 7.06 34.68 -22.07
CA GLY A 372 7.32 34.83 -23.49
C GLY A 372 8.66 34.26 -23.90
N ALA A 373 9.05 34.58 -25.15
CA ALA A 373 10.28 34.04 -25.70
C ALA A 373 10.63 34.81 -26.95
N SER A 374 11.95 34.99 -27.11
CA SER A 374 12.51 35.55 -28.38
C SER A 374 13.72 34.75 -28.71
N GLY A 375 13.79 34.25 -29.95
CA GLY A 375 14.93 33.47 -30.37
C GLY A 375 15.07 33.44 -31.87
N ILE A 376 16.27 33.70 -32.37
CA ILE A 376 16.61 33.61 -33.77
C ILE A 376 17.27 32.28 -34.01
N ALA A 377 16.59 31.40 -34.76
CA ALA A 377 17.19 30.07 -35.03
C ALA A 377 17.78 30.02 -36.37
N VAL A 378 17.65 28.93 -37.10
CA VAL A 378 18.00 28.81 -38.52
C VAL A 378 16.81 28.32 -39.25
N GLY A 379 16.51 28.97 -40.41
CA GLY A 379 15.21 28.64 -41.11
C GLY A 379 13.97 29.19 -40.52
N MET A 380 14.05 29.80 -39.30
CA MET A 380 12.84 30.25 -38.59
C MET A 380 13.30 31.00 -37.40
N ALA A 381 12.37 31.73 -36.77
CA ALA A 381 12.65 32.44 -35.51
C ALA A 381 11.39 32.42 -34.70
N THR A 382 11.48 32.86 -33.44
CA THR A 382 10.29 32.87 -32.58
C THR A 382 10.19 34.17 -31.82
N ASN A 383 8.95 34.62 -31.59
CA ASN A 383 8.74 35.88 -30.91
C ASN A 383 7.36 35.78 -30.23
N ILE A 384 7.36 35.47 -28.94
CA ILE A 384 6.16 35.21 -28.18
C ILE A 384 6.10 36.27 -27.05
N PRO A 385 5.03 37.04 -26.95
CA PRO A 385 5.01 38.10 -25.92
C PRO A 385 4.62 37.52 -24.56
N PRO A 386 5.03 38.18 -23.47
CA PRO A 386 4.61 37.74 -22.16
C PRO A 386 3.12 38.02 -21.91
N HIS A 387 2.59 37.36 -20.87
CA HIS A 387 1.16 37.41 -20.58
C HIS A 387 0.95 37.51 -19.07
N ASN A 388 -0.27 37.86 -18.69
CA ASN A 388 -0.65 37.95 -17.29
C ASN A 388 -0.99 36.55 -16.77
N LEU A 389 -0.37 36.20 -15.62
CA LEU A 389 -0.48 34.83 -15.17
C LEU A 389 -1.90 34.52 -14.63
N THR A 390 -2.57 35.51 -14.03
CA THR A 390 -3.94 35.26 -13.63
C THR A 390 -4.83 34.98 -14.81
N GLU A 391 -4.64 35.73 -15.89
CA GLU A 391 -5.42 35.49 -17.12
C GLU A 391 -5.08 34.15 -17.73
N LEU A 392 -3.79 33.79 -17.77
CA LEU A 392 -3.37 32.55 -18.41
C LEU A 392 -3.99 31.34 -17.70
N ILE A 393 -3.87 31.28 -16.38
CA ILE A 393 -4.38 30.14 -15.64
C ILE A 393 -5.91 30.06 -15.71
N ASN A 394 -6.57 31.23 -15.75
CA ASN A 394 -8.00 31.23 -16.04
C ASN A 394 -8.32 30.63 -17.38
N GLY A 395 -7.52 30.94 -18.39
CA GLY A 395 -7.72 30.37 -19.74
C GLY A 395 -7.52 28.88 -19.72
N VAL A 396 -6.52 28.40 -18.96
CA VAL A 396 -6.28 26.96 -18.85
C VAL A 396 -7.42 26.27 -18.11
N LEU A 397 -7.95 26.93 -17.09
CA LEU A 397 -9.12 26.38 -16.38
C LEU A 397 -10.34 26.31 -17.28
N SER A 398 -10.58 27.38 -18.06
CA SER A 398 -11.68 27.34 -19.01
C SER A 398 -11.47 26.23 -20.05
N LEU A 399 -10.23 26.05 -20.51
CA LEU A 399 -9.94 25.00 -21.47
C LEU A 399 -10.17 23.62 -20.87
N SER A 400 -9.75 23.41 -19.61
CA SER A 400 -9.91 22.10 -18.99
C SER A 400 -11.37 21.70 -18.86
N LYS A 401 -12.25 22.69 -18.83
CA LYS A 401 -13.68 22.44 -18.73
C LYS A 401 -14.39 22.47 -20.08
N ASN A 402 -13.65 22.67 -21.16
CA ASN A 402 -14.25 22.74 -22.50
C ASN A 402 -13.17 22.51 -23.57
N PRO A 403 -12.89 21.25 -23.91
CA PRO A 403 -11.87 20.99 -24.95
C PRO A 403 -12.19 21.62 -26.28
N ASP A 404 -13.44 21.89 -26.57
CA ASP A 404 -13.87 22.52 -27.80
C ASP A 404 -13.97 24.04 -27.68
N ILE A 405 -13.36 24.62 -26.65
CA ILE A 405 -13.43 26.07 -26.46
C ILE A 405 -12.80 26.75 -27.67
N SER A 406 -13.37 27.90 -28.03
CA SER A 406 -12.83 28.63 -29.19
C SER A 406 -11.80 29.66 -28.67
N ILE A 407 -10.98 30.14 -29.61
CA ILE A 407 -10.00 31.15 -29.28
C ILE A 407 -10.68 32.45 -28.86
N ALA A 408 -11.80 32.77 -29.47
CA ALA A 408 -12.52 33.99 -29.08
C ALA A 408 -13.00 33.90 -27.63
N GLU A 409 -13.47 32.72 -27.18
CA GLU A 409 -13.85 32.58 -25.81
C GLU A 409 -12.64 32.53 -24.87
N LEU A 410 -11.53 31.98 -25.33
CA LEU A 410 -10.31 32.03 -24.54
C LEU A 410 -9.88 33.46 -24.29
N MET A 411 -10.15 34.36 -25.27
CA MET A 411 -9.84 35.77 -25.12
C MET A 411 -10.74 36.49 -24.14
N GLU A 412 -11.77 35.82 -23.61
CA GLU A 412 -12.52 36.39 -22.49
C GLU A 412 -11.72 36.34 -21.21
N ASP A 413 -10.80 35.38 -21.11
CA ASP A 413 -9.85 35.32 -20.02
C ASP A 413 -8.52 35.99 -20.37
N ILE A 414 -7.99 35.68 -21.57
CA ILE A 414 -6.67 36.17 -21.98
C ILE A 414 -6.95 37.36 -22.91
N GLU A 415 -6.96 38.57 -22.33
CA GLU A 415 -7.21 39.76 -23.13
C GLU A 415 -6.15 40.01 -24.20
N GLY A 416 -4.93 39.57 -23.94
CA GLY A 416 -3.80 39.89 -24.79
C GLY A 416 -2.51 39.85 -23.98
N PRO A 417 -1.43 40.29 -24.59
CA PRO A 417 -0.15 40.32 -23.87
C PRO A 417 -0.19 41.26 -22.69
N ASP A 418 0.69 41.01 -21.73
CA ASP A 418 0.85 41.84 -20.53
C ASP A 418 2.35 42.03 -20.33
N PHE A 419 2.89 43.17 -20.76
CA PHE A 419 4.32 43.32 -20.69
C PHE A 419 4.82 43.77 -19.34
N PRO A 420 6.00 43.32 -18.93
CA PRO A 420 6.55 43.78 -17.63
C PRO A 420 6.72 45.29 -17.56
N THR A 421 6.87 45.93 -18.70
CA THR A 421 7.07 47.37 -18.76
C THR A 421 5.76 48.13 -18.97
N ALA A 422 4.60 47.48 -18.78
CA ALA A 422 3.28 48.11 -18.90
C ALA A 422 2.99 48.66 -20.26
N GLY A 423 2.60 49.94 -20.30
CA GLY A 423 2.34 50.61 -21.58
C GLY A 423 0.92 50.30 -22.09
N LEU A 424 0.72 50.64 -23.34
CA LEU A 424 -0.56 50.45 -24.01
C LEU A 424 -0.39 49.58 -25.25
N ILE A 425 -1.46 48.89 -25.60
CA ILE A 425 -1.60 48.18 -26.87
C ILE A 425 -2.78 48.82 -27.61
N LEU A 426 -2.59 49.03 -28.92
CA LEU A 426 -3.57 49.75 -29.77
C LEU A 426 -4.46 48.75 -30.51
N GLY A 427 -5.65 48.54 -30.01
CA GLY A 427 -6.64 47.69 -30.70
C GLY A 427 -6.41 46.20 -30.34
N LYS A 428 -7.41 45.40 -30.69
CA LYS A 428 -7.37 43.97 -30.50
C LYS A 428 -7.22 43.20 -31.83
N SER A 429 -7.16 43.91 -32.96
CA SER A 429 -7.10 43.19 -34.23
C SER A 429 -5.77 42.41 -34.36
N GLY A 430 -4.66 43.09 -34.00
CA GLY A 430 -3.37 42.41 -34.02
C GLY A 430 -3.30 41.22 -33.02
N ILE A 431 -3.82 41.46 -31.82
CA ILE A 431 -3.90 40.47 -30.79
C ILE A 431 -4.69 39.23 -31.31
N ARG A 432 -5.86 39.51 -31.87
CA ARG A 432 -6.72 38.47 -32.37
C ARG A 432 -6.06 37.68 -33.52
N ARG A 433 -5.36 38.38 -34.42
N ARG A 433 -5.35 38.37 -34.41
CA ARG A 433 -4.63 37.72 -35.49
CA ARG A 433 -4.66 37.68 -35.48
C ARG A 433 -3.55 36.80 -34.93
C ARG A 433 -3.52 36.80 -34.95
N ALA A 434 -2.77 37.30 -33.98
CA ALA A 434 -1.69 36.51 -33.40
C ALA A 434 -2.23 35.27 -32.69
N TYR A 435 -3.35 35.40 -31.97
CA TYR A 435 -3.88 34.29 -31.21
C TYR A 435 -4.56 33.25 -32.10
N GLU A 436 -5.19 33.69 -33.21
CA GLU A 436 -5.85 32.73 -34.06
C GLU A 436 -4.87 32.00 -34.98
N THR A 437 -3.75 32.61 -35.36
CA THR A 437 -2.86 32.05 -36.34
C THR A 437 -1.40 31.86 -35.86
N GLY A 438 -1.02 32.38 -34.70
CA GLY A 438 0.36 32.38 -34.28
C GLY A 438 1.17 33.58 -34.77
N ARG A 439 0.63 34.35 -35.70
CA ARG A 439 1.33 35.52 -36.22
C ARG A 439 0.39 36.74 -36.23
N GLY A 440 0.94 37.89 -35.91
CA GLY A 440 0.17 39.13 -35.88
C GLY A 440 1.06 40.29 -35.43
N SER A 441 0.77 41.50 -35.85
CA SER A 441 1.56 42.66 -35.49
C SER A 441 0.81 43.44 -34.40
N ILE A 442 1.43 43.61 -33.23
CA ILE A 442 0.82 44.23 -32.09
C ILE A 442 1.53 45.61 -31.87
N GLN A 443 0.74 46.66 -31.93
CA GLN A 443 1.27 47.99 -31.72
C GLN A 443 1.36 48.32 -30.25
N MET A 444 2.56 48.58 -29.79
CA MET A 444 2.83 48.96 -28.38
C MET A 444 3.13 50.46 -28.36
N ARG A 445 2.41 51.20 -27.51
CA ARG A 445 2.60 52.63 -27.39
C ARG A 445 2.99 52.99 -25.95
N SER A 446 3.90 53.93 -25.82
CA SER A 446 4.27 54.44 -24.51
C SER A 446 3.05 55.13 -23.87
N ARG A 447 3.04 55.11 -22.51
CA ARG A 447 2.07 55.89 -21.77
C ARG A 447 2.61 57.31 -21.62
N ALA A 448 2.03 58.26 -22.31
CA ALA A 448 2.40 59.65 -22.30
C ALA A 448 1.16 60.52 -22.10
N VAL A 449 1.32 61.55 -21.27
CA VAL A 449 0.27 62.53 -21.04
C VAL A 449 0.82 63.91 -21.38
N ILE A 450 -0.10 64.80 -21.77
CA ILE A 450 0.23 66.19 -22.03
C ILE A 450 -0.24 67.00 -20.82
N GLU A 451 0.69 67.70 -20.19
CA GLU A 451 0.34 68.55 -19.10
C GLU A 451 0.26 69.99 -19.53
N GLU A 452 -0.83 70.64 -19.17
CA GLU A 452 -1.00 72.06 -19.39
C GLU A 452 -0.22 72.79 -18.31
N ARG A 453 0.49 73.85 -18.68
CA ARG A 453 1.24 74.67 -17.78
C ARG A 453 0.96 76.15 -17.97
N GLY A 454 1.44 76.97 -17.02
CA GLY A 454 1.23 78.40 -17.10
C GLY A 454 1.88 79.02 -18.32
N GLY A 455 1.38 80.13 -18.77
CA GLY A 455 1.95 80.86 -19.90
C GLY A 455 1.67 80.16 -21.21
N GLY A 456 0.60 79.39 -21.23
CA GLY A 456 0.27 78.61 -22.41
C GLY A 456 1.26 77.43 -22.58
N ARG A 457 2.24 77.16 -21.82
N ARG A 457 2.29 77.19 -21.85
CA ARG A 457 3.23 76.14 -22.06
CA ARG A 457 3.26 76.15 -22.07
C ARG A 457 2.66 74.75 -21.91
C ARG A 457 2.70 74.76 -21.87
N GLN A 458 3.34 73.77 -22.50
CA GLN A 458 2.91 72.41 -22.42
C GLN A 458 4.13 71.54 -22.28
N ARG A 459 3.96 70.38 -21.65
CA ARG A 459 5.03 69.39 -21.64
C ARG A 459 4.45 68.00 -21.68
N ILE A 460 5.22 67.09 -22.26
CA ILE A 460 4.82 65.69 -22.42
C ILE A 460 5.59 64.90 -21.32
N VAL A 461 4.87 64.05 -20.60
CA VAL A 461 5.46 63.25 -19.55
C VAL A 461 5.19 61.77 -19.92
N VAL A 462 6.28 61.00 -20.13
CA VAL A 462 6.19 59.63 -20.47
C VAL A 462 6.61 58.79 -19.26
N THR A 463 5.71 57.96 -18.79
CA THR A 463 5.90 57.14 -17.62
C THR A 463 5.98 55.64 -17.90
N GLU A 464 5.71 55.24 -19.13
CA GLU A 464 5.81 53.80 -19.48
C GLU A 464 6.24 53.77 -20.98
N ILE A 465 7.15 52.85 -21.30
CA ILE A 465 7.65 52.76 -22.66
C ILE A 465 7.44 51.33 -23.16
N PRO A 466 7.57 51.06 -24.47
CA PRO A 466 7.22 49.70 -24.95
C PRO A 466 8.25 48.66 -24.51
N PHE A 467 7.84 47.41 -24.62
CA PHE A 467 8.64 46.25 -24.25
C PHE A 467 9.90 46.19 -25.10
N GLN A 468 11.02 45.87 -24.45
CA GLN A 468 12.33 45.71 -25.11
C GLN A 468 12.87 46.95 -25.76
N VAL A 469 12.35 48.14 -25.43
CA VAL A 469 12.88 49.41 -25.95
C VAL A 469 13.95 49.91 -24.95
N ASN A 470 15.11 50.24 -25.48
CA ASN A 470 16.17 50.80 -24.69
C ASN A 470 15.80 52.27 -24.47
N LYS A 471 15.56 52.64 -23.23
CA LYS A 471 15.14 54.01 -22.92
C LYS A 471 16.14 55.09 -23.28
N ALA A 472 17.40 54.88 -22.96
CA ALA A 472 18.41 55.88 -23.27
C ALA A 472 18.52 56.03 -24.80
N ARG A 473 18.44 54.93 -25.52
N ARG A 473 18.49 54.96 -25.56
CA ARG A 473 18.49 54.97 -26.96
CA ARG A 473 18.51 55.06 -26.99
C ARG A 473 17.31 55.69 -27.54
C ARG A 473 17.29 55.75 -27.55
N MET A 474 16.12 55.47 -26.95
CA MET A 474 14.93 56.12 -27.42
C MET A 474 15.09 57.61 -27.27
N ILE A 475 15.65 58.02 -26.15
CA ILE A 475 15.85 59.43 -25.86
C ILE A 475 16.89 59.98 -26.81
N GLU A 476 17.87 59.29 -27.20
N GLU A 476 17.87 59.29 -27.20
CA GLU A 476 18.82 59.81 -28.10
CA GLU A 476 18.83 59.81 -28.10
C GLU A 476 18.24 60.04 -29.50
C GLU A 476 18.22 60.06 -29.49
N LYS A 477 17.41 59.21 -30.03
CA LYS A 477 16.61 59.29 -31.22
C LYS A 477 15.79 60.61 -31.23
N ILE A 478 15.12 60.92 -30.13
CA ILE A 478 14.37 62.15 -30.05
C ILE A 478 15.31 63.35 -30.13
N ALA A 479 16.44 63.26 -29.41
CA ALA A 479 17.42 64.31 -29.43
C ALA A 479 17.93 64.47 -30.86
N GLU A 480 18.15 63.36 -31.55
CA GLU A 480 18.63 63.38 -32.92
C GLU A 480 17.68 64.15 -33.83
N LEU A 481 16.39 63.89 -33.70
CA LEU A 481 15.39 64.58 -34.53
C LEU A 481 15.35 66.08 -34.24
N VAL A 482 15.49 66.42 -32.96
CA VAL A 482 15.50 67.79 -32.52
C VAL A 482 16.79 68.46 -33.03
N ARG A 483 17.94 67.82 -32.97
N ARG A 483 17.94 67.82 -32.97
CA ARG A 483 19.22 68.37 -33.41
CA ARG A 483 19.21 68.41 -33.41
C ARG A 483 19.27 68.55 -34.93
C ARG A 483 19.25 68.57 -34.95
N ASP A 484 18.68 67.61 -35.68
CA ASP A 484 18.63 67.68 -37.13
C ASP A 484 17.43 68.45 -37.65
N LYS A 485 16.66 69.09 -36.78
CA LYS A 485 15.53 69.87 -37.22
C LYS A 485 14.44 69.07 -37.89
N LYS A 486 14.44 67.77 -37.66
CA LYS A 486 13.40 66.88 -38.21
C LYS A 486 12.07 66.99 -37.44
N ILE A 487 12.10 67.64 -36.29
CA ILE A 487 10.89 67.83 -35.54
C ILE A 487 11.01 69.19 -34.86
N ASP A 488 9.87 69.81 -34.60
N ASP A 488 9.90 69.84 -34.64
CA ASP A 488 9.82 71.23 -34.25
CA ASP A 488 9.91 71.22 -34.16
C ASP A 488 9.03 71.43 -32.96
C ASP A 488 9.08 71.40 -32.90
N GLY A 489 9.48 72.37 -32.13
CA GLY A 489 8.77 72.69 -30.90
C GLY A 489 9.28 72.09 -29.60
N ILE A 490 10.32 71.27 -29.64
CA ILE A 490 10.85 70.71 -28.40
C ILE A 490 11.91 71.61 -27.80
N THR A 491 11.66 72.10 -26.59
CA THR A 491 12.59 72.98 -25.90
C THR A 491 13.56 72.27 -24.96
N ASP A 492 13.13 71.20 -24.31
CA ASP A 492 13.99 70.43 -23.41
C ASP A 492 13.54 68.96 -23.39
N LEU A 493 14.48 68.06 -23.10
CA LEU A 493 14.24 66.64 -23.02
C LEU A 493 15.04 66.14 -21.84
N ARG A 494 14.37 65.53 -20.86
CA ARG A 494 15.01 65.09 -19.64
C ARG A 494 14.53 63.70 -19.26
N ASP A 495 15.48 62.84 -18.83
CA ASP A 495 15.15 61.56 -18.20
C ASP A 495 15.19 61.74 -16.69
N GLU A 496 14.02 61.77 -16.06
CA GLU A 496 13.92 61.90 -14.62
C GLU A 496 13.49 60.60 -13.94
N THR A 497 13.78 59.47 -14.57
CA THR A 497 13.41 58.21 -13.99
C THR A 497 14.08 58.04 -12.64
N SER A 498 13.38 57.49 -11.69
CA SER A 498 13.94 57.26 -10.36
C SER A 498 13.34 55.99 -9.79
N LEU A 499 13.92 55.51 -8.69
CA LEU A 499 13.33 54.37 -8.01
C LEU A 499 11.98 54.75 -7.44
N ARG A 500 11.81 55.99 -6.98
CA ARG A 500 10.54 56.42 -6.39
C ARG A 500 9.41 56.53 -7.47
N THR A 501 9.72 57.10 -8.61
CA THR A 501 8.71 57.34 -9.59
C THR A 501 8.66 56.35 -10.74
N GLY A 502 9.65 55.48 -10.88
CA GLY A 502 9.65 54.70 -12.09
C GLY A 502 10.08 55.51 -13.29
N VAL A 503 9.80 54.99 -14.46
CA VAL A 503 10.13 55.67 -15.72
C VAL A 503 9.45 57.06 -15.69
N ARG A 504 10.23 58.08 -16.06
CA ARG A 504 9.67 59.42 -16.21
C ARG A 504 10.58 60.19 -17.18
N VAL A 505 10.08 60.38 -18.41
CA VAL A 505 10.80 61.10 -19.45
C VAL A 505 9.96 62.33 -19.79
N VAL A 506 10.57 63.51 -19.64
CA VAL A 506 9.87 64.77 -19.82
C VAL A 506 10.35 65.46 -21.06
N ILE A 507 9.41 65.99 -21.85
CA ILE A 507 9.72 66.73 -23.08
C ILE A 507 9.01 68.08 -22.97
N ASP A 508 9.80 69.16 -22.93
CA ASP A 508 9.23 70.50 -22.87
C ASP A 508 8.89 71.01 -24.26
N VAL A 509 7.77 71.71 -24.36
CA VAL A 509 7.30 72.22 -25.65
C VAL A 509 7.28 73.75 -25.76
N ARG A 510 7.64 74.25 -26.92
N ARG A 510 7.64 74.25 -26.93
CA ARG A 510 7.65 75.69 -27.18
CA ARG A 510 7.62 75.69 -27.21
C ARG A 510 6.22 76.21 -27.07
C ARG A 510 6.19 76.22 -27.11
N LYS A 511 6.08 77.47 -26.63
N LYS A 511 6.01 77.45 -26.61
CA LYS A 511 4.74 78.09 -26.42
CA LYS A 511 4.63 78.00 -26.45
C LYS A 511 3.97 78.10 -27.75
C LYS A 511 3.93 78.03 -27.81
N ASP A 512 4.73 78.33 -28.81
CA ASP A 512 4.21 78.36 -30.17
C ASP A 512 3.63 77.03 -30.61
N ALA A 513 4.34 75.97 -30.28
CA ALA A 513 4.03 74.59 -30.69
C ALA A 513 2.81 73.88 -30.10
N ASN A 514 2.33 72.88 -30.81
CA ASN A 514 1.19 72.06 -30.38
C ASN A 514 1.74 70.71 -29.91
N ALA A 515 1.47 70.41 -28.63
CA ALA A 515 2.02 69.21 -28.00
C ALA A 515 1.47 67.92 -28.62
N SER A 516 0.19 67.94 -29.01
CA SER A 516 -0.42 66.75 -29.60
C SER A 516 0.22 66.41 -30.95
N VAL A 517 0.53 67.42 -31.76
CA VAL A 517 1.20 67.18 -33.03
C VAL A 517 2.57 66.58 -32.80
N ILE A 518 3.32 67.12 -31.83
CA ILE A 518 4.66 66.65 -31.54
C ILE A 518 4.58 65.20 -31.04
N LEU A 519 3.67 64.93 -30.12
CA LEU A 519 3.54 63.60 -29.56
C LEU A 519 3.16 62.59 -30.63
N ASN A 520 2.20 62.95 -31.48
CA ASN A 520 1.80 62.06 -32.57
C ASN A 520 2.97 61.80 -33.52
N ASN A 521 3.78 62.83 -33.81
CA ASN A 521 4.95 62.61 -34.63
C ASN A 521 6.01 61.77 -33.93
N LEU A 522 6.07 61.85 -32.60
CA LEU A 522 7.07 61.05 -31.87
C LEU A 522 6.74 59.57 -31.91
N TYR A 523 5.46 59.22 -31.75
CA TYR A 523 5.06 57.82 -31.92
C TYR A 523 5.47 57.27 -33.30
N LYS A 524 5.39 58.11 -34.32
CA LYS A 524 5.61 57.64 -35.69
C LYS A 524 7.09 57.56 -36.04
N GLN A 525 7.90 58.48 -35.53
CA GLN A 525 9.31 58.51 -35.86
C GLN A 525 10.33 58.01 -34.87
N THR A 526 9.87 57.58 -33.69
CA THR A 526 10.76 57.08 -32.64
C THR A 526 10.21 55.79 -32.10
N PRO A 527 11.00 55.07 -31.27
CA PRO A 527 10.48 53.92 -30.55
C PRO A 527 9.47 54.23 -29.46
N LEU A 528 9.03 55.49 -29.37
CA LEU A 528 7.94 55.83 -28.43
C LEU A 528 6.72 54.97 -28.70
N GLN A 529 6.55 54.57 -29.96
CA GLN A 529 5.61 53.51 -30.32
C GLN A 529 6.37 52.50 -31.19
N THR A 530 6.24 51.21 -30.85
N THR A 530 6.33 51.23 -30.81
CA THR A 530 6.95 50.12 -31.49
CA THR A 530 6.91 50.18 -31.61
C THR A 530 5.99 48.95 -31.62
C THR A 530 5.93 49.01 -31.69
N SER A 531 6.20 48.15 -32.68
CA SER A 531 5.34 46.98 -32.91
C SER A 531 6.04 45.72 -32.38
N PHE A 532 5.25 44.82 -31.83
CA PHE A 532 5.70 43.48 -31.48
C PHE A 532 5.21 42.53 -32.58
N GLY A 533 6.16 42.02 -33.36
CA GLY A 533 5.77 41.01 -34.38
C GLY A 533 5.66 39.63 -33.81
N VAL A 534 4.44 39.25 -33.47
CA VAL A 534 4.21 37.91 -32.87
C VAL A 534 4.44 36.85 -33.91
N ASN A 535 5.16 35.79 -33.50
CA ASN A 535 5.53 34.66 -34.38
C ASN A 535 5.79 33.47 -33.44
N MET A 536 4.70 32.84 -32.99
CA MET A 536 4.73 31.88 -31.89
C MET A 536 5.22 30.52 -32.38
N ILE A 537 6.52 30.27 -32.27
CA ILE A 537 7.13 29.04 -32.66
C ILE A 537 7.84 28.42 -31.44
N ALA A 538 7.48 27.17 -31.14
CA ALA A 538 8.05 26.50 -29.99
C ALA A 538 8.24 25.01 -30.35
N LEU A 539 9.03 24.29 -29.51
CA LEU A 539 9.26 22.93 -29.76
C LEU A 539 8.11 22.08 -29.21
N VAL A 540 7.42 21.36 -30.12
CA VAL A 540 6.36 20.44 -29.73
C VAL A 540 6.82 19.05 -30.12
N ASN A 541 6.87 18.17 -29.10
CA ASN A 541 7.44 16.82 -29.23
C ASN A 541 8.86 16.92 -29.85
N GLY A 542 9.60 17.92 -29.44
CA GLY A 542 10.96 18.03 -29.87
C GLY A 542 11.14 18.69 -31.26
N ARG A 543 10.05 19.11 -31.90
CA ARG A 543 10.16 19.67 -33.21
C ARG A 543 9.48 21.03 -33.26
N PRO A 544 10.01 21.96 -34.08
CA PRO A 544 9.42 23.31 -34.11
C PRO A 544 8.08 23.35 -34.84
N LYS A 545 7.12 24.08 -34.26
N LYS A 545 7.15 24.08 -34.25
CA LYS A 545 5.81 24.28 -34.85
CA LYS A 545 5.87 24.34 -34.88
C LYS A 545 5.36 25.73 -34.60
C LYS A 545 5.41 25.76 -34.62
N LEU A 546 4.71 26.31 -35.62
CA LEU A 546 3.94 27.51 -35.38
C LEU A 546 2.61 27.16 -34.78
N ILE A 547 2.30 27.77 -33.62
CA ILE A 547 1.15 27.35 -32.80
C ILE A 547 0.31 28.61 -32.52
N ASN A 548 -1.00 28.42 -32.41
CA ASN A 548 -1.89 29.48 -31.99
C ASN A 548 -2.08 29.40 -30.48
N LEU A 549 -2.86 30.33 -29.92
CA LEU A 549 -2.98 30.43 -28.47
C LEU A 549 -3.60 29.16 -27.91
N LYS A 550 -4.66 28.62 -28.55
CA LYS A 550 -5.25 27.42 -27.98
C LYS A 550 -4.32 26.21 -28.04
N GLU A 551 -3.58 26.05 -29.13
N GLU A 551 -3.56 26.05 -29.12
CA GLU A 551 -2.60 24.97 -29.23
CA GLU A 551 -2.62 24.94 -29.20
C GLU A 551 -1.57 25.08 -28.12
C GLU A 551 -1.54 25.07 -28.12
N ALA A 552 -1.09 26.29 -27.85
CA ALA A 552 -0.10 26.47 -26.77
C ALA A 552 -0.68 26.06 -25.42
N LEU A 553 -1.93 26.40 -25.18
CA LEU A 553 -2.58 26.04 -23.90
C LEU A 553 -2.89 24.55 -23.83
N VAL A 554 -3.25 23.91 -24.96
CA VAL A 554 -3.53 22.49 -24.94
C VAL A 554 -2.27 21.68 -24.63
N HIS A 555 -1.17 22.00 -25.28
CA HIS A 555 0.08 21.27 -24.98
C HIS A 555 0.53 21.51 -23.53
N TYR A 556 0.33 22.70 -22.99
CA TYR A 556 0.69 22.92 -21.60
C TYR A 556 -0.22 22.16 -20.65
N LEU A 557 -1.52 22.15 -20.93
CA LEU A 557 -2.44 21.40 -20.07
C LEU A 557 -2.14 19.91 -20.10
N GLU A 558 -1.82 19.37 -21.30
CA GLU A 558 -1.45 17.99 -21.39
C GLU A 558 -0.17 17.70 -20.62
N HIS A 559 0.77 18.66 -20.61
CA HIS A 559 1.97 18.52 -19.82
C HIS A 559 1.66 18.41 -18.33
N GLN A 560 0.71 19.22 -17.85
CA GLN A 560 0.36 19.19 -16.44
C GLN A 560 -0.37 17.90 -16.05
N LYS A 561 -1.28 17.41 -16.92
CA LYS A 561 -1.94 16.16 -16.64
C LYS A 561 -0.91 15.02 -16.54
N THR A 562 0.10 15.02 -17.40
CA THR A 562 1.10 13.99 -17.36
C THR A 562 2.01 14.09 -16.15
N VAL A 563 2.38 15.33 -15.77
CA VAL A 563 3.20 15.53 -14.59
C VAL A 563 2.46 15.05 -13.34
N VAL A 564 1.20 15.49 -13.17
CA VAL A 564 0.46 15.16 -11.98
C VAL A 564 0.14 13.65 -11.95
N ARG A 565 -0.15 13.07 -13.10
CA ARG A 565 -0.38 11.63 -13.16
C ARG A 565 0.89 10.87 -12.76
N ARG A 566 2.05 11.27 -13.32
CA ARG A 566 3.28 10.58 -13.00
C ARG A 566 3.70 10.79 -11.54
N ARG A 567 3.45 11.99 -10.99
CA ARG A 567 3.71 12.22 -9.59
C ARG A 567 2.86 11.32 -8.70
N THR A 568 1.58 11.15 -9.07
CA THR A 568 0.66 10.31 -8.30
C THR A 568 1.11 8.85 -8.33
N GLN A 569 1.52 8.37 -9.51
CA GLN A 569 2.02 7.01 -9.60
C GLN A 569 3.31 6.82 -8.80
N TYR A 570 4.20 7.82 -8.85
CA TYR A 570 5.40 7.77 -8.04
C TYR A 570 5.07 7.71 -6.57
N ASN A 571 4.21 8.63 -6.10
CA ASN A 571 3.83 8.62 -4.69
C ASN A 571 3.16 7.34 -4.30
N LEU A 572 2.36 6.76 -5.21
CA LEU A 572 1.68 5.49 -4.93
C LEU A 572 2.71 4.36 -4.74
N ARG A 573 3.82 4.28 -5.60
CA ARG A 573 4.87 3.27 -5.44
C ARG A 573 5.51 3.40 -4.06
N LYS A 574 5.82 4.70 -3.83
CA LYS A 574 6.56 4.97 -2.61
C LYS A 574 5.73 4.65 -1.37
N ALA A 575 4.45 4.97 -1.40
CA ALA A 575 3.58 4.67 -0.25
C ALA A 575 3.39 3.19 -0.06
N LYS A 576 3.25 2.44 -1.14
CA LYS A 576 3.10 0.97 -1.02
C LYS A 576 4.37 0.34 -0.46
N ASP A 577 5.54 0.82 -0.92
CA ASP A 577 6.79 0.26 -0.40
C ASP A 577 6.93 0.54 1.09
N ARG A 578 6.54 1.74 1.53
CA ARG A 578 6.65 2.10 2.95
C ARG A 578 5.61 1.30 3.78
N ALA A 579 4.42 1.11 3.24
CA ALA A 579 3.44 0.28 3.92
C ALA A 579 3.93 -1.16 4.08
N HIS A 580 4.59 -1.68 3.05
CA HIS A 580 5.18 -3.01 3.15
C HIS A 580 6.20 -3.07 4.27
N ILE A 581 7.07 -2.06 4.34
CA ILE A 581 8.08 -2.04 5.37
C ILE A 581 7.40 -1.95 6.76
N LEU A 582 6.45 -1.04 6.95
CA LEU A 582 5.79 -0.91 8.20
C LEU A 582 5.06 -2.19 8.63
N GLU A 583 4.54 -2.94 7.66
CA GLU A 583 3.91 -4.21 8.00
C GLU A 583 4.92 -5.18 8.60
N GLY A 584 6.14 -5.17 8.11
CA GLY A 584 7.17 -6.04 8.67
C GLY A 584 7.60 -5.54 10.03
N LEU A 585 7.61 -4.21 10.22
CA LEU A 585 8.03 -3.63 11.46
C LEU A 585 7.01 -3.90 12.57
N ARG A 586 5.74 -3.89 12.21
CA ARG A 586 4.69 -4.17 13.16
C ARG A 586 4.81 -5.60 13.68
N ILE A 587 4.97 -6.53 12.77
CA ILE A 587 5.11 -7.92 13.10
C ILE A 587 6.31 -8.08 14.01
N ALA A 588 7.43 -7.49 13.67
CA ALA A 588 8.60 -7.65 14.48
C ALA A 588 8.42 -7.07 15.89
N LEU A 589 7.85 -5.88 16.00
CA LEU A 589 7.65 -5.29 17.30
C LEU A 589 6.66 -6.08 18.16
N ASP A 590 5.65 -6.65 17.52
CA ASP A 590 4.66 -7.44 18.19
C ASP A 590 5.24 -8.75 18.73
N HIS A 591 6.36 -9.20 18.19
CA HIS A 591 6.99 -10.42 18.62
C HIS A 591 8.47 -10.21 18.77
N ILE A 592 8.82 -9.17 19.48
CA ILE A 592 10.23 -8.79 19.56
C ILE A 592 11.18 -9.80 20.21
N ASP A 593 10.76 -10.49 21.26
CA ASP A 593 11.63 -11.43 21.89
C ASP A 593 12.03 -12.53 20.93
N GLU A 594 11.08 -12.97 20.14
CA GLU A 594 11.31 -13.98 19.15
C GLU A 594 12.25 -13.46 18.08
N ILE A 595 12.03 -12.19 17.71
CA ILE A 595 12.85 -11.55 16.72
C ILE A 595 14.28 -11.45 17.25
N ILE A 596 14.46 -10.90 18.46
CA ILE A 596 15.78 -10.71 18.99
C ILE A 596 16.51 -12.04 19.13
N SER A 597 15.82 -13.08 19.63
CA SER A 597 16.46 -14.37 19.81
C SER A 597 16.88 -14.99 18.47
N THR A 598 16.03 -14.84 17.45
CA THR A 598 16.41 -15.28 16.11
C THR A 598 17.70 -14.63 15.66
N ILE A 599 17.81 -13.32 15.87
CA ILE A 599 18.98 -12.56 15.40
C ILE A 599 20.21 -12.94 16.22
N ARG A 600 20.06 -13.06 17.52
CA ARG A 600 21.20 -13.39 18.37
C ARG A 600 21.78 -14.77 18.06
N GLU A 601 20.92 -15.73 17.75
N GLU A 601 20.91 -15.73 17.75
CA GLU A 601 21.42 -17.07 17.42
CA GLU A 601 21.37 -17.07 17.39
C GLU A 601 21.94 -17.18 15.99
C GLU A 601 22.16 -17.07 16.09
N SER A 602 21.91 -16.09 15.22
CA SER A 602 22.48 -16.07 13.89
C SER A 602 23.93 -15.61 13.94
N ASP A 603 24.80 -16.30 13.22
CA ASP A 603 26.22 -15.92 13.19
C ASP A 603 26.47 -14.74 12.24
N THR A 604 25.73 -14.69 11.13
CA THR A 604 25.95 -13.69 10.10
C THR A 604 24.65 -12.99 9.76
N ASP A 605 24.77 -11.91 8.98
CA ASP A 605 23.62 -11.15 8.54
C ASP A 605 22.76 -11.96 7.60
N LYS A 606 23.40 -12.75 6.77
CA LYS A 606 22.67 -13.57 5.79
C LYS A 606 21.84 -14.63 6.49
N VAL A 607 22.39 -15.29 7.52
CA VAL A 607 21.63 -16.28 8.26
C VAL A 607 20.45 -15.64 8.97
N ALA A 608 20.67 -14.48 9.60
CA ALA A 608 19.57 -13.79 10.26
C ALA A 608 18.49 -13.37 9.28
N MET A 609 18.90 -12.90 8.11
CA MET A 609 17.92 -12.59 7.06
C MET A 609 17.08 -13.81 6.70
N GLU A 610 17.74 -14.94 6.46
CA GLU A 610 17.03 -16.15 6.07
C GLU A 610 16.15 -16.68 7.21
N SER A 611 16.65 -16.61 8.44
CA SER A 611 15.88 -17.11 9.57
C SER A 611 14.63 -16.23 9.82
N LEU A 612 14.76 -14.92 9.65
CA LEU A 612 13.61 -14.04 9.85
C LEU A 612 12.56 -14.24 8.75
N GLN A 613 13.00 -14.41 7.51
CA GLN A 613 12.06 -14.61 6.41
C GLN A 613 11.33 -15.96 6.50
N GLN A 614 12.04 -17.00 6.96
CA GLN A 614 11.45 -18.34 7.01
C GLN A 614 10.49 -18.51 8.19
N ARG A 615 10.79 -17.89 9.30
CA ARG A 615 9.97 -18.04 10.48
C ARG A 615 8.74 -17.14 10.53
N PHE A 616 8.89 -15.86 10.17
CA PHE A 616 7.74 -14.96 10.22
C PHE A 616 7.10 -14.64 8.91
N LYS A 617 7.50 -15.38 7.87
CA LYS A 617 6.96 -15.19 6.50
C LYS A 617 7.12 -13.75 6.05
N LEU A 618 8.29 -13.18 6.32
CA LEU A 618 8.61 -11.81 5.89
C LEU A 618 9.33 -11.80 4.56
N SER A 619 9.26 -10.66 3.89
CA SER A 619 10.02 -10.47 2.65
C SER A 619 11.47 -10.13 2.97
N GLU A 620 12.31 -10.21 1.95
CA GLU A 620 13.70 -9.82 2.09
C GLU A 620 13.80 -8.33 2.45
N LYS A 621 12.96 -7.51 1.85
CA LYS A 621 12.97 -6.09 2.18
C LYS A 621 12.53 -5.88 3.62
N GLN A 622 11.55 -6.64 4.06
CA GLN A 622 11.05 -6.50 5.42
C GLN A 622 12.09 -6.95 6.42
N ALA A 623 12.74 -8.08 6.13
CA ALA A 623 13.75 -8.62 7.02
C ALA A 623 14.91 -7.65 7.13
N GLN A 624 15.26 -6.99 6.02
CA GLN A 624 16.36 -6.04 6.03
C GLN A 624 16.05 -4.84 6.91
N ALA A 625 14.83 -4.34 6.82
CA ALA A 625 14.41 -3.18 7.63
C ALA A 625 14.41 -3.52 9.12
N ILE A 626 14.09 -4.79 9.45
CA ILE A 626 14.06 -5.20 10.83
C ILE A 626 15.49 -5.23 11.41
N LEU A 627 16.44 -5.73 10.61
CA LEU A 627 17.82 -5.76 11.04
C LEU A 627 18.39 -4.36 11.18
N ASP A 628 17.83 -3.41 10.45
CA ASP A 628 18.29 -2.02 10.49
C ASP A 628 17.59 -1.21 11.56
N MET A 629 16.63 -1.82 12.24
CA MET A 629 15.85 -1.09 13.24
C MET A 629 16.66 -0.91 14.54
N ARG A 630 16.65 0.29 15.07
CA ARG A 630 17.44 0.60 16.28
C ARG A 630 16.66 0.22 17.53
N LEU A 631 17.38 -0.01 18.63
CA LEU A 631 16.76 -0.45 19.87
C LEU A 631 15.76 0.54 20.47
N ARG A 632 15.92 1.81 20.17
CA ARG A 632 14.99 2.85 20.64
C ARG A 632 13.56 2.72 20.05
N ARG A 633 13.42 2.05 18.93
CA ARG A 633 12.07 1.80 18.38
C ARG A 633 11.27 0.88 19.29
N LEU A 634 11.90 0.24 20.26
CA LEU A 634 11.20 -0.71 21.15
C LEU A 634 10.44 -0.01 22.28
N THR A 635 10.51 1.30 22.36
CA THR A 635 9.83 2.03 23.40
C THR A 635 8.35 2.11 23.12
N GLY A 636 7.54 2.40 24.15
CA GLY A 636 6.10 2.42 23.98
C GLY A 636 5.52 3.38 22.93
N LEU A 637 5.98 4.60 22.91
CA LEU A 637 5.42 5.56 21.95
C LEU A 637 5.76 5.18 20.55
N GLU A 638 6.91 4.56 20.34
CA GLU A 638 7.27 4.12 18.98
C GLU A 638 6.32 3.17 18.35
N ARG A 639 5.76 2.24 19.11
CA ARG A 639 4.81 1.29 18.53
C ARG A 639 3.61 2.08 17.98
N ASP A 640 3.14 3.05 18.77
CA ASP A 640 2.01 3.88 18.36
C ASP A 640 2.32 4.74 17.16
N LYS A 641 3.53 5.26 17.11
CA LYS A 641 3.95 6.09 16.00
C LYS A 641 3.93 5.28 14.73
N ILE A 642 4.40 4.04 14.81
CA ILE A 642 4.43 3.17 13.63
C ILE A 642 3.01 2.84 13.21
N GLU A 643 2.11 2.63 14.16
CA GLU A 643 0.74 2.30 13.81
C GLU A 643 0.03 3.51 13.20
N ALA A 644 0.26 4.69 13.77
CA ALA A 644 -0.39 5.90 13.25
C ALA A 644 0.14 6.25 11.84
N GLU A 645 1.41 5.99 11.58
CA GLU A 645 1.92 6.20 10.22
C GLU A 645 1.34 5.18 9.26
N TYR A 646 1.20 3.93 9.70
CA TYR A 646 0.64 2.91 8.82
C TYR A 646 -0.78 3.23 8.41
N ASN A 647 -1.62 3.62 9.39
CA ASN A 647 -3.03 3.93 9.07
C ASN A 647 -3.13 5.16 8.16
N GLU A 648 -2.31 6.17 8.42
CA GLU A 648 -2.32 7.36 7.55
C GLU A 648 -1.88 6.98 6.14
N LEU A 649 -0.92 6.05 6.01
CA LEU A 649 -0.46 5.62 4.71
C LEU A 649 -1.58 4.88 3.95
N LEU A 650 -2.37 4.07 4.66
CA LEU A 650 -3.45 3.37 3.99
C LEU A 650 -4.48 4.34 3.43
N ASN A 651 -4.83 5.37 4.18
CA ASN A 651 -5.73 6.40 3.65
C ASN A 651 -5.11 7.14 2.46
N TYR A 652 -3.80 7.40 2.55
CA TYR A 652 -3.12 8.08 1.45
C TYR A 652 -3.07 7.22 0.20
N ILE A 653 -2.80 5.91 0.34
CA ILE A 653 -2.77 5.01 -0.81
C ILE A 653 -4.16 4.98 -1.50
N SER A 654 -5.22 4.88 -0.70
CA SER A 654 -6.56 4.88 -1.25
C SER A 654 -6.85 6.17 -2.02
N GLU A 655 -6.36 7.30 -1.50
CA GLU A 655 -6.59 8.58 -2.17
C GLU A 655 -5.84 8.65 -3.49
N LEU A 656 -4.60 8.16 -3.52
CA LEU A 656 -3.82 8.16 -4.75
C LEU A 656 -4.46 7.26 -5.80
N GLU A 657 -5.00 6.11 -5.38
CA GLU A 657 -5.64 5.20 -6.32
C GLU A 657 -6.92 5.81 -6.90
N THR A 658 -7.63 6.60 -6.12
CA THR A 658 -8.83 7.26 -6.62
C THR A 658 -8.49 8.23 -7.74
N ILE A 659 -7.37 8.95 -7.60
CA ILE A 659 -6.93 9.87 -8.64
C ILE A 659 -6.57 9.11 -9.93
N LEU A 660 -5.84 8.02 -9.79
CA LEU A 660 -5.44 7.26 -10.96
C LEU A 660 -6.57 6.49 -11.59
N ALA A 661 -7.68 6.29 -10.86
CA ALA A 661 -8.82 5.50 -11.37
C ALA A 661 -9.83 6.37 -12.14
N ASP A 662 -9.83 7.69 -11.91
CA ASP A 662 -10.84 8.55 -12.51
C ASP A 662 -10.08 9.76 -13.15
N GLU A 663 -10.21 9.89 -14.45
CA GLU A 663 -9.57 10.98 -15.16
C GLU A 663 -10.13 12.33 -14.70
N GLU A 664 -11.39 12.38 -14.31
CA GLU A 664 -11.95 13.63 -13.81
C GLU A 664 -11.34 14.02 -12.48
N VAL A 665 -11.10 13.06 -11.59
CA VAL A 665 -10.48 13.36 -10.31
C VAL A 665 -9.07 13.89 -10.54
N LEU A 666 -8.37 13.31 -11.50
N LEU A 666 -8.36 13.31 -11.50
CA LEU A 666 -7.01 13.79 -11.83
CA LEU A 666 -7.01 13.80 -11.82
C LEU A 666 -7.08 15.22 -12.40
C LEU A 666 -7.10 15.23 -12.39
N LEU A 667 -8.03 15.46 -13.32
CA LEU A 667 -8.16 16.77 -13.92
C LEU A 667 -8.51 17.83 -12.88
N GLN A 668 -9.37 17.49 -11.93
CA GLN A 668 -9.70 18.43 -10.87
C GLN A 668 -8.51 18.71 -9.95
N LEU A 669 -7.65 17.74 -9.75
CA LEU A 669 -6.47 17.94 -8.94
C LEU A 669 -5.58 18.97 -9.63
N VAL A 670 -5.47 18.85 -10.95
CA VAL A 670 -4.69 19.78 -11.75
C VAL A 670 -5.29 21.17 -11.63
N ARG A 671 -6.61 21.28 -11.69
CA ARG A 671 -7.29 22.55 -11.57
C ARG A 671 -7.04 23.17 -10.19
N ASP A 672 -7.12 22.36 -9.13
CA ASP A 672 -6.93 22.88 -7.80
C ASP A 672 -5.50 23.41 -7.62
N GLU A 673 -4.53 22.70 -8.17
CA GLU A 673 -3.15 23.11 -7.99
C GLU A 673 -2.81 24.33 -8.85
N LEU A 674 -3.41 24.42 -10.05
CA LEU A 674 -3.23 25.64 -10.84
C LEU A 674 -3.91 26.84 -10.16
N THR A 675 -5.05 26.61 -9.51
CA THR A 675 -5.75 27.68 -8.84
C THR A 675 -5.00 28.20 -7.61
N GLU A 676 -4.35 27.30 -6.90
N GLU A 676 -4.37 27.29 -6.88
CA GLU A 676 -3.51 27.69 -5.75
CA GLU A 676 -3.51 27.71 -5.75
C GLU A 676 -2.35 28.56 -6.23
C GLU A 676 -2.38 28.60 -6.26
N ILE A 677 -1.77 28.23 -7.39
CA ILE A 677 -0.66 29.01 -7.93
C ILE A 677 -1.16 30.37 -8.39
N ARG A 678 -2.33 30.41 -9.03
CA ARG A 678 -2.92 31.67 -9.46
C ARG A 678 -3.16 32.60 -8.26
N ASP A 679 -3.74 32.06 -7.18
CA ASP A 679 -3.99 32.88 -6.00
C ASP A 679 -2.70 33.40 -5.39
N ARG A 680 -1.66 32.57 -5.39
CA ARG A 680 -0.42 32.94 -4.68
C ARG A 680 0.46 33.88 -5.51
N PHE A 681 0.48 33.71 -6.85
CA PHE A 681 1.37 34.49 -7.69
C PHE A 681 0.71 35.38 -8.70
N GLY A 682 -0.60 35.21 -8.94
CA GLY A 682 -1.32 36.04 -9.92
C GLY A 682 -1.27 37.50 -9.53
N ASP A 683 -1.15 38.38 -10.52
CA ASP A 683 -1.03 39.82 -10.25
C ASP A 683 -1.82 40.62 -11.27
N ASP A 684 -1.91 41.91 -11.03
CA ASP A 684 -2.73 42.77 -11.90
C ASP A 684 -2.12 42.87 -13.29
N ARG A 685 -3.00 43.07 -14.26
CA ARG A 685 -2.58 43.42 -15.62
C ARG A 685 -1.88 44.80 -15.58
N ARG A 686 -0.75 44.90 -16.27
CA ARG A 686 0.02 46.11 -16.36
C ARG A 686 -0.23 46.86 -17.69
N THR A 687 -0.23 46.14 -18.82
CA THR A 687 -0.44 46.80 -20.09
C THR A 687 -1.91 47.01 -20.34
N GLU A 688 -2.26 48.24 -20.70
CA GLU A 688 -3.66 48.60 -21.03
C GLU A 688 -3.90 48.38 -22.49
N ILE A 689 -4.89 47.55 -22.81
CA ILE A 689 -5.35 47.32 -24.18
C ILE A 689 -6.47 48.28 -24.54
N GLN A 690 -6.13 49.28 -25.35
CA GLN A 690 -7.10 50.29 -25.80
C GLN A 690 -7.94 49.86 -26.99
N LEU A 691 -9.16 50.38 -27.04
CA LEU A 691 -10.12 50.13 -28.15
C LEU A 691 -10.49 48.69 -28.44
N GLY A 692 -10.42 48.28 -29.71
CA GLY A 692 -10.70 46.87 -30.08
C GLY A 692 -10.25 46.50 -31.49
N LYS B 9 36.07 55.87 -20.50
CA LYS B 9 36.09 57.34 -20.84
C LYS B 9 35.26 58.08 -19.76
N LEU B 10 35.45 59.38 -19.73
CA LEU B 10 34.72 60.26 -18.83
C LEU B 10 33.22 60.30 -19.24
N ALA B 11 32.35 60.21 -18.24
CA ALA B 11 30.92 60.43 -18.43
C ALA B 11 30.57 61.76 -17.77
N ASP B 12 30.56 62.81 -18.59
CA ASP B 12 30.39 64.17 -18.07
C ASP B 12 28.95 64.37 -17.59
N CYS B 13 28.77 65.47 -16.86
CA CYS B 13 27.46 65.92 -16.43
C CYS B 13 26.96 67.02 -17.37
N SER B 14 25.64 67.25 -17.32
CA SER B 14 25.02 68.18 -18.27
C SER B 14 25.32 69.65 -17.92
N SER B 15 25.36 69.99 -16.65
CA SER B 15 25.55 71.38 -16.22
C SER B 15 26.97 71.89 -16.61
N LYS B 16 27.14 73.13 -16.94
N LYS B 16 27.18 73.11 -17.01
CA LYS B 16 28.57 73.58 -17.14
CA LYS B 16 28.66 73.51 -17.05
C LYS B 16 28.94 74.66 -16.12
C LYS B 16 29.05 74.55 -16.00
N SER B 17 28.20 74.70 -15.00
CA SER B 17 28.48 75.62 -13.90
C SER B 17 29.39 74.89 -12.91
N PRO B 18 30.74 75.11 -13.07
CA PRO B 18 31.60 74.32 -12.17
C PRO B 18 31.31 74.21 -10.70
N GLU B 19 30.89 75.29 -10.08
CA GLU B 19 30.73 75.27 -8.63
C GLU B 19 29.62 74.33 -8.15
N GLU B 20 28.72 73.89 -9.04
CA GLU B 20 27.71 72.93 -8.67
C GLU B 20 28.04 71.49 -9.20
N CYS B 21 29.11 71.34 -9.95
CA CYS B 21 29.46 70.08 -10.50
C CYS B 21 30.54 69.32 -9.74
N GLU B 22 30.42 67.99 -9.75
CA GLU B 22 31.34 67.12 -9.04
C GLU B 22 31.79 66.03 -10.00
N ILE B 23 33.07 65.65 -9.91
CA ILE B 23 33.59 64.53 -10.69
C ILE B 23 34.05 63.46 -9.70
N PHE B 24 33.63 62.22 -9.95
CA PHE B 24 33.98 61.10 -9.11
C PHE B 24 35.02 60.26 -9.85
N LEU B 25 36.15 60.01 -9.20
CA LEU B 25 37.15 59.08 -9.71
C LEU B 25 36.86 57.72 -9.06
N VAL B 26 36.38 56.77 -9.89
CA VAL B 26 35.75 55.56 -9.37
C VAL B 26 36.73 54.39 -9.68
N GLU B 27 36.91 53.51 -8.71
CA GLU B 27 37.76 52.34 -8.89
C GLU B 27 36.98 51.22 -9.57
N GLY B 28 37.48 50.88 -10.74
CA GLY B 28 37.00 49.75 -11.51
C GLY B 28 35.93 50.03 -12.54
N ASP B 29 35.96 49.23 -13.58
CA ASP B 29 35.01 49.41 -14.64
C ASP B 29 33.61 49.03 -14.25
N SER B 30 33.46 47.99 -13.42
CA SER B 30 32.14 47.59 -13.00
C SER B 30 31.49 48.67 -12.18
N ALA B 31 32.21 49.17 -11.18
CA ALA B 31 31.71 50.27 -10.36
C ALA B 31 31.57 51.56 -11.18
N GLY B 32 32.43 51.76 -12.19
CA GLY B 32 32.26 52.91 -13.03
C GLY B 32 30.95 52.92 -13.80
N GLY B 33 30.55 51.75 -14.27
CA GLY B 33 29.28 51.66 -15.01
C GLY B 33 28.05 51.87 -14.14
N SER B 34 28.10 51.39 -12.92
CA SER B 34 26.93 51.50 -12.02
C SER B 34 26.86 52.91 -11.38
N THR B 35 28.01 53.55 -11.13
CA THR B 35 27.96 54.93 -10.71
C THR B 35 27.46 55.84 -11.83
N LYS B 36 27.74 55.51 -13.09
CA LYS B 36 27.25 56.30 -14.21
C LYS B 36 25.74 56.23 -14.32
N SER B 37 25.17 55.11 -13.91
CA SER B 37 23.76 54.96 -13.95
C SER B 37 23.06 55.50 -12.76
N GLY B 38 23.67 55.43 -11.60
CA GLY B 38 23.09 55.92 -10.35
C GLY B 38 23.37 57.34 -10.00
N ARG B 39 24.14 58.06 -10.79
CA ARG B 39 24.47 59.41 -10.46
C ARG B 39 23.41 60.39 -10.92
N ASP B 40 23.48 61.59 -10.34
CA ASP B 40 22.69 62.73 -10.82
C ASP B 40 23.43 63.26 -12.06
N SER B 41 22.96 62.83 -13.22
CA SER B 41 23.66 63.19 -14.49
C SER B 41 23.68 64.70 -14.71
N ARG B 42 22.90 65.48 -13.97
CA ARG B 42 22.93 66.93 -14.14
C ARG B 42 24.23 67.53 -13.60
N THR B 43 24.69 67.06 -12.43
CA THR B 43 25.77 67.70 -11.73
C THR B 43 26.93 66.79 -11.36
N GLN B 44 26.86 65.50 -11.75
CA GLN B 44 27.87 64.54 -11.31
C GLN B 44 28.47 63.84 -12.53
N ALA B 45 29.81 63.89 -12.64
CA ALA B 45 30.52 63.23 -13.71
C ALA B 45 31.33 62.04 -13.12
N ILE B 46 31.55 61.02 -13.95
CA ILE B 46 32.26 59.84 -13.54
C ILE B 46 33.48 59.66 -14.42
N LEU B 47 34.63 59.46 -13.77
CA LEU B 47 35.87 59.05 -14.47
C LEU B 47 36.34 57.75 -13.89
N PRO B 48 36.05 56.60 -14.52
CA PRO B 48 36.47 55.31 -13.96
C PRO B 48 37.98 55.09 -14.22
N LEU B 49 38.63 54.50 -13.22
CA LEU B 49 40.03 54.15 -13.31
C LEU B 49 40.13 52.61 -13.34
N ARG B 50 40.94 52.09 -14.28
N ARG B 50 41.00 52.09 -14.21
CA ARG B 50 41.07 50.69 -14.50
CA ARG B 50 41.03 50.68 -14.47
C ARG B 50 41.44 49.97 -13.20
C ARG B 50 41.41 49.99 -13.18
N GLY B 51 42.39 50.50 -12.47
CA GLY B 51 42.84 49.81 -11.24
C GLY B 51 43.92 50.66 -10.56
N LYS B 52 45.09 49.99 -10.37
CA LYS B 52 46.23 50.81 -9.87
C LYS B 52 46.68 51.77 -10.96
N ILE B 53 47.11 52.92 -10.55
CA ILE B 53 47.50 54.02 -11.49
C ILE B 53 48.97 54.31 -11.20
N LEU B 54 49.58 55.04 -12.15
CA LEU B 54 51.00 55.42 -12.03
C LEU B 54 51.29 56.12 -10.69
N ASN B 55 52.35 55.71 -10.03
CA ASN B 55 52.93 56.45 -8.91
C ASN B 55 53.81 57.55 -9.45
N VAL B 56 53.34 58.79 -9.38
CA VAL B 56 54.11 59.91 -9.96
C VAL B 56 55.33 60.27 -9.12
N GLU B 57 55.39 59.82 -7.86
CA GLU B 57 56.57 60.07 -7.06
C GLU B 57 57.78 59.29 -7.56
N LYS B 58 57.53 58.15 -8.21
CA LYS B 58 58.62 57.31 -8.73
C LYS B 58 58.88 57.52 -10.23
N ALA B 59 57.88 58.06 -10.99
CA ALA B 59 58.01 58.14 -12.43
C ALA B 59 58.67 59.52 -12.79
N ARG B 60 59.40 59.50 -13.90
CA ARG B 60 59.92 60.74 -14.43
C ARG B 60 58.82 61.43 -15.26
N LEU B 61 59.10 62.68 -15.67
CA LEU B 61 58.05 63.53 -16.19
C LEU B 61 57.50 63.01 -17.51
N ASP B 62 58.38 62.47 -18.38
CA ASP B 62 57.87 62.01 -19.68
C ASP B 62 56.93 60.83 -19.54
N ARG B 63 57.13 59.97 -18.53
CA ARG B 63 56.22 58.84 -18.33
C ARG B 63 54.90 59.28 -17.77
N ILE B 64 54.91 60.30 -16.89
CA ILE B 64 53.65 60.81 -16.32
C ILE B 64 52.79 61.44 -17.41
N LEU B 65 53.37 62.40 -18.14
CA LEU B 65 52.62 63.09 -19.18
C LEU B 65 52.13 62.15 -20.28
N ASN B 66 52.83 61.05 -20.47
CA ASN B 66 52.43 60.06 -21.47
C ASN B 66 51.37 59.07 -20.98
N ASN B 67 51.13 59.05 -19.68
CA ASN B 67 50.18 58.11 -19.11
C ASN B 67 48.73 58.40 -19.54
N ASN B 68 48.00 57.42 -20.06
N ASN B 68 48.01 57.41 -20.02
CA ASN B 68 46.62 57.76 -20.52
CA ASN B 68 46.64 57.77 -20.52
C ASN B 68 45.69 58.26 -19.40
C ASN B 68 45.66 58.22 -19.41
N GLU B 69 45.78 57.63 -18.24
N GLU B 69 45.80 57.63 -18.23
CA GLU B 69 44.88 57.95 -17.18
CA GLU B 69 44.90 57.90 -17.13
C GLU B 69 45.18 59.29 -16.53
C GLU B 69 45.18 59.27 -16.51
N ILE B 70 46.37 59.64 -16.30
CA ILE B 70 46.79 60.94 -15.90
C ILE B 70 46.27 62.01 -16.86
N ARG B 71 46.44 61.79 -18.16
N ARG B 71 46.44 61.81 -18.16
CA ARG B 71 45.97 62.70 -19.16
CA ARG B 71 45.96 62.73 -19.17
C ARG B 71 44.46 62.94 -19.12
C ARG B 71 44.45 62.95 -19.13
N GLN B 72 43.72 61.88 -18.92
CA GLN B 72 42.26 61.98 -18.87
C GLN B 72 41.85 62.84 -17.69
N MET B 73 42.51 62.63 -16.54
CA MET B 73 42.21 63.42 -15.36
C MET B 73 42.53 64.88 -15.57
N ILE B 74 43.66 65.14 -16.23
CA ILE B 74 44.08 66.51 -16.50
C ILE B 74 43.09 67.19 -17.42
N THR B 75 42.63 66.45 -18.42
CA THR B 75 41.69 66.99 -19.39
C THR B 75 40.32 67.19 -18.74
N ALA B 76 39.90 66.26 -17.90
CA ALA B 76 38.62 66.37 -17.24
C ALA B 76 38.55 67.57 -16.32
N PHE B 77 39.65 67.86 -15.60
CA PHE B 77 39.64 68.94 -14.63
C PHE B 77 39.73 70.31 -15.33
N GLY B 78 40.57 70.43 -16.34
CA GLY B 78 40.70 71.67 -17.08
C GLY B 78 41.64 72.71 -16.47
N THR B 79 42.32 72.37 -15.38
CA THR B 79 43.13 73.32 -14.66
C THR B 79 44.56 73.45 -15.22
N GLY B 80 45.06 72.43 -15.88
CA GLY B 80 46.47 72.33 -16.20
C GLY B 80 47.26 71.78 -15.03
N ILE B 81 48.57 71.77 -15.19
CA ILE B 81 49.49 71.31 -14.15
C ILE B 81 50.65 72.29 -14.07
N GLY B 82 51.17 72.52 -12.87
CA GLY B 82 52.25 73.48 -12.69
C GLY B 82 51.98 74.48 -11.60
N GLY B 83 52.54 75.67 -11.77
CA GLY B 83 53.27 76.03 -12.98
C GLY B 83 52.36 76.72 -13.98
N ASP B 84 52.01 75.98 -15.03
CA ASP B 84 51.01 76.42 -16.01
C ASP B 84 49.60 76.01 -15.57
N PHE B 85 49.33 76.13 -14.27
CA PHE B 85 48.11 75.65 -13.66
C PHE B 85 47.24 76.85 -13.23
N ASP B 86 45.93 76.71 -13.35
CA ASP B 86 45.01 77.79 -13.03
C ASP B 86 43.73 77.21 -12.39
N LEU B 87 43.47 77.57 -11.15
CA LEU B 87 42.34 77.08 -10.42
C LEU B 87 41.01 77.58 -11.02
N ALA B 88 41.02 78.79 -11.55
CA ALA B 88 39.79 79.37 -12.07
C ALA B 88 39.26 78.63 -13.28
N LYS B 89 40.08 77.78 -13.91
CA LYS B 89 39.66 76.99 -15.05
C LYS B 89 39.15 75.62 -14.65
N ALA B 90 38.96 75.36 -13.35
CA ALA B 90 38.49 74.06 -12.87
C ALA B 90 37.07 73.83 -13.33
N ARG B 91 36.84 72.63 -13.88
CA ARG B 91 35.53 72.25 -14.41
C ARG B 91 34.61 71.63 -13.37
N TYR B 92 35.15 71.30 -12.21
CA TYR B 92 34.39 70.78 -11.10
C TYR B 92 34.97 71.36 -9.82
N HIS B 93 34.10 71.80 -8.93
CA HIS B 93 34.54 72.26 -7.62
C HIS B 93 34.54 71.16 -6.57
N LYS B 94 34.19 69.93 -6.98
CA LYS B 94 34.34 68.75 -6.13
C LYS B 94 34.96 67.64 -6.97
N ILE B 95 36.15 67.21 -6.58
CA ILE B 95 36.80 66.03 -7.13
C ILE B 95 36.77 64.98 -6.02
N VAL B 96 36.03 63.89 -6.23
CA VAL B 96 35.78 62.92 -5.18
C VAL B 96 36.49 61.62 -5.51
N ILE B 97 37.33 61.17 -4.57
CA ILE B 97 38.01 59.88 -4.67
C ILE B 97 37.10 58.81 -4.13
N MET B 98 36.71 57.87 -5.01
CA MET B 98 35.74 56.83 -4.67
C MET B 98 36.36 55.47 -4.99
N THR B 99 36.88 54.80 -3.96
CA THR B 99 37.51 53.50 -4.11
C THR B 99 36.88 52.49 -3.17
N ASP B 100 37.15 51.21 -3.39
CA ASP B 100 36.71 50.20 -2.47
C ASP B 100 37.25 50.49 -1.06
N ALA B 101 36.46 50.13 -0.05
CA ALA B 101 36.92 50.22 1.32
C ALA B 101 37.71 48.98 1.72
N ASP B 102 38.77 48.73 0.95
CA ASP B 102 39.71 47.64 1.26
C ASP B 102 41.12 48.20 1.03
N VAL B 103 42.11 47.34 1.26
CA VAL B 103 43.48 47.78 1.18
C VAL B 103 43.91 48.23 -0.20
N ASP B 104 43.41 47.63 -1.26
CA ASP B 104 43.80 48.05 -2.60
C ASP B 104 43.12 49.37 -2.99
N GLY B 105 41.88 49.58 -2.54
CA GLY B 105 41.28 50.90 -2.68
C GLY B 105 42.06 51.98 -1.92
N ALA B 106 42.57 51.62 -0.73
CA ALA B 106 43.41 52.54 0.03
C ALA B 106 44.70 52.86 -0.75
N HIS B 107 45.26 51.86 -1.43
CA HIS B 107 46.44 52.09 -2.24
C HIS B 107 46.13 53.09 -3.37
N ILE B 108 45.00 52.87 -4.07
CA ILE B 108 44.64 53.75 -5.16
C ILE B 108 44.41 55.18 -4.64
N ARG B 109 43.92 55.29 -3.42
CA ARG B 109 43.74 56.60 -2.81
C ARG B 109 45.10 57.30 -2.59
N THR B 110 46.08 56.56 -2.09
CA THR B 110 47.41 57.16 -1.89
C THR B 110 48.05 57.53 -3.20
N LEU B 111 47.82 56.73 -4.25
CA LEU B 111 48.37 57.03 -5.56
C LEU B 111 47.71 58.30 -6.13
N LEU B 112 46.39 58.43 -5.97
CA LEU B 112 45.71 59.62 -6.50
C LEU B 112 46.09 60.87 -5.71
N LEU B 113 46.14 60.78 -4.39
CA LEU B 113 46.55 61.93 -3.59
C LEU B 113 47.98 62.35 -3.91
N THR B 114 48.84 61.41 -4.29
CA THR B 114 50.20 61.76 -4.66
C THR B 114 50.23 62.56 -5.96
N PHE B 115 49.39 62.20 -6.93
CA PHE B 115 49.30 62.98 -8.15
C PHE B 115 48.75 64.38 -7.90
N PHE B 116 47.74 64.47 -7.04
CA PHE B 116 47.17 65.79 -6.72
C PHE B 116 48.18 66.67 -5.97
N TYR B 117 48.93 66.10 -5.04
CA TYR B 117 49.83 66.92 -4.25
C TYR B 117 51.03 67.38 -5.02
N ARG B 118 51.48 66.58 -6.00
CA ARG B 118 52.69 66.92 -6.76
C ARG B 118 52.41 67.74 -8.00
N PHE B 119 51.21 67.65 -8.56
CA PHE B 119 50.88 68.31 -9.81
C PHE B 119 49.70 69.27 -9.74
N MET B 120 48.89 69.20 -8.71
CA MET B 120 47.68 70.03 -8.59
C MET B 120 47.46 70.51 -7.16
N ARG B 121 48.55 70.86 -6.47
CA ARG B 121 48.46 71.18 -5.05
C ARG B 121 47.46 72.30 -4.70
N PRO B 122 47.30 73.36 -5.53
CA PRO B 122 46.25 74.34 -5.17
C PRO B 122 44.85 73.77 -5.21
N LEU B 123 44.63 72.68 -5.94
CA LEU B 123 43.33 72.00 -5.89
C LEU B 123 43.03 71.50 -4.48
N ILE B 124 44.07 71.03 -3.79
CA ILE B 124 43.86 70.55 -2.43
C ILE B 124 43.67 71.72 -1.47
N GLU B 125 44.50 72.75 -1.62
CA GLU B 125 44.41 73.92 -0.77
C GLU B 125 43.07 74.61 -0.89
N ALA B 126 42.53 74.63 -2.10
CA ALA B 126 41.21 75.23 -2.33
C ALA B 126 40.08 74.42 -1.70
N GLY B 127 40.37 73.20 -1.22
CA GLY B 127 39.36 72.36 -0.64
C GLY B 127 38.53 71.57 -1.63
N TYR B 128 38.92 71.53 -2.92
CA TYR B 128 38.15 70.86 -3.93
C TYR B 128 38.28 69.34 -3.91
N VAL B 129 39.25 68.78 -3.15
CA VAL B 129 39.53 67.35 -3.21
C VAL B 129 38.85 66.66 -2.04
N TYR B 130 38.10 65.59 -2.35
CA TYR B 130 37.32 64.88 -1.36
C TYR B 130 37.56 63.37 -1.47
N ILE B 131 37.24 62.66 -0.38
CA ILE B 131 37.25 61.22 -0.34
C ILE B 131 35.84 60.71 -0.02
N ALA B 132 35.31 59.87 -0.92
CA ALA B 132 34.01 59.28 -0.68
C ALA B 132 34.05 58.27 0.45
N GLN B 133 32.90 58.09 1.11
CA GLN B 133 32.80 57.16 2.24
C GLN B 133 31.73 56.11 1.89
N PRO B 134 32.06 55.14 1.06
CA PRO B 134 31.12 54.06 0.78
C PRO B 134 31.01 53.14 1.96
N PRO B 135 29.95 52.31 2.01
CA PRO B 135 29.78 51.41 3.16
C PRO B 135 31.01 50.56 3.42
N THR B 136 31.47 50.53 4.66
CA THR B 136 32.63 49.72 5.00
C THR B 136 32.25 48.27 5.20
N GLY B 137 33.23 47.37 5.15
CA GLY B 137 32.98 45.94 5.19
C GLY B 137 33.86 45.26 4.13
N TYR B 138 33.30 44.07 3.67
CA TYR B 138 34.03 43.29 2.68
C TYR B 138 33.52 43.50 1.24
N LYS B 139 32.25 43.83 1.08
N LYS B 139 32.27 43.89 1.09
CA LYS B 139 31.76 44.16 -0.26
CA LYS B 139 31.74 44.19 -0.23
C LYS B 139 32.42 45.41 -0.81
C LYS B 139 32.41 45.43 -0.80
N GLY B 140 32.86 45.29 -2.04
CA GLY B 140 33.42 46.41 -2.78
C GLY B 140 32.41 47.19 -3.60
N LEU B 141 32.86 48.26 -4.17
CA LEU B 141 31.99 49.12 -5.01
C LEU B 141 31.39 48.30 -6.16
N GLY B 142 32.20 47.41 -6.76
CA GLY B 142 31.72 46.67 -7.91
C GLY B 142 30.59 45.70 -7.58
N GLU B 143 30.37 45.41 -6.32
CA GLU B 143 29.32 44.49 -5.89
C GLU B 143 27.98 45.18 -5.56
N MET B 144 27.92 46.51 -5.57
CA MET B 144 26.72 47.21 -5.20
C MET B 144 25.91 47.58 -6.48
N ASN B 145 24.60 47.71 -6.34
CA ASN B 145 23.83 48.22 -7.43
C ASN B 145 23.85 49.72 -7.52
N ALA B 146 23.28 50.26 -8.63
CA ALA B 146 23.34 51.67 -8.90
C ALA B 146 22.63 52.51 -7.81
N ASP B 147 21.52 51.99 -7.29
CA ASP B 147 20.78 52.76 -6.27
C ASP B 147 21.51 52.77 -4.95
N GLN B 148 22.17 51.66 -4.58
CA GLN B 148 22.96 51.63 -3.34
C GLN B 148 24.10 52.63 -3.40
N LEU B 149 24.83 52.67 -4.50
CA LEU B 149 25.92 53.62 -4.66
C LEU B 149 25.41 55.05 -4.56
N TRP B 150 24.23 55.33 -5.16
CA TRP B 150 23.64 56.65 -5.04
C TRP B 150 23.25 56.97 -3.59
N GLU B 151 22.53 56.05 -2.95
CA GLU B 151 21.96 56.39 -1.64
C GLU B 151 23.00 56.40 -0.54
N THR B 152 24.06 55.61 -0.65
CA THR B 152 25.05 55.57 0.40
C THR B 152 26.23 56.48 0.17
N THR B 153 26.55 56.80 -1.09
CA THR B 153 27.82 57.41 -1.40
C THR B 153 27.77 58.66 -2.22
N MET B 154 26.77 58.77 -3.11
CA MET B 154 26.76 59.87 -4.08
C MET B 154 25.69 60.92 -3.83
N ASN B 155 24.59 60.55 -3.17
CA ASN B 155 23.50 61.50 -2.93
C ASN B 155 23.99 62.62 -1.98
N PRO B 156 23.92 63.85 -2.41
CA PRO B 156 24.39 64.96 -1.56
C PRO B 156 23.64 65.02 -0.25
N GLU B 157 22.35 64.74 -0.31
CA GLU B 157 21.51 64.73 0.89
C GLU B 157 21.84 63.68 1.94
N HIS B 158 22.29 62.50 1.57
CA HIS B 158 22.62 61.46 2.58
C HIS B 158 24.07 61.03 2.75
N ARG B 159 24.94 61.44 1.84
CA ARG B 159 26.37 61.00 1.84
C ARG B 159 27.29 61.71 2.87
N ALA B 160 28.39 61.07 3.20
CA ALA B 160 29.43 61.61 4.03
C ALA B 160 30.69 61.71 3.20
N LEU B 161 31.25 62.91 3.07
CA LEU B 161 32.47 63.13 2.35
C LEU B 161 33.56 63.61 3.30
N LEU B 162 34.82 63.19 3.04
CA LEU B 162 35.96 63.74 3.71
C LEU B 162 36.61 64.77 2.77
N GLN B 163 36.74 66.00 3.26
CA GLN B 163 37.39 67.03 2.48
C GLN B 163 38.85 66.97 2.81
N VAL B 164 39.69 66.76 1.80
CA VAL B 164 41.12 66.64 2.04
C VAL B 164 41.72 68.03 2.36
N LYS B 165 42.39 68.10 3.52
CA LYS B 165 43.05 69.34 3.92
C LYS B 165 44.54 69.23 4.14
N LEU B 166 45.29 70.19 3.64
CA LEU B 166 46.75 70.21 3.84
C LEU B 166 47.19 71.13 4.98
N GLU B 167 47.32 70.57 6.18
CA GLU B 167 47.76 71.35 7.36
C GLU B 167 49.21 71.89 7.37
N ASP B 168 50.19 71.09 7.03
CA ASP B 168 51.60 71.47 7.05
C ASP B 168 52.29 70.98 5.77
N ALA B 169 52.77 71.91 4.95
CA ALA B 169 53.40 71.56 3.70
C ALA B 169 54.71 70.77 3.82
N ILE B 170 55.56 71.15 4.78
CA ILE B 170 56.83 70.47 4.94
C ILE B 170 56.63 69.02 5.35
N GLU B 171 55.69 68.80 6.28
CA GLU B 171 55.40 67.47 6.77
C GLU B 171 54.85 66.63 5.62
N ALA B 172 54.03 67.25 4.79
CA ALA B 172 53.45 66.59 3.64
C ALA B 172 54.52 66.23 2.63
N ASP B 173 55.42 67.14 2.35
CA ASP B 173 56.47 66.85 1.36
C ASP B 173 57.27 65.64 1.79
N GLN B 174 57.63 65.57 3.06
CA GLN B 174 58.38 64.45 3.58
C GLN B 174 57.60 63.16 3.56
N THR B 175 56.31 63.24 3.89
CA THR B 175 55.43 62.06 3.92
C THR B 175 55.29 61.45 2.54
N PHE B 176 55.04 62.27 1.54
CA PHE B 176 54.89 61.76 0.18
C PHE B 176 56.21 61.15 -0.27
N GLU B 177 57.33 61.82 0.08
CA GLU B 177 58.60 61.38 -0.30
C GLU B 177 58.95 60.03 0.33
N MET B 178 58.63 59.86 1.60
CA MET B 178 58.93 58.61 2.29
C MET B 178 58.04 57.46 1.83
N LEU B 179 56.74 57.69 1.77
CA LEU B 179 55.81 56.60 1.46
C LEU B 179 55.86 56.22 0.00
N MET B 180 55.96 57.20 -0.90
CA MET B 180 55.79 56.94 -2.33
C MET B 180 57.06 57.06 -3.13
N GLY B 181 58.16 57.48 -2.52
CA GLY B 181 59.39 57.75 -3.31
C GLY B 181 60.19 56.42 -3.50
N ASP B 182 61.40 56.65 -4.03
CA ASP B 182 62.18 55.48 -4.51
C ASP B 182 63.08 54.85 -3.44
N VAL B 183 63.24 55.47 -2.28
CA VAL B 183 64.14 54.91 -1.25
C VAL B 183 63.32 53.88 -0.45
N VAL B 184 63.59 52.60 -0.73
CA VAL B 184 62.79 51.53 -0.16
C VAL B 184 62.96 51.45 1.35
N GLU B 185 64.20 51.65 1.83
CA GLU B 185 64.51 51.30 3.21
C GLU B 185 63.75 52.22 4.20
N ASN B 186 63.63 53.49 3.91
CA ASN B 186 62.88 54.37 4.78
C ASN B 186 61.40 54.03 4.79
N ARG B 187 60.86 53.60 3.65
CA ARG B 187 59.49 53.10 3.59
C ARG B 187 59.34 51.83 4.43
N ARG B 188 60.29 50.92 4.34
CA ARG B 188 60.25 49.70 5.16
C ARG B 188 60.31 50.04 6.66
N GLN B 189 61.17 50.97 7.05
CA GLN B 189 61.26 51.34 8.45
C GLN B 189 59.96 51.90 8.98
N PHE B 190 59.28 52.70 8.17
CA PHE B 190 57.97 53.23 8.57
C PHE B 190 56.98 52.10 8.82
N ILE B 191 56.94 51.12 7.89
CA ILE B 191 56.02 49.99 8.05
C ILE B 191 56.30 49.24 9.33
N GLU B 192 57.58 48.93 9.58
CA GLU B 192 57.95 48.18 10.78
C GLU B 192 57.57 48.97 12.05
N ASP B 193 57.81 50.28 12.05
CA ASP B 193 57.58 51.07 13.24
C ASP B 193 56.10 51.19 13.59
N ASN B 194 55.22 51.21 12.59
CA ASN B 194 53.79 51.41 12.82
C ASN B 194 52.96 50.15 12.57
N ALA B 195 53.60 48.98 12.49
CA ALA B 195 52.88 47.78 12.08
C ALA B 195 51.74 47.45 13.01
N VAL B 196 51.91 47.74 14.30
CA VAL B 196 50.91 47.42 15.32
C VAL B 196 49.60 48.16 15.05
N TYR B 197 49.70 49.35 14.46
CA TYR B 197 48.53 50.17 14.18
C TYR B 197 47.85 49.91 12.84
N ALA B 198 48.19 48.81 12.19
CA ALA B 198 47.60 48.52 10.89
C ALA B 198 46.28 47.72 10.90
N ASN B 199 45.48 47.99 9.88
CA ASN B 199 44.20 47.33 9.65
C ASN B 199 43.46 46.93 10.94
N LEU B 200 43.05 47.93 11.72
CA LEU B 200 42.31 47.68 12.95
C LEU B 200 40.85 48.02 12.75
N ASN B 211 33.49 66.68 6.30
CA ASN B 211 34.42 66.37 7.40
C ASN B 211 35.87 66.52 6.96
N GLU B 212 36.65 67.29 7.69
CA GLU B 212 38.05 67.53 7.35
C GLU B 212 38.87 66.26 7.58
N ARG B 213 39.87 66.06 6.71
CA ARG B 213 40.75 64.90 6.82
C ARG B 213 42.16 65.35 6.42
N ASN B 214 43.07 65.32 7.37
CA ASN B 214 44.43 65.75 7.13
C ASN B 214 45.06 64.80 6.09
N ILE B 215 45.72 65.40 5.08
CA ILE B 215 46.29 64.65 4.00
C ILE B 215 47.47 63.75 4.49
N THR B 216 48.27 64.27 5.42
CA THR B 216 49.35 63.47 5.93
C THR B 216 48.86 62.28 6.71
N SER B 217 47.88 62.49 7.58
CA SER B 217 47.26 61.39 8.31
C SER B 217 46.67 60.37 7.34
N GLU B 218 45.99 60.84 6.29
CA GLU B 218 45.38 59.93 5.34
C GLU B 218 46.44 59.10 4.60
N MET B 219 47.54 59.73 4.21
CA MET B 219 48.59 59.02 3.48
C MET B 219 49.24 57.96 4.35
N ARG B 220 49.56 58.30 5.60
N ARG B 220 49.58 58.31 5.59
CA ARG B 220 50.24 57.35 6.47
CA ARG B 220 50.24 57.37 6.49
C ARG B 220 49.35 56.19 6.86
C ARG B 220 49.34 56.18 6.79
N GLU B 221 48.08 56.44 7.10
CA GLU B 221 47.17 55.37 7.53
C GLU B 221 46.78 54.46 6.37
N SER B 222 46.51 55.04 5.20
CA SER B 222 46.10 54.21 4.05
C SER B 222 47.26 53.38 3.48
N PHE B 223 48.46 53.96 3.44
CA PHE B 223 49.60 53.20 2.91
C PHE B 223 50.07 52.12 3.88
N LEU B 224 50.01 52.40 5.19
CA LEU B 224 50.35 51.38 6.18
C LEU B 224 49.42 50.18 6.03
N ASP B 225 48.14 50.44 5.89
CA ASP B 225 47.16 49.40 5.73
C ASP B 225 47.49 48.54 4.49
N TYR B 226 47.75 49.19 3.36
CA TYR B 226 48.09 48.48 2.13
C TYR B 226 49.40 47.72 2.30
N ALA B 227 50.45 48.42 2.75
CA ALA B 227 51.76 47.80 2.84
C ALA B 227 51.73 46.59 3.77
N MET B 228 51.10 46.70 4.91
CA MET B 228 51.04 45.60 5.82
C MET B 228 50.30 44.42 5.23
N SER B 229 49.19 44.68 4.51
CA SER B 229 48.41 43.62 3.94
C SER B 229 49.23 42.84 2.84
N VAL B 230 49.97 43.57 2.03
CA VAL B 230 50.75 42.90 1.04
C VAL B 230 51.84 42.06 1.66
N ILE B 231 52.41 42.53 2.79
CA ILE B 231 53.49 41.83 3.45
C ILE B 231 52.96 40.55 4.10
N VAL B 232 51.87 40.64 4.85
CA VAL B 232 51.45 39.51 5.70
C VAL B 232 50.28 38.72 5.09
N ALA B 233 49.69 39.17 3.97
CA ALA B 233 48.57 38.44 3.43
C ALA B 233 48.47 38.57 1.91
N ARG B 234 49.62 38.41 1.28
CA ARG B 234 49.65 38.42 -0.16
C ARG B 234 50.97 37.94 -0.80
N ALA B 235 52.05 38.68 -0.65
CA ALA B 235 53.24 38.43 -1.44
C ALA B 235 54.31 37.57 -0.77
N LEU B 236 54.18 37.27 0.50
CA LEU B 236 55.30 36.55 1.15
C LEU B 236 54.78 35.20 1.68
N PRO B 237 55.60 34.16 1.54
CA PRO B 237 55.14 32.83 1.98
C PRO B 237 55.34 32.64 3.46
N ASP B 238 54.54 31.74 4.04
CA ASP B 238 54.74 31.32 5.41
C ASP B 238 55.91 30.37 5.50
N VAL B 239 56.72 30.53 6.54
CA VAL B 239 57.91 29.68 6.73
C VAL B 239 57.49 28.22 6.97
N ARG B 240 56.30 28.02 7.53
CA ARG B 240 55.94 26.67 7.99
C ARG B 240 55.52 25.77 6.79
N ASP B 241 54.64 26.29 5.91
CA ASP B 241 54.19 25.52 4.78
C ASP B 241 54.64 26.06 3.42
N GLY B 242 55.35 27.19 3.40
CA GLY B 242 55.90 27.69 2.15
C GLY B 242 54.89 28.31 1.21
N LEU B 243 53.71 28.73 1.72
CA LEU B 243 52.64 29.17 0.85
C LEU B 243 52.24 30.60 1.12
N LYS B 244 51.84 31.26 0.03
CA LYS B 244 51.13 32.55 0.09
C LYS B 244 49.65 32.26 0.28
N PRO B 245 48.85 33.26 0.71
CA PRO B 245 47.41 33.06 0.85
C PRO B 245 46.69 32.50 -0.39
N VAL B 246 47.02 33.01 -1.62
CA VAL B 246 46.29 32.51 -2.78
C VAL B 246 46.57 31.00 -2.99
N HIS B 247 47.82 30.60 -2.79
CA HIS B 247 48.17 29.19 -3.04
C HIS B 247 47.60 28.29 -1.94
N ARG B 248 47.60 28.75 -0.69
CA ARG B 248 47.01 27.97 0.37
C ARG B 248 45.52 27.77 0.14
N ARG B 249 44.81 28.82 -0.29
CA ARG B 249 43.40 28.73 -0.53
C ARG B 249 43.06 27.87 -1.77
N ILE B 250 43.93 27.89 -2.77
CA ILE B 250 43.76 26.96 -3.91
C ILE B 250 43.84 25.52 -3.42
N LEU B 251 44.92 25.17 -2.67
CA LEU B 251 45.10 23.79 -2.26
C LEU B 251 44.06 23.37 -1.26
N TYR B 252 43.66 24.31 -0.36
CA TYR B 252 42.56 24.01 0.57
C TYR B 252 41.28 23.78 -0.16
N GLY B 253 40.99 24.62 -1.17
CA GLY B 253 39.79 24.42 -1.98
C GLY B 253 39.78 23.08 -2.69
N LEU B 254 40.89 22.72 -3.32
CA LEU B 254 40.98 21.39 -3.96
C LEU B 254 40.67 20.30 -2.94
N ASN B 255 41.14 20.46 -1.69
CA ASN B 255 40.86 19.46 -0.68
C ASN B 255 39.40 19.44 -0.29
N GLU B 256 38.82 20.62 -0.10
CA GLU B 256 37.40 20.69 0.28
C GLU B 256 36.48 20.24 -0.86
N GLN B 257 36.89 20.51 -2.10
CA GLN B 257 36.12 20.03 -3.24
C GLN B 257 36.37 18.54 -3.55
N GLY B 258 37.19 17.89 -2.74
CA GLY B 258 37.48 16.47 -2.93
C GLY B 258 38.27 16.14 -4.18
N MET B 259 39.13 17.06 -4.63
CA MET B 259 39.89 16.89 -5.84
C MET B 259 41.21 16.14 -5.67
N THR B 260 41.11 14.92 -5.12
CA THR B 260 42.23 14.09 -4.87
C THR B 260 42.71 13.41 -6.15
N PRO B 261 44.00 12.88 -6.13
CA PRO B 261 44.47 12.33 -7.39
C PRO B 261 43.64 11.16 -7.93
N ASP B 262 43.03 10.35 -7.06
CA ASP B 262 42.19 9.24 -7.50
C ASP B 262 40.95 9.65 -8.32
N LYS B 263 40.38 10.77 -7.97
CA LYS B 263 39.18 11.29 -8.67
C LYS B 263 39.42 11.92 -10.02
N SER B 264 38.37 12.06 -10.83
CA SER B 264 38.43 12.66 -12.16
C SER B 264 38.80 14.18 -12.09
N TYR B 265 39.40 14.68 -13.14
CA TYR B 265 39.72 16.07 -13.24
C TYR B 265 38.43 16.91 -13.16
N LYS B 266 38.56 18.15 -12.72
CA LYS B 266 37.42 19.05 -12.58
C LYS B 266 37.71 20.36 -13.33
N LYS B 267 36.76 20.97 -14.06
N LYS B 267 36.77 20.97 -14.06
N LYS B 267 36.82 20.97 -14.05
CA LYS B 267 37.04 22.20 -14.80
CA LYS B 267 37.06 22.21 -14.79
CA LYS B 267 37.11 22.21 -14.73
C LYS B 267 37.66 23.29 -13.90
C LYS B 267 37.68 23.28 -13.90
C LYS B 267 37.74 23.29 -13.84
N SER B 268 38.66 23.95 -14.43
CA SER B 268 39.39 24.96 -13.64
C SER B 268 38.48 26.13 -13.26
N ALA B 269 37.56 26.50 -14.16
CA ALA B 269 36.63 27.60 -13.85
C ALA B 269 35.80 27.28 -12.63
N ARG B 270 35.45 26.00 -12.41
CA ARG B 270 34.72 25.65 -11.22
C ARG B 270 35.62 25.69 -10.00
N ILE B 271 36.87 25.18 -10.13
CA ILE B 271 37.82 25.22 -9.03
C ILE B 271 38.08 26.68 -8.62
N VAL B 272 38.28 27.56 -9.61
CA VAL B 272 38.64 28.92 -9.28
C VAL B 272 37.46 29.70 -8.75
N GLY B 273 36.27 29.46 -9.33
CA GLY B 273 35.08 30.16 -8.86
C GLY B 273 34.79 29.86 -7.40
N ASP B 274 34.90 28.59 -7.00
CA ASP B 274 34.69 28.22 -5.60
C ASP B 274 35.72 28.88 -4.71
N VAL B 275 36.99 28.83 -5.09
CA VAL B 275 38.05 29.45 -4.28
C VAL B 275 37.80 30.96 -4.16
N MET B 276 37.45 31.60 -5.27
CA MET B 276 37.22 33.05 -5.29
C MET B 276 36.02 33.44 -4.40
N GLY B 277 34.91 32.69 -4.47
CA GLY B 277 33.76 33.07 -3.71
C GLY B 277 33.88 32.69 -2.21
N LYS B 278 34.58 31.62 -1.92
CA LYS B 278 34.69 31.11 -0.55
C LYS B 278 35.83 31.71 0.27
N TYR B 279 36.99 31.97 -0.33
CA TYR B 279 38.15 32.41 0.44
C TYR B 279 38.95 33.56 -0.16
N HIS B 280 38.94 33.77 -1.47
CA HIS B 280 39.90 34.69 -2.12
C HIS B 280 39.14 35.72 -2.94
N PRO B 281 38.63 36.79 -2.32
CA PRO B 281 37.78 37.76 -3.03
C PRO B 281 38.57 38.68 -3.94
N HIS B 282 39.27 38.09 -4.88
CA HIS B 282 40.08 38.85 -5.83
C HIS B 282 39.86 38.36 -7.26
N GLY B 283 40.51 39.02 -8.19
CA GLY B 283 40.27 38.71 -9.59
C GLY B 283 40.59 37.26 -9.87
N ASP B 284 39.81 36.60 -10.72
CA ASP B 284 39.97 35.21 -10.99
C ASP B 284 41.33 34.90 -11.71
N SER B 285 41.85 35.90 -12.45
CA SER B 285 43.10 35.70 -13.13
C SER B 285 44.24 35.48 -12.15
N SER B 286 44.24 36.20 -11.02
CA SER B 286 45.25 36.00 -9.99
C SER B 286 45.16 34.56 -9.45
N ILE B 287 43.96 34.06 -9.22
CA ILE B 287 43.81 32.73 -8.71
C ILE B 287 44.22 31.69 -9.75
N TYR B 288 43.70 31.82 -10.96
CA TYR B 288 43.95 30.82 -12.00
C TYR B 288 45.44 30.76 -12.37
N GLU B 289 46.07 31.91 -12.59
CA GLU B 289 47.46 31.90 -12.99
C GLU B 289 48.37 31.31 -11.91
N ALA B 290 48.01 31.53 -10.64
CA ALA B 290 48.74 30.89 -9.56
C ALA B 290 48.56 29.37 -9.58
N MET B 291 47.34 28.91 -9.86
CA MET B 291 47.11 27.49 -9.96
C MET B 291 47.85 26.92 -11.14
N VAL B 292 47.88 27.64 -12.24
CA VAL B 292 48.61 27.18 -13.44
C VAL B 292 50.10 26.96 -13.13
N ARG B 293 50.71 27.89 -12.41
N ARG B 293 50.71 27.88 -12.39
CA ARG B 293 52.13 27.76 -12.07
CA ARG B 293 52.13 27.75 -12.09
C ARG B 293 52.39 26.53 -11.23
C ARG B 293 52.40 26.53 -11.22
N MET B 294 51.49 26.20 -10.31
CA MET B 294 51.64 25.01 -9.47
C MET B 294 51.54 23.72 -10.28
N ALA B 295 51.03 23.78 -11.53
CA ALA B 295 50.94 22.60 -12.36
C ALA B 295 52.04 22.47 -13.40
N GLN B 296 52.97 23.44 -13.49
CA GLN B 296 54.02 23.40 -14.49
C GLN B 296 55.27 22.77 -14.00
N ASP B 297 55.78 21.73 -14.62
CA ASP B 297 56.98 21.05 -14.07
C ASP B 297 58.28 21.76 -14.40
N PHE B 298 58.20 22.88 -15.12
CA PHE B 298 59.33 23.79 -15.31
C PHE B 298 59.30 24.95 -14.30
N SER B 299 58.20 25.11 -13.55
CA SER B 299 58.15 26.12 -12.51
C SER B 299 58.27 25.56 -11.10
N TYR B 300 57.63 24.44 -10.82
CA TYR B 300 57.62 23.83 -9.48
C TYR B 300 58.50 22.58 -9.48
N ARG B 301 59.46 22.54 -8.59
CA ARG B 301 60.33 21.37 -8.45
C ARG B 301 59.51 20.13 -8.04
N TYR B 302 58.42 20.33 -7.32
CA TYR B 302 57.48 19.26 -6.99
C TYR B 302 56.08 19.80 -7.21
N PRO B 303 55.52 19.61 -8.41
CA PRO B 303 54.26 20.23 -8.77
C PRO B 303 53.14 19.90 -7.80
N LEU B 304 52.34 20.95 -7.43
CA LEU B 304 51.29 20.80 -6.48
C LEU B 304 49.90 20.60 -7.17
N VAL B 305 49.79 20.87 -8.47
CA VAL B 305 48.53 20.76 -9.15
C VAL B 305 48.73 19.84 -10.39
N ASP B 306 47.78 18.99 -10.67
CA ASP B 306 47.79 18.11 -11.81
C ASP B 306 46.78 18.68 -12.86
N GLY B 307 47.35 19.21 -13.92
CA GLY B 307 46.54 19.94 -14.91
C GLY B 307 46.28 19.10 -16.19
N GLN B 308 45.08 19.28 -16.74
CA GLN B 308 44.73 18.74 -18.05
C GLN B 308 44.30 19.80 -18.98
N GLY B 309 44.91 19.80 -20.15
CA GLY B 309 44.73 20.86 -21.20
C GLY B 309 46.02 21.63 -21.33
N ASN B 310 45.93 22.75 -22.01
CA ASN B 310 47.15 23.56 -22.28
C ASN B 310 47.37 24.42 -20.98
N PHE B 311 48.47 24.10 -20.30
CA PHE B 311 48.85 24.78 -19.06
C PHE B 311 50.11 25.59 -19.21
N GLY B 312 50.39 26.07 -20.43
CA GLY B 312 51.57 26.89 -20.71
C GLY B 312 52.77 26.14 -21.12
N SER B 313 53.83 26.89 -21.45
CA SER B 313 55.10 26.31 -21.91
C SER B 313 56.25 27.14 -21.39
N MET B 314 57.47 26.63 -21.60
CA MET B 314 58.69 27.35 -21.24
C MET B 314 58.89 28.62 -22.11
N ASP B 315 58.19 28.75 -23.22
CA ASP B 315 58.33 29.91 -24.06
C ASP B 315 57.46 31.09 -23.64
N GLY B 316 56.94 31.02 -22.43
CA GLY B 316 56.10 32.10 -21.92
C GLY B 316 54.66 32.05 -22.39
N ASP B 317 54.28 30.95 -23.05
CA ASP B 317 52.91 30.80 -23.49
C ASP B 317 52.05 30.65 -22.22
N GLY B 318 50.91 31.32 -22.25
CA GLY B 318 50.02 31.25 -21.13
C GLY B 318 49.17 29.99 -21.25
N ALA B 319 48.51 29.62 -20.16
CA ALA B 319 47.64 28.47 -20.19
C ALA B 319 46.42 28.86 -21.04
N ALA B 320 45.62 27.88 -21.42
CA ALA B 320 44.38 28.16 -22.09
C ALA B 320 43.45 28.76 -21.03
N ALA B 321 42.38 29.41 -21.50
CA ALA B 321 41.42 30.05 -20.58
C ALA B 321 40.83 28.93 -19.66
N MET B 322 40.49 29.32 -18.44
CA MET B 322 40.17 28.37 -17.41
C MET B 322 38.88 27.59 -17.66
N ARG B 323 38.09 28.02 -18.67
CA ARG B 323 36.92 27.23 -18.99
C ARG B 323 37.31 26.05 -19.84
N PHE B 324 38.52 26.06 -20.40
CA PHE B 324 38.98 24.98 -21.27
C PHE B 324 39.90 23.97 -20.59
N THR B 325 40.38 24.25 -19.39
CA THR B 325 41.32 23.37 -18.72
C THR B 325 40.65 22.70 -17.51
N GLU B 326 41.33 21.68 -16.98
N GLU B 326 41.33 21.68 -16.99
CA GLU B 326 40.86 20.93 -15.84
CA GLU B 326 40.86 20.95 -15.83
C GLU B 326 42.05 20.65 -14.93
C GLU B 326 42.05 20.69 -14.91
N ALA B 327 41.77 20.35 -13.66
CA ALA B 327 42.84 20.19 -12.69
C ALA B 327 42.37 19.34 -11.50
N ARG B 328 43.35 18.82 -10.75
CA ARG B 328 43.13 18.08 -9.53
C ARG B 328 44.44 18.17 -8.68
N MET B 329 44.55 17.65 -7.52
N MET B 329 44.55 17.65 -7.52
CA MET B 329 45.79 17.63 -6.79
CA MET B 329 45.78 17.63 -6.79
C MET B 329 46.76 16.62 -7.37
C MET B 329 46.76 16.62 -7.34
N THR B 330 48.05 16.84 -7.10
CA THR B 330 49.03 15.80 -7.28
C THR B 330 49.11 14.97 -5.99
N LYS B 331 49.76 13.83 -6.09
CA LYS B 331 49.87 12.99 -4.90
C LYS B 331 50.64 13.66 -3.79
N ILE B 332 51.69 14.40 -4.11
CA ILE B 332 52.52 15.01 -3.07
C ILE B 332 51.76 16.11 -2.34
N THR B 333 50.79 16.73 -3.01
CA THR B 333 49.98 17.76 -2.33
C THR B 333 49.10 17.12 -1.22
N LEU B 334 48.76 15.85 -1.37
CA LEU B 334 48.09 15.15 -0.28
C LEU B 334 48.93 15.23 1.03
N GLU B 335 50.24 15.31 0.92
CA GLU B 335 51.06 15.40 2.10
C GLU B 335 51.07 16.83 2.68
N LEU B 336 50.75 17.84 1.89
CA LEU B 336 50.57 19.16 2.48
C LEU B 336 49.28 19.25 3.30
N LEU B 337 48.24 18.53 2.90
CA LEU B 337 46.96 18.61 3.56
C LEU B 337 46.73 17.48 4.58
N ARG B 338 47.62 16.51 4.65
N ARG B 338 47.62 16.51 4.65
CA ARG B 338 47.46 15.37 5.53
CA ARG B 338 47.44 15.38 5.52
C ARG B 338 47.34 15.87 6.98
C ARG B 338 47.34 15.87 6.98
N ASP B 339 46.33 15.35 7.58
CA ASP B 339 45.89 15.49 8.98
C ASP B 339 45.26 16.84 9.26
N ILE B 340 44.84 17.55 8.20
CA ILE B 340 44.28 18.87 8.39
C ILE B 340 43.01 18.86 9.18
N ASN B 341 42.29 17.73 9.18
CA ASN B 341 41.04 17.55 9.94
C ASN B 341 41.23 16.85 11.25
N LYS B 342 42.43 16.96 11.80
CA LYS B 342 42.75 16.34 13.08
C LYS B 342 43.24 17.37 14.08
N ASP B 343 42.74 18.62 13.89
CA ASP B 343 43.05 19.72 14.80
C ASP B 343 44.56 19.87 14.94
N THR B 344 45.22 19.83 13.80
CA THR B 344 46.70 20.04 13.76
C THR B 344 47.07 21.46 13.52
N ILE B 345 46.16 22.25 12.88
CA ILE B 345 46.44 23.65 12.57
C ILE B 345 45.24 24.47 12.95
N ASP B 346 45.44 25.76 13.13
CA ASP B 346 44.33 26.66 13.52
C ASP B 346 43.58 27.15 12.32
N PHE B 347 42.26 27.03 12.36
CA PHE B 347 41.39 27.59 11.32
C PHE B 347 40.97 29.02 11.77
N ILE B 348 40.67 29.82 10.78
CA ILE B 348 40.28 31.21 11.02
C ILE B 348 39.02 31.47 10.20
N ASP B 349 38.31 32.56 10.53
CA ASP B 349 37.18 32.94 9.72
C ASP B 349 37.64 33.49 8.38
N ASN B 350 36.86 33.21 7.33
CA ASN B 350 37.23 33.68 5.99
C ASN B 350 36.90 35.22 5.93
N TYR B 351 36.94 35.77 4.72
CA TYR B 351 36.83 37.19 4.59
C TYR B 351 35.45 37.76 4.98
N ASP B 352 34.39 36.96 4.82
CA ASP B 352 33.05 37.42 5.10
C ASP B 352 32.38 36.72 6.28
N GLY B 353 33.12 35.84 6.96
CA GLY B 353 32.56 35.14 8.12
C GLY B 353 31.64 34.01 7.80
N ASN B 354 31.46 33.67 6.53
CA ASN B 354 30.60 32.54 6.13
C ASN B 354 31.35 31.23 6.04
N GLU B 355 32.69 31.27 6.01
CA GLU B 355 33.47 30.05 5.85
C GLU B 355 34.62 30.05 6.82
N ARG B 356 35.24 28.88 6.96
CA ARG B 356 36.48 28.76 7.73
C ARG B 356 37.58 28.33 6.79
N GLU B 357 38.81 28.82 7.04
CA GLU B 357 39.95 28.49 6.23
C GLU B 357 41.17 28.26 7.10
N PRO B 358 42.13 27.48 6.62
CA PRO B 358 43.33 27.23 7.46
C PRO B 358 44.27 28.39 7.48
N SER B 359 44.82 28.65 8.67
CA SER B 359 45.89 29.66 8.76
C SER B 359 47.20 29.13 8.18
N VAL B 360 47.35 27.81 8.12
CA VAL B 360 48.58 27.16 7.67
C VAL B 360 48.27 25.71 7.37
N LEU B 361 48.93 25.11 6.39
CA LEU B 361 48.69 23.69 6.16
C LEU B 361 49.67 22.86 6.98
N PRO B 362 49.30 21.61 7.28
CA PRO B 362 50.20 20.73 8.08
C PRO B 362 51.56 20.55 7.40
N ALA B 363 51.58 20.47 6.10
CA ALA B 363 52.85 20.52 5.32
C ALA B 363 53.83 19.48 5.76
N ARG B 364 53.48 18.25 5.51
CA ARG B 364 54.30 17.11 6.00
C ARG B 364 55.58 16.94 5.19
N PHE B 365 55.90 17.79 4.21
CA PHE B 365 57.26 17.86 3.68
C PHE B 365 57.64 19.34 3.61
N PRO B 366 58.94 19.67 3.65
CA PRO B 366 59.36 21.09 3.75
C PRO B 366 59.19 21.84 2.46
N ASN B 367 57.97 22.43 2.26
CA ASN B 367 57.62 22.94 0.94
C ASN B 367 58.24 24.28 0.63
N LEU B 368 58.45 25.15 1.57
CA LEU B 368 59.13 26.44 1.35
C LEU B 368 60.43 26.26 0.58
N LEU B 369 61.31 25.42 1.09
CA LEU B 369 62.61 25.20 0.45
C LEU B 369 62.49 24.27 -0.76
N ALA B 370 61.53 23.32 -0.75
CA ALA B 370 61.41 22.35 -1.82
C ALA B 370 61.01 23.05 -3.14
N ASN B 371 59.98 23.90 -3.10
CA ASN B 371 59.50 24.54 -4.29
C ASN B 371 59.94 25.99 -4.44
N GLY B 372 60.47 26.53 -3.35
CA GLY B 372 60.95 27.90 -3.40
C GLY B 372 59.83 28.92 -3.36
N ALA B 373 60.19 30.16 -3.55
CA ALA B 373 59.22 31.23 -3.59
C ALA B 373 59.81 32.45 -4.22
N SER B 374 58.89 33.20 -4.88
CA SER B 374 59.35 34.48 -5.41
C SER B 374 58.23 35.44 -5.18
N GLY B 375 58.52 36.57 -4.57
CA GLY B 375 57.50 37.54 -4.30
C GLY B 375 57.93 38.98 -4.09
N ILE B 376 57.18 39.92 -4.66
CA ILE B 376 57.49 41.30 -4.52
C ILE B 376 56.37 41.91 -3.63
N ALA B 377 56.78 42.39 -2.47
CA ALA B 377 55.87 42.91 -1.51
C ALA B 377 55.98 44.45 -1.45
N VAL B 378 55.91 45.00 -0.22
CA VAL B 378 56.22 46.43 -0.12
C VAL B 378 57.26 46.54 1.00
N GLY B 379 58.25 47.43 0.78
CA GLY B 379 59.38 47.50 1.69
C GLY B 379 60.39 46.36 1.63
N MET B 380 60.07 45.31 0.86
CA MET B 380 60.94 44.13 0.84
C MET B 380 60.40 43.20 -0.26
N ALA B 381 61.22 42.20 -0.58
CA ALA B 381 60.85 41.18 -1.54
C ALA B 381 61.49 39.88 -1.04
N THR B 382 61.10 38.77 -1.67
CA THR B 382 61.72 37.49 -1.36
C THR B 382 62.06 36.74 -2.62
N ASN B 383 63.08 35.89 -2.52
CA ASN B 383 63.53 35.11 -3.68
C ASN B 383 64.25 33.88 -3.11
N ILE B 384 63.52 32.79 -3.00
CA ILE B 384 64.04 31.55 -2.39
C ILE B 384 64.04 30.48 -3.50
N PRO B 385 65.17 29.83 -3.75
CA PRO B 385 65.23 28.87 -4.85
C PRO B 385 64.72 27.49 -4.39
N PRO B 386 64.31 26.65 -5.35
CA PRO B 386 63.85 25.32 -5.00
C PRO B 386 65.04 24.40 -4.66
N HIS B 387 64.70 23.27 -4.04
CA HIS B 387 65.69 22.37 -3.51
C HIS B 387 65.28 20.93 -3.71
N ASN B 388 66.26 20.02 -3.53
CA ASN B 388 65.96 18.60 -3.67
C ASN B 388 65.32 18.09 -2.38
N LEU B 389 64.22 17.36 -2.53
CA LEU B 389 63.45 16.94 -1.35
C LEU B 389 64.20 15.89 -0.53
N THR B 390 64.89 14.97 -1.21
CA THR B 390 65.73 14.01 -0.47
C THR B 390 66.77 14.73 0.35
N GLU B 391 67.46 15.69 -0.24
CA GLU B 391 68.51 16.42 0.49
C GLU B 391 67.88 17.20 1.65
N LEU B 392 66.76 17.88 1.41
CA LEU B 392 66.15 18.68 2.46
C LEU B 392 65.77 17.83 3.67
N ILE B 393 65.15 16.68 3.43
CA ILE B 393 64.67 15.86 4.55
C ILE B 393 65.83 15.28 5.33
N ASN B 394 66.88 14.85 4.64
CA ASN B 394 68.11 14.43 5.34
C ASN B 394 68.65 15.54 6.20
N GLY B 395 68.53 16.80 5.73
CA GLY B 395 68.98 17.94 6.50
C GLY B 395 68.13 18.12 7.75
N VAL B 396 66.80 18.00 7.61
CA VAL B 396 65.92 18.12 8.76
C VAL B 396 66.19 16.95 9.75
N LEU B 397 66.45 15.78 9.22
CA LEU B 397 66.78 14.65 10.08
C LEU B 397 68.09 14.88 10.82
N SER B 398 69.10 15.41 10.13
CA SER B 398 70.37 15.76 10.78
C SER B 398 70.14 16.83 11.86
N LEU B 399 69.30 17.83 11.56
CA LEU B 399 69.04 18.86 12.54
C LEU B 399 68.26 18.29 13.76
N SER B 400 67.34 17.36 13.53
CA SER B 400 66.57 16.82 14.63
C SER B 400 67.44 16.05 15.63
N LYS B 401 68.61 15.57 15.18
CA LYS B 401 69.53 14.85 16.03
C LYS B 401 70.64 15.73 16.60
N ASN B 402 70.70 17.00 16.18
CA ASN B 402 71.76 17.91 16.64
C ASN B 402 71.26 19.33 16.51
N PRO B 403 70.65 19.86 17.57
CA PRO B 403 70.18 21.24 17.53
C PRO B 403 71.29 22.28 17.25
N ASP B 404 72.56 21.96 17.58
CA ASP B 404 73.64 22.89 17.38
C ASP B 404 74.40 22.67 16.06
N ILE B 405 73.80 21.94 15.13
CA ILE B 405 74.42 21.72 13.85
C ILE B 405 74.64 23.06 13.14
N SER B 406 75.73 23.15 12.38
CA SER B 406 76.07 24.40 11.71
C SER B 406 75.58 24.36 10.22
N ILE B 407 75.58 25.52 9.61
CA ILE B 407 75.13 25.59 8.25
C ILE B 407 76.09 24.81 7.37
N ALA B 408 77.38 24.87 7.65
CA ALA B 408 78.34 24.13 6.83
C ALA B 408 78.07 22.63 6.92
N GLU B 409 77.76 22.14 8.12
CA GLU B 409 77.45 20.72 8.26
C GLU B 409 76.11 20.37 7.57
N LEU B 410 75.12 21.27 7.64
CA LEU B 410 73.88 21.03 6.94
C LEU B 410 74.07 20.98 5.43
N MET B 411 75.10 21.65 4.90
CA MET B 411 75.40 21.58 3.50
C MET B 411 76.00 20.23 3.07
N GLU B 412 76.33 19.38 4.03
N GLU B 412 76.34 19.37 4.02
CA GLU B 412 76.69 18.00 3.69
CA GLU B 412 76.69 18.01 3.64
C GLU B 412 75.47 17.17 3.28
C GLU B 412 75.45 17.25 3.17
N ASP B 413 74.27 17.61 3.67
CA ASP B 413 73.03 17.04 3.18
C ASP B 413 72.46 17.83 2.01
N ILE B 414 72.45 19.16 2.15
CA ILE B 414 71.81 20.06 1.19
C ILE B 414 72.94 20.71 0.38
N GLU B 415 73.23 20.18 -0.78
CA GLU B 415 74.34 20.68 -1.59
C GLU B 415 74.09 22.08 -2.08
N GLY B 416 72.82 22.45 -2.27
CA GLY B 416 72.48 23.72 -2.88
C GLY B 416 71.10 23.60 -3.50
N PRO B 417 70.68 24.65 -4.25
CA PRO B 417 69.42 24.57 -4.94
C PRO B 417 69.36 23.44 -5.94
N ASP B 418 68.15 23.00 -6.23
CA ASP B 418 67.90 21.99 -7.26
C ASP B 418 66.73 22.48 -8.08
N PHE B 419 67.03 23.03 -9.25
CA PHE B 419 66.02 23.68 -10.10
C PHE B 419 65.25 22.59 -10.90
N PRO B 420 63.94 22.79 -11.08
CA PRO B 420 63.21 21.86 -11.93
C PRO B 420 63.75 21.78 -13.35
N THR B 421 64.39 22.85 -13.80
CA THR B 421 64.96 22.90 -15.15
C THR B 421 66.40 22.40 -15.19
N ALA B 422 66.89 21.79 -14.10
CA ALA B 422 68.22 21.18 -14.04
C ALA B 422 69.27 22.24 -14.24
N GLY B 423 70.14 22.14 -15.26
CA GLY B 423 71.22 23.10 -15.50
C GLY B 423 72.37 22.97 -14.54
N LEU B 424 73.21 24.02 -14.53
CA LEU B 424 74.47 24.02 -13.80
C LEU B 424 74.46 25.22 -12.86
N ILE B 425 75.14 25.05 -11.72
CA ILE B 425 75.47 26.15 -10.81
C ILE B 425 76.97 26.25 -10.74
N LEU B 426 77.50 27.47 -10.91
CA LEU B 426 78.97 27.71 -10.94
C LEU B 426 79.49 28.00 -9.52
N GLY B 427 80.06 27.02 -8.90
CA GLY B 427 80.71 27.13 -7.60
C GLY B 427 79.79 27.07 -6.45
N LYS B 428 80.34 27.02 -5.25
CA LYS B 428 79.58 26.99 -3.99
C LYS B 428 79.61 28.32 -3.25
N SER B 429 80.32 29.35 -3.75
CA SER B 429 80.52 30.52 -2.95
C SER B 429 79.26 31.35 -2.76
N GLY B 430 78.42 31.41 -3.78
CA GLY B 430 77.15 32.14 -3.64
C GLY B 430 76.14 31.30 -2.87
N ILE B 431 76.13 30.00 -3.06
CA ILE B 431 75.27 29.12 -2.29
C ILE B 431 75.58 29.26 -0.79
N ARG B 432 76.87 29.24 -0.44
CA ARG B 432 77.25 29.25 0.97
C ARG B 432 76.89 30.60 1.65
N ARG B 433 77.13 31.70 0.94
N ARG B 433 77.11 31.72 0.94
CA ARG B 433 76.73 33.01 1.47
CA ARG B 433 76.72 33.00 1.50
C ARG B 433 75.20 33.08 1.70
C ARG B 433 75.19 33.13 1.68
N ALA B 434 74.45 32.65 0.70
CA ALA B 434 73.00 32.64 0.83
C ALA B 434 72.53 31.78 2.01
N TYR B 435 73.13 30.61 2.20
CA TYR B 435 72.71 29.75 3.29
C TYR B 435 73.13 30.29 4.64
N GLU B 436 74.29 30.95 4.71
CA GLU B 436 74.73 31.48 6.01
C GLU B 436 73.98 32.73 6.41
N THR B 437 73.58 33.57 5.44
CA THR B 437 73.05 34.89 5.73
C THR B 437 71.62 35.10 5.22
N GLY B 438 71.13 34.26 4.32
CA GLY B 438 69.87 34.53 3.67
C GLY B 438 70.00 35.28 2.35
N ARG B 439 71.16 35.81 2.02
CA ARG B 439 71.37 36.59 0.81
C ARG B 439 72.67 36.15 0.12
N GLY B 440 72.63 36.09 -1.20
CA GLY B 440 73.74 35.61 -1.97
C GLY B 440 73.41 35.45 -3.45
N SER B 441 74.42 35.67 -4.33
CA SER B 441 74.17 35.55 -5.74
C SER B 441 74.66 34.23 -6.25
N ILE B 442 73.78 33.55 -6.99
CA ILE B 442 74.08 32.20 -7.50
C ILE B 442 74.03 32.28 -9.07
N GLN B 443 75.10 31.84 -9.70
CA GLN B 443 75.21 31.84 -11.13
C GLN B 443 74.68 30.54 -11.70
N MET B 444 73.67 30.63 -12.58
CA MET B 444 73.10 29.50 -13.21
C MET B 444 73.55 29.46 -14.66
N ARG B 445 74.06 28.32 -15.09
CA ARG B 445 74.50 28.18 -16.48
C ARG B 445 73.77 27.07 -17.16
N SER B 446 73.41 27.30 -18.43
CA SER B 446 72.82 26.27 -19.27
C SER B 446 73.79 25.11 -19.43
N ARG B 447 73.23 23.91 -19.69
CA ARG B 447 74.03 22.78 -20.11
C ARG B 447 74.15 22.85 -21.63
N ALA B 448 75.38 23.04 -22.12
CA ALA B 448 75.67 23.16 -23.52
C ALA B 448 76.89 22.30 -23.85
N VAL B 449 76.83 21.59 -25.01
CA VAL B 449 77.95 20.85 -25.52
C VAL B 449 78.27 21.27 -26.94
N ILE B 450 79.53 21.10 -27.32
CA ILE B 450 80.00 21.41 -28.65
C ILE B 450 80.14 20.07 -29.39
N GLU B 451 79.48 19.95 -30.52
CA GLU B 451 79.56 18.73 -31.31
C GLU B 451 80.15 18.93 -32.69
N GLU B 452 80.51 17.82 -33.31
N GLU B 452 80.61 17.83 -33.23
CA GLU B 452 81.05 17.82 -34.65
CA GLU B 452 81.14 17.81 -34.58
C GLU B 452 79.92 17.45 -35.58
C GLU B 452 80.02 17.63 -35.60
N ARG B 453 79.65 18.28 -36.58
N ARG B 453 80.09 18.43 -36.66
CA ARG B 453 78.56 17.96 -37.51
CA ARG B 453 79.13 18.37 -37.75
C ARG B 453 79.01 17.73 -38.94
C ARG B 453 79.73 17.62 -38.95
N GLY B 454 80.27 17.34 -39.11
N GLY B 454 79.97 18.31 -40.07
CA GLY B 454 80.86 17.09 -40.41
CA GLY B 454 80.37 17.53 -41.31
C GLY B 454 80.91 18.33 -41.29
C GLY B 454 81.67 18.21 -41.56
N GLY B 455 81.99 18.54 -42.03
N GLY B 455 81.83 18.95 -42.66
CA GLY B 455 83.14 17.64 -42.02
CA GLY B 455 83.16 19.24 -43.10
C GLY B 455 84.13 18.23 -41.07
C GLY B 455 83.96 20.03 -42.07
N GLY B 456 84.24 19.57 -41.12
N GLY B 456 84.20 19.36 -40.96
CA GLY B 456 85.08 20.30 -40.21
CA GLY B 456 84.96 19.91 -39.85
C GLY B 456 84.21 21.21 -39.34
C GLY B 456 84.17 21.02 -39.20
N ARG B 457 82.90 21.14 -39.57
CA ARG B 457 81.94 22.01 -38.90
C ARG B 457 81.61 21.53 -37.50
N GLN B 458 81.25 22.50 -36.67
CA GLN B 458 80.87 22.27 -35.27
C GLN B 458 79.57 22.96 -34.96
N ARG B 459 78.99 22.61 -33.81
CA ARG B 459 77.74 23.23 -33.35
C ARG B 459 77.57 23.16 -31.85
N ILE B 460 76.74 24.06 -31.32
CA ILE B 460 76.47 24.11 -29.88
C ILE B 460 75.05 23.60 -29.65
N VAL B 461 74.91 22.61 -28.77
CA VAL B 461 73.62 22.03 -28.46
C VAL B 461 73.31 22.29 -27.00
N VAL B 462 72.25 23.05 -26.74
CA VAL B 462 71.81 23.38 -25.40
C VAL B 462 70.63 22.49 -25.03
N THR B 463 70.77 21.74 -23.94
CA THR B 463 69.74 20.80 -23.52
C THR B 463 69.10 21.17 -22.19
N GLU B 464 69.65 22.14 -21.46
CA GLU B 464 69.06 22.60 -20.22
C GLU B 464 69.35 24.11 -20.15
N ILE B 465 68.38 24.85 -19.62
CA ILE B 465 68.51 26.32 -19.58
C ILE B 465 68.25 26.75 -18.12
N PRO B 466 68.61 27.98 -17.72
CA PRO B 466 68.48 28.36 -16.33
C PRO B 466 67.03 28.51 -15.89
N PHE B 467 66.83 28.43 -14.57
CA PHE B 467 65.51 28.53 -13.95
C PHE B 467 64.88 29.90 -14.24
N GLN B 468 63.60 29.86 -14.57
CA GLN B 468 62.86 31.11 -14.87
C GLN B 468 63.26 31.84 -16.11
N VAL B 469 63.92 31.15 -17.05
CA VAL B 469 64.38 31.78 -18.30
C VAL B 469 63.38 31.35 -19.41
N ASN B 470 62.86 32.33 -20.13
CA ASN B 470 61.98 32.13 -21.25
C ASN B 470 62.86 31.65 -22.43
N LYS B 471 62.63 30.42 -22.87
CA LYS B 471 63.44 29.83 -23.92
C LYS B 471 63.30 30.61 -25.22
N ALA B 472 62.08 30.94 -25.61
CA ALA B 472 61.88 31.68 -26.86
C ALA B 472 62.54 33.06 -26.78
N ARG B 473 62.37 33.72 -25.63
CA ARG B 473 62.96 35.03 -25.44
C ARG B 473 64.48 34.94 -25.52
N MET B 474 65.05 33.87 -24.94
CA MET B 474 66.49 33.67 -24.99
C MET B 474 66.97 33.46 -26.44
N ILE B 475 66.23 32.65 -27.19
CA ILE B 475 66.59 32.40 -28.59
C ILE B 475 66.47 33.70 -29.41
N GLU B 476 65.47 34.51 -29.12
CA GLU B 476 65.29 35.74 -29.83
C GLU B 476 66.46 36.70 -29.53
N LYS B 477 67.00 36.60 -28.34
CA LYS B 477 68.11 37.44 -27.96
C LYS B 477 69.35 37.07 -28.74
N ILE B 478 69.56 35.77 -28.94
CA ILE B 478 70.69 35.31 -29.69
C ILE B 478 70.54 35.80 -31.11
N ALA B 479 69.39 35.57 -31.71
CA ALA B 479 69.14 36.00 -33.07
C ALA B 479 69.35 37.49 -33.21
N GLU B 480 69.03 38.22 -32.15
CA GLU B 480 69.18 39.66 -32.14
C GLU B 480 70.67 40.00 -32.24
N LEU B 481 71.50 39.23 -31.55
CA LEU B 481 72.92 39.47 -31.57
C LEU B 481 73.51 39.13 -32.93
N VAL B 482 73.08 38.02 -33.51
CA VAL B 482 73.56 37.61 -34.82
C VAL B 482 73.21 38.69 -35.82
N ARG B 483 71.85 39.16 -35.67
N ARG B 483 71.96 39.04 -35.80
CA ARG B 483 71.59 40.28 -36.57
CA ARG B 483 71.37 39.86 -36.84
C ARG B 483 72.43 41.51 -36.35
C ARG B 483 72.14 41.16 -36.85
N ASP B 484 72.53 41.63 -35.58
CA ASP B 484 73.10 42.91 -35.38
C ASP B 484 74.64 42.82 -35.39
N LYS B 485 75.16 41.66 -35.77
CA LYS B 485 76.59 41.42 -35.88
C LYS B 485 77.36 41.51 -34.57
N LYS B 486 76.65 41.43 -33.45
CA LYS B 486 77.31 41.46 -32.16
C LYS B 486 78.05 40.14 -31.87
N ILE B 487 77.61 39.06 -32.49
CA ILE B 487 78.28 37.78 -32.37
C ILE B 487 78.62 37.35 -33.77
N ASP B 488 79.90 37.13 -34.01
CA ASP B 488 80.38 36.80 -35.38
C ASP B 488 80.16 35.43 -36.04
N GLY B 489 80.27 34.33 -35.30
CA GLY B 489 80.25 33.02 -35.91
C GLY B 489 79.06 32.09 -36.07
N ILE B 490 77.85 32.59 -35.96
CA ILE B 490 76.70 31.72 -36.04
C ILE B 490 76.06 31.61 -37.41
N THR B 491 75.89 30.38 -37.89
CA THR B 491 75.23 30.18 -39.18
C THR B 491 73.73 29.90 -39.03
N ASP B 492 73.35 29.08 -38.05
CA ASP B 492 71.95 28.77 -37.87
C ASP B 492 71.59 28.70 -36.39
N LEU B 493 70.32 28.88 -36.10
CA LEU B 493 69.78 28.91 -34.74
C LEU B 493 68.41 28.27 -34.75
N ARG B 494 68.29 27.09 -34.15
CA ARG B 494 67.07 26.31 -34.21
C ARG B 494 66.68 25.78 -32.84
N ASP B 495 65.38 25.83 -32.55
CA ASP B 495 64.79 25.25 -31.34
C ASP B 495 64.19 23.91 -31.71
N GLU B 496 64.88 22.84 -31.40
CA GLU B 496 64.40 21.48 -31.68
C GLU B 496 63.82 20.81 -30.44
N THR B 497 63.34 21.61 -29.50
CA THR B 497 62.79 21.06 -28.29
C THR B 497 61.60 20.23 -28.66
N SER B 498 61.47 19.09 -27.98
CA SER B 498 60.34 18.20 -28.20
C SER B 498 60.02 17.52 -26.91
N LEU B 499 58.82 16.93 -26.84
CA LEU B 499 58.44 16.25 -25.62
C LEU B 499 59.40 15.08 -25.39
N ARG B 500 59.71 14.35 -26.45
CA ARG B 500 60.64 13.22 -26.36
C ARG B 500 62.06 13.62 -26.07
N THR B 501 62.54 14.59 -26.83
CA THR B 501 63.90 15.10 -26.69
C THR B 501 64.13 15.90 -25.42
N GLY B 502 63.17 16.75 -25.07
CA GLY B 502 63.36 17.65 -23.95
C GLY B 502 63.91 18.88 -24.63
N VAL B 503 64.36 19.86 -23.88
CA VAL B 503 64.91 21.09 -24.44
C VAL B 503 66.12 20.76 -25.32
N ARG B 504 66.14 21.35 -26.50
CA ARG B 504 67.23 21.16 -27.43
C ARG B 504 67.35 22.36 -28.38
N VAL B 505 68.27 23.27 -28.07
CA VAL B 505 68.48 24.44 -28.89
C VAL B 505 69.83 24.26 -29.61
N VAL B 506 69.80 24.34 -30.93
CA VAL B 506 70.96 24.04 -31.76
C VAL B 506 71.49 25.34 -32.35
N ILE B 507 72.79 25.56 -32.21
CA ILE B 507 73.46 26.77 -32.67
C ILE B 507 74.59 26.35 -33.60
N ASP B 508 74.37 26.49 -34.90
CA ASP B 508 75.37 26.08 -35.87
C ASP B 508 76.48 27.11 -35.98
N VAL B 509 77.71 26.64 -36.04
CA VAL B 509 78.86 27.52 -36.14
C VAL B 509 79.57 27.47 -37.49
N ARG B 510 80.06 28.63 -37.93
CA ARG B 510 80.77 28.77 -39.19
C ARG B 510 82.06 28.00 -39.12
N LYS B 511 82.40 27.31 -40.21
CA LYS B 511 83.62 26.51 -40.25
C LYS B 511 84.81 27.31 -39.82
N ASP B 512 85.68 26.67 -39.04
CA ASP B 512 86.89 27.33 -38.55
C ASP B 512 86.68 28.37 -37.45
N ALA B 513 85.44 28.78 -37.24
CA ALA B 513 85.13 29.71 -36.16
C ALA B 513 85.28 28.95 -34.85
N ASN B 514 85.74 29.62 -33.79
CA ASN B 514 85.89 28.92 -32.54
C ASN B 514 84.56 28.83 -31.80
N ALA B 515 84.08 27.61 -31.57
CA ALA B 515 82.81 27.40 -30.91
C ALA B 515 82.90 27.65 -29.40
N SER B 516 84.07 27.40 -28.82
CA SER B 516 84.26 27.70 -27.41
C SER B 516 84.17 29.21 -27.14
N VAL B 517 84.69 30.00 -28.06
CA VAL B 517 84.65 31.45 -27.89
C VAL B 517 83.23 31.97 -28.03
N ILE B 518 82.46 31.45 -28.97
CA ILE B 518 81.10 31.90 -29.15
C ILE B 518 80.23 31.50 -27.96
N LEU B 519 80.40 30.27 -27.47
CA LEU B 519 79.60 29.80 -26.34
C LEU B 519 79.86 30.64 -25.09
N ASN B 520 81.14 30.92 -24.81
CA ASN B 520 81.48 31.75 -23.66
C ASN B 520 80.89 33.15 -23.79
N ASN B 521 80.89 33.70 -25.00
CA ASN B 521 80.27 35.00 -25.22
C ASN B 521 78.74 34.91 -25.05
N LEU B 522 78.14 33.81 -25.46
CA LEU B 522 76.71 33.64 -25.30
C LEU B 522 76.32 33.60 -23.80
N TYR B 523 77.17 32.99 -22.97
CA TYR B 523 76.94 33.06 -21.53
C TYR B 523 76.92 34.50 -21.04
N LYS B 524 77.86 35.33 -21.54
CA LYS B 524 78.04 36.69 -21.04
C LYS B 524 77.02 37.66 -21.61
N GLN B 525 76.47 37.38 -22.77
CA GLN B 525 75.58 38.32 -23.47
C GLN B 525 74.12 37.94 -23.53
N THR B 526 73.77 36.70 -23.16
CA THR B 526 72.40 36.20 -23.27
C THR B 526 72.02 35.57 -21.94
N PRO B 527 70.76 35.16 -21.80
CA PRO B 527 70.29 34.52 -20.59
C PRO B 527 70.77 33.06 -20.49
N LEU B 528 71.64 32.67 -21.41
CA LEU B 528 72.18 31.34 -21.43
C LEU B 528 72.91 31.09 -20.09
N GLN B 529 73.43 32.17 -19.52
CA GLN B 529 73.97 32.11 -18.18
C GLN B 529 73.24 33.23 -17.49
N THR B 530 72.65 32.92 -16.33
N THR B 530 72.64 32.95 -16.31
CA THR B 530 71.93 33.96 -15.65
CA THR B 530 71.85 33.91 -15.53
C THR B 530 72.01 33.90 -14.08
C THR B 530 72.05 33.74 -14.00
N SER B 531 71.81 34.92 -13.18
N SER B 531 71.87 34.81 -13.23
CA SER B 531 72.07 34.83 -11.76
CA SER B 531 72.11 34.73 -11.80
C SER B 531 70.77 34.76 -11.01
C SER B 531 70.81 34.68 -11.01
N PHE B 532 70.80 34.01 -9.92
CA PHE B 532 69.64 33.93 -9.03
C PHE B 532 70.02 34.66 -7.75
N GLY B 533 69.41 35.81 -7.52
CA GLY B 533 69.74 36.58 -6.33
C GLY B 533 68.88 36.05 -5.17
N VAL B 534 69.51 35.33 -4.28
CA VAL B 534 68.80 34.73 -3.17
C VAL B 534 68.53 35.82 -2.10
N ASN B 535 67.31 35.79 -1.56
CA ASN B 535 66.88 36.76 -0.58
C ASN B 535 65.73 36.08 0.20
N MET B 536 66.10 35.36 1.25
CA MET B 536 65.19 34.39 1.87
C MET B 536 64.36 35.07 2.96
N ILE B 537 63.25 35.66 2.53
CA ILE B 537 62.32 36.34 3.44
C ILE B 537 61.05 35.48 3.48
N ALA B 538 60.66 35.02 4.69
CA ALA B 538 59.39 34.40 4.85
C ALA B 538 58.72 34.91 6.09
N LEU B 539 57.44 34.56 6.23
CA LEU B 539 56.66 34.96 7.42
C LEU B 539 57.01 34.01 8.56
N VAL B 540 57.53 34.55 9.65
CA VAL B 540 57.81 33.79 10.86
C VAL B 540 57.03 34.43 12.01
N ASN B 541 56.10 33.62 12.58
N ASN B 541 56.12 33.62 12.59
CA ASN B 541 55.19 34.15 13.61
CA ASN B 541 55.17 34.10 13.59
C ASN B 541 54.32 35.29 13.06
C ASN B 541 54.37 35.31 13.04
N GLY B 542 54.00 35.24 11.78
CA GLY B 542 53.21 36.31 11.19
C GLY B 542 53.98 37.56 10.80
N ARG B 543 55.30 37.55 10.94
CA ARG B 543 56.10 38.72 10.64
C ARG B 543 57.16 38.39 9.61
N PRO B 544 57.47 39.32 8.69
CA PRO B 544 58.51 39.04 7.71
C PRO B 544 59.89 38.98 8.38
N LYS B 545 60.73 38.07 7.90
N LYS B 545 60.68 37.98 8.04
CA LYS B 545 62.03 37.89 8.50
CA LYS B 545 62.01 37.85 8.53
C LYS B 545 62.99 37.33 7.44
C LYS B 545 62.98 37.38 7.41
N LEU B 546 64.20 37.94 7.39
CA LEU B 546 65.28 37.34 6.66
C LEU B 546 65.91 36.22 7.43
N ILE B 547 65.95 35.03 6.85
CA ILE B 547 66.35 33.81 7.57
C ILE B 547 67.42 33.09 6.78
N ASN B 548 68.33 32.43 7.54
CA ASN B 548 69.32 31.59 6.88
C ASN B 548 68.77 30.18 6.71
N LEU B 549 69.60 29.27 6.19
CA LEU B 549 69.10 27.91 5.88
C LEU B 549 68.71 27.17 7.17
N LYS B 550 69.57 27.27 8.22
CA LYS B 550 69.24 26.55 9.45
C LYS B 550 67.95 27.05 10.09
N GLU B 551 67.75 28.38 10.10
CA GLU B 551 66.53 28.91 10.71
C GLU B 551 65.28 28.45 9.92
N ALA B 552 65.38 28.41 8.60
CA ALA B 552 64.27 27.89 7.81
C ALA B 552 63.96 26.45 8.16
N LEU B 553 64.99 25.64 8.30
CA LEU B 553 64.77 24.23 8.69
C LEU B 553 64.29 24.11 10.12
N VAL B 554 64.69 25.05 10.99
CA VAL B 554 64.30 24.95 12.40
C VAL B 554 62.81 25.25 12.57
N HIS B 555 62.32 26.29 11.93
CA HIS B 555 60.88 26.60 12.01
C HIS B 555 60.08 25.48 11.39
N TYR B 556 60.56 24.85 10.33
CA TYR B 556 59.80 23.77 9.75
C TYR B 556 59.70 22.59 10.68
N LEU B 557 60.81 22.21 11.30
CA LEU B 557 60.80 21.07 12.23
C LEU B 557 59.90 21.33 13.40
N GLU B 558 59.94 22.55 13.95
CA GLU B 558 59.03 22.89 15.07
C GLU B 558 57.58 22.85 14.62
N HIS B 559 57.31 23.24 13.39
CA HIS B 559 55.95 23.08 12.87
C HIS B 559 55.55 21.64 12.83
N GLN B 560 56.46 20.75 12.42
CA GLN B 560 56.10 19.35 12.34
C GLN B 560 55.91 18.71 13.72
N LYS B 561 56.74 19.08 14.70
CA LYS B 561 56.54 18.61 16.07
C LYS B 561 55.18 19.03 16.58
N THR B 562 54.78 20.29 16.31
CA THR B 562 53.48 20.77 16.76
C THR B 562 52.33 20.06 16.04
N VAL B 563 52.50 19.82 14.75
CA VAL B 563 51.42 19.17 13.97
C VAL B 563 51.23 17.71 14.46
N VAL B 564 52.32 16.96 14.64
CA VAL B 564 52.19 15.60 15.07
C VAL B 564 51.76 15.51 16.53
N ARG B 565 52.15 16.46 17.33
CA ARG B 565 51.69 16.46 18.72
C ARG B 565 50.21 16.74 18.77
N ARG B 566 49.74 17.75 18.06
CA ARG B 566 48.32 18.08 18.07
C ARG B 566 47.49 16.96 17.45
N ARG B 567 48.02 16.27 16.42
CA ARG B 567 47.34 15.14 15.84
C ARG B 567 47.19 14.01 16.85
N THR B 568 48.24 13.76 17.61
CA THR B 568 48.21 12.68 18.62
C THR B 568 47.22 13.00 19.72
N GLN B 569 47.16 14.27 20.15
CA GLN B 569 46.17 14.67 21.17
C GLN B 569 44.75 14.51 20.62
N TYR B 570 44.52 14.91 19.36
CA TYR B 570 43.22 14.73 18.78
C TYR B 570 42.83 13.27 18.67
N ASN B 571 43.77 12.43 18.21
CA ASN B 571 43.45 11.00 18.07
C ASN B 571 43.19 10.35 19.43
N LEU B 572 43.90 10.78 20.45
CA LEU B 572 43.68 10.22 21.77
C LEU B 572 42.29 10.53 22.32
N ARG B 573 41.87 11.79 22.24
CA ARG B 573 40.53 12.15 22.68
C ARG B 573 39.48 11.42 21.87
N LYS B 574 39.70 11.28 20.56
N LYS B 574 39.78 11.28 20.60
CA LYS B 574 38.74 10.56 19.74
CA LYS B 574 38.83 10.57 19.80
C LYS B 574 38.76 9.07 20.13
C LYS B 574 38.82 9.09 20.18
N ALA B 575 39.93 8.51 20.41
CA ALA B 575 39.99 7.10 20.74
C ALA B 575 39.38 6.82 22.12
N LYS B 576 39.61 7.71 23.08
CA LYS B 576 38.98 7.54 24.40
C LYS B 576 37.47 7.65 24.32
N ASP B 577 36.97 8.54 23.45
CA ASP B 577 35.53 8.67 23.31
C ASP B 577 34.97 7.39 22.74
N ARG B 578 35.64 6.82 21.74
CA ARG B 578 35.18 5.61 21.09
C ARG B 578 35.23 4.41 22.03
N ALA B 579 36.30 4.31 22.78
CA ALA B 579 36.44 3.22 23.77
C ALA B 579 35.35 3.32 24.82
N HIS B 580 34.99 4.54 25.19
CA HIS B 580 33.94 4.76 26.18
C HIS B 580 32.62 4.25 25.62
N ILE B 581 32.34 4.55 24.33
CA ILE B 581 31.14 4.03 23.72
C ILE B 581 31.17 2.51 23.61
N LEU B 582 32.31 1.94 23.26
CA LEU B 582 32.42 0.50 23.14
C LEU B 582 32.24 -0.21 24.49
N GLU B 583 32.69 0.44 25.55
CA GLU B 583 32.46 -0.11 26.90
C GLU B 583 30.97 -0.19 27.21
N GLY B 584 30.21 0.82 26.77
CA GLY B 584 28.77 0.77 26.98
C GLY B 584 28.09 -0.30 26.14
N LEU B 585 28.53 -0.45 24.88
CA LEU B 585 27.97 -1.49 24.03
C LEU B 585 28.32 -2.88 24.57
N ARG B 586 29.51 -3.04 25.13
CA ARG B 586 29.89 -4.33 25.69
C ARG B 586 29.08 -4.68 26.93
N ILE B 587 28.73 -3.69 27.73
CA ILE B 587 27.83 -3.92 28.87
C ILE B 587 26.44 -4.30 28.38
N ALA B 588 25.97 -3.63 27.31
CA ALA B 588 24.66 -3.97 26.77
C ALA B 588 24.64 -5.39 26.23
N LEU B 589 25.73 -5.82 25.62
CA LEU B 589 25.78 -7.18 25.06
C LEU B 589 25.82 -8.21 26.18
N ASP B 590 26.55 -7.91 27.27
CA ASP B 590 26.64 -8.87 28.36
C ASP B 590 25.32 -9.04 29.09
N HIS B 591 24.44 -8.02 29.04
CA HIS B 591 23.18 -8.04 29.75
C HIS B 591 22.05 -7.67 28.82
N ILE B 592 22.07 -8.25 27.62
CA ILE B 592 21.17 -7.79 26.55
C ILE B 592 19.71 -8.01 26.91
N ASP B 593 19.42 -9.12 27.61
CA ASP B 593 18.06 -9.40 28.02
C ASP B 593 17.56 -8.29 28.93
N GLU B 594 18.40 -7.90 29.87
CA GLU B 594 18.04 -6.82 30.76
C GLU B 594 17.90 -5.53 30.00
N ILE B 595 18.80 -5.31 29.02
CA ILE B 595 18.72 -4.06 28.25
C ILE B 595 17.43 -3.98 27.46
N ILE B 596 17.06 -5.06 26.79
CA ILE B 596 15.88 -5.06 25.98
C ILE B 596 14.64 -4.82 26.84
N SER B 597 14.58 -5.48 27.99
CA SER B 597 13.45 -5.36 28.86
C SER B 597 13.34 -3.96 29.39
N THR B 598 14.47 -3.35 29.69
CA THR B 598 14.49 -2.02 30.18
C THR B 598 13.96 -1.04 29.14
N ILE B 599 14.36 -1.24 27.90
CA ILE B 599 13.91 -0.36 26.83
C ILE B 599 12.40 -0.55 26.56
N ARG B 600 11.95 -1.80 26.51
CA ARG B 600 10.57 -2.08 26.21
C ARG B 600 9.66 -1.52 27.26
N GLU B 601 10.11 -1.60 28.50
CA GLU B 601 9.40 -1.11 29.63
C GLU B 601 9.15 0.42 29.58
N SER B 602 10.10 1.15 29.01
CA SER B 602 10.01 2.59 28.91
C SER B 602 8.99 3.13 27.92
N ASP B 603 8.29 4.18 28.34
CA ASP B 603 7.31 4.80 27.48
C ASP B 603 7.91 5.70 26.42
N THR B 604 8.92 6.47 26.79
CA THR B 604 9.58 7.37 25.83
C THR B 604 11.05 7.05 25.77
N ASP B 605 11.75 7.65 24.81
CA ASP B 605 13.19 7.48 24.72
C ASP B 605 13.90 8.14 25.89
N LYS B 606 13.34 9.27 26.38
CA LYS B 606 13.94 9.91 27.55
C LYS B 606 13.90 9.02 28.77
N VAL B 607 12.77 8.34 29.01
CA VAL B 607 12.68 7.41 30.12
C VAL B 607 13.70 6.27 29.93
N ALA B 608 13.75 5.71 28.72
CA ALA B 608 14.72 4.67 28.44
C ALA B 608 16.13 5.15 28.67
N MET B 609 16.43 6.37 28.27
CA MET B 609 17.75 6.96 28.53
C MET B 609 18.04 6.97 30.02
N GLU B 610 17.12 7.52 30.81
CA GLU B 610 17.34 7.62 32.26
C GLU B 610 17.43 6.22 32.89
N SER B 611 16.58 5.32 32.48
CA SER B 611 16.60 4.01 33.06
C SER B 611 17.88 3.25 32.75
N LEU B 612 18.38 3.33 31.54
CA LEU B 612 19.63 2.65 31.21
C LEU B 612 20.79 3.19 32.03
N GLN B 613 20.81 4.52 32.25
CA GLN B 613 21.91 5.11 33.00
C GLN B 613 21.88 4.72 34.48
N GLN B 614 20.70 4.71 35.09
CA GLN B 614 20.61 4.47 36.54
C GLN B 614 20.60 2.99 36.92
N ARG B 615 20.35 2.11 35.97
CA ARG B 615 20.33 0.68 36.25
C ARG B 615 21.63 -0.03 35.89
N PHE B 616 22.32 0.40 34.88
CA PHE B 616 23.58 -0.20 34.47
C PHE B 616 24.81 0.67 34.61
N LYS B 617 24.67 1.79 35.36
CA LYS B 617 25.78 2.70 35.57
C LYS B 617 26.37 3.14 34.26
N LEU B 618 25.54 3.49 33.30
CA LEU B 618 26.00 3.96 32.02
C LEU B 618 25.91 5.47 31.91
N SER B 619 26.85 6.06 31.14
CA SER B 619 26.82 7.48 30.89
C SER B 619 25.71 7.78 29.87
N GLU B 620 25.37 9.06 29.75
CA GLU B 620 24.37 9.48 28.80
C GLU B 620 24.80 9.13 27.37
N LYS B 621 26.04 9.32 27.06
CA LYS B 621 26.54 8.97 25.73
C LYS B 621 26.47 7.50 25.48
N GLN B 622 26.76 6.68 26.51
CA GLN B 622 26.67 5.24 26.34
C GLN B 622 25.20 4.80 26.19
N ALA B 623 24.30 5.37 26.98
CA ALA B 623 22.89 4.99 26.85
C ALA B 623 22.32 5.40 25.50
N GLN B 624 22.81 6.52 24.93
CA GLN B 624 22.37 6.92 23.60
C GLN B 624 22.89 5.97 22.54
N ALA B 625 24.17 5.56 22.65
CA ALA B 625 24.73 4.65 21.65
C ALA B 625 24.04 3.29 21.69
N ILE B 626 23.64 2.83 22.87
CA ILE B 626 22.87 1.61 22.98
C ILE B 626 21.52 1.77 22.29
N LEU B 627 20.85 2.90 22.54
CA LEU B 627 19.56 3.14 21.93
C LEU B 627 19.66 3.29 20.43
N ASP B 628 20.83 3.71 19.90
CA ASP B 628 21.05 3.83 18.48
C ASP B 628 21.56 2.57 17.87
N MET B 629 21.79 1.52 18.63
CA MET B 629 22.36 0.27 18.11
C MET B 629 21.26 -0.45 17.28
N ARG B 630 21.66 -0.84 16.07
CA ARG B 630 20.79 -1.56 15.19
C ARG B 630 20.70 -2.99 15.59
N LEU B 631 19.59 -3.67 15.29
CA LEU B 631 19.41 -5.05 15.69
C LEU B 631 20.45 -5.99 15.07
N ARG B 632 20.88 -5.71 13.84
CA ARG B 632 21.89 -6.52 13.25
C ARG B 632 23.22 -6.54 14.05
N ARG B 633 23.51 -5.62 14.91
N ARG B 633 23.51 -5.62 14.91
CA ARG B 633 24.72 -5.68 15.76
CA ARG B 633 24.69 -5.68 15.77
C ARG B 633 24.68 -6.84 16.75
C ARG B 633 24.68 -6.85 16.73
N LEU B 634 23.60 -7.44 16.92
CA LEU B 634 23.40 -8.55 17.78
C LEU B 634 23.80 -9.92 17.20
N THR B 635 24.05 -9.99 15.90
CA THR B 635 24.48 -11.27 15.33
C THR B 635 25.84 -11.64 15.88
N GLY B 636 26.27 -12.86 15.68
CA GLY B 636 27.54 -13.31 16.28
C GLY B 636 28.73 -12.57 15.75
N LEU B 637 28.82 -12.36 14.45
CA LEU B 637 30.00 -11.67 13.90
C LEU B 637 30.06 -10.22 14.37
N GLU B 638 28.91 -9.55 14.49
CA GLU B 638 28.89 -8.16 14.93
C GLU B 638 29.28 -8.00 16.39
N ARG B 639 28.89 -8.94 17.24
CA ARG B 639 29.34 -8.92 18.64
C ARG B 639 30.85 -9.01 18.75
N ASP B 640 31.46 -9.94 18.02
CA ASP B 640 32.93 -10.07 18.06
C ASP B 640 33.61 -8.83 17.51
N LYS B 641 32.96 -8.13 16.60
CA LYS B 641 33.56 -6.91 16.04
C LYS B 641 33.65 -5.82 17.08
N ILE B 642 32.65 -5.72 17.97
CA ILE B 642 32.67 -4.71 19.02
C ILE B 642 33.82 -5.01 19.99
N GLU B 643 33.99 -6.28 20.37
CA GLU B 643 35.08 -6.63 21.27
C GLU B 643 36.43 -6.49 20.59
N ALA B 644 36.54 -6.87 19.31
CA ALA B 644 37.82 -6.76 18.61
C ALA B 644 38.21 -5.31 18.39
N GLU B 645 37.24 -4.43 18.10
CA GLU B 645 37.56 -3.01 17.96
C GLU B 645 38.06 -2.45 19.30
N TYR B 646 37.41 -2.84 20.39
CA TYR B 646 37.79 -2.32 21.69
C TYR B 646 39.21 -2.71 22.07
N ASN B 647 39.60 -3.97 21.86
CA ASN B 647 40.94 -4.41 22.22
C ASN B 647 41.99 -3.71 21.40
N GLU B 648 41.77 -3.57 20.08
CA GLU B 648 42.70 -2.81 19.24
C GLU B 648 42.78 -1.36 19.71
N LEU B 649 41.63 -0.79 20.10
CA LEU B 649 41.61 0.61 20.52
C LEU B 649 42.43 0.82 21.80
N LEU B 650 42.44 -0.18 22.72
CA LEU B 650 43.16 -0.03 23.96
C LEU B 650 44.70 0.01 23.70
N ASN B 651 45.19 -0.80 22.77
CA ASN B 651 46.59 -0.71 22.43
C ASN B 651 46.92 0.62 21.73
N TYR B 652 45.98 1.10 20.90
CA TYR B 652 46.17 2.39 20.24
C TYR B 652 46.24 3.52 21.24
N ILE B 653 45.34 3.52 22.23
CA ILE B 653 45.37 4.56 23.27
C ILE B 653 46.70 4.54 24.03
N SER B 654 47.19 3.34 24.35
CA SER B 654 48.46 3.22 25.04
C SER B 654 49.60 3.80 24.18
N GLU B 655 49.59 3.48 22.89
CA GLU B 655 50.61 3.99 22.00
C GLU B 655 50.59 5.53 21.89
N LEU B 656 49.39 6.11 21.82
CA LEU B 656 49.27 7.56 21.76
C LEU B 656 49.72 8.22 23.08
N GLU B 657 49.42 7.60 24.19
CA GLU B 657 49.83 8.18 25.47
C GLU B 657 51.36 8.09 25.66
N THR B 658 52.01 7.10 25.07
CA THR B 658 53.45 7.04 25.10
C THR B 658 54.09 8.18 24.32
N ILE B 659 53.46 8.59 23.20
CA ILE B 659 54.00 9.68 22.40
C ILE B 659 53.94 10.98 23.19
N LEU B 660 52.85 11.20 23.92
CA LEU B 660 52.64 12.47 24.61
C LEU B 660 53.43 12.56 25.90
N ALA B 661 53.77 11.43 26.49
CA ALA B 661 54.52 11.41 27.74
C ALA B 661 56.03 11.60 27.52
N ASP B 662 56.52 11.35 26.32
CA ASP B 662 57.92 11.51 26.07
C ASP B 662 58.20 12.31 24.81
N GLU B 663 58.94 13.40 24.97
CA GLU B 663 59.27 14.26 23.82
C GLU B 663 60.12 13.51 22.83
N GLU B 664 60.98 12.68 23.30
CA GLU B 664 61.86 11.91 22.41
C GLU B 664 61.02 10.98 21.56
N VAL B 665 59.99 10.36 22.14
CA VAL B 665 59.14 9.47 21.38
C VAL B 665 58.39 10.26 20.28
N LEU B 666 57.97 11.45 20.61
CA LEU B 666 57.30 12.28 19.63
C LEU B 666 58.26 12.69 18.52
N LEU B 667 59.48 13.02 18.89
CA LEU B 667 60.46 13.43 17.92
C LEU B 667 60.80 12.27 16.98
N GLN B 668 60.92 11.06 17.52
CA GLN B 668 61.23 9.94 16.64
C GLN B 668 60.09 9.61 15.67
N LEU B 669 58.84 9.84 16.09
CA LEU B 669 57.71 9.67 15.19
C LEU B 669 57.74 10.69 14.05
N VAL B 670 58.12 11.92 14.37
CA VAL B 670 58.34 12.95 13.31
C VAL B 670 59.42 12.45 12.35
N ARG B 671 60.52 11.91 12.89
CA ARG B 671 61.60 11.39 12.04
C ARG B 671 61.10 10.27 11.15
N ASP B 672 60.31 9.33 11.72
CA ASP B 672 59.85 8.20 10.95
C ASP B 672 58.94 8.65 9.81
N GLU B 673 58.06 9.61 10.08
CA GLU B 673 57.09 10.00 9.06
C GLU B 673 57.74 10.88 7.97
N LEU B 674 58.71 11.69 8.34
CA LEU B 674 59.46 12.45 7.33
C LEU B 674 60.30 11.50 6.43
N THR B 675 60.89 10.46 7.04
CA THR B 675 61.65 9.50 6.27
C THR B 675 60.77 8.70 5.30
N GLU B 676 59.52 8.44 5.69
N GLU B 676 59.52 8.44 5.69
CA GLU B 676 58.60 7.75 4.80
CA GLU B 676 58.62 7.75 4.78
C GLU B 676 58.26 8.63 3.59
C GLU B 676 58.28 8.64 3.58
N ILE B 677 58.11 9.94 3.80
CA ILE B 677 57.86 10.84 2.68
C ILE B 677 59.07 10.95 1.80
N ARG B 678 60.27 10.96 2.40
CA ARG B 678 61.50 10.92 1.62
C ARG B 678 61.56 9.65 0.78
N ASP B 679 61.24 8.51 1.38
CA ASP B 679 61.31 7.24 0.66
C ASP B 679 60.25 7.18 -0.45
N ARG B 680 59.10 7.81 -0.25
CA ARG B 680 58.04 7.75 -1.23
C ARG B 680 58.23 8.78 -2.35
N PHE B 681 58.67 9.96 -2.03
CA PHE B 681 58.68 11.08 -2.98
C PHE B 681 60.06 11.61 -3.35
N GLY B 682 61.12 11.30 -2.59
CA GLY B 682 62.41 11.82 -2.89
C GLY B 682 62.94 11.33 -4.25
N ASP B 683 63.66 12.20 -4.94
CA ASP B 683 64.15 11.90 -6.28
C ASP B 683 65.56 12.41 -6.47
N ASP B 684 66.13 12.15 -7.63
CA ASP B 684 67.52 12.53 -7.91
C ASP B 684 67.68 14.03 -8.03
N ARG B 685 68.85 14.48 -7.70
CA ARG B 685 69.27 15.88 -7.94
C ARG B 685 69.31 16.12 -9.44
N ARG B 686 68.80 17.26 -9.88
CA ARG B 686 68.74 17.60 -11.28
C ARG B 686 69.82 18.63 -11.66
N THR B 687 70.05 19.62 -10.84
CA THR B 687 71.03 20.66 -11.12
C THR B 687 72.40 20.24 -10.64
N GLU B 688 73.39 20.33 -11.52
CA GLU B 688 74.78 19.95 -11.20
C GLU B 688 75.51 21.19 -10.65
N ILE B 689 76.06 21.09 -9.47
CA ILE B 689 76.82 22.15 -8.85
C ILE B 689 78.31 21.91 -9.18
N GLN B 690 78.82 22.71 -10.12
CA GLN B 690 80.19 22.55 -10.59
C GLN B 690 81.17 23.23 -9.63
N LEU B 691 82.24 22.52 -9.27
CA LEU B 691 83.23 23.03 -8.34
C LEU B 691 84.11 24.07 -9.02
N GLY B 692 83.95 25.32 -8.61
CA GLY B 692 84.78 26.41 -9.12
C GLY B 692 85.00 27.50 -8.12
N LYS E 9 -28.85 -3.92 5.94
CA LYS E 9 -29.64 -4.70 6.90
C LYS E 9 -30.43 -3.78 7.84
N LEU E 10 -30.16 -2.48 7.79
CA LEU E 10 -30.86 -1.50 8.58
C LEU E 10 -32.27 -1.28 8.08
N ALA E 11 -33.26 -1.47 8.98
CA ALA E 11 -34.63 -1.10 8.69
C ALA E 11 -34.89 0.19 9.44
N ASP E 12 -34.79 1.32 8.72
CA ASP E 12 -34.88 2.62 9.35
C ASP E 12 -36.33 2.97 9.68
N CYS E 13 -36.50 4.07 10.40
CA CYS E 13 -37.82 4.57 10.76
C CYS E 13 -38.18 5.74 9.85
N SER E 14 -39.46 5.99 9.68
CA SER E 14 -39.92 7.08 8.82
C SER E 14 -39.55 8.46 9.31
N SER E 15 -39.71 8.69 10.61
CA SER E 15 -39.42 9.98 11.22
C SER E 15 -37.96 10.38 11.11
N LYS E 16 -37.73 11.67 10.91
CA LYS E 16 -36.36 12.18 10.84
C LYS E 16 -35.97 13.13 11.97
N SER E 17 -36.77 13.14 13.03
N SER E 17 -36.76 13.34 13.00
CA SER E 17 -36.51 13.92 14.25
CA SER E 17 -36.28 14.07 14.15
C SER E 17 -35.67 13.04 15.17
C SER E 17 -35.59 13.10 15.05
N PRO E 18 -34.29 13.23 15.12
CA PRO E 18 -33.50 12.29 15.92
C PRO E 18 -33.87 12.26 17.39
N GLU E 19 -34.39 13.35 17.97
N GLU E 19 -34.46 13.33 17.92
CA GLU E 19 -34.65 13.34 19.39
CA GLU E 19 -34.74 13.41 19.35
C GLU E 19 -35.77 12.38 19.79
C GLU E 19 -35.72 12.32 19.74
N GLU E 20 -36.65 12.06 18.84
CA GLU E 20 -37.74 11.13 19.09
C GLU E 20 -37.46 9.73 18.52
N CYS E 21 -36.41 9.62 17.73
CA CYS E 21 -36.03 8.37 17.08
C CYS E 21 -35.08 7.47 17.86
N GLU E 22 -35.32 6.17 17.77
CA GLU E 22 -34.52 5.18 18.50
C GLU E 22 -34.08 4.11 17.50
N ILE E 23 -32.86 3.62 17.67
CA ILE E 23 -32.37 2.51 16.88
C ILE E 23 -32.03 1.35 17.84
N PHE E 24 -32.52 0.15 17.52
CA PHE E 24 -32.29 -1.04 18.31
C PHE E 24 -31.25 -1.90 17.62
N LEU E 25 -30.17 -2.25 18.35
CA LEU E 25 -29.17 -3.20 17.87
C LEU E 25 -29.53 -4.57 18.42
N VAL E 26 -29.99 -5.46 17.52
CA VAL E 26 -30.69 -6.69 17.91
C VAL E 26 -29.79 -7.88 17.65
N GLU E 27 -29.74 -8.79 18.61
CA GLU E 27 -28.93 -10.03 18.48
C GLU E 27 -29.72 -10.99 17.61
N GLY E 28 -29.17 -11.33 16.45
CA GLY E 28 -29.66 -12.47 15.69
C GLY E 28 -30.58 -12.00 14.56
N ASP E 29 -30.59 -12.79 13.50
CA ASP E 29 -31.43 -12.46 12.34
C ASP E 29 -32.86 -12.87 12.57
N SER E 30 -33.14 -13.88 13.37
CA SER E 30 -34.52 -14.24 13.71
C SER E 30 -35.15 -13.10 14.48
N ALA E 31 -34.45 -12.64 15.54
CA ALA E 31 -34.98 -11.54 16.36
C ALA E 31 -35.03 -10.27 15.57
N GLY E 32 -34.08 -10.06 14.65
CA GLY E 32 -34.11 -8.84 13.83
C GLY E 32 -35.37 -8.74 12.98
N GLY E 33 -35.85 -9.88 12.48
CA GLY E 33 -37.05 -9.85 11.69
C GLY E 33 -38.31 -9.63 12.52
N SER E 34 -38.36 -10.21 13.70
N SER E 34 -38.34 -10.21 13.70
CA SER E 34 -39.55 -10.06 14.55
CA SER E 34 -39.53 -10.07 14.56
C SER E 34 -39.62 -8.66 15.17
C SER E 34 -39.62 -8.66 15.16
N THR E 35 -38.47 -8.04 15.48
CA THR E 35 -38.50 -6.70 16.00
C THR E 35 -38.85 -5.69 14.93
N LYS E 36 -38.36 -5.93 13.69
CA LYS E 36 -38.78 -5.10 12.56
C LYS E 36 -40.30 -5.14 12.39
N SER E 37 -40.91 -6.28 12.70
CA SER E 37 -42.36 -6.40 12.59
C SER E 37 -43.05 -5.78 13.79
N GLY E 38 -42.46 -5.90 14.99
CA GLY E 38 -43.11 -5.44 16.21
C GLY E 38 -42.85 -3.98 16.54
N ARG E 39 -41.84 -3.39 15.92
CA ARG E 39 -41.44 -2.03 16.20
C ARG E 39 -42.48 -0.97 15.75
N ASP E 40 -42.35 0.21 16.31
CA ASP E 40 -43.17 1.30 15.85
C ASP E 40 -42.31 1.83 14.73
N SER E 41 -42.75 1.66 13.52
CA SER E 41 -42.05 2.08 12.32
C SER E 41 -41.77 3.58 12.23
N ARG E 42 -42.56 4.37 12.88
CA ARG E 42 -42.36 5.80 12.82
C ARG E 42 -41.11 6.25 13.50
N THR E 43 -40.87 5.77 14.73
CA THR E 43 -39.72 6.21 15.48
C THR E 43 -38.70 5.18 15.92
N GLN E 44 -38.80 3.95 15.44
CA GLN E 44 -37.88 2.89 15.88
C GLN E 44 -37.25 2.24 14.64
N ALA E 45 -35.92 2.21 14.59
CA ALA E 45 -35.17 1.54 13.54
C ALA E 45 -34.47 0.31 14.10
N ILE E 46 -34.30 -0.70 13.24
CA ILE E 46 -33.69 -1.96 13.66
C ILE E 46 -32.44 -2.19 12.84
N LEU E 47 -31.32 -2.44 13.52
CA LEU E 47 -30.10 -2.94 12.90
C LEU E 47 -29.76 -4.26 13.55
N PRO E 48 -29.99 -5.38 12.86
CA PRO E 48 -29.67 -6.69 13.45
C PRO E 48 -28.19 -6.99 13.27
N LEU E 49 -27.64 -7.67 14.27
CA LEU E 49 -26.28 -8.15 14.20
C LEU E 49 -26.30 -9.66 14.14
N ARG E 50 -25.42 -10.21 13.28
N ARG E 50 -25.47 -10.21 13.26
CA ARG E 50 -25.41 -11.67 13.08
CA ARG E 50 -25.41 -11.67 13.09
C ARG E 50 -25.13 -12.46 14.34
C ARG E 50 -25.20 -12.38 14.42
N GLY E 51 -24.09 -12.11 15.08
CA GLY E 51 -23.87 -12.76 16.39
C GLY E 51 -22.75 -12.01 17.11
N LYS E 52 -21.68 -12.73 17.46
CA LYS E 52 -20.56 -12.04 18.08
C LYS E 52 -19.95 -11.09 17.04
N ILE E 53 -19.49 -9.95 17.54
CA ILE E 53 -18.98 -8.87 16.68
C ILE E 53 -17.52 -8.68 17.04
N LEU E 54 -16.83 -7.86 16.25
CA LEU E 54 -15.40 -7.63 16.45
C LEU E 54 -15.13 -7.00 17.79
N ASN E 55 -14.12 -7.51 18.51
CA ASN E 55 -13.61 -6.88 19.71
C ASN E 55 -12.58 -5.80 19.26
N VAL E 56 -12.99 -4.55 19.32
CA VAL E 56 -12.16 -3.46 18.87
C VAL E 56 -10.95 -3.24 19.78
N GLU E 57 -11.02 -3.73 21.05
CA GLU E 57 -9.92 -3.54 21.94
C GLU E 57 -8.72 -4.39 21.56
N LYS E 58 -8.95 -5.54 20.88
CA LYS E 58 -7.88 -6.39 20.40
C LYS E 58 -7.52 -6.18 18.93
N ALA E 59 -8.32 -5.44 18.17
CA ALA E 59 -8.17 -5.34 16.75
C ALA E 59 -7.39 -4.05 16.38
N ARG E 60 -6.77 -4.12 15.20
N ARG E 60 -6.60 -4.12 15.30
CA ARG E 60 -6.06 -3.00 14.61
CA ARG E 60 -6.02 -2.86 14.79
C ARG E 60 -7.07 -2.11 13.88
C ARG E 60 -6.98 -2.14 13.81
N LEU E 61 -6.68 -0.87 13.56
CA LEU E 61 -7.64 0.09 13.02
C LEU E 61 -8.06 -0.30 11.59
N ASP E 62 -7.17 -0.92 10.80
CA ASP E 62 -7.51 -1.32 9.47
C ASP E 62 -8.64 -2.36 9.49
N ARG E 63 -8.57 -3.30 10.45
CA ARG E 63 -9.61 -4.32 10.53
C ARG E 63 -10.93 -3.77 11.05
N ILE E 64 -10.87 -2.84 12.00
CA ILE E 64 -12.09 -2.22 12.54
C ILE E 64 -12.83 -1.49 11.45
N LEU E 65 -12.10 -0.60 10.75
CA LEU E 65 -12.70 0.22 9.71
C LEU E 65 -13.28 -0.57 8.56
N ASN E 66 -12.73 -1.72 8.30
CA ASN E 66 -13.21 -2.54 7.21
C ASN E 66 -14.23 -3.62 7.63
N ASN E 67 -14.61 -3.61 8.92
CA ASN E 67 -15.58 -4.57 9.37
C ASN E 67 -16.95 -4.08 8.98
N ASN E 68 -17.74 -4.95 8.33
CA ASN E 68 -19.03 -4.53 7.81
C ASN E 68 -20.03 -4.11 8.88
N GLU E 69 -20.10 -4.85 9.99
CA GLU E 69 -21.01 -4.49 11.03
C GLU E 69 -20.64 -3.21 11.73
N ILE E 70 -19.35 -2.96 11.90
CA ILE E 70 -18.88 -1.73 12.49
C ILE E 70 -19.20 -0.61 11.50
N ARG E 71 -19.08 -0.81 10.24
N ARG E 71 -19.01 -0.85 10.21
CA ARG E 71 -19.41 0.22 9.25
CA ARG E 71 -19.20 0.19 9.19
C ARG E 71 -20.89 0.54 9.22
C ARG E 71 -20.65 0.68 9.12
N GLN E 72 -21.60 -0.31 9.22
CA GLN E 72 -23.01 -0.22 9.25
C GLN E 72 -23.54 0.57 10.45
N MET E 73 -22.97 0.30 11.62
CA MET E 73 -23.37 1.02 12.82
C MET E 73 -22.95 2.49 12.71
N ILE E 74 -21.75 2.73 12.20
CA ILE E 74 -21.25 4.07 12.04
C ILE E 74 -22.13 4.85 11.07
N THR E 75 -22.53 4.19 9.98
CA THR E 75 -23.37 4.80 8.97
C THR E 75 -24.75 5.08 9.50
N ALA E 76 -25.31 4.15 10.26
CA ALA E 76 -26.66 4.34 10.81
C ALA E 76 -26.68 5.46 11.85
N PHE E 77 -25.58 5.63 12.60
CA PHE E 77 -25.58 6.66 13.63
C PHE E 77 -25.31 8.05 13.05
N GLY E 78 -24.44 8.09 12.07
CA GLY E 78 -24.11 9.34 11.36
C GLY E 78 -23.23 10.32 12.08
N THR E 79 -22.69 9.94 13.24
CA THR E 79 -21.83 10.80 14.02
C THR E 79 -20.36 10.79 13.61
N GLY E 80 -19.95 9.81 12.82
CA GLY E 80 -18.58 9.62 12.47
C GLY E 80 -17.91 9.03 13.67
N ILE E 81 -16.60 8.87 13.67
CA ILE E 81 -15.97 8.20 14.83
C ILE E 81 -14.70 8.81 15.34
N GLY E 82 -14.40 8.53 16.61
CA GLY E 82 -13.19 9.05 17.26
C GLY E 82 -13.06 10.53 17.31
N GLY E 83 -11.95 11.03 16.75
CA GLY E 83 -11.65 12.47 16.72
C GLY E 83 -12.66 13.26 15.94
N ASP E 84 -13.21 12.67 14.89
CA ASP E 84 -14.19 13.33 14.03
C ASP E 84 -15.64 13.19 14.46
N PHE E 85 -15.86 12.61 15.64
CA PHE E 85 -17.21 12.40 16.15
C PHE E 85 -17.96 13.74 16.34
N ASP E 86 -19.22 13.77 15.93
CA ASP E 86 -20.06 14.94 16.06
C ASP E 86 -21.43 14.49 16.59
N LEU E 87 -21.66 14.79 17.84
CA LEU E 87 -22.86 14.40 18.55
C LEU E 87 -24.11 15.04 17.93
N ALA E 88 -23.97 16.24 17.36
CA ALA E 88 -25.11 16.90 16.75
C ALA E 88 -25.56 16.22 15.48
N LYS E 89 -24.68 15.42 14.85
N LYS E 89 -24.70 15.38 14.90
CA LYS E 89 -25.04 14.70 13.63
CA LYS E 89 -25.03 14.69 13.67
C LYS E 89 -25.75 13.38 13.91
C LYS E 89 -25.81 13.40 13.92
N ALA E 90 -26.00 13.05 15.18
CA ALA E 90 -26.60 11.77 15.53
C ALA E 90 -28.01 11.65 14.98
N ARG E 91 -28.27 10.54 14.28
CA ARG E 91 -29.56 10.29 13.68
C ARG E 91 -30.55 9.67 14.67
N TYR E 92 -30.09 9.31 15.87
CA TYR E 92 -30.95 8.76 16.90
C TYR E 92 -30.45 9.25 18.26
N HIS E 93 -31.37 9.64 19.13
CA HIS E 93 -31.02 10.02 20.50
C HIS E 93 -31.18 8.88 21.48
N LYS E 94 -31.53 7.68 20.99
CA LYS E 94 -31.49 6.46 21.80
C LYS E 94 -30.90 5.36 20.94
N ILE E 95 -29.79 4.79 21.38
CA ILE E 95 -29.18 3.63 20.75
C ILE E 95 -29.32 2.48 21.77
N VAL E 96 -30.16 1.50 21.43
CA VAL E 96 -30.61 0.49 22.39
C VAL E 96 -29.95 -0.84 22.04
N ILE E 97 -29.14 -1.35 22.99
CA ILE E 97 -28.55 -2.66 22.84
C ILE E 97 -29.61 -3.69 23.31
N MET E 98 -30.01 -4.58 22.40
N MET E 98 -29.97 -4.61 22.41
CA MET E 98 -31.01 -5.58 22.69
CA MET E 98 -31.01 -5.58 22.67
C MET E 98 -30.48 -6.96 22.33
C MET E 98 -30.50 -6.98 22.34
N THR E 99 -30.05 -7.70 23.36
CA THR E 99 -29.46 -9.03 23.17
C THR E 99 -30.26 -10.03 24.01
N ASP E 100 -30.03 -11.32 23.77
CA ASP E 100 -30.61 -12.33 24.61
C ASP E 100 -30.20 -12.14 26.06
N ALA E 101 -31.10 -12.50 26.99
CA ALA E 101 -30.77 -12.47 28.41
C ALA E 101 -30.07 -13.80 28.82
N ASP E 102 -28.93 -14.06 28.15
CA ASP E 102 -28.08 -15.19 28.44
C ASP E 102 -26.64 -14.76 28.34
N VAL E 103 -25.70 -15.76 28.53
CA VAL E 103 -24.31 -15.37 28.63
C VAL E 103 -23.76 -14.86 27.34
N ASP E 104 -24.23 -15.39 26.19
CA ASP E 104 -23.73 -14.89 24.90
C ASP E 104 -24.29 -13.54 24.56
N GLY E 105 -25.52 -13.26 24.95
CA GLY E 105 -26.03 -11.89 24.82
C GLY E 105 -25.21 -10.92 25.66
N ALA E 106 -24.82 -11.35 26.88
CA ALA E 106 -23.98 -10.49 27.69
C ALA E 106 -22.65 -10.22 27.06
N HIS E 107 -22.07 -11.24 26.40
CA HIS E 107 -20.81 -11.03 25.71
C HIS E 107 -20.95 -10.04 24.57
N ILE E 108 -21.97 -10.20 23.74
CA ILE E 108 -22.26 -9.24 22.66
C ILE E 108 -22.42 -7.84 23.26
N ARG E 109 -23.02 -7.76 24.41
CA ARG E 109 -23.17 -6.48 25.06
C ARG E 109 -21.80 -5.88 25.42
N THR E 110 -20.89 -6.67 26.00
CA THR E 110 -19.57 -6.15 26.32
C THR E 110 -18.82 -5.76 25.05
N LEU E 111 -19.01 -6.51 23.97
CA LEU E 111 -18.38 -6.18 22.70
C LEU E 111 -18.90 -4.86 22.14
N LEU E 112 -20.21 -4.63 22.27
CA LEU E 112 -20.79 -3.39 21.76
C LEU E 112 -20.35 -2.18 22.58
N LEU E 113 -20.40 -2.30 23.91
CA LEU E 113 -19.95 -1.18 24.76
C LEU E 113 -18.49 -0.87 24.56
N THR E 114 -17.66 -1.88 24.27
CA THR E 114 -16.26 -1.63 23.99
C THR E 114 -16.11 -0.77 22.75
N PHE E 115 -16.88 -1.05 21.71
CA PHE E 115 -16.82 -0.25 20.49
C PHE E 115 -17.29 1.20 20.78
N PHE E 116 -18.39 1.35 21.53
CA PHE E 116 -18.89 2.69 21.81
C PHE E 116 -17.91 3.45 22.70
N TYR E 117 -17.32 2.79 23.72
CA TYR E 117 -16.44 3.51 24.61
C TYR E 117 -15.14 3.92 23.94
N ARG E 118 -14.63 3.09 23.05
CA ARG E 118 -13.34 3.38 22.38
C ARG E 118 -13.48 4.28 21.16
N PHE E 119 -14.66 4.32 20.53
CA PHE E 119 -14.83 5.06 19.28
C PHE E 119 -15.94 6.09 19.28
N MET E 120 -16.89 6.02 20.23
CA MET E 120 -17.99 6.98 20.27
C MET E 120 -18.31 7.35 21.70
N ARG E 121 -17.26 7.66 22.49
CA ARG E 121 -17.47 7.92 23.90
C ARG E 121 -18.48 9.04 24.20
N PRO E 122 -18.45 10.18 23.48
CA PRO E 122 -19.45 11.23 23.77
C PRO E 122 -20.88 10.79 23.54
N LEU E 123 -21.09 9.67 22.82
CA LEU E 123 -22.44 9.11 22.74
C LEU E 123 -22.87 8.50 24.06
N ILE E 124 -21.93 7.91 24.80
CA ILE E 124 -22.23 7.42 26.14
C ILE E 124 -22.36 8.58 27.11
N GLU E 125 -21.46 9.54 27.03
CA GLU E 125 -21.48 10.68 27.96
C GLU E 125 -22.72 11.54 27.79
N ALA E 126 -23.30 11.55 26.60
CA ALA E 126 -24.54 12.29 26.35
C ALA E 126 -25.76 11.57 26.84
N GLY E 127 -25.66 10.28 27.17
CA GLY E 127 -26.80 9.49 27.65
C GLY E 127 -27.60 8.84 26.54
N TYR E 128 -27.02 8.68 25.35
CA TYR E 128 -27.76 8.15 24.19
C TYR E 128 -27.74 6.61 24.13
N VAL E 129 -26.87 5.97 24.91
CA VAL E 129 -26.68 4.52 24.83
C VAL E 129 -27.54 3.88 25.94
N TYR E 130 -28.35 2.91 25.56
CA TYR E 130 -29.20 2.21 26.49
C TYR E 130 -29.05 0.69 26.30
N ILE E 131 -29.48 -0.05 27.31
CA ILE E 131 -29.52 -1.51 27.24
C ILE E 131 -30.98 -1.94 27.44
N ALA E 132 -31.50 -2.70 26.48
CA ALA E 132 -32.85 -3.19 26.60
C ALA E 132 -32.96 -4.24 27.68
N GLN E 133 -34.15 -4.41 28.24
CA GLN E 133 -34.39 -5.37 29.32
C GLN E 133 -35.48 -6.35 28.92
N PRO E 134 -35.20 -7.26 28.01
CA PRO E 134 -36.20 -8.27 27.63
C PRO E 134 -36.49 -9.21 28.76
N PRO E 135 -37.58 -9.97 28.71
CA PRO E 135 -37.89 -10.89 29.83
C PRO E 135 -36.73 -11.78 30.16
N THR E 136 -36.46 -12.01 31.44
CA THR E 136 -35.36 -12.90 31.84
C THR E 136 -35.85 -14.33 31.87
N GLY E 137 -34.89 -15.26 31.92
CA GLY E 137 -35.19 -16.69 31.87
C GLY E 137 -34.31 -17.31 30.76
N TYR E 138 -34.87 -18.29 30.22
CA TYR E 138 -34.06 -19.13 29.37
C TYR E 138 -34.47 -19.00 27.90
N LYS E 139 -35.58 -18.29 27.64
N LYS E 139 -35.64 -18.45 27.61
CA LYS E 139 -36.02 -18.08 26.27
CA LYS E 139 -35.98 -18.12 26.24
C LYS E 139 -35.34 -16.86 25.65
C LYS E 139 -35.29 -16.90 25.67
N GLY E 140 -34.78 -17.05 24.45
CA GLY E 140 -34.08 -15.96 23.79
C GLY E 140 -35.02 -15.10 22.96
N LEU E 141 -34.47 -13.97 22.47
CA LEU E 141 -35.24 -13.06 21.65
C LEU E 141 -35.79 -13.73 20.39
N GLY E 142 -35.03 -14.69 19.85
CA GLY E 142 -35.43 -15.41 18.68
C GLY E 142 -36.63 -16.30 18.83
N GLU E 143 -37.01 -16.56 20.07
CA GLU E 143 -38.13 -17.46 20.39
C GLU E 143 -39.42 -16.69 20.72
N MET E 144 -39.37 -15.36 20.72
CA MET E 144 -40.54 -14.55 21.01
C MET E 144 -41.21 -14.08 19.72
N ASN E 145 -42.52 -13.83 19.77
CA ASN E 145 -43.17 -13.30 18.62
C ASN E 145 -43.05 -11.78 18.60
N ALA E 146 -43.55 -11.16 17.51
CA ALA E 146 -43.36 -9.74 17.34
C ALA E 146 -44.13 -8.97 18.40
N ASP E 147 -45.35 -9.42 18.76
CA ASP E 147 -46.11 -8.67 19.76
C ASP E 147 -45.48 -8.77 21.15
N GLN E 148 -44.87 -9.92 21.48
CA GLN E 148 -44.24 -10.06 22.77
C GLN E 148 -43.02 -9.14 22.90
N LEU E 149 -42.20 -9.05 21.86
CA LEU E 149 -41.05 -8.18 21.88
C LEU E 149 -41.47 -6.72 22.01
N TRP E 150 -42.57 -6.33 21.33
CA TRP E 150 -43.07 -4.97 21.46
C TRP E 150 -43.54 -4.69 22.89
N GLU E 151 -44.43 -5.53 23.41
N GLU E 151 -44.41 -5.54 23.36
CA GLU E 151 -45.05 -5.23 24.69
CA GLU E 151 -45.05 -5.31 24.65
C GLU E 151 -44.07 -5.33 25.85
C GLU E 151 -44.06 -5.32 25.79
N THR E 152 -43.11 -6.25 25.76
CA THR E 152 -42.20 -6.44 26.88
C THR E 152 -40.94 -5.56 26.79
N THR E 153 -40.45 -5.33 25.57
CA THR E 153 -39.13 -4.77 25.40
C THR E 153 -39.06 -3.45 24.67
N MET E 154 -39.94 -3.20 23.70
CA MET E 154 -39.81 -2.01 22.85
C MET E 154 -40.87 -0.94 23.10
N ASN E 155 -41.98 -1.27 23.75
CA ASN E 155 -43.06 -0.30 23.95
C ASN E 155 -42.66 0.68 25.03
N PRO E 156 -42.64 1.97 24.72
CA PRO E 156 -42.26 3.00 25.71
C PRO E 156 -43.16 2.98 26.93
N GLU E 157 -44.42 2.65 26.73
CA GLU E 157 -45.36 2.57 27.85
C GLU E 157 -45.05 1.49 28.89
N HIS E 158 -44.53 0.35 28.48
CA HIS E 158 -44.22 -0.72 29.43
C HIS E 158 -42.76 -1.13 29.58
N ARG E 159 -41.91 -0.73 28.63
CA ARG E 159 -40.51 -1.17 28.63
C ARG E 159 -39.67 -0.57 29.74
N ALA E 160 -38.64 -1.31 30.14
CA ALA E 160 -37.69 -0.79 31.10
C ALA E 160 -36.37 -0.73 30.34
N LEU E 161 -35.69 0.41 30.45
CA LEU E 161 -34.42 0.58 29.80
C LEU E 161 -33.34 0.96 30.82
N LEU E 162 -32.11 0.50 30.62
CA LEU E 162 -30.98 0.96 31.39
C LEU E 162 -30.20 1.99 30.59
N GLN E 163 -30.00 3.16 31.16
CA GLN E 163 -29.20 4.21 30.51
C GLN E 163 -27.77 4.08 30.95
N VAL E 164 -26.89 3.74 30.02
CA VAL E 164 -25.46 3.54 30.34
C VAL E 164 -24.85 4.85 30.78
N LYS E 165 -24.17 4.81 31.92
CA LYS E 165 -23.52 6.03 32.44
C LYS E 165 -22.03 5.83 32.68
N LEU E 166 -21.25 6.80 32.26
CA LEU E 166 -19.81 6.79 32.52
C LEU E 166 -19.54 7.64 33.73
N GLU E 167 -19.13 7.03 34.82
CA GLU E 167 -18.87 7.75 36.06
C GLU E 167 -17.40 8.16 36.25
N ASP E 168 -16.49 7.22 36.09
CA ASP E 168 -15.08 7.49 36.29
C ASP E 168 -14.30 6.98 35.07
N ALA E 169 -13.79 7.90 34.29
CA ALA E 169 -13.12 7.53 33.06
C ALA E 169 -11.86 6.73 33.28
N ILE E 170 -11.14 7.02 34.36
CA ILE E 170 -9.92 6.28 34.63
C ILE E 170 -10.22 4.82 34.92
N GLU E 171 -11.21 4.60 35.74
CA GLU E 171 -11.63 3.24 36.10
C GLU E 171 -12.15 2.52 34.87
N ALA E 172 -12.90 3.23 34.03
CA ALA E 172 -13.44 2.63 32.85
C ALA E 172 -12.34 2.21 31.89
N ASP E 173 -11.33 3.05 31.72
CA ASP E 173 -10.25 2.73 30.81
C ASP E 173 -9.57 1.48 31.29
N GLN E 174 -9.38 1.38 32.59
CA GLN E 174 -8.74 0.22 33.18
C GLN E 174 -9.58 -1.03 32.94
N THR E 175 -10.88 -0.90 33.12
CA THR E 175 -11.79 -2.02 32.99
C THR E 175 -11.86 -2.57 31.56
N PHE E 176 -11.95 -1.71 30.57
CA PHE E 176 -11.99 -2.17 29.22
C PHE E 176 -10.69 -2.82 28.80
N GLU E 177 -9.58 -2.24 29.23
CA GLU E 177 -8.27 -2.79 28.94
C GLU E 177 -8.07 -4.16 29.58
N MET E 178 -8.48 -4.41 30.80
N MET E 178 -8.45 -4.38 30.82
CA MET E 178 -8.21 -5.73 31.38
CA MET E 178 -8.28 -5.67 31.50
C MET E 178 -9.24 -6.80 30.97
C MET E 178 -9.24 -6.75 30.95
N LEU E 179 -10.51 -6.38 30.77
CA LEU E 179 -11.51 -7.33 30.34
C LEU E 179 -11.36 -7.69 28.87
N MET E 180 -11.16 -6.68 28.04
CA MET E 180 -11.24 -6.87 26.57
C MET E 180 -9.91 -6.84 25.87
N GLY E 181 -8.82 -6.58 26.58
CA GLY E 181 -7.50 -6.39 25.95
C GLY E 181 -6.73 -7.68 25.77
N ASP E 182 -5.50 -7.50 25.27
CA ASP E 182 -4.65 -8.68 24.89
C ASP E 182 -4.00 -9.45 26.04
N VAL E 183 -3.88 -8.91 27.21
CA VAL E 183 -3.15 -9.59 28.29
C VAL E 183 -4.15 -10.59 28.93
N VAL E 184 -3.91 -11.88 28.72
CA VAL E 184 -4.83 -12.89 29.17
C VAL E 184 -4.79 -13.04 30.69
N GLU E 185 -3.58 -12.87 31.29
CA GLU E 185 -3.38 -13.23 32.68
C GLU E 185 -4.17 -12.37 33.64
N ASN E 186 -4.21 -11.06 33.40
CA ASN E 186 -4.98 -10.15 34.24
C ASN E 186 -6.48 -10.44 34.16
N ARG E 187 -6.95 -10.81 32.99
CA ARG E 187 -8.35 -11.19 32.79
C ARG E 187 -8.64 -12.52 33.52
N ARG E 188 -7.69 -13.46 33.48
CA ARG E 188 -7.85 -14.72 34.19
C ARG E 188 -7.94 -14.48 35.71
N GLN E 189 -7.09 -13.62 36.24
CA GLN E 189 -7.16 -13.34 37.67
C GLN E 189 -8.50 -12.70 38.08
N PHE E 190 -9.00 -11.79 37.26
CA PHE E 190 -10.32 -11.22 37.55
C PHE E 190 -11.41 -12.30 37.57
N ILE E 191 -11.37 -13.26 36.64
CA ILE E 191 -12.39 -14.30 36.63
C ILE E 191 -12.26 -15.17 37.85
N GLU E 192 -11.03 -15.60 38.18
CA GLU E 192 -10.85 -16.45 39.35
C GLU E 192 -11.28 -15.71 40.62
N ASP E 193 -10.95 -14.43 40.72
CA ASP E 193 -11.23 -13.69 41.95
C ASP E 193 -12.71 -13.36 42.13
N ASN E 194 -13.49 -13.42 41.06
CA ASN E 194 -14.91 -13.11 41.17
C ASN E 194 -15.82 -14.26 40.73
N ALA E 195 -15.27 -15.46 40.66
CA ALA E 195 -16.06 -16.55 40.15
C ALA E 195 -17.28 -16.85 41.01
N VAL E 196 -17.21 -16.61 42.32
CA VAL E 196 -18.37 -16.94 43.16
C VAL E 196 -19.58 -16.02 42.90
N TYR E 197 -19.36 -14.83 42.33
CA TYR E 197 -20.44 -13.93 42.05
C TYR E 197 -21.03 -14.08 40.66
N ALA E 198 -20.53 -15.07 39.92
CA ALA E 198 -21.02 -15.31 38.58
C ALA E 198 -22.35 -16.02 38.42
N ASN E 199 -23.15 -15.50 37.50
CA ASN E 199 -24.39 -16.14 37.09
C ASN E 199 -25.32 -16.51 38.24
N LEU E 200 -25.53 -15.57 39.14
CA LEU E 200 -26.41 -15.81 40.28
C LEU E 200 -27.85 -15.50 39.98
N ARG E 209 -39.56 1.96 33.60
CA ARG E 209 -38.75 3.08 34.09
C ARG E 209 -37.32 2.99 33.50
N ILE E 210 -36.78 4.13 33.08
CA ILE E 210 -35.40 4.19 32.73
C ILE E 210 -34.61 4.21 34.02
N ASN E 211 -33.51 3.47 34.04
CA ASN E 211 -32.67 3.38 35.22
C ASN E 211 -31.26 3.55 34.72
N GLU E 212 -30.38 3.97 35.61
CA GLU E 212 -29.03 4.28 35.23
C GLU E 212 -28.19 3.04 35.51
N ARG E 213 -27.25 2.75 34.62
CA ARG E 213 -26.42 1.58 34.80
C ARG E 213 -24.98 2.02 34.55
N ASN E 214 -24.13 1.86 35.55
CA ASN E 214 -22.75 2.26 35.46
C ASN E 214 -22.04 1.36 34.43
N ILE E 215 -21.23 1.98 33.59
CA ILE E 215 -20.65 1.23 32.48
C ILE E 215 -19.61 0.24 32.99
N THR E 216 -18.86 0.61 34.03
CA THR E 216 -17.86 -0.30 34.57
C THR E 216 -18.52 -1.51 35.25
N SER E 217 -19.58 -1.29 36.01
CA SER E 217 -20.28 -2.39 36.65
C SER E 217 -20.90 -3.31 35.61
N GLU E 218 -21.48 -2.75 34.55
CA GLU E 218 -22.06 -3.56 33.51
C GLU E 218 -21.03 -4.42 32.83
N MET E 219 -19.88 -3.82 32.46
CA MET E 219 -18.82 -4.55 31.78
C MET E 219 -18.29 -5.67 32.66
N ARG E 220 -18.05 -5.39 33.93
CA ARG E 220 -17.48 -6.39 34.84
C ARG E 220 -18.47 -7.54 35.06
N GLU E 221 -19.73 -7.24 35.29
CA GLU E 221 -20.70 -8.29 35.60
C GLU E 221 -21.05 -9.11 34.36
N SER E 222 -21.19 -8.46 33.19
CA SER E 222 -21.57 -9.20 31.99
C SER E 222 -20.41 -10.06 31.48
N PHE E 223 -19.18 -9.55 31.48
CA PHE E 223 -18.05 -10.35 31.02
C PHE E 223 -17.73 -11.50 32.00
N LEU E 224 -17.86 -11.26 33.29
CA LEU E 224 -17.67 -12.33 34.26
C LEU E 224 -18.64 -13.49 33.99
N ASP E 225 -19.93 -13.16 33.76
CA ASP E 225 -20.91 -14.19 33.51
C ASP E 225 -20.57 -14.99 32.26
N TYR E 226 -20.20 -14.32 31.19
CA TYR E 226 -19.83 -15.01 29.96
C TYR E 226 -18.59 -15.87 30.18
N ALA E 227 -17.52 -15.27 30.74
CA ALA E 227 -16.27 -16.00 30.86
C ALA E 227 -16.43 -17.25 31.78
N MET E 228 -17.16 -17.10 32.87
CA MET E 228 -17.37 -18.24 33.73
C MET E 228 -18.18 -19.35 33.02
N SER E 229 -19.16 -19.00 32.23
CA SER E 229 -19.95 -20.01 31.53
C SER E 229 -19.10 -20.76 30.49
N VAL E 230 -18.23 -20.06 29.76
CA VAL E 230 -17.36 -20.74 28.83
C VAL E 230 -16.40 -21.67 29.51
N ILE E 231 -15.90 -21.26 30.70
CA ILE E 231 -14.92 -22.09 31.42
C ILE E 231 -15.60 -23.34 32.00
N VAL E 232 -16.69 -23.15 32.70
CA VAL E 232 -17.31 -24.31 33.43
C VAL E 232 -18.42 -24.99 32.71
N ALA E 233 -18.89 -24.45 31.58
N ALA E 233 -18.90 -24.44 31.59
CA ALA E 233 -20.04 -25.04 30.90
CA ALA E 233 -20.04 -25.06 30.90
C ALA E 233 -19.99 -24.88 29.42
C ALA E 233 -19.98 -24.87 29.42
N ARG E 234 -18.79 -25.01 28.83
CA ARG E 234 -18.68 -24.98 27.35
C ARG E 234 -17.37 -25.55 26.84
N ALA E 235 -16.23 -24.86 27.12
CA ALA E 235 -15.01 -25.12 26.37
C ALA E 235 -14.06 -26.13 27.08
N LEU E 236 -14.27 -26.44 28.37
CA LEU E 236 -13.30 -27.22 29.07
C LEU E 236 -13.90 -28.57 29.49
N PRO E 237 -13.16 -29.68 29.26
CA PRO E 237 -13.73 -30.97 29.65
C PRO E 237 -13.63 -31.21 31.14
N ASP E 238 -14.51 -32.07 31.62
CA ASP E 238 -14.45 -32.56 32.99
C ASP E 238 -13.39 -33.60 33.11
N VAL E 239 -12.64 -33.57 34.22
CA VAL E 239 -11.57 -34.53 34.40
C VAL E 239 -12.10 -35.93 34.55
N ARG E 240 -13.31 -36.10 35.02
CA ARG E 240 -13.83 -37.41 35.41
C ARG E 240 -14.24 -38.26 34.14
N ASP E 241 -14.97 -37.68 33.18
CA ASP E 241 -15.34 -38.35 32.02
C ASP E 241 -14.73 -37.81 30.71
N GLY E 242 -13.99 -36.73 30.80
CA GLY E 242 -13.29 -36.16 29.63
C GLY E 242 -14.19 -35.42 28.67
N LEU E 243 -15.39 -34.99 29.09
CA LEU E 243 -16.35 -34.48 28.17
C LEU E 243 -16.67 -33.00 28.48
N LYS E 244 -16.84 -32.24 27.39
CA LYS E 244 -17.50 -30.96 27.47
C LYS E 244 -19.02 -31.17 27.50
N PRO E 245 -19.78 -30.13 27.91
CA PRO E 245 -21.25 -30.30 27.97
C PRO E 245 -21.87 -30.78 26.68
N VAL E 246 -21.44 -30.22 25.50
CA VAL E 246 -22.12 -30.58 24.26
C VAL E 246 -21.91 -32.08 23.93
N HIS E 247 -20.74 -32.61 24.20
CA HIS E 247 -20.51 -34.03 23.91
C HIS E 247 -21.24 -34.93 24.92
N ARG E 248 -21.26 -34.56 26.17
CA ARG E 248 -21.98 -35.33 27.19
C ARG E 248 -23.44 -35.38 26.85
N ARG E 249 -24.01 -34.27 26.38
CA ARG E 249 -25.45 -34.25 26.02
C ARG E 249 -25.70 -35.04 24.75
N ILE E 250 -24.78 -35.01 23.80
CA ILE E 250 -24.90 -35.87 22.61
C ILE E 250 -24.93 -37.34 23.02
N LEU E 251 -23.98 -37.77 23.83
CA LEU E 251 -23.87 -39.18 24.21
C LEU E 251 -25.03 -39.61 25.11
N TYR E 252 -25.39 -38.74 26.10
CA TYR E 252 -26.56 -39.04 26.90
C TYR E 252 -27.78 -39.12 26.06
N GLY E 253 -27.92 -38.21 25.06
CA GLY E 253 -29.07 -38.24 24.19
C GLY E 253 -29.13 -39.52 23.37
N LEU E 254 -28.01 -39.96 22.83
CA LEU E 254 -27.99 -41.24 22.13
C LEU E 254 -28.45 -42.38 23.05
N ASN E 255 -28.06 -42.33 24.30
CA ASN E 255 -28.46 -43.39 25.24
C ASN E 255 -29.98 -43.31 25.53
N GLU E 256 -30.49 -42.08 25.79
CA GLU E 256 -31.89 -41.96 26.03
C GLU E 256 -32.74 -42.34 24.80
N GLN E 257 -32.23 -42.10 23.62
CA GLN E 257 -32.95 -42.45 22.38
C GLN E 257 -32.80 -43.92 22.00
N GLY E 258 -32.13 -44.70 22.81
CA GLY E 258 -31.93 -46.14 22.52
C GLY E 258 -30.94 -46.41 21.38
N MET E 259 -30.06 -45.45 21.06
CA MET E 259 -29.24 -45.57 19.87
C MET E 259 -27.97 -46.45 20.14
N THR E 260 -28.20 -47.66 20.61
CA THR E 260 -27.14 -48.58 20.93
C THR E 260 -26.60 -49.26 19.70
N PRO E 261 -25.37 -49.84 19.74
CA PRO E 261 -24.76 -50.35 18.51
C PRO E 261 -25.55 -51.49 17.85
N ASP E 262 -26.46 -52.13 18.57
CA ASP E 262 -27.20 -53.24 17.99
C ASP E 262 -28.45 -52.79 17.21
N LYS E 263 -28.86 -51.51 17.37
N LYS E 263 -28.87 -51.52 17.37
CA LYS E 263 -29.99 -50.99 16.67
CA LYS E 263 -29.99 -51.00 16.66
C LYS E 263 -29.47 -50.26 15.47
C LYS E 263 -29.47 -50.32 15.44
N SER E 264 -30.24 -50.13 14.66
CA SER E 264 -30.17 -49.40 13.44
C SER E 264 -29.87 -47.91 13.46
N TYR E 265 -29.21 -47.36 12.44
CA TYR E 265 -28.84 -45.93 12.49
C TYR E 265 -30.07 -45.07 12.51
N LYS E 266 -29.97 -43.88 13.10
CA LYS E 266 -31.00 -42.86 13.05
C LYS E 266 -30.48 -41.62 12.37
N LYS E 267 -31.38 -40.90 11.67
N LYS E 267 -31.37 -40.91 11.67
CA LYS E 267 -30.99 -39.65 11.00
CA LYS E 267 -30.93 -39.69 10.99
C LYS E 267 -30.37 -38.68 11.98
C LYS E 267 -30.37 -38.68 11.96
N SER E 268 -29.27 -38.04 11.55
CA SER E 268 -28.56 -37.09 12.42
C SER E 268 -29.43 -35.90 12.80
N ALA E 269 -30.32 -35.48 11.89
CA ALA E 269 -31.19 -34.34 12.22
C ALA E 269 -32.08 -34.65 13.38
N ARG E 270 -32.53 -35.91 13.54
CA ARG E 270 -33.39 -36.26 14.68
C ARG E 270 -32.60 -36.34 15.98
N ILE E 271 -31.39 -36.89 15.92
CA ILE E 271 -30.49 -36.95 17.12
C ILE E 271 -30.17 -35.52 17.59
N VAL E 272 -29.77 -34.66 16.64
CA VAL E 272 -29.39 -33.32 17.00
C VAL E 272 -30.57 -32.54 17.47
N GLY E 273 -31.74 -32.70 16.80
CA GLY E 273 -32.95 -31.97 17.17
C GLY E 273 -33.38 -32.33 18.61
N ASP E 274 -33.34 -33.63 18.94
CA ASP E 274 -33.70 -34.04 20.28
C ASP E 274 -32.72 -33.46 21.34
N VAL E 275 -31.43 -33.54 21.06
CA VAL E 275 -30.44 -33.01 21.98
C VAL E 275 -30.59 -31.50 22.13
N MET E 276 -30.81 -30.80 21.01
CA MET E 276 -30.93 -29.37 21.06
C MET E 276 -32.15 -28.97 21.91
N GLY E 277 -33.30 -29.63 21.73
CA GLY E 277 -34.48 -29.22 22.45
C GLY E 277 -34.48 -29.62 23.92
N LYS E 278 -33.88 -30.78 24.22
CA LYS E 278 -33.95 -31.36 25.54
C LYS E 278 -32.84 -30.88 26.48
N TYR E 279 -31.60 -30.64 25.97
CA TYR E 279 -30.54 -30.32 26.86
C TYR E 279 -29.59 -29.20 26.43
N HIS E 280 -29.48 -28.90 25.16
CA HIS E 280 -28.40 -28.02 24.64
C HIS E 280 -28.98 -26.93 23.78
N PRO E 281 -29.44 -25.85 24.35
CA PRO E 281 -30.20 -24.81 23.64
C PRO E 281 -29.28 -23.87 22.82
N HIS E 282 -28.57 -24.42 21.86
CA HIS E 282 -27.67 -23.63 21.05
C HIS E 282 -27.81 -24.12 19.59
N GLY E 283 -27.06 -23.48 18.69
CA GLY E 283 -27.23 -23.77 17.29
C GLY E 283 -26.99 -25.20 16.96
N ASP E 284 -27.77 -25.80 16.05
CA ASP E 284 -27.61 -27.18 15.70
C ASP E 284 -26.23 -27.48 15.08
N SER E 285 -25.59 -26.48 14.48
CA SER E 285 -24.31 -26.70 13.92
C SER E 285 -23.21 -26.97 14.96
N SER E 286 -23.27 -26.37 16.11
CA SER E 286 -22.36 -26.71 17.16
C SER E 286 -22.55 -28.15 17.62
N ILE E 287 -23.82 -28.58 17.73
CA ILE E 287 -24.08 -29.95 18.16
C ILE E 287 -23.65 -30.97 17.09
N TYR E 288 -24.05 -30.70 15.83
CA TYR E 288 -23.77 -31.70 14.79
C TYR E 288 -22.28 -31.82 14.51
N GLU E 289 -21.56 -30.69 14.44
N GLU E 289 -21.56 -30.68 14.43
CA GLU E 289 -20.14 -30.76 14.15
CA GLU E 289 -20.14 -30.76 14.15
C GLU E 289 -19.36 -31.39 15.29
C GLU E 289 -19.37 -31.43 15.29
N ALA E 290 -19.86 -31.30 16.52
CA ALA E 290 -19.22 -32.01 17.64
C ALA E 290 -19.49 -33.50 17.56
N MET E 291 -20.71 -33.86 17.14
CA MET E 291 -21.02 -35.28 16.95
C MET E 291 -20.22 -35.86 15.80
N VAL E 292 -20.01 -35.07 14.74
CA VAL E 292 -19.26 -35.55 13.60
C VAL E 292 -17.82 -35.87 13.98
N ARG E 293 -17.17 -35.00 14.74
N ARG E 293 -17.20 -35.03 14.76
CA ARG E 293 -15.79 -35.25 15.15
CA ARG E 293 -15.83 -35.25 15.17
C ARG E 293 -15.68 -36.54 15.97
C ARG E 293 -15.69 -36.53 15.98
N MET E 294 -16.65 -36.81 16.82
CA MET E 294 -16.64 -38.04 17.60
C MET E 294 -16.75 -39.30 16.72
N ALA E 295 -17.13 -39.16 15.47
CA ALA E 295 -17.28 -40.29 14.56
C ALA E 295 -16.10 -40.46 13.61
N GLN E 296 -15.11 -39.55 13.66
CA GLN E 296 -13.99 -39.57 12.75
C GLN E 296 -12.83 -40.31 13.34
N ASP E 297 -12.38 -41.37 12.65
CA ASP E 297 -11.28 -42.17 13.27
C ASP E 297 -9.92 -41.52 13.03
N PHE E 298 -9.88 -40.35 12.39
CA PHE E 298 -8.67 -39.54 12.36
C PHE E 298 -8.72 -38.43 13.38
N SER E 299 -9.86 -38.22 14.03
CA SER E 299 -9.95 -37.24 15.13
C SER E 299 -9.98 -37.86 16.50
N TYR E 300 -10.73 -38.96 16.69
CA TYR E 300 -10.86 -39.61 17.99
C TYR E 300 -10.09 -40.92 17.99
N ARG E 301 -9.23 -41.07 18.95
CA ARG E 301 -8.42 -42.27 19.12
C ARG E 301 -9.34 -43.46 19.36
N TYR E 302 -10.43 -43.23 20.03
CA TYR E 302 -11.46 -44.27 20.27
C TYR E 302 -12.79 -43.61 19.97
N PRO E 303 -13.25 -43.69 18.69
CA PRO E 303 -14.43 -42.95 18.32
C PRO E 303 -15.64 -43.29 19.16
N LEU E 304 -16.39 -42.24 19.51
CA LEU E 304 -17.54 -42.37 20.37
C LEU E 304 -18.85 -42.46 19.60
N VAL E 305 -18.85 -42.13 18.32
CA VAL E 305 -20.07 -42.16 17.48
C VAL E 305 -19.80 -43.02 16.25
N ASP E 306 -20.79 -43.78 15.83
CA ASP E 306 -20.71 -44.61 14.62
C ASP E 306 -21.62 -43.94 13.57
N GLY E 307 -21.02 -43.41 12.54
CA GLY E 307 -21.67 -42.58 11.56
C GLY E 307 -21.85 -43.30 10.20
N GLN E 308 -22.98 -43.00 9.55
CA GLN E 308 -23.27 -43.52 8.23
C GLN E 308 -23.54 -42.35 7.29
N GLY E 309 -22.88 -42.38 6.13
CA GLY E 309 -22.91 -41.24 5.21
C GLY E 309 -21.54 -40.57 5.14
N ASN E 310 -21.52 -39.36 4.64
CA ASN E 310 -20.29 -38.58 4.49
C ASN E 310 -20.08 -37.81 5.80
N PHE E 311 -19.01 -38.24 6.55
CA PHE E 311 -18.70 -37.60 7.80
C PHE E 311 -17.35 -36.82 7.76
N GLY E 312 -16.98 -36.34 6.59
CA GLY E 312 -15.76 -35.55 6.45
C GLY E 312 -14.55 -36.39 6.18
N SER E 313 -13.40 -35.71 6.08
CA SER E 313 -12.15 -36.37 5.69
C SER E 313 -10.99 -35.66 6.32
N MET E 314 -9.80 -36.20 6.10
CA MET E 314 -8.55 -35.56 6.64
C MET E 314 -8.21 -34.28 5.88
N ASP E 315 -8.76 -34.10 4.68
CA ASP E 315 -8.52 -32.88 3.90
C ASP E 315 -9.34 -31.69 4.38
N GLY E 316 -9.99 -31.80 5.55
CA GLY E 316 -10.80 -30.73 6.06
C GLY E 316 -12.20 -30.64 5.43
N ASP E 317 -12.59 -31.62 4.63
CA ASP E 317 -13.96 -31.67 4.15
C ASP E 317 -14.90 -31.82 5.38
N GLY E 318 -15.97 -31.07 5.36
CA GLY E 318 -16.99 -31.24 6.36
C GLY E 318 -17.91 -32.40 6.02
N ALA E 319 -18.66 -32.83 7.04
CA ALA E 319 -19.68 -33.82 6.77
C ALA E 319 -20.76 -33.27 5.82
N ALA E 320 -21.61 -34.15 5.38
CA ALA E 320 -22.80 -33.70 4.63
C ALA E 320 -23.82 -33.13 5.66
N ALA E 321 -24.81 -32.43 5.17
CA ALA E 321 -25.80 -31.80 6.02
C ALA E 321 -26.53 -32.93 6.82
N MET E 322 -26.90 -32.60 8.06
CA MET E 322 -27.31 -33.62 8.98
C MET E 322 -28.62 -34.33 8.58
N ARG E 323 -29.34 -33.71 7.58
CA ARG E 323 -30.51 -34.40 7.13
C ARG E 323 -30.14 -35.60 6.22
N PHE E 324 -28.91 -35.62 5.77
CA PHE E 324 -28.42 -36.70 4.96
C PHE E 324 -27.59 -37.82 5.64
N THR E 325 -27.16 -37.63 6.86
CA THR E 325 -26.35 -38.62 7.57
C THR E 325 -27.15 -39.30 8.68
N GLU E 326 -26.59 -40.38 9.20
CA GLU E 326 -27.20 -41.18 10.24
C GLU E 326 -26.10 -41.55 11.26
N ALA E 327 -26.51 -41.92 12.46
CA ALA E 327 -25.52 -42.20 13.49
C ALA E 327 -26.09 -43.06 14.61
N ARG E 328 -25.19 -43.62 15.40
CA ARG E 328 -25.52 -44.33 16.61
C ARG E 328 -24.24 -44.40 17.47
N MET E 329 -24.33 -45.05 18.58
CA MET E 329 -23.16 -45.30 19.45
C MET E 329 -22.18 -46.29 18.86
N THR E 330 -20.92 -46.09 19.21
CA THR E 330 -19.94 -47.18 19.14
C THR E 330 -20.09 -48.08 20.39
N LYS E 331 -19.52 -49.26 20.30
N LYS E 331 -19.52 -49.27 20.29
CA LYS E 331 -19.59 -50.15 21.47
CA LYS E 331 -19.58 -50.15 21.46
C LYS E 331 -18.84 -49.62 22.68
C LYS E 331 -18.85 -49.62 22.68
N ILE E 332 -17.72 -48.92 22.48
CA ILE E 332 -16.95 -48.37 23.54
C ILE E 332 -17.71 -47.24 24.27
N THR E 333 -18.62 -46.59 23.57
CA THR E 333 -19.41 -45.52 24.21
C THR E 333 -20.38 -46.11 25.26
N LEU E 334 -20.76 -47.36 25.11
CA LEU E 334 -21.54 -48.04 26.14
C LEU E 334 -20.82 -48.04 27.48
N GLU E 335 -19.47 -48.12 27.47
CA GLU E 335 -18.73 -48.10 28.71
C GLU E 335 -18.71 -46.71 29.34
N LEU E 336 -18.93 -45.65 28.57
CA LEU E 336 -19.07 -44.34 29.19
C LEU E 336 -20.40 -44.21 29.91
N LEU E 337 -21.45 -44.87 29.41
CA LEU E 337 -22.80 -44.77 29.94
C LEU E 337 -23.16 -45.94 30.88
N ARG E 338 -22.31 -46.97 30.96
N ARG E 338 -22.31 -46.97 30.96
CA ARG E 338 -22.64 -48.14 31.74
CA ARG E 338 -22.69 -48.15 31.72
C ARG E 338 -22.87 -47.75 33.23
C ARG E 338 -22.87 -47.77 33.22
N ASP E 339 -23.91 -48.35 33.79
CA ASP E 339 -24.34 -48.12 35.19
C ASP E 339 -24.96 -46.76 35.44
N ILE E 340 -25.30 -46.00 34.40
CA ILE E 340 -25.82 -44.64 34.61
C ILE E 340 -27.20 -44.67 35.27
N ASN E 341 -27.93 -45.76 35.15
CA ASN E 341 -29.25 -45.86 35.76
C ASN E 341 -29.22 -46.65 37.08
N LYS E 342 -28.07 -46.73 37.71
CA LYS E 342 -27.89 -47.37 39.00
C LYS E 342 -27.38 -46.41 40.05
N ASP E 343 -27.83 -45.12 39.90
CA ASP E 343 -27.52 -44.07 40.90
C ASP E 343 -26.01 -43.99 41.16
N THR E 344 -25.25 -44.00 40.08
CA THR E 344 -23.79 -43.87 40.17
C THR E 344 -23.33 -42.43 40.02
N ILE E 345 -24.14 -41.57 39.35
CA ILE E 345 -23.76 -40.21 39.15
C ILE E 345 -24.96 -39.31 39.46
N ASP E 346 -24.69 -38.03 39.77
CA ASP E 346 -25.76 -37.11 40.09
C ASP E 346 -26.40 -36.54 38.86
N PHE E 347 -27.72 -36.60 38.78
CA PHE E 347 -28.46 -35.92 37.71
C PHE E 347 -28.82 -34.52 38.18
N ILE E 348 -29.00 -33.61 37.21
CA ILE E 348 -29.34 -32.24 37.48
C ILE E 348 -30.50 -31.85 36.54
N ASP E 349 -31.19 -30.74 36.91
CA ASP E 349 -32.20 -30.23 36.00
C ASP E 349 -31.57 -29.63 34.75
N ASN E 350 -32.23 -29.80 33.61
CA ASN E 350 -31.76 -29.24 32.38
C ASN E 350 -32.05 -27.73 32.35
N TYR E 351 -31.86 -27.11 31.19
CA TYR E 351 -31.88 -25.66 31.13
C TYR E 351 -33.29 -25.07 31.44
N ASP E 352 -34.35 -25.78 31.13
CA ASP E 352 -35.69 -25.26 31.34
C ASP E 352 -36.48 -25.94 32.45
N GLY E 353 -35.88 -26.93 33.13
CA GLY E 353 -36.59 -27.63 34.20
C GLY E 353 -37.57 -28.66 33.73
N ASN E 354 -37.60 -28.96 32.45
CA ASN E 354 -38.48 -30.00 31.90
C ASN E 354 -37.81 -31.36 31.80
N GLU E 355 -36.48 -31.41 31.86
CA GLU E 355 -35.75 -32.67 31.75
C GLU E 355 -34.71 -32.78 32.85
N ARG E 356 -34.10 -33.94 32.95
CA ARG E 356 -32.96 -34.18 33.84
C ARG E 356 -31.81 -34.71 32.98
N GLU E 357 -30.59 -34.25 33.29
CA GLU E 357 -29.43 -34.65 32.54
C GLU E 357 -28.28 -34.99 33.49
N PRO E 358 -27.35 -35.81 33.09
CA PRO E 358 -26.27 -36.20 33.99
C PRO E 358 -25.24 -35.11 34.16
N SER E 359 -24.77 -34.98 35.40
CA SER E 359 -23.64 -34.05 35.66
C SER E 359 -22.39 -34.59 35.11
N VAL E 360 -22.24 -35.87 35.06
CA VAL E 360 -21.00 -36.55 34.58
C VAL E 360 -21.43 -37.96 34.17
N LEU E 361 -20.72 -38.57 33.29
CA LEU E 361 -21.01 -39.96 32.93
C LEU E 361 -20.16 -40.90 33.78
N PRO E 362 -20.64 -42.14 34.03
CA PRO E 362 -19.87 -43.07 34.83
C PRO E 362 -18.46 -43.34 34.30
N ALA E 363 -18.29 -43.34 32.98
CA ALA E 363 -16.98 -43.29 32.32
C ALA E 363 -16.09 -44.41 32.80
N ARG E 364 -16.49 -45.63 32.41
CA ARG E 364 -15.76 -46.81 32.91
C ARG E 364 -14.43 -46.99 32.24
N PHE E 365 -14.02 -46.08 31.32
CA PHE E 365 -12.62 -46.08 30.86
C PHE E 365 -12.13 -44.63 30.89
N PRO E 366 -10.82 -44.40 31.04
CA PRO E 366 -10.30 -43.03 31.21
C PRO E 366 -10.34 -42.23 29.93
N ASN E 367 -11.47 -41.58 29.66
CA ASN E 367 -11.69 -41.02 28.33
C ASN E 367 -11.00 -39.69 28.12
N LEU E 368 -10.82 -38.88 29.19
CA LEU E 368 -10.11 -37.60 29.04
C LEU E 368 -8.79 -37.86 28.35
N LEU E 369 -7.92 -38.71 28.93
CA LEU E 369 -6.61 -38.94 28.37
C LEU E 369 -6.66 -39.85 27.11
N ALA E 370 -7.66 -40.74 27.00
CA ALA E 370 -7.71 -41.65 25.90
C ALA E 370 -8.02 -40.90 24.56
N ASN E 371 -9.01 -40.03 24.57
CA ASN E 371 -9.38 -39.29 23.37
C ASN E 371 -8.85 -37.87 23.30
N GLY E 372 -8.29 -37.39 24.40
CA GLY E 372 -7.74 -36.05 24.44
C GLY E 372 -8.83 -35.00 24.47
N ALA E 373 -8.39 -33.74 24.41
CA ALA E 373 -9.30 -32.62 24.44
C ALA E 373 -8.60 -31.41 23.89
N SER E 374 -9.38 -30.55 23.20
CA SER E 374 -8.85 -29.22 22.83
C SER E 374 -9.98 -28.24 22.95
N GLY E 375 -9.74 -27.12 23.64
CA GLY E 375 -10.77 -26.10 23.82
C GLY E 375 -10.19 -24.77 24.18
N ILE E 376 -10.71 -23.70 23.52
CA ILE E 376 -10.24 -22.33 23.85
C ILE E 376 -11.37 -21.76 24.74
N ALA E 377 -11.04 -21.44 25.97
CA ALA E 377 -12.03 -20.89 26.89
C ALA E 377 -11.90 -19.41 26.98
N VAL E 378 -12.02 -18.81 28.15
CA VAL E 378 -11.63 -17.41 28.40
C VAL E 378 -10.69 -17.42 29.56
N GLY E 379 -9.62 -16.66 29.44
CA GLY E 379 -8.48 -16.64 30.42
C GLY E 379 -7.62 -17.87 30.43
N MET E 380 -7.92 -18.86 29.61
CA MET E 380 -7.20 -20.13 29.56
C MET E 380 -7.72 -20.94 28.39
N ALA E 381 -6.99 -21.97 28.04
CA ALA E 381 -7.35 -22.93 27.02
C ALA E 381 -6.78 -24.28 27.44
N THR E 382 -7.23 -25.34 26.75
CA THR E 382 -6.76 -26.68 27.08
C THR E 382 -6.30 -27.37 25.78
N ASN E 383 -5.36 -28.31 25.95
CA ASN E 383 -4.83 -29.06 24.82
C ASN E 383 -4.22 -30.31 25.38
N ILE E 384 -4.99 -31.41 25.32
CA ILE E 384 -4.60 -32.67 25.93
C ILE E 384 -4.50 -33.68 24.75
N PRO E 385 -3.37 -34.33 24.57
CA PRO E 385 -3.29 -35.28 23.45
C PRO E 385 -3.97 -36.60 23.81
N PRO E 386 -4.36 -37.40 22.81
CA PRO E 386 -4.92 -38.71 23.09
C PRO E 386 -3.84 -39.74 23.45
N HIS E 387 -4.28 -40.86 23.99
CA HIS E 387 -3.37 -41.86 24.53
C HIS E 387 -3.88 -43.27 24.24
N ASN E 388 -2.98 -44.23 24.40
CA ASN E 388 -3.35 -45.62 24.16
C ASN E 388 -4.10 -46.17 25.39
N LEU E 389 -5.24 -46.83 25.11
CA LEU E 389 -6.11 -47.26 26.19
C LEU E 389 -5.47 -48.37 27.04
N THR E 390 -4.76 -49.31 26.41
CA THR E 390 -4.10 -50.35 27.17
C THR E 390 -3.05 -49.75 28.12
N GLU E 391 -2.27 -48.79 27.63
CA GLU E 391 -1.29 -48.14 28.47
C GLU E 391 -1.95 -47.39 29.61
N LEU E 392 -3.03 -46.66 29.31
CA LEU E 392 -3.69 -45.86 30.34
C LEU E 392 -4.22 -46.73 31.46
N ILE E 393 -4.94 -47.81 31.12
CA ILE E 393 -5.51 -48.66 32.15
C ILE E 393 -4.42 -49.37 32.94
N ASN E 394 -3.31 -49.70 32.28
CA ASN E 394 -2.15 -50.22 33.01
C ASN E 394 -1.64 -49.18 34.01
N GLY E 395 -1.60 -47.92 33.61
CA GLY E 395 -1.16 -46.88 34.53
C GLY E 395 -2.11 -46.73 35.71
N VAL E 396 -3.42 -46.78 35.47
CA VAL E 396 -4.39 -46.69 36.55
C VAL E 396 -4.27 -47.90 37.46
N LEU E 397 -4.03 -49.07 36.88
CA LEU E 397 -3.85 -50.29 37.69
C LEU E 397 -2.60 -50.18 38.55
N SER E 398 -1.50 -49.63 38.01
CA SER E 398 -0.31 -49.44 38.82
C SER E 398 -0.55 -48.39 39.91
N LEU E 399 -1.30 -47.34 39.58
CA LEU E 399 -1.58 -46.33 40.59
C LEU E 399 -2.45 -46.85 41.71
N SER E 400 -3.47 -47.68 41.39
CA SER E 400 -4.35 -48.24 42.43
C SER E 400 -3.59 -49.13 43.40
N LYS E 401 -2.44 -49.67 43.00
CA LYS E 401 -1.62 -50.49 43.88
C LYS E 401 -0.52 -49.72 44.57
N ASN E 402 -0.30 -48.45 44.19
CA ASN E 402 0.77 -47.64 44.76
C ASN E 402 0.41 -46.18 44.67
N PRO E 403 -0.27 -45.64 45.68
CA PRO E 403 -0.64 -44.22 45.64
C PRO E 403 0.55 -43.28 45.55
N ASP E 404 1.72 -43.70 46.00
CA ASP E 404 2.92 -42.89 45.96
C ASP E 404 3.74 -43.10 44.70
N ILE E 405 3.14 -43.72 43.67
CA ILE E 405 3.84 -43.94 42.41
C ILE E 405 4.26 -42.59 41.83
N SER E 406 5.44 -42.60 41.20
CA SER E 406 5.97 -41.33 40.65
C SER E 406 5.51 -41.24 39.16
N ILE E 407 5.72 -40.06 38.59
CA ILE E 407 5.36 -39.87 37.18
C ILE E 407 6.28 -40.69 36.29
N ALA E 408 7.58 -40.76 36.64
CA ALA E 408 8.49 -41.57 35.83
C ALA E 408 8.13 -43.05 35.91
N GLU E 409 7.57 -43.50 37.04
N GLU E 409 7.56 -43.51 37.03
CA GLU E 409 7.13 -44.88 37.14
CA GLU E 409 7.14 -44.88 37.13
C GLU E 409 5.84 -45.12 36.32
C GLU E 409 5.83 -45.12 36.32
N LEU E 410 4.92 -44.17 36.32
CA LEU E 410 3.74 -44.29 35.49
C LEU E 410 4.09 -44.27 34.01
N MET E 411 5.18 -43.59 33.62
CA MET E 411 5.60 -43.59 32.23
C MET E 411 6.19 -44.94 31.79
N GLU E 412 6.40 -45.87 32.74
CA GLU E 412 6.71 -47.23 32.32
C GLU E 412 5.48 -47.92 31.74
N ASP E 413 4.28 -47.45 32.09
CA ASP E 413 3.05 -47.87 31.45
C ASP E 413 2.66 -46.95 30.34
N ILE E 414 2.63 -45.65 30.61
CA ILE E 414 2.13 -44.64 29.65
C ILE E 414 3.34 -44.02 29.00
N GLU E 415 3.72 -44.55 27.84
CA GLU E 415 4.94 -44.09 27.13
C GLU E 415 4.82 -42.66 26.64
N GLY E 416 3.60 -42.22 26.40
CA GLY E 416 3.38 -40.91 25.80
C GLY E 416 2.06 -40.91 25.03
N PRO E 417 1.81 -39.84 24.30
CA PRO E 417 0.56 -39.78 23.50
C PRO E 417 0.55 -40.88 22.44
N ASP E 418 -0.66 -41.21 22.01
CA ASP E 418 -0.88 -42.17 20.94
C ASP E 418 -1.97 -41.61 20.06
N PHE E 419 -1.57 -41.04 18.93
CA PHE E 419 -2.54 -40.34 18.07
C PHE E 419 -3.24 -41.32 17.13
N PRO E 420 -4.52 -41.06 16.83
CA PRO E 420 -5.21 -41.94 15.86
C PRO E 420 -4.54 -41.96 14.48
N THR E 421 -3.85 -40.90 14.14
CA THR E 421 -3.17 -40.75 12.88
C THR E 421 -1.74 -41.31 12.91
N ALA E 422 -1.36 -42.01 13.98
CA ALA E 422 -0.10 -42.76 14.09
C ALA E 422 1.08 -41.74 14.01
N GLY E 423 1.97 -41.88 13.05
CA GLY E 423 3.10 -40.99 12.97
C GLY E 423 4.18 -41.27 13.96
N LEU E 424 5.02 -40.27 14.22
CA LEU E 424 6.18 -40.40 15.11
C LEU E 424 6.25 -39.24 16.07
N ILE E 425 6.88 -39.48 17.21
CA ILE E 425 7.21 -38.43 18.19
C ILE E 425 8.72 -38.44 18.35
N LEU E 426 9.31 -37.25 18.39
CA LEU E 426 10.77 -37.08 18.50
C LEU E 426 11.19 -36.86 19.92
N GLY E 427 11.72 -37.90 20.55
CA GLY E 427 12.32 -37.84 21.89
C GLY E 427 11.22 -37.89 22.96
N LYS E 428 11.67 -38.02 24.21
CA LYS E 428 10.79 -38.07 25.35
C LYS E 428 10.87 -36.82 26.22
N SER E 429 11.73 -35.89 25.88
N SER E 429 11.73 -35.89 25.89
CA SER E 429 11.95 -34.69 26.71
CA SER E 429 11.93 -34.70 26.74
C SER E 429 10.65 -33.89 26.82
C SER E 429 10.64 -33.89 26.83
N GLY E 430 9.97 -33.67 25.71
CA GLY E 430 8.72 -32.92 25.74
C GLY E 430 7.58 -33.70 26.39
N ILE E 431 7.54 -35.03 26.19
CA ILE E 431 6.54 -35.86 26.82
C ILE E 431 6.68 -35.79 28.35
N ARG E 432 7.93 -35.91 28.84
CA ARG E 432 8.15 -35.90 30.26
C ARG E 432 7.74 -34.59 30.91
N ARG E 433 8.08 -33.50 30.28
CA ARG E 433 7.75 -32.23 30.80
C ARG E 433 6.21 -32.05 30.89
N ALA E 434 5.49 -32.49 29.88
CA ALA E 434 4.03 -32.39 29.91
C ALA E 434 3.43 -33.24 31.01
N TYR E 435 3.95 -34.45 31.23
CA TYR E 435 3.38 -35.30 32.27
C TYR E 435 3.77 -34.84 33.66
N GLU E 436 4.94 -34.20 33.81
CA GLU E 436 5.36 -33.71 35.12
C GLU E 436 4.70 -32.40 35.49
N THR E 437 4.39 -31.55 34.50
CA THR E 437 3.93 -30.21 34.76
C THR E 437 2.56 -29.88 34.15
N GLY E 438 2.05 -30.72 33.27
CA GLY E 438 0.86 -30.38 32.47
C GLY E 438 1.15 -29.58 31.23
N ARG E 439 2.38 -29.14 31.01
CA ARG E 439 2.75 -28.32 29.84
C ARG E 439 4.06 -28.89 29.24
N GLY E 440 4.11 -28.97 27.91
CA GLY E 440 5.27 -29.45 27.22
C GLY E 440 5.05 -29.48 25.72
N SER E 441 6.11 -29.24 24.92
CA SER E 441 6.02 -29.30 23.48
C SER E 441 6.47 -30.65 22.96
N ILE E 442 5.62 -31.28 22.15
CA ILE E 442 5.83 -32.63 21.63
C ILE E 442 5.97 -32.50 20.10
N GLN E 443 7.12 -32.85 19.57
CA GLN E 443 7.35 -32.79 18.14
C GLN E 443 6.76 -34.03 17.47
N MET E 444 5.84 -33.79 16.56
CA MET E 444 5.23 -34.89 15.78
C MET E 444 5.80 -34.83 14.37
N ARG E 445 6.29 -35.97 13.89
CA ARG E 445 6.86 -36.05 12.55
C ARG E 445 6.08 -37.07 11.74
N SER E 446 5.80 -36.73 10.49
CA SER E 446 5.20 -37.67 9.57
C SER E 446 6.09 -38.89 9.40
N ARG E 447 5.47 -40.04 9.08
CA ARG E 447 6.24 -41.20 8.68
C ARG E 447 6.53 -41.13 7.19
N ALA E 448 7.81 -41.14 6.84
CA ALA E 448 8.22 -40.96 5.44
C ALA E 448 9.42 -41.84 5.17
N VAL E 449 9.48 -42.34 3.94
CA VAL E 449 10.57 -43.20 3.48
C VAL E 449 11.04 -42.65 2.16
N ILE E 450 12.24 -43.06 1.78
CA ILE E 450 12.83 -42.61 0.53
C ILE E 450 12.97 -43.83 -0.30
N GLU E 451 12.53 -43.75 -1.55
CA GLU E 451 12.61 -44.90 -2.44
C GLU E 451 13.28 -44.65 -3.77
N GLU E 452 13.75 -45.72 -4.39
CA GLU E 452 14.34 -45.66 -5.71
C GLU E 452 13.21 -45.92 -6.70
N ARG E 453 12.88 -44.93 -7.52
CA ARG E 453 11.77 -45.07 -8.49
C ARG E 453 12.15 -45.48 -9.91
N GLY E 454 13.32 -46.07 -10.07
CA GLY E 454 13.75 -46.53 -11.37
C GLY E 454 14.68 -45.47 -11.87
N GLY E 455 15.48 -45.78 -12.87
CA GLY E 455 16.47 -44.83 -13.34
C GLY E 455 17.38 -44.52 -12.19
N GLY E 456 17.91 -43.30 -12.19
CA GLY E 456 18.82 -42.85 -11.13
C GLY E 456 18.03 -42.12 -10.02
N ARG E 457 16.74 -42.01 -10.24
CA ARG E 457 15.90 -41.19 -9.42
C ARG E 457 15.27 -41.77 -8.13
N GLN E 458 14.83 -40.85 -7.29
CA GLN E 458 14.25 -41.18 -6.01
C GLN E 458 12.94 -40.47 -5.75
N ARG E 459 12.15 -41.01 -4.81
CA ARG E 459 10.89 -40.44 -4.42
C ARG E 459 10.69 -40.57 -2.90
N ILE E 460 9.96 -39.62 -2.34
CA ILE E 460 9.70 -39.57 -0.92
C ILE E 460 8.26 -39.99 -0.76
N VAL E 461 8.01 -40.99 0.07
CA VAL E 461 6.66 -41.43 0.26
C VAL E 461 6.20 -41.29 1.70
N VAL E 462 5.11 -40.56 1.89
CA VAL E 462 4.59 -40.26 3.21
C VAL E 462 3.30 -41.05 3.49
N THR E 463 3.36 -41.92 4.50
CA THR E 463 2.24 -42.78 4.84
C THR E 463 1.48 -42.46 6.13
N GLU E 464 2.03 -41.62 6.96
CA GLU E 464 1.35 -41.15 8.17
C GLU E 464 1.72 -39.69 8.36
N ILE E 465 0.75 -38.88 8.76
CA ILE E 465 0.98 -37.44 8.89
C ILE E 465 0.69 -37.05 10.35
N PRO E 466 1.10 -35.88 10.82
CA PRO E 466 0.82 -35.53 12.21
C PRO E 466 -0.61 -35.30 12.53
N PHE E 467 -0.91 -35.42 13.83
CA PHE E 467 -2.28 -35.29 14.36
C PHE E 467 -2.80 -33.87 14.10
N GLN E 468 -4.03 -33.79 13.70
CA GLN E 468 -4.76 -32.52 13.42
C GLN E 468 -4.23 -31.76 12.23
N VAL E 469 -3.44 -32.41 11.35
CA VAL E 469 -2.85 -31.74 10.18
C VAL E 469 -3.76 -32.02 8.98
N ASN E 470 -4.22 -30.95 8.33
CA ASN E 470 -5.05 -31.06 7.13
C ASN E 470 -4.15 -31.53 5.96
N LYS E 471 -4.43 -32.72 5.45
CA LYS E 471 -3.55 -33.34 4.46
C LYS E 471 -3.48 -32.51 3.18
N ALA E 472 -4.64 -32.06 2.67
CA ALA E 472 -4.66 -31.29 1.44
C ALA E 472 -3.93 -29.95 1.61
N ARG E 473 -4.15 -29.31 2.74
CA ARG E 473 -3.52 -28.07 3.05
C ARG E 473 -2.00 -28.22 3.16
N MET E 474 -1.56 -29.33 3.70
CA MET E 474 -0.13 -29.61 3.82
C MET E 474 0.49 -29.79 2.42
N ILE E 475 -0.15 -30.58 1.57
CA ILE E 475 0.30 -30.75 0.21
C ILE E 475 0.29 -29.38 -0.53
N GLU E 476 -0.70 -28.56 -0.22
CA GLU E 476 -0.75 -27.23 -0.83
C GLU E 476 0.43 -26.37 -0.38
N LYS E 477 0.90 -26.56 0.85
CA LYS E 477 2.04 -25.80 1.33
C LYS E 477 3.32 -26.24 0.63
N ILE E 478 3.48 -27.53 0.38
CA ILE E 478 4.62 -28.03 -0.31
C ILE E 478 4.65 -27.50 -1.75
N ALA E 479 3.50 -27.49 -2.40
CA ALA E 479 3.41 -27.01 -3.77
C ALA E 479 3.76 -25.55 -3.80
N GLU E 480 3.35 -24.83 -2.76
CA GLU E 480 3.58 -23.41 -2.67
C GLU E 480 5.07 -23.11 -2.63
N LEU E 481 5.81 -23.91 -1.90
CA LEU E 481 7.24 -23.69 -1.82
C LEU E 481 7.94 -24.02 -3.13
N VAL E 482 7.52 -25.10 -3.78
CA VAL E 482 8.07 -25.51 -5.02
C VAL E 482 7.79 -24.45 -6.10
N ARG E 483 6.54 -24.00 -6.16
CA ARG E 483 6.13 -22.99 -7.10
C ARG E 483 6.85 -21.68 -6.78
N ASP E 484 6.88 -21.31 -5.51
CA ASP E 484 7.52 -20.10 -5.07
C ASP E 484 9.03 -20.26 -5.18
N LYS E 485 9.51 -21.47 -5.45
CA LYS E 485 10.94 -21.72 -5.61
C LYS E 485 11.75 -21.68 -4.31
N LYS E 486 11.08 -21.78 -3.19
CA LYS E 486 11.79 -21.79 -1.92
C LYS E 486 12.38 -23.17 -1.67
N ILE E 487 12.02 -24.13 -2.49
CA ILE E 487 12.59 -25.46 -2.34
C ILE E 487 12.85 -26.05 -3.71
N ASP E 488 14.03 -26.62 -3.89
CA ASP E 488 14.39 -27.13 -5.20
C ASP E 488 14.69 -28.63 -5.19
N GLY E 489 14.35 -29.28 -6.30
CA GLY E 489 14.56 -30.69 -6.39
C GLY E 489 13.31 -31.53 -6.48
N ILE E 490 12.12 -30.88 -6.43
CA ILE E 490 10.89 -31.61 -6.52
C ILE E 490 10.35 -31.53 -7.95
N THR E 491 10.06 -32.68 -8.53
CA THR E 491 9.56 -32.80 -9.87
C THR E 491 8.05 -32.99 -9.94
N ASP E 492 7.49 -33.66 -8.97
CA ASP E 492 6.05 -33.89 -8.92
C ASP E 492 5.61 -34.08 -7.48
N LEU E 493 4.30 -34.13 -7.29
CA LEU E 493 3.69 -34.20 -5.95
C LEU E 493 2.27 -34.69 -6.12
N ARG E 494 2.00 -35.89 -5.64
CA ARG E 494 0.69 -36.54 -5.83
C ARG E 494 0.17 -37.03 -4.49
N ASP E 495 -1.14 -36.87 -4.27
CA ASP E 495 -1.81 -37.51 -3.15
C ASP E 495 -2.42 -38.81 -3.68
N GLU E 496 -1.81 -39.93 -3.33
CA GLU E 496 -2.30 -41.21 -3.76
C GLU E 496 -3.05 -41.94 -2.64
N THR E 497 -3.58 -41.20 -1.70
CA THR E 497 -4.29 -41.81 -0.60
C THR E 497 -5.49 -42.55 -1.13
N SER E 498 -5.84 -43.65 -0.47
CA SER E 498 -6.97 -44.47 -0.85
C SER E 498 -7.45 -45.25 0.32
N LEU E 499 -8.65 -45.77 0.26
CA LEU E 499 -9.19 -46.53 1.37
C LEU E 499 -8.34 -47.73 1.61
N ARG E 500 -7.91 -48.36 0.53
CA ARG E 500 -7.07 -49.54 0.62
C ARG E 500 -5.72 -49.33 1.26
N THR E 501 -5.02 -48.28 0.86
CA THR E 501 -3.68 -48.06 1.37
C THR E 501 -3.45 -47.05 2.46
N GLY E 502 -4.49 -46.35 2.88
CA GLY E 502 -4.35 -45.35 3.91
C GLY E 502 -3.64 -44.20 3.27
N VAL E 503 -3.08 -43.33 4.10
CA VAL E 503 -2.41 -42.15 3.59
C VAL E 503 -1.22 -42.47 2.70
N ARG E 504 -1.09 -41.76 1.60
CA ARG E 504 0.02 -41.97 0.69
C ARG E 504 0.25 -40.72 -0.15
N VAL E 505 1.27 -39.97 0.20
CA VAL E 505 1.62 -38.75 -0.52
C VAL E 505 3.01 -38.92 -1.12
N VAL E 506 3.10 -38.80 -2.43
CA VAL E 506 4.32 -39.11 -3.18
C VAL E 506 4.97 -37.80 -3.63
N ILE E 507 6.27 -37.68 -3.38
CA ILE E 507 7.04 -36.50 -3.76
C ILE E 507 8.21 -36.99 -4.61
N ASP E 508 8.20 -36.62 -5.89
CA ASP E 508 9.26 -37.03 -6.81
C ASP E 508 10.45 -36.07 -6.80
N VAL E 509 11.64 -36.60 -6.95
CA VAL E 509 12.83 -35.76 -6.92
C VAL E 509 13.76 -35.90 -8.09
N ARG E 510 14.49 -34.81 -8.34
CA ARG E 510 15.43 -34.74 -9.44
C ARG E 510 16.48 -35.80 -9.24
N LYS E 511 16.93 -36.39 -10.34
CA LYS E 511 17.95 -37.41 -10.29
C LYS E 511 19.19 -36.79 -9.68
N ASP E 512 19.86 -37.54 -8.80
CA ASP E 512 21.06 -37.04 -8.17
C ASP E 512 20.80 -35.72 -7.40
N ALA E 513 19.62 -35.61 -6.82
CA ALA E 513 19.25 -34.47 -6.03
C ALA E 513 19.21 -35.11 -4.69
N ASN E 514 19.48 -34.38 -3.62
CA ASN E 514 19.51 -35.02 -2.32
C ASN E 514 18.14 -35.14 -1.68
N ALA E 515 17.67 -36.39 -1.63
CA ALA E 515 16.37 -36.71 -1.08
C ALA E 515 16.32 -36.40 0.40
N SER E 516 17.25 -36.94 1.17
CA SER E 516 17.22 -36.69 2.60
C SER E 516 17.27 -35.21 2.90
N VAL E 517 18.08 -34.46 2.16
CA VAL E 517 18.17 -33.04 2.40
C VAL E 517 16.83 -32.38 2.15
N ILE E 518 16.16 -32.79 1.08
CA ILE E 518 14.84 -32.22 0.77
C ILE E 518 13.82 -32.59 1.84
N LEU E 519 13.88 -33.83 2.30
CA LEU E 519 12.96 -34.28 3.32
C LEU E 519 13.16 -33.47 4.60
N ASN E 520 14.41 -33.25 4.96
CA ASN E 520 14.70 -32.50 6.16
C ASN E 520 14.14 -31.09 6.02
N ASN E 521 14.27 -30.52 4.82
CA ASN E 521 13.74 -29.18 4.61
C ASN E 521 12.22 -29.16 4.76
N LEU E 522 11.58 -30.20 4.27
CA LEU E 522 10.13 -30.29 4.33
C LEU E 522 9.65 -30.35 5.79
N TYR E 523 10.36 -31.09 6.63
CA TYR E 523 9.98 -31.19 8.03
C TYR E 523 10.08 -29.81 8.67
N LYS E 524 11.09 -29.06 8.25
CA LYS E 524 11.30 -27.74 8.77
C LYS E 524 10.36 -26.67 8.30
N GLN E 525 9.99 -26.68 7.02
CA GLN E 525 9.12 -25.64 6.49
C GLN E 525 7.69 -25.94 6.08
N THR E 526 7.20 -27.12 6.43
CA THR E 526 5.84 -27.56 6.14
C THR E 526 5.30 -28.30 7.37
N PRO E 527 4.03 -28.58 7.39
CA PRO E 527 3.39 -29.27 8.51
C PRO E 527 3.78 -30.73 8.56
N LEU E 528 4.69 -31.14 7.68
CA LEU E 528 5.13 -32.52 7.62
C LEU E 528 5.68 -32.89 9.00
N GLN E 529 6.18 -31.88 9.71
CA GLN E 529 6.58 -32.05 11.07
C GLN E 529 5.89 -30.89 11.80
N THR E 530 5.13 -31.21 12.85
CA THR E 530 4.44 -30.16 13.57
C THR E 530 4.49 -30.50 15.06
N SER E 531 4.33 -29.50 15.90
CA SER E 531 4.39 -29.75 17.30
C SER E 531 3.04 -29.67 17.97
N PHE E 532 2.88 -30.41 19.05
CA PHE E 532 1.68 -30.38 19.81
C PHE E 532 2.03 -29.73 21.14
N GLY E 533 1.44 -28.59 21.39
CA GLY E 533 1.67 -27.87 22.65
C GLY E 533 0.73 -28.38 23.73
N VAL E 534 1.22 -29.27 24.58
CA VAL E 534 0.39 -29.87 25.61
C VAL E 534 0.12 -28.79 26.68
N ASN E 535 -1.17 -28.68 27.06
CA ASN E 535 -1.62 -27.74 28.06
C ASN E 535 -2.88 -28.39 28.69
N MET E 536 -2.58 -29.28 29.63
CA MET E 536 -3.59 -30.11 30.27
C MET E 536 -4.43 -29.44 31.33
N ILE E 537 -5.50 -28.77 30.89
CA ILE E 537 -6.44 -28.16 31.76
C ILE E 537 -7.81 -28.83 31.68
N ALA E 538 -8.38 -29.11 32.86
CA ALA E 538 -9.68 -29.74 32.92
C ALA E 538 -10.40 -29.35 34.18
N LEU E 539 -11.71 -29.59 34.23
CA LEU E 539 -12.51 -29.26 35.36
C LEU E 539 -12.34 -30.28 36.48
N VAL E 540 -11.90 -29.81 37.65
CA VAL E 540 -11.75 -30.62 38.82
C VAL E 540 -12.64 -30.04 39.87
N ASN E 541 -13.64 -30.81 40.31
CA ASN E 541 -14.61 -30.33 41.26
C ASN E 541 -15.32 -29.09 40.67
N GLY E 542 -15.52 -29.03 39.38
CA GLY E 542 -16.24 -27.94 38.80
C GLY E 542 -15.38 -26.69 38.50
N ARG E 543 -14.08 -26.77 38.71
CA ARG E 543 -13.24 -25.62 38.56
C ARG E 543 -11.99 -25.98 37.68
N PRO E 544 -11.55 -24.97 36.80
CA PRO E 544 -10.46 -25.38 36.00
C PRO E 544 -9.10 -25.51 36.78
N LYS E 545 -8.36 -26.53 36.40
N LYS E 545 -8.35 -26.55 36.44
CA LYS E 545 -7.04 -26.72 36.93
CA LYS E 545 -7.03 -26.70 36.95
C LYS E 545 -6.09 -27.26 35.88
C LYS E 545 -6.08 -27.27 35.91
N LEU E 546 -4.91 -26.72 35.80
CA LEU E 546 -3.77 -27.39 35.10
C LEU E 546 -3.32 -28.61 35.88
N ILE E 547 -3.28 -29.74 35.22
CA ILE E 547 -2.96 -30.98 35.95
C ILE E 547 -1.83 -31.80 35.26
N ASN E 548 -1.09 -32.55 36.08
CA ASN E 548 -0.08 -33.39 35.50
C ASN E 548 -0.68 -34.78 35.28
N LEU E 549 0.12 -35.71 34.73
CA LEU E 549 -0.40 -37.02 34.37
C LEU E 549 -0.98 -37.73 35.58
N LYS E 550 -0.25 -37.68 36.71
CA LYS E 550 -0.72 -38.44 37.89
C LYS E 550 -2.00 -37.82 38.46
N GLU E 551 -2.09 -36.51 38.43
CA GLU E 551 -3.30 -35.88 38.92
C GLU E 551 -4.48 -36.38 38.07
N ALA E 552 -4.33 -36.32 36.76
CA ALA E 552 -5.40 -36.82 35.90
C ALA E 552 -5.83 -38.20 36.23
N LEU E 553 -4.86 -39.11 36.45
CA LEU E 553 -5.23 -40.50 36.75
C LEU E 553 -5.81 -40.65 38.12
N VAL E 554 -5.35 -39.84 39.10
CA VAL E 554 -5.87 -39.94 40.48
C VAL E 554 -7.37 -39.52 40.50
N HIS E 555 -7.68 -38.42 39.82
CA HIS E 555 -9.05 -37.97 39.77
C HIS E 555 -9.94 -38.98 39.06
N TYR E 556 -9.42 -39.61 38.01
CA TYR E 556 -10.22 -40.61 37.33
C TYR E 556 -10.46 -41.83 38.20
N LEU E 557 -9.41 -42.30 38.90
CA LEU E 557 -9.57 -43.48 39.73
C LEU E 557 -10.55 -43.23 40.88
N GLU E 558 -10.52 -42.05 41.49
CA GLU E 558 -11.47 -41.71 42.52
C GLU E 558 -12.89 -41.71 41.99
N HIS E 559 -13.06 -41.23 40.74
CA HIS E 559 -14.39 -41.29 40.11
C HIS E 559 -14.86 -42.74 39.96
N GLN E 560 -13.98 -43.66 39.54
CA GLN E 560 -14.37 -45.01 39.39
C GLN E 560 -14.69 -45.70 40.73
N LYS E 561 -13.94 -45.37 41.78
CA LYS E 561 -14.25 -45.91 43.11
C LYS E 561 -15.63 -45.44 43.57
N THR E 562 -15.96 -44.17 43.33
CA THR E 562 -17.28 -43.67 43.71
C THR E 562 -18.38 -44.28 42.90
N VAL E 563 -18.15 -44.44 41.58
CA VAL E 563 -19.18 -45.02 40.71
C VAL E 563 -19.48 -46.45 41.13
N VAL E 564 -18.43 -47.27 41.33
CA VAL E 564 -18.64 -48.69 41.66
C VAL E 564 -19.23 -48.81 43.06
N ARG E 565 -18.82 -47.95 43.98
CA ARG E 565 -19.38 -47.98 45.33
C ARG E 565 -20.87 -47.60 45.31
N ARG E 566 -21.23 -46.52 44.60
CA ARG E 566 -22.62 -46.12 44.49
C ARG E 566 -23.46 -47.19 43.80
N ARG E 567 -22.88 -47.83 42.76
CA ARG E 567 -23.61 -48.89 42.08
C ARG E 567 -23.87 -50.08 43.02
N THR E 568 -22.86 -50.44 43.81
CA THR E 568 -23.01 -51.57 44.75
C THR E 568 -24.10 -51.25 45.78
N GLN E 569 -24.15 -50.01 46.29
CA GLN E 569 -25.17 -49.64 47.22
C GLN E 569 -26.56 -49.69 46.57
N TYR E 570 -26.66 -49.21 45.30
CA TYR E 570 -27.91 -49.31 44.60
C TYR E 570 -28.34 -50.73 44.42
N ASN E 571 -27.41 -51.60 44.00
CA ASN E 571 -27.75 -53.01 43.79
C ASN E 571 -28.16 -53.66 45.10
N LEU E 572 -27.53 -53.28 46.21
CA LEU E 572 -27.88 -53.87 47.51
C LEU E 572 -29.29 -53.47 47.92
N ARG E 573 -29.65 -52.21 47.81
CA ARG E 573 -31.01 -51.76 48.08
C ARG E 573 -31.99 -52.56 47.25
N LYS E 574 -31.73 -52.67 45.96
N LYS E 574 -31.80 -52.68 45.94
CA LYS E 574 -32.62 -53.37 45.07
CA LYS E 574 -32.70 -53.40 45.10
C LYS E 574 -32.72 -54.85 45.41
C LYS E 574 -32.75 -54.88 45.44
N ALA E 575 -31.60 -55.48 45.72
CA ALA E 575 -31.62 -56.91 46.07
C ALA E 575 -32.35 -57.16 47.37
N LYS E 576 -32.16 -56.30 48.36
CA LYS E 576 -32.87 -56.49 49.64
C LYS E 576 -34.37 -56.30 49.47
N ASP E 577 -34.79 -55.32 48.66
CA ASP E 577 -36.21 -55.15 48.38
C ASP E 577 -36.78 -56.39 47.71
N ARG E 578 -36.07 -56.93 46.71
CA ARG E 578 -36.56 -58.08 45.99
C ARG E 578 -36.60 -59.33 46.91
N ALA E 579 -35.57 -59.51 47.73
CA ALA E 579 -35.58 -60.61 48.67
C ALA E 579 -36.75 -60.49 49.65
N HIS E 580 -37.03 -59.28 50.08
CA HIS E 580 -38.16 -59.04 50.98
C HIS E 580 -39.46 -59.48 50.31
N ILE E 581 -39.66 -59.04 49.05
CA ILE E 581 -40.85 -59.45 48.33
C ILE E 581 -40.90 -60.98 48.17
N LEU E 582 -39.75 -61.60 47.84
CA LEU E 582 -39.74 -63.04 47.64
C LEU E 582 -40.10 -63.80 48.91
N GLU E 583 -39.77 -63.25 50.06
CA GLU E 583 -40.13 -63.88 51.30
C GLU E 583 -41.63 -63.94 51.45
N GLY E 584 -42.34 -62.85 51.12
CA GLY E 584 -43.77 -62.82 51.22
C GLY E 584 -44.45 -63.76 50.24
N LEU E 585 -43.87 -63.92 49.06
CA LEU E 585 -44.44 -64.83 48.07
C LEU E 585 -44.25 -66.29 48.48
N ARG E 586 -43.13 -66.60 49.11
CA ARG E 586 -42.92 -67.94 49.63
C ARG E 586 -43.95 -68.30 50.66
N ILE E 587 -44.24 -67.36 51.55
CA ILE E 587 -45.24 -67.59 52.57
C ILE E 587 -46.59 -67.79 51.87
N ALA E 588 -46.96 -66.88 50.97
CA ALA E 588 -48.23 -66.96 50.33
C ALA E 588 -48.40 -68.26 49.55
N LEU E 589 -47.36 -68.66 48.81
CA LEU E 589 -47.48 -69.87 48.01
C LEU E 589 -47.54 -71.15 48.87
N ASP E 590 -46.89 -71.13 50.02
N ASP E 590 -46.85 -71.19 50.00
CA ASP E 590 -46.91 -72.28 50.91
CA ASP E 590 -46.84 -72.26 50.97
C ASP E 590 -48.21 -72.40 51.69
C ASP E 590 -48.19 -72.41 51.68
N HIS E 591 -49.00 -71.34 51.69
CA HIS E 591 -50.30 -71.30 52.35
C HIS E 591 -51.31 -70.70 51.41
N ILE E 592 -51.26 -71.14 50.17
CA ILE E 592 -52.09 -70.53 49.14
C ILE E 592 -53.59 -70.61 49.41
N ASP E 593 -54.07 -71.73 49.96
CA ASP E 593 -55.48 -71.83 50.23
C ASP E 593 -55.93 -70.77 51.23
N GLU E 594 -55.14 -70.56 52.27
CA GLU E 594 -55.49 -69.58 53.26
C GLU E 594 -55.44 -68.18 52.68
N ILE E 595 -54.42 -67.91 51.84
CA ILE E 595 -54.29 -66.59 51.24
C ILE E 595 -55.52 -66.30 50.35
N ILE E 596 -55.88 -67.25 49.52
CA ILE E 596 -56.99 -67.05 48.63
C ILE E 596 -58.30 -66.81 49.35
N SER E 597 -58.56 -67.58 50.41
CA SER E 597 -59.79 -67.42 51.17
C SER E 597 -59.82 -66.07 51.90
N THR E 598 -58.68 -65.65 52.46
CA THR E 598 -58.59 -64.32 53.03
C THR E 598 -58.94 -63.26 52.00
N ILE E 599 -58.52 -63.47 50.77
CA ILE E 599 -58.75 -62.48 49.72
C ILE E 599 -60.22 -62.52 49.27
N ARG E 600 -60.79 -63.70 49.19
CA ARG E 600 -62.17 -63.82 48.73
C ARG E 600 -63.15 -63.21 49.72
N GLU E 601 -62.88 -63.34 51.02
CA GLU E 601 -63.77 -62.81 52.03
C GLU E 601 -63.67 -61.29 52.17
N SER E 602 -62.76 -60.64 51.46
CA SER E 602 -62.52 -59.21 51.63
C SER E 602 -63.35 -58.41 50.62
N ASP E 603 -64.02 -57.36 51.08
CA ASP E 603 -64.81 -56.52 50.22
C ASP E 603 -63.94 -55.72 49.23
N THR E 604 -62.92 -55.04 49.78
CA THR E 604 -62.11 -54.14 48.99
C THR E 604 -60.65 -54.58 49.01
N ASP E 605 -59.84 -53.99 48.15
N ASP E 605 -59.85 -53.97 48.15
CA ASP E 605 -58.40 -54.24 48.18
CA ASP E 605 -58.41 -54.20 48.14
C ASP E 605 -57.79 -53.81 49.51
C ASP E 605 -57.79 -53.80 49.47
N LYS E 606 -58.31 -52.74 50.09
CA LYS E 606 -57.78 -52.26 51.35
C LYS E 606 -58.07 -53.25 52.48
N VAL E 607 -59.24 -53.88 52.46
CA VAL E 607 -59.56 -54.90 53.46
C VAL E 607 -58.62 -56.08 53.31
N ALA E 608 -58.47 -56.59 52.08
CA ALA E 608 -57.59 -57.72 51.83
C ALA E 608 -56.16 -57.39 52.23
N MET E 609 -55.73 -56.17 51.95
CA MET E 609 -54.41 -55.75 52.33
C MET E 609 -54.21 -55.84 53.84
N GLU E 610 -55.16 -55.32 54.61
CA GLU E 610 -55.02 -55.33 56.06
C GLU E 610 -55.13 -56.73 56.63
N SER E 611 -56.03 -57.55 56.09
CA SER E 611 -56.18 -58.92 56.58
C SER E 611 -54.94 -59.73 56.28
N LEU E 612 -54.32 -59.56 55.13
CA LEU E 612 -53.11 -60.32 54.81
C LEU E 612 -52.01 -59.94 55.77
N GLN E 613 -51.87 -58.68 56.09
CA GLN E 613 -50.85 -58.21 57.00
C GLN E 613 -51.02 -58.76 58.42
N GLN E 614 -52.29 -58.86 58.90
CA GLN E 614 -52.58 -59.35 60.22
C GLN E 614 -52.50 -60.90 60.34
N ARG E 615 -53.02 -61.36 59.37
N ARG E 615 -53.09 -61.33 59.41
CA ARG E 615 -53.09 -62.88 59.54
CA ARG E 615 -53.08 -62.88 59.57
C ARG E 615 -51.71 -63.53 59.40
C ARG E 615 -51.66 -63.48 59.48
N PHE E 616 -50.89 -62.94 58.55
CA PHE E 616 -49.70 -63.62 58.19
C PHE E 616 -48.44 -62.91 58.55
N LYS E 617 -48.55 -61.78 59.23
N LYS E 617 -48.61 -61.78 59.22
CA LYS E 617 -47.39 -60.97 59.63
CA LYS E 617 -47.51 -60.90 59.63
C LYS E 617 -46.57 -60.40 58.51
C LYS E 617 -46.59 -60.50 58.49
N LEU E 618 -47.10 -60.23 57.36
CA LEU E 618 -46.55 -59.65 56.21
C LEU E 618 -46.52 -58.12 56.27
N SER E 619 -45.64 -57.54 55.49
CA SER E 619 -45.54 -56.10 55.38
C SER E 619 -46.51 -55.62 54.30
N GLU E 620 -46.65 -54.31 54.21
CA GLU E 620 -47.53 -53.73 53.23
C GLU E 620 -47.04 -54.04 51.82
N LYS E 621 -45.73 -53.94 51.61
CA LYS E 621 -45.17 -54.23 50.31
C LYS E 621 -45.36 -55.70 49.93
N GLN E 622 -45.19 -56.58 50.90
CA GLN E 622 -45.38 -58.00 50.65
C GLN E 622 -46.84 -58.31 50.34
N ALA E 623 -47.76 -57.66 51.06
CA ALA E 623 -49.17 -57.88 50.81
C ALA E 623 -49.58 -57.40 49.42
N GLN E 624 -49.06 -56.26 49.00
CA GLN E 624 -49.37 -55.74 47.69
C GLN E 624 -48.87 -56.69 46.61
N ALA E 625 -47.67 -57.23 46.82
CA ALA E 625 -47.07 -58.14 45.86
C ALA E 625 -47.90 -59.41 45.74
N ILE E 626 -48.42 -59.91 46.88
CA ILE E 626 -49.22 -61.10 46.84
C ILE E 626 -50.53 -60.83 46.07
N LEU E 627 -51.09 -59.67 46.28
CA LEU E 627 -52.31 -59.26 45.60
C LEU E 627 -52.08 -59.12 44.09
N ASP E 628 -50.87 -58.65 43.69
CA ASP E 628 -50.52 -58.49 42.30
C ASP E 628 -50.12 -59.78 41.63
N MET E 629 -49.96 -60.84 42.39
CA MET E 629 -49.56 -62.15 41.84
C MET E 629 -50.65 -62.75 40.98
N ARG E 630 -50.23 -63.31 39.82
CA ARG E 630 -51.17 -63.96 38.89
C ARG E 630 -51.45 -65.39 39.27
N LEU E 631 -52.59 -65.95 38.84
CA LEU E 631 -52.90 -67.34 39.21
C LEU E 631 -51.97 -68.39 38.57
N ARG E 632 -51.23 -68.01 37.52
CA ARG E 632 -50.27 -68.95 36.94
C ARG E 632 -49.04 -69.18 37.81
N ARG E 633 -48.82 -68.33 38.81
CA ARG E 633 -47.73 -68.60 39.76
C ARG E 633 -48.02 -69.80 40.66
N LEU E 634 -49.23 -70.35 40.56
CA LEU E 634 -49.59 -71.48 41.40
C LEU E 634 -49.10 -72.83 40.86
N THR E 635 -48.71 -72.88 39.59
CA THR E 635 -48.21 -74.11 39.03
C THR E 635 -46.96 -74.59 39.77
N GLY E 636 -46.61 -75.85 39.57
CA GLY E 636 -45.57 -76.47 40.37
C GLY E 636 -44.17 -75.89 40.17
N LEU E 637 -43.82 -75.63 38.92
CA LEU E 637 -42.46 -75.12 38.63
C LEU E 637 -42.23 -73.76 39.22
N GLU E 638 -43.28 -72.98 39.47
CA GLU E 638 -43.08 -71.61 39.93
C GLU E 638 -42.54 -71.55 41.35
N ARG E 639 -42.95 -72.51 42.21
CA ARG E 639 -42.49 -72.48 43.58
C ARG E 639 -40.97 -72.76 43.65
N ASP E 640 -40.48 -73.71 42.83
CA ASP E 640 -39.05 -73.95 42.78
C ASP E 640 -38.30 -72.80 42.14
N LYS E 641 -38.91 -72.18 41.14
N LYS E 641 -38.87 -72.14 41.15
CA LYS E 641 -38.28 -71.01 40.49
CA LYS E 641 -38.25 -70.96 40.51
C LYS E 641 -38.09 -69.87 41.53
C LYS E 641 -38.09 -69.84 41.54
N ILE E 642 -39.12 -69.63 42.33
CA ILE E 642 -39.04 -68.58 43.34
C ILE E 642 -38.02 -68.92 44.39
N GLU E 643 -37.94 -70.19 44.80
CA GLU E 643 -36.95 -70.60 45.79
C GLU E 643 -35.54 -70.44 45.25
N ALA E 644 -35.33 -70.80 44.00
CA ALA E 644 -34.00 -70.68 43.39
C ALA E 644 -33.55 -69.23 43.29
N GLU E 645 -34.46 -68.34 42.93
CA GLU E 645 -34.12 -66.92 42.83
C GLU E 645 -33.79 -66.37 44.21
N TYR E 646 -34.56 -66.79 45.22
CA TYR E 646 -34.33 -66.29 46.56
C TYR E 646 -32.97 -66.73 47.06
N ASN E 647 -32.62 -67.98 46.81
CA ASN E 647 -31.32 -68.49 47.27
C ASN E 647 -30.16 -67.74 46.62
N GLU E 648 -30.29 -67.47 45.32
N GLU E 648 -30.21 -67.47 45.36
CA GLU E 648 -29.26 -66.76 44.60
CA GLU E 648 -29.18 -66.75 44.66
C GLU E 648 -29.12 -65.33 45.10
C GLU E 648 -29.04 -65.32 45.16
N LEU E 649 -30.23 -64.71 45.43
CA LEU E 649 -30.23 -63.34 45.93
C LEU E 649 -29.48 -63.25 47.27
N LEU E 650 -29.65 -64.27 48.12
CA LEU E 650 -28.99 -64.24 49.38
C LEU E 650 -27.49 -64.24 49.18
N ASN E 651 -27.01 -65.03 48.24
CA ASN E 651 -25.59 -65.06 47.94
C ASN E 651 -25.15 -63.72 47.38
N TYR E 652 -25.97 -63.15 46.50
CA TYR E 652 -25.67 -61.86 45.88
C TYR E 652 -25.61 -60.75 46.92
N ILE E 653 -26.52 -60.77 47.85
CA ILE E 653 -26.58 -59.78 48.92
C ILE E 653 -25.34 -59.79 49.79
N SER E 654 -24.87 -60.98 50.16
CA SER E 654 -23.67 -61.04 50.98
C SER E 654 -22.42 -60.66 50.17
N GLU E 655 -22.42 -60.96 48.87
CA GLU E 655 -21.32 -60.51 48.02
C GLU E 655 -21.25 -58.96 47.95
N LEU E 656 -22.39 -58.32 47.81
CA LEU E 656 -22.44 -56.86 47.78
C LEU E 656 -21.99 -56.25 49.13
N GLU E 657 -22.47 -56.83 50.24
CA GLU E 657 -22.10 -56.32 51.53
C GLU E 657 -20.61 -56.49 51.80
N THR E 658 -20.00 -57.56 51.26
CA THR E 658 -18.56 -57.72 51.34
C THR E 658 -17.83 -56.57 50.68
N ILE E 659 -18.31 -56.15 49.49
CA ILE E 659 -17.69 -55.05 48.77
C ILE E 659 -17.80 -53.76 49.58
N LEU E 660 -18.96 -53.49 50.16
CA LEU E 660 -19.14 -52.28 50.92
C LEU E 660 -18.43 -52.32 52.28
N ALA E 661 -18.09 -53.51 52.77
CA ALA E 661 -17.46 -53.63 54.09
C ALA E 661 -15.93 -53.48 54.01
N ASP E 662 -15.33 -53.62 52.83
CA ASP E 662 -13.88 -53.69 52.75
C ASP E 662 -13.45 -52.84 51.52
N GLU E 663 -12.69 -51.78 51.81
CA GLU E 663 -12.26 -50.90 50.74
C GLU E 663 -11.32 -51.59 49.76
N GLU E 664 -10.59 -52.63 50.21
CA GLU E 664 -9.74 -53.37 49.30
C GLU E 664 -10.53 -54.29 48.38
N VAL E 665 -11.66 -54.84 48.87
CA VAL E 665 -12.52 -55.63 48.01
C VAL E 665 -13.16 -54.72 46.94
N LEU E 666 -13.54 -53.51 47.34
N LEU E 666 -13.55 -53.52 47.35
CA LEU E 666 -14.08 -52.55 46.38
CA LEU E 666 -14.08 -52.55 46.38
C LEU E 666 -13.01 -52.17 45.34
C LEU E 666 -13.01 -52.20 45.35
N LEU E 667 -11.80 -51.86 45.82
CA LEU E 667 -10.75 -51.45 44.90
C LEU E 667 -10.40 -52.59 43.92
N GLN E 668 -10.42 -53.84 44.39
CA GLN E 668 -10.14 -54.95 43.52
C GLN E 668 -11.23 -55.14 42.47
N LEU E 669 -12.50 -54.81 42.82
CA LEU E 669 -13.56 -54.89 41.85
C LEU E 669 -13.39 -53.84 40.75
N VAL E 670 -12.95 -52.64 41.12
CA VAL E 670 -12.61 -51.60 40.12
C VAL E 670 -11.48 -52.12 39.21
N ARG E 671 -10.46 -52.76 39.79
CA ARG E 671 -9.36 -53.29 39.01
C ARG E 671 -9.85 -54.34 38.01
N ASP E 672 -10.67 -55.31 38.48
CA ASP E 672 -11.14 -56.37 37.62
C ASP E 672 -11.95 -55.81 36.42
N GLU E 673 -12.76 -54.80 36.69
CA GLU E 673 -13.65 -54.27 35.64
C GLU E 673 -12.87 -53.36 34.66
N LEU E 674 -11.87 -52.64 35.13
CA LEU E 674 -10.99 -51.92 34.20
C LEU E 674 -10.17 -52.86 33.35
N THR E 675 -9.63 -53.92 33.97
CA THR E 675 -8.90 -54.95 33.21
C THR E 675 -9.79 -55.57 32.13
N GLU E 676 -11.04 -55.82 32.45
N GLU E 676 -11.04 -55.82 32.45
CA GLU E 676 -11.95 -56.40 31.48
CA GLU E 676 -11.95 -56.40 31.48
C GLU E 676 -12.16 -55.43 30.30
C GLU E 676 -12.17 -55.43 30.29
N ILE E 677 -12.27 -54.14 30.58
CA ILE E 677 -12.42 -53.16 29.51
C ILE E 677 -11.10 -53.07 28.69
N ARG E 678 -9.96 -53.15 29.37
CA ARG E 678 -8.70 -53.23 28.68
C ARG E 678 -8.62 -54.46 27.80
N ASP E 679 -9.11 -55.59 28.30
CA ASP E 679 -9.08 -56.83 27.51
C ASP E 679 -9.98 -56.74 26.29
N ARG E 680 -11.06 -55.99 26.40
N ARG E 680 -11.07 -56.00 26.40
CA ARG E 680 -12.04 -55.97 25.30
CA ARG E 680 -12.03 -55.97 25.29
C ARG E 680 -11.78 -54.83 24.29
C ARG E 680 -11.70 -54.85 24.27
N PHE E 681 -11.22 -53.72 24.73
CA PHE E 681 -11.02 -52.57 23.87
C PHE E 681 -9.61 -52.07 23.71
N GLY E 682 -8.66 -52.59 24.47
CA GLY E 682 -7.26 -52.17 24.29
C GLY E 682 -6.76 -52.59 22.90
N ASP E 683 -5.93 -51.72 22.31
CA ASP E 683 -5.36 -51.99 21.00
C ASP E 683 -3.90 -51.61 20.98
N ASP E 684 -3.21 -51.88 19.89
CA ASP E 684 -1.77 -51.58 19.85
C ASP E 684 -1.48 -50.12 19.71
N ARG E 685 -0.30 -49.74 20.16
CA ARG E 685 0.20 -48.38 19.99
C ARG E 685 0.35 -48.07 18.48
N ARG E 686 -0.03 -46.85 18.08
CA ARG E 686 0.14 -46.39 16.72
C ARG E 686 1.29 -45.41 16.52
N THR E 687 1.45 -44.44 17.43
CA THR E 687 2.52 -43.47 17.31
C THR E 687 3.81 -44.04 17.85
N GLU E 688 4.85 -44.01 17.02
CA GLU E 688 6.14 -44.56 17.45
C GLU E 688 6.91 -43.44 18.14
N ILE E 689 7.33 -43.65 19.34
CA ILE E 689 8.07 -42.65 20.06
C ILE E 689 9.56 -42.98 19.83
N GLN E 690 10.24 -42.07 19.15
CA GLN E 690 11.63 -42.24 18.79
C GLN E 690 12.61 -41.61 19.74
N LEU E 691 13.58 -42.42 20.18
CA LEU E 691 14.61 -41.94 21.09
C LEU E 691 15.75 -41.29 20.37
N LYS F 9 -18.01 -22.92 -8.77
CA LYS F 9 -18.03 -24.08 -7.86
C LYS F 9 -17.59 -25.33 -8.58
N LEU F 10 -17.05 -25.20 -9.79
CA LEU F 10 -16.49 -26.31 -10.52
C LEU F 10 -15.17 -26.81 -9.94
N ALA F 11 -15.06 -28.13 -9.78
CA ALA F 11 -13.83 -28.74 -9.28
C ALA F 11 -13.25 -29.52 -10.46
N ASP F 12 -12.25 -28.91 -11.12
CA ASP F 12 -11.73 -29.48 -12.35
C ASP F 12 -10.69 -30.54 -12.05
N CYS F 13 -10.40 -31.36 -13.07
CA CYS F 13 -9.38 -32.39 -12.97
C CYS F 13 -8.04 -31.83 -13.46
N SER F 14 -6.95 -32.48 -13.06
CA SER F 14 -5.62 -32.02 -13.44
C SER F 14 -5.27 -32.27 -14.92
N SER F 15 -5.64 -33.42 -15.45
CA SER F 15 -5.32 -33.72 -16.82
C SER F 15 -6.05 -32.79 -17.80
N LYS F 16 -5.34 -32.38 -18.84
N LYS F 16 -5.35 -32.30 -18.83
CA LYS F 16 -5.95 -31.50 -19.81
CA LYS F 16 -6.04 -31.46 -19.83
C LYS F 16 -6.20 -32.16 -21.14
C LYS F 16 -6.36 -32.18 -21.14
N SER F 17 -6.18 -33.49 -21.17
CA SER F 17 -6.44 -34.23 -22.38
C SER F 17 -7.88 -34.56 -22.40
N PRO F 18 -8.61 -33.81 -23.28
CA PRO F 18 -10.06 -34.04 -23.22
C PRO F 18 -10.54 -35.44 -23.47
N GLU F 19 -9.91 -36.21 -24.31
CA GLU F 19 -10.40 -37.55 -24.56
C GLU F 19 -10.42 -38.42 -23.30
N GLU F 20 -9.50 -38.18 -22.37
CA GLU F 20 -9.52 -38.98 -21.15
C GLU F 20 -10.31 -38.37 -19.97
N CYS F 21 -10.54 -37.07 -20.04
CA CYS F 21 -11.27 -36.32 -19.03
C CYS F 21 -12.79 -36.46 -19.04
N GLU F 22 -13.41 -36.40 -17.85
CA GLU F 22 -14.85 -36.48 -17.74
C GLU F 22 -15.32 -35.47 -16.73
N ILE F 23 -16.53 -34.95 -16.93
CA ILE F 23 -17.15 -34.00 -16.00
C ILE F 23 -18.47 -34.57 -15.53
N PHE F 24 -18.67 -34.57 -14.22
CA PHE F 24 -19.90 -35.08 -13.60
C PHE F 24 -20.75 -33.92 -13.15
N LEU F 25 -21.94 -33.80 -13.71
CA LEU F 25 -22.94 -32.81 -13.27
C LEU F 25 -23.77 -33.46 -12.18
N VAL F 26 -23.53 -33.06 -10.91
CA VAL F 26 -24.01 -33.83 -9.76
C VAL F 26 -25.16 -32.98 -9.10
N GLU F 27 -26.24 -33.67 -8.76
CA GLU F 27 -27.34 -33.05 -8.08
C GLU F 27 -27.01 -32.81 -6.64
N GLY F 28 -27.00 -31.56 -6.21
CA GLY F 28 -26.82 -31.23 -4.79
C GLY F 28 -25.42 -30.88 -4.34
N ASP F 29 -25.26 -29.90 -3.45
CA ASP F 29 -23.90 -29.57 -2.96
C ASP F 29 -23.24 -30.71 -2.14
N SER F 30 -24.16 -31.34 -1.35
CA SER F 30 -23.84 -32.44 -0.40
C SER F 30 -23.21 -33.53 -1.21
N ALA F 31 -23.89 -34.08 -2.19
CA ALA F 31 -23.29 -35.04 -3.11
C ALA F 31 -22.17 -34.39 -3.91
N GLY F 32 -22.28 -33.09 -4.21
CA GLY F 32 -21.21 -32.43 -4.91
C GLY F 32 -19.92 -32.44 -4.15
N GLY F 33 -19.99 -32.12 -2.84
CA GLY F 33 -18.81 -32.13 -2.00
C GLY F 33 -18.26 -33.57 -1.84
N SER F 34 -19.15 -34.55 -1.80
CA SER F 34 -18.72 -35.92 -1.61
C SER F 34 -18.08 -36.48 -2.88
N THR F 35 -18.67 -36.20 -4.07
CA THR F 35 -18.07 -36.65 -5.29
C THR F 35 -16.75 -36.01 -5.55
N LYS F 36 -16.55 -34.76 -5.09
CA LYS F 36 -15.24 -34.10 -5.25
C LYS F 36 -14.18 -34.85 -4.47
N SER F 37 -14.56 -35.41 -3.33
CA SER F 37 -13.57 -36.15 -2.51
C SER F 37 -13.34 -37.57 -3.00
N GLY F 38 -14.38 -38.21 -3.56
CA GLY F 38 -14.26 -39.61 -3.95
C GLY F 38 -13.78 -39.81 -5.38
N ARG F 39 -13.76 -38.74 -6.17
CA ARG F 39 -13.41 -38.85 -7.57
C ARG F 39 -11.92 -39.12 -7.76
N ASP F 40 -11.57 -39.53 -8.99
CA ASP F 40 -10.20 -39.60 -9.44
C ASP F 40 -9.88 -38.21 -10.01
N SER F 41 -9.29 -37.37 -9.16
CA SER F 41 -9.07 -35.96 -9.51
C SER F 41 -8.13 -35.78 -10.72
N ARG F 42 -7.52 -36.84 -11.19
CA ARG F 42 -6.69 -36.73 -12.40
C ARG F 42 -7.55 -36.54 -13.65
N THR F 43 -8.65 -37.29 -13.76
CA THR F 43 -9.43 -37.31 -14.99
C THR F 43 -10.90 -36.94 -14.82
N GLN F 44 -11.36 -36.68 -13.59
CA GLN F 44 -12.78 -36.49 -13.36
C GLN F 44 -13.01 -35.13 -12.69
N ALA F 45 -13.87 -34.31 -13.29
CA ALA F 45 -14.26 -33.02 -12.75
C ALA F 45 -15.71 -33.08 -12.24
N ILE F 46 -16.00 -32.20 -11.28
CA ILE F 46 -17.33 -32.15 -10.67
C ILE F 46 -17.90 -30.75 -10.83
N LEU F 47 -19.12 -30.68 -11.36
CA LEU F 47 -19.89 -29.43 -11.37
C LEU F 47 -21.21 -29.68 -10.66
N PRO F 48 -21.35 -29.28 -9.41
CA PRO F 48 -22.58 -29.56 -8.67
C PRO F 48 -23.69 -28.56 -9.09
N LEU F 49 -24.93 -29.06 -9.17
CA LEU F 49 -26.07 -28.26 -9.50
C LEU F 49 -26.92 -28.11 -8.22
N ARG F 50 -27.41 -26.90 -7.95
N ARG F 50 -27.38 -26.89 -7.94
CA ARG F 50 -28.12 -26.67 -6.73
CA ARG F 50 -28.15 -26.63 -6.77
C ARG F 50 -29.36 -27.57 -6.59
C ARG F 50 -29.33 -27.58 -6.62
N GLY F 51 -30.10 -27.70 -7.69
CA GLY F 51 -31.28 -28.56 -7.66
C GLY F 51 -31.96 -28.46 -9.05
N LYS F 52 -33.20 -28.00 -9.07
CA LYS F 52 -33.86 -27.79 -10.33
C LYS F 52 -33.20 -26.69 -11.11
N ILE F 53 -33.02 -26.90 -12.41
CA ILE F 53 -32.31 -25.92 -13.26
C ILE F 53 -33.36 -25.33 -14.23
N LEU F 54 -32.94 -24.30 -14.96
CA LEU F 54 -33.86 -23.62 -15.89
C LEU F 54 -34.31 -24.56 -17.00
N ASN F 55 -35.61 -24.52 -17.30
CA ASN F 55 -36.12 -25.23 -18.49
C ASN F 55 -35.97 -24.33 -19.71
N VAL F 56 -34.97 -24.61 -20.52
CA VAL F 56 -34.68 -23.71 -21.66
C VAL F 56 -35.73 -23.85 -22.77
N GLU F 57 -36.59 -24.86 -22.72
CA GLU F 57 -37.64 -24.97 -23.70
C GLU F 57 -38.76 -23.96 -23.43
N LYS F 58 -38.89 -23.50 -22.18
CA LYS F 58 -39.87 -22.49 -21.83
C LYS F 58 -39.28 -21.08 -21.75
N ALA F 59 -37.97 -20.95 -21.53
CA ALA F 59 -37.34 -19.68 -21.33
C ALA F 59 -36.98 -19.02 -22.64
N ARG F 60 -36.98 -17.68 -22.66
CA ARG F 60 -36.47 -16.95 -23.81
C ARG F 60 -34.94 -16.83 -23.66
N LEU F 61 -34.30 -16.40 -24.74
CA LEU F 61 -32.84 -16.49 -24.85
C LEU F 61 -32.15 -15.62 -23.81
N ASP F 62 -32.69 -14.44 -23.52
CA ASP F 62 -32.01 -13.55 -22.57
C ASP F 62 -32.02 -14.14 -21.18
N ARG F 63 -33.06 -14.90 -20.81
CA ARG F 63 -33.06 -15.55 -19.49
C ARG F 63 -32.12 -16.73 -19.47
N ILE F 64 -32.04 -17.49 -20.57
CA ILE F 64 -31.12 -18.63 -20.64
C ILE F 64 -29.67 -18.14 -20.52
N LEU F 65 -29.30 -17.13 -21.32
CA LEU F 65 -27.92 -16.69 -21.38
C LEU F 65 -27.41 -16.05 -20.10
N ASN F 66 -28.32 -15.53 -19.28
CA ASN F 66 -27.92 -14.91 -18.01
CA ASN F 66 -27.95 -14.91 -18.00
C ASN F 66 -28.12 -15.85 -16.82
N ASN F 67 -28.57 -17.07 -17.04
CA ASN F 67 -28.73 -18.02 -15.95
C ASN F 67 -27.34 -18.54 -15.55
N ASN F 68 -27.04 -18.45 -14.26
CA ASN F 68 -25.67 -18.69 -13.78
C ASN F 68 -25.23 -20.15 -13.98
N GLU F 69 -26.14 -21.11 -13.76
CA GLU F 69 -25.78 -22.50 -13.91
C GLU F 69 -25.58 -22.89 -15.37
N ILE F 70 -26.42 -22.37 -16.27
CA ILE F 70 -26.20 -22.56 -17.70
C ILE F 70 -24.81 -22.02 -18.08
N ARG F 71 -24.48 -20.82 -17.59
CA ARG F 71 -23.21 -20.23 -17.91
C ARG F 71 -22.04 -21.07 -17.42
N GLN F 72 -22.14 -21.58 -16.19
CA GLN F 72 -21.07 -22.42 -15.66
C GLN F 72 -20.87 -23.65 -16.52
N MET F 73 -21.96 -24.25 -16.95
CA MET F 73 -21.91 -25.42 -17.78
C MET F 73 -21.27 -25.13 -19.15
N ILE F 74 -21.60 -23.98 -19.74
CA ILE F 74 -21.04 -23.59 -21.02
C ILE F 74 -19.53 -23.31 -20.89
N THR F 75 -19.14 -22.59 -19.85
CA THR F 75 -17.73 -22.30 -19.63
C THR F 75 -16.93 -23.56 -19.33
N ALA F 76 -17.56 -24.51 -18.61
CA ALA F 76 -16.89 -25.73 -18.31
C ALA F 76 -16.66 -26.59 -19.53
N PHE F 77 -17.65 -26.71 -20.39
CA PHE F 77 -17.49 -27.51 -21.57
C PHE F 77 -16.51 -26.89 -22.58
N GLY F 78 -16.52 -25.59 -22.67
CA GLY F 78 -15.64 -24.84 -23.53
C GLY F 78 -15.97 -24.89 -25.00
N THR F 79 -17.14 -25.45 -25.32
CA THR F 79 -17.51 -25.62 -26.73
C THR F 79 -18.37 -24.56 -27.38
N GLY F 80 -18.96 -23.69 -26.60
CA GLY F 80 -19.89 -22.70 -27.06
C GLY F 80 -21.22 -23.30 -27.36
N ILE F 81 -22.18 -22.50 -27.80
CA ILE F 81 -23.56 -23.01 -27.95
C ILE F 81 -24.16 -22.70 -29.27
N GLY F 82 -25.15 -23.48 -29.65
CA GLY F 82 -25.85 -23.22 -30.89
C GLY F 82 -24.96 -23.24 -32.11
N GLY F 83 -24.99 -22.13 -32.83
CA GLY F 83 -24.23 -21.95 -34.06
C GLY F 83 -22.73 -21.99 -33.90
N ASP F 84 -22.26 -21.42 -32.81
CA ASP F 84 -20.84 -21.34 -32.54
C ASP F 84 -20.28 -22.57 -31.82
N PHE F 85 -21.11 -23.56 -31.61
CA PHE F 85 -20.67 -24.75 -30.92
C PHE F 85 -19.51 -25.37 -31.68
N ASP F 86 -18.43 -25.68 -30.98
CA ASP F 86 -17.29 -26.31 -31.58
C ASP F 86 -16.99 -27.58 -30.84
N LEU F 87 -17.22 -28.71 -31.47
CA LEU F 87 -16.99 -30.00 -30.82
C LEU F 87 -15.52 -30.20 -30.47
N ALA F 88 -14.62 -29.68 -31.31
CA ALA F 88 -13.20 -29.89 -31.08
C ALA F 88 -12.71 -29.14 -29.84
N LYS F 89 -13.42 -28.07 -29.44
CA LYS F 89 -13.03 -27.30 -28.27
C LYS F 89 -13.52 -27.91 -26.96
N ALA F 90 -14.17 -29.06 -27.01
CA ALA F 90 -14.69 -29.71 -25.79
C ALA F 90 -13.57 -30.11 -24.87
N ARG F 91 -13.65 -29.68 -23.61
CA ARG F 91 -12.63 -29.99 -22.62
C ARG F 91 -12.84 -31.35 -21.94
N TYR F 92 -13.97 -31.99 -22.21
CA TYR F 92 -14.23 -33.32 -21.70
C TYR F 92 -14.95 -34.12 -22.80
N HIS F 93 -14.61 -35.38 -22.88
CA HIS F 93 -15.22 -36.29 -23.82
C HIS F 93 -16.34 -37.13 -23.21
N LYS F 94 -16.52 -36.99 -21.90
CA LYS F 94 -17.64 -37.60 -21.20
C LYS F 94 -18.27 -36.56 -20.30
N ILE F 95 -19.52 -36.21 -20.59
CA ILE F 95 -20.34 -35.34 -19.75
C ILE F 95 -21.39 -36.26 -19.10
N VAL F 96 -21.29 -36.42 -17.79
CA VAL F 96 -22.05 -37.44 -17.09
C VAL F 96 -23.12 -36.77 -16.22
N ILE F 97 -24.36 -37.10 -16.49
CA ILE F 97 -25.49 -36.64 -15.69
C ILE F 97 -25.65 -37.60 -14.48
N MET F 98 -25.43 -37.08 -13.28
CA MET F 98 -25.48 -37.88 -12.07
C MET F 98 -26.44 -37.23 -11.07
N THR F 99 -27.63 -37.84 -10.96
CA THR F 99 -28.68 -37.28 -10.06
C THR F 99 -29.17 -38.39 -9.15
N ASP F 100 -30.03 -38.05 -8.21
CA ASP F 100 -30.63 -39.05 -7.35
C ASP F 100 -31.51 -39.99 -8.17
N ALA F 101 -31.59 -41.26 -7.72
CA ALA F 101 -32.49 -42.22 -8.34
C ALA F 101 -33.90 -42.10 -7.79
N ASP F 102 -34.44 -40.87 -7.90
CA ASP F 102 -35.80 -40.57 -7.47
C ASP F 102 -36.40 -39.61 -8.49
N VAL F 103 -37.70 -39.36 -8.33
CA VAL F 103 -38.42 -38.55 -9.33
C VAL F 103 -37.88 -37.17 -9.58
N ASP F 104 -37.33 -36.51 -8.58
CA ASP F 104 -36.77 -35.18 -8.81
C ASP F 104 -35.41 -35.23 -9.54
N GLY F 105 -34.64 -36.28 -9.29
CA GLY F 105 -33.45 -36.48 -10.10
C GLY F 105 -33.81 -36.77 -11.57
N ALA F 106 -34.85 -37.55 -11.77
CA ALA F 106 -35.36 -37.76 -13.12
C ALA F 106 -35.76 -36.44 -13.77
N HIS F 107 -36.47 -35.58 -13.02
CA HIS F 107 -36.82 -34.26 -13.55
C HIS F 107 -35.59 -33.47 -13.91
N ILE F 108 -34.59 -33.46 -13.02
CA ILE F 108 -33.33 -32.75 -13.27
C ILE F 108 -32.67 -33.35 -14.55
N ARG F 109 -32.82 -34.63 -14.74
CA ARG F 109 -32.27 -35.26 -15.91
C ARG F 109 -32.92 -34.73 -17.19
N THR F 110 -34.24 -34.61 -17.20
CA THR F 110 -34.92 -34.10 -18.39
C THR F 110 -34.57 -32.64 -18.65
N LEU F 111 -34.41 -31.85 -17.60
CA LEU F 111 -34.03 -30.45 -17.76
C LEU F 111 -32.63 -30.33 -18.33
N LEU F 112 -31.68 -31.13 -17.85
CA LEU F 112 -30.33 -31.12 -18.41
C LEU F 112 -30.33 -31.59 -19.84
N LEU F 113 -31.10 -32.63 -20.15
CA LEU F 113 -31.16 -33.11 -21.54
C LEU F 113 -31.82 -32.13 -22.45
N THR F 114 -32.77 -31.34 -21.95
CA THR F 114 -33.43 -30.31 -22.78
C THR F 114 -32.41 -29.22 -23.17
N PHE F 115 -31.55 -28.85 -22.28
CA PHE F 115 -30.54 -27.89 -22.59
C PHE F 115 -29.54 -28.42 -23.58
N PHE F 116 -29.11 -29.65 -23.41
CA PHE F 116 -28.14 -30.25 -24.30
C PHE F 116 -28.72 -30.38 -25.71
N TYR F 117 -29.95 -30.85 -25.80
CA TYR F 117 -30.55 -30.99 -27.07
C TYR F 117 -30.78 -29.71 -27.84
N ARG F 118 -31.18 -28.66 -27.14
CA ARG F 118 -31.51 -27.39 -27.78
C ARG F 118 -30.30 -26.50 -28.03
N PHE F 119 -29.29 -26.65 -27.20
CA PHE F 119 -28.10 -25.84 -27.28
C PHE F 119 -26.77 -26.55 -27.60
N MET F 120 -26.70 -27.85 -27.46
CA MET F 120 -25.44 -28.54 -27.77
C MET F 120 -25.75 -29.89 -28.38
N ARG F 121 -26.57 -29.92 -29.41
CA ARG F 121 -26.94 -31.16 -30.00
C ARG F 121 -25.70 -31.90 -30.53
N PRO F 122 -24.66 -31.15 -31.03
CA PRO F 122 -23.52 -31.93 -31.45
C PRO F 122 -22.81 -32.59 -30.26
N LEU F 123 -22.98 -32.34 -29.05
N LEU F 123 -22.95 -32.33 -29.04
CA LEU F 123 -22.45 -33.10 -27.96
CA LEU F 123 -22.45 -33.11 -27.96
C LEU F 123 -23.10 -34.44 -27.81
C LEU F 123 -23.09 -34.45 -27.88
N ILE F 124 -24.20 -34.49 -28.06
CA ILE F 124 -24.99 -35.64 -27.96
C ILE F 124 -24.74 -36.56 -29.12
N GLU F 125 -24.80 -35.99 -30.29
CA GLU F 125 -24.62 -36.76 -31.53
C GLU F 125 -23.30 -37.50 -31.50
N ALA F 126 -22.31 -36.89 -30.89
CA ALA F 126 -20.97 -37.47 -30.81
C ALA F 126 -20.82 -38.51 -29.71
N GLY F 127 -21.88 -38.77 -28.95
CA GLY F 127 -21.82 -39.74 -27.87
C GLY F 127 -21.07 -39.26 -26.64
N TYR F 128 -21.04 -37.95 -26.41
CA TYR F 128 -20.33 -37.42 -25.26
C TYR F 128 -21.22 -37.34 -24.00
N VAL F 129 -22.54 -37.47 -24.16
CA VAL F 129 -23.46 -37.27 -23.07
C VAL F 129 -23.83 -38.65 -22.47
N TYR F 130 -23.65 -38.80 -21.16
CA TYR F 130 -23.93 -40.03 -20.49
C TYR F 130 -24.83 -39.79 -19.27
N ILE F 131 -25.46 -40.87 -18.81
CA ILE F 131 -26.25 -40.86 -17.59
C ILE F 131 -25.67 -41.88 -16.61
N ALA F 132 -25.30 -41.41 -15.42
CA ALA F 132 -24.74 -42.30 -14.41
C ALA F 132 -25.79 -43.18 -13.87
N GLN F 133 -25.44 -44.30 -13.32
CA GLN F 133 -26.42 -45.24 -12.78
C GLN F 133 -26.06 -45.53 -11.32
N PRO F 134 -26.46 -44.61 -10.40
CA PRO F 134 -26.09 -44.92 -9.01
C PRO F 134 -26.99 -45.95 -8.43
N PRO F 135 -26.73 -46.45 -7.23
CA PRO F 135 -27.60 -47.46 -6.62
C PRO F 135 -29.04 -47.05 -6.53
N THR F 136 -29.95 -47.91 -6.98
CA THR F 136 -31.38 -47.58 -6.90
C THR F 136 -31.94 -47.91 -5.55
N GLY F 137 -33.00 -47.17 -5.20
CA GLY F 137 -33.70 -47.34 -3.92
C GLY F 137 -34.03 -45.91 -3.41
N TYR F 138 -34.33 -45.87 -2.09
CA TYR F 138 -34.77 -44.64 -1.49
C TYR F 138 -33.62 -43.71 -1.13
N LYS F 139 -32.41 -44.28 -0.98
CA LYS F 139 -31.26 -43.46 -0.55
C LYS F 139 -30.73 -42.64 -1.75
N GLY F 140 -30.64 -41.32 -1.55
CA GLY F 140 -30.08 -40.43 -2.52
C GLY F 140 -28.60 -40.28 -2.51
N LEU F 141 -28.07 -39.55 -3.49
CA LEU F 141 -26.61 -39.33 -3.58
C LEU F 141 -26.06 -38.65 -2.35
N GLY F 142 -26.84 -37.66 -1.80
CA GLY F 142 -26.35 -36.95 -0.63
C GLY F 142 -26.14 -37.80 0.63
N GLU F 143 -26.73 -38.95 0.65
CA GLU F 143 -26.65 -39.87 1.81
C GLU F 143 -25.53 -40.87 1.72
N MET F 144 -24.77 -40.87 0.63
CA MET F 144 -23.67 -41.79 0.45
C MET F 144 -22.36 -41.17 0.83
N ASN F 145 -21.41 -42.00 1.29
CA ASN F 145 -20.05 -41.50 1.49
C ASN F 145 -19.29 -41.48 0.21
N ALA F 146 -18.10 -40.89 0.24
CA ALA F 146 -17.33 -40.65 -1.01
C ALA F 146 -16.85 -41.97 -1.60
N ASP F 147 -16.42 -42.94 -0.77
CA ASP F 147 -15.99 -44.22 -1.31
CA ASP F 147 -15.98 -44.21 -1.32
C ASP F 147 -17.13 -44.98 -1.99
N GLN F 148 -18.35 -44.84 -1.49
CA GLN F 148 -19.48 -45.51 -2.10
C GLN F 148 -19.84 -44.89 -3.45
N LEU F 149 -19.84 -43.57 -3.53
CA LEU F 149 -20.11 -42.90 -4.80
C LEU F 149 -19.04 -43.26 -5.84
N TRP F 150 -17.79 -43.40 -5.40
CA TRP F 150 -16.72 -43.80 -6.30
C TRP F 150 -16.94 -45.22 -6.82
N GLU F 151 -17.06 -46.19 -5.91
CA GLU F 151 -17.08 -47.59 -6.30
C GLU F 151 -18.34 -47.94 -7.09
N THR F 152 -19.47 -47.33 -6.76
CA THR F 152 -20.72 -47.73 -7.39
C THR F 152 -20.96 -46.94 -8.68
N THR F 153 -20.56 -45.67 -8.73
CA THR F 153 -21.01 -44.79 -9.78
C THR F 153 -19.93 -44.15 -10.62
N MET F 154 -18.77 -43.85 -10.05
CA MET F 154 -17.74 -43.10 -10.77
C MET F 154 -16.55 -43.95 -11.20
N ASN F 155 -16.29 -45.05 -10.52
CA ASN F 155 -15.13 -45.90 -10.85
C ASN F 155 -15.36 -46.59 -12.19
N PRO F 156 -14.53 -46.32 -13.19
CA PRO F 156 -14.73 -46.98 -14.50
C PRO F 156 -14.66 -48.51 -14.44
N GLU F 157 -14.09 -49.06 -13.38
CA GLU F 157 -13.93 -50.51 -13.29
C GLU F 157 -15.23 -51.20 -12.90
N HIS F 158 -16.13 -50.51 -12.19
CA HIS F 158 -17.37 -51.11 -11.73
C HIS F 158 -18.61 -50.35 -12.15
N ARG F 159 -18.49 -49.11 -12.63
CA ARG F 159 -19.69 -48.30 -12.87
C ARG F 159 -20.37 -48.79 -14.16
N ALA F 160 -21.63 -48.39 -14.31
CA ALA F 160 -22.38 -48.61 -15.54
C ALA F 160 -22.93 -47.23 -15.97
N LEU F 161 -22.60 -46.83 -17.19
CA LEU F 161 -23.01 -45.59 -17.78
C LEU F 161 -23.97 -45.84 -18.92
N LEU F 162 -24.97 -44.98 -19.06
CA LEU F 162 -25.88 -45.07 -20.17
C LEU F 162 -25.43 -43.98 -21.10
N GLN F 163 -25.06 -44.35 -22.34
CA GLN F 163 -24.64 -43.32 -23.30
C GLN F 163 -25.88 -42.83 -24.00
N VAL F 164 -26.06 -41.52 -24.02
CA VAL F 164 -27.27 -40.95 -24.60
C VAL F 164 -27.18 -41.02 -26.13
N LYS F 165 -28.23 -41.55 -26.74
CA LYS F 165 -28.29 -41.69 -28.18
C LYS F 165 -29.43 -40.96 -28.87
N LEU F 166 -29.11 -40.26 -29.92
CA LEU F 166 -30.13 -39.57 -30.68
C LEU F 166 -30.44 -40.38 -31.89
N GLU F 167 -31.63 -40.95 -31.95
CA GLU F 167 -32.00 -41.76 -33.05
C GLU F 167 -32.77 -40.96 -34.10
N ASP F 168 -34.02 -40.64 -33.81
CA ASP F 168 -34.86 -39.91 -34.74
C ASP F 168 -34.98 -38.47 -34.26
N ALA F 169 -34.40 -37.54 -34.98
CA ALA F 169 -34.42 -36.14 -34.58
C ALA F 169 -35.80 -35.50 -34.66
N ILE F 170 -36.60 -35.88 -35.66
N ILE F 170 -36.54 -35.88 -35.61
CA ILE F 170 -37.95 -35.35 -35.75
CA ILE F 170 -37.87 -35.34 -35.69
C ILE F 170 -38.77 -35.82 -34.55
C ILE F 170 -38.69 -35.81 -34.49
N GLU F 171 -38.66 -37.09 -34.19
CA GLU F 171 -39.35 -37.59 -33.01
C GLU F 171 -38.79 -36.97 -31.73
N ALA F 172 -37.49 -36.70 -31.71
CA ALA F 172 -36.91 -36.00 -30.57
C ALA F 172 -37.38 -34.55 -30.51
N ASP F 173 -37.45 -33.88 -31.66
CA ASP F 173 -37.99 -32.51 -31.67
C ASP F 173 -39.37 -32.47 -31.09
N GLN F 174 -40.21 -33.38 -31.51
CA GLN F 174 -41.57 -33.42 -31.04
C GLN F 174 -41.66 -33.75 -29.56
N THR F 175 -40.77 -34.61 -29.08
CA THR F 175 -40.83 -35.06 -27.71
C THR F 175 -40.46 -33.93 -26.75
N PHE F 176 -39.39 -33.18 -27.06
CA PHE F 176 -38.99 -32.10 -26.18
C PHE F 176 -40.03 -30.97 -26.18
N GLU F 177 -40.68 -30.72 -27.32
N GLU F 177 -40.67 -30.71 -27.33
CA GLU F 177 -41.70 -29.70 -27.36
CA GLU F 177 -41.70 -29.70 -27.36
C GLU F 177 -42.90 -30.09 -26.55
C GLU F 177 -42.89 -30.10 -26.51
N MET F 178 -43.32 -31.36 -26.65
CA MET F 178 -44.49 -31.83 -25.91
C MET F 178 -44.25 -31.83 -24.38
N LEU F 179 -43.14 -32.39 -23.97
CA LEU F 179 -42.87 -32.56 -22.52
C LEU F 179 -42.46 -31.25 -21.88
N MET F 180 -41.54 -30.51 -22.50
CA MET F 180 -40.93 -29.36 -21.84
C MET F 180 -41.42 -28.03 -22.37
N GLY F 181 -42.31 -28.02 -23.37
CA GLY F 181 -42.78 -26.79 -23.96
C GLY F 181 -43.93 -26.15 -23.21
N ASP F 182 -44.38 -25.01 -23.78
CA ASP F 182 -45.34 -24.16 -23.03
C ASP F 182 -46.80 -24.57 -23.17
N VAL F 183 -47.09 -25.55 -24.04
CA VAL F 183 -48.47 -26.01 -24.21
C VAL F 183 -48.76 -27.05 -23.13
N VAL F 184 -49.52 -26.68 -22.11
CA VAL F 184 -49.78 -27.58 -21.00
C VAL F 184 -50.64 -28.77 -21.43
N GLU F 185 -51.63 -28.51 -22.30
CA GLU F 185 -52.66 -29.51 -22.56
C GLU F 185 -52.10 -30.78 -23.20
N ASN F 186 -51.19 -30.63 -24.15
CA ASN F 186 -50.60 -31.83 -24.79
C ASN F 186 -49.75 -32.58 -23.80
N ARG F 187 -49.06 -31.87 -22.89
CA ARG F 187 -48.30 -32.56 -21.84
C ARG F 187 -49.24 -33.32 -20.92
N ARG F 188 -50.36 -32.70 -20.53
CA ARG F 188 -51.32 -33.39 -19.67
C ARG F 188 -51.91 -34.61 -20.35
N GLN F 189 -52.14 -34.52 -21.68
CA GLN F 189 -52.64 -35.66 -22.41
C GLN F 189 -51.63 -36.81 -22.40
N PHE F 190 -50.36 -36.48 -22.60
CA PHE F 190 -49.31 -37.50 -22.52
C PHE F 190 -49.30 -38.16 -21.14
N ILE F 191 -49.48 -37.36 -20.07
CA ILE F 191 -49.46 -37.92 -18.73
C ILE F 191 -50.65 -38.84 -18.52
N GLU F 192 -51.84 -38.39 -18.89
CA GLU F 192 -53.04 -39.21 -18.72
C GLU F 192 -52.97 -40.49 -19.58
N ASP F 193 -52.44 -40.38 -20.79
CA ASP F 193 -52.41 -41.54 -21.67
C ASP F 193 -51.44 -42.62 -21.17
N ASN F 194 -50.39 -42.24 -20.46
CA ASN F 194 -49.33 -43.17 -20.07
C ASN F 194 -49.28 -43.41 -18.54
N ALA F 195 -50.34 -43.06 -17.83
CA ALA F 195 -50.28 -43.07 -16.38
C ALA F 195 -50.12 -44.47 -15.78
N VAL F 196 -50.66 -45.48 -16.44
CA VAL F 196 -50.57 -46.84 -15.93
C VAL F 196 -49.12 -47.39 -16.00
N TYR F 197 -48.28 -46.78 -16.82
CA TYR F 197 -46.89 -47.20 -16.93
C TYR F 197 -45.96 -46.46 -15.97
N ALA F 198 -46.49 -45.56 -15.15
CA ALA F 198 -45.68 -44.81 -14.22
C ALA F 198 -45.36 -45.65 -12.97
N ASN F 211 -24.14 -50.08 -22.04
CA ASN F 211 -25.57 -49.95 -22.46
C ASN F 211 -25.80 -48.53 -22.99
N GLU F 212 -26.68 -48.41 -23.96
CA GLU F 212 -27.02 -47.14 -24.60
C GLU F 212 -28.49 -46.83 -24.39
N ARG F 213 -28.81 -45.57 -24.20
CA ARG F 213 -30.18 -45.17 -23.95
C ARG F 213 -30.66 -44.13 -24.92
N ASN F 214 -31.83 -44.41 -25.50
CA ASN F 214 -32.40 -43.54 -26.52
C ASN F 214 -32.91 -42.28 -25.79
N ILE F 215 -32.57 -41.12 -26.34
CA ILE F 215 -32.92 -39.86 -25.72
C ILE F 215 -34.45 -39.67 -25.64
N THR F 216 -35.18 -40.05 -26.65
CA THR F 216 -36.61 -39.90 -26.62
C THR F 216 -37.24 -40.79 -25.54
N SER F 217 -36.77 -41.99 -25.40
CA SER F 217 -37.29 -42.88 -24.40
C SER F 217 -36.96 -42.39 -22.97
N GLU F 218 -35.75 -41.92 -22.75
CA GLU F 218 -35.38 -41.45 -21.46
C GLU F 218 -36.24 -40.24 -21.04
N MET F 219 -36.43 -39.29 -21.98
CA MET F 219 -37.21 -38.14 -21.72
C MET F 219 -38.65 -38.50 -21.37
N ARG F 220 -39.25 -39.38 -22.15
CA ARG F 220 -40.60 -39.78 -21.93
C ARG F 220 -40.76 -40.53 -20.61
N GLU F 221 -39.90 -41.50 -20.35
N GLU F 221 -39.83 -41.48 -20.30
CA GLU F 221 -40.02 -42.25 -19.14
CA GLU F 221 -39.93 -42.24 -19.08
C GLU F 221 -39.71 -41.42 -17.88
C GLU F 221 -39.64 -41.42 -17.82
N SER F 222 -38.66 -40.62 -17.91
CA SER F 222 -38.30 -39.83 -16.78
C SER F 222 -39.34 -38.73 -16.48
N PHE F 223 -39.80 -38.05 -17.50
CA PHE F 223 -40.77 -37.00 -17.27
C PHE F 223 -42.08 -37.58 -16.78
N LEU F 224 -42.45 -38.74 -17.26
CA LEU F 224 -43.68 -39.34 -16.81
C LEU F 224 -43.61 -39.68 -15.33
N ASP F 225 -42.48 -40.23 -14.89
CA ASP F 225 -42.29 -40.58 -13.51
C ASP F 225 -42.40 -39.36 -12.62
N TYR F 226 -41.75 -38.26 -13.01
CA TYR F 226 -41.81 -37.02 -12.24
C TYR F 226 -43.23 -36.46 -12.21
N ALA F 227 -43.86 -36.36 -13.38
CA ALA F 227 -45.17 -35.71 -13.47
C ALA F 227 -46.22 -36.49 -12.66
N MET F 228 -46.22 -37.83 -12.79
CA MET F 228 -47.17 -38.64 -12.05
C MET F 228 -46.96 -38.49 -10.51
N SER F 229 -45.70 -38.45 -10.07
CA SER F 229 -45.47 -38.35 -8.66
C SER F 229 -45.90 -36.97 -8.10
N VAL F 230 -45.71 -35.90 -8.90
CA VAL F 230 -46.17 -34.60 -8.45
C VAL F 230 -47.70 -34.54 -8.38
N ILE F 231 -48.37 -35.18 -9.35
CA ILE F 231 -49.82 -35.15 -9.40
C ILE F 231 -50.40 -35.95 -8.18
N VAL F 232 -49.92 -37.17 -7.99
CA VAL F 232 -50.53 -38.04 -7.01
C VAL F 232 -49.84 -38.12 -5.66
N ALA F 233 -48.63 -37.55 -5.57
CA ALA F 233 -47.89 -37.66 -4.30
C ALA F 233 -47.14 -36.39 -3.90
N ARG F 234 -47.68 -35.20 -4.20
CA ARG F 234 -47.06 -33.98 -3.78
C ARG F 234 -48.03 -32.78 -3.79
N ALA F 235 -48.48 -32.38 -4.96
CA ALA F 235 -49.08 -31.08 -5.15
C ALA F 235 -50.60 -31.04 -5.10
N LEU F 236 -51.28 -32.19 -5.08
CA LEU F 236 -52.72 -32.13 -5.12
C LEU F 236 -53.34 -32.78 -3.90
N PRO F 237 -54.39 -32.17 -3.35
CA PRO F 237 -54.99 -32.73 -2.12
C PRO F 237 -55.92 -33.89 -2.40
N ASP F 238 -56.10 -34.71 -1.39
CA ASP F 238 -57.10 -35.77 -1.44
C ASP F 238 -58.46 -35.20 -1.19
N VAL F 239 -59.46 -35.63 -2.00
CA VAL F 239 -60.82 -35.14 -1.81
C VAL F 239 -61.36 -35.50 -0.43
N ARG F 240 -60.91 -36.59 0.15
CA ARG F 240 -61.55 -37.12 1.38
C ARG F 240 -61.12 -36.35 2.62
N ASP F 241 -59.85 -36.02 2.78
CA ASP F 241 -59.38 -35.26 3.94
C ASP F 241 -58.79 -33.93 3.61
N GLY F 242 -58.70 -33.59 2.30
CA GLY F 242 -58.25 -32.26 1.90
C GLY F 242 -56.78 -32.00 2.10
N LEU F 243 -55.95 -33.05 2.15
CA LEU F 243 -54.56 -32.88 2.50
C LEU F 243 -53.66 -33.40 1.40
N LYS F 244 -52.54 -32.70 1.21
CA LYS F 244 -51.41 -33.19 0.45
C LYS F 244 -50.58 -34.12 1.37
N PRO F 245 -49.68 -34.92 0.78
CA PRO F 245 -48.88 -35.82 1.62
C PRO F 245 -48.08 -35.12 2.72
N VAL F 246 -47.42 -33.94 2.43
CA VAL F 246 -46.61 -33.36 3.48
C VAL F 246 -47.46 -32.93 4.66
N HIS F 247 -48.67 -32.41 4.39
CA HIS F 247 -49.54 -31.96 5.46
C HIS F 247 -50.09 -33.18 6.26
N ARG F 248 -50.47 -34.23 5.54
CA ARG F 248 -50.96 -35.42 6.22
C ARG F 248 -49.86 -36.03 7.09
N ARG F 249 -48.63 -35.96 6.62
CA ARG F 249 -47.49 -36.49 7.37
C ARG F 249 -47.20 -35.63 8.60
N ILE F 250 -47.29 -34.32 8.47
CA ILE F 250 -47.10 -33.43 9.61
C ILE F 250 -48.15 -33.74 10.69
N LEU F 251 -49.43 -33.78 10.32
CA LEU F 251 -50.49 -33.94 11.31
C LEU F 251 -50.42 -35.33 11.95
N TYR F 252 -50.17 -36.38 11.17
CA TYR F 252 -49.99 -37.69 11.74
C TYR F 252 -48.79 -37.75 12.65
N GLY F 253 -47.71 -37.08 12.24
CA GLY F 253 -46.54 -36.96 13.12
C GLY F 253 -46.88 -36.36 14.44
N LEU F 254 -47.63 -35.22 14.42
CA LEU F 254 -48.07 -34.61 15.67
C LEU F 254 -48.90 -35.60 16.49
N ASN F 255 -49.70 -36.45 15.81
CA ASN F 255 -50.48 -37.45 16.52
C ASN F 255 -49.59 -38.52 17.13
N GLU F 256 -48.67 -39.07 16.34
CA GLU F 256 -47.79 -40.10 16.85
C GLU F 256 -46.91 -39.56 17.97
N GLN F 257 -46.46 -38.29 17.86
CA GLN F 257 -45.62 -37.71 18.88
C GLN F 257 -46.42 -37.23 20.11
N GLY F 258 -47.73 -37.47 20.12
CA GLY F 258 -48.53 -37.10 21.28
C GLY F 258 -48.70 -35.63 21.46
N MET F 259 -48.62 -34.83 20.35
CA MET F 259 -48.62 -33.38 20.49
C MET F 259 -50.06 -32.83 20.50
N THR F 260 -50.89 -33.31 21.43
CA THR F 260 -52.25 -32.89 21.55
C THR F 260 -52.34 -31.52 22.20
N PRO F 261 -53.50 -30.84 22.13
CA PRO F 261 -53.54 -29.46 22.64
C PRO F 261 -53.38 -29.36 24.17
N ASP F 262 -53.64 -30.43 24.91
CA ASP F 262 -53.48 -30.39 26.35
C ASP F 262 -52.02 -30.47 26.78
N LYS F 263 -51.14 -30.98 25.93
CA LYS F 263 -49.73 -31.12 26.28
C LYS F 263 -48.94 -29.89 25.90
N SER F 264 -47.70 -29.83 26.36
CA SER F 264 -46.85 -28.66 26.17
C SER F 264 -46.40 -28.56 24.69
N TYR F 265 -46.06 -27.37 24.25
CA TYR F 265 -45.43 -27.20 22.96
C TYR F 265 -44.14 -27.94 22.85
N LYS F 266 -43.77 -28.29 21.62
CA LYS F 266 -42.49 -29.01 21.36
C LYS F 266 -41.77 -28.25 20.25
N LYS F 267 -40.46 -28.24 20.33
CA LYS F 267 -39.66 -27.52 19.32
C LYS F 267 -39.99 -27.97 17.92
N SER F 268 -40.18 -27.01 17.04
CA SER F 268 -40.50 -27.36 15.67
C SER F 268 -39.42 -28.22 15.04
N ALA F 269 -38.19 -28.00 15.39
CA ALA F 269 -37.08 -28.78 14.82
C ALA F 269 -37.18 -30.26 15.16
N ARG F 270 -37.73 -30.58 16.33
CA ARG F 270 -37.96 -32.01 16.64
C ARG F 270 -39.13 -32.58 15.87
N ILE F 271 -40.25 -31.84 15.83
CA ILE F 271 -41.41 -32.23 15.04
C ILE F 271 -41.01 -32.49 13.58
N VAL F 272 -40.31 -31.54 12.98
CA VAL F 272 -39.93 -31.63 11.61
C VAL F 272 -38.96 -32.74 11.34
N GLY F 273 -37.99 -32.87 12.25
CA GLY F 273 -36.94 -33.92 12.11
C GLY F 273 -37.60 -35.28 12.12
N ASP F 274 -38.53 -35.53 13.07
CA ASP F 274 -39.17 -36.80 13.14
C ASP F 274 -40.02 -37.07 11.89
N VAL F 275 -40.74 -36.07 11.42
CA VAL F 275 -41.53 -36.24 10.22
C VAL F 275 -40.65 -36.53 9.04
N MET F 276 -39.56 -35.77 8.89
CA MET F 276 -38.66 -35.94 7.75
C MET F 276 -38.02 -37.34 7.75
N GLY F 277 -37.71 -37.86 8.93
CA GLY F 277 -37.01 -39.14 8.98
C GLY F 277 -37.93 -40.35 8.83
N LYS F 278 -39.12 -40.24 9.39
CA LYS F 278 -40.05 -41.38 9.37
C LYS F 278 -40.95 -41.47 8.16
N TYR F 279 -41.35 -40.32 7.56
CA TYR F 279 -42.36 -40.36 6.48
C TYR F 279 -42.07 -39.51 5.26
N HIS F 280 -41.29 -38.45 5.38
CA HIS F 280 -41.23 -37.40 4.32
C HIS F 280 -39.76 -37.10 4.01
N PRO F 281 -39.11 -37.90 3.14
CA PRO F 281 -37.67 -37.76 2.90
C PRO F 281 -37.36 -36.59 1.94
N HIS F 282 -37.70 -35.39 2.35
CA HIS F 282 -37.45 -34.21 1.55
C HIS F 282 -36.82 -33.13 2.42
N GLY F 283 -36.53 -31.98 1.83
CA GLY F 283 -35.88 -30.94 2.54
C GLY F 283 -36.78 -30.52 3.76
N ASP F 284 -36.12 -30.22 4.88
CA ASP F 284 -36.87 -29.84 6.03
C ASP F 284 -37.64 -28.49 5.85
N SER F 285 -37.12 -27.61 5.00
CA SER F 285 -37.80 -26.36 4.73
C SER F 285 -39.20 -26.57 4.15
N SER F 286 -39.32 -27.56 3.22
CA SER F 286 -40.63 -27.85 2.68
C SER F 286 -41.60 -28.34 3.77
N ILE F 287 -41.07 -29.08 4.76
CA ILE F 287 -41.90 -29.58 5.83
C ILE F 287 -42.23 -28.43 6.79
N TYR F 288 -41.20 -27.71 7.24
CA TYR F 288 -41.43 -26.66 8.22
C TYR F 288 -42.36 -25.55 7.66
N GLU F 289 -42.11 -25.11 6.42
CA GLU F 289 -42.91 -24.06 5.87
C GLU F 289 -44.36 -24.46 5.65
N ALA F 290 -44.60 -25.74 5.32
CA ALA F 290 -45.97 -26.21 5.24
C ALA F 290 -46.63 -26.21 6.64
N MET F 291 -45.87 -26.61 7.68
CA MET F 291 -46.42 -26.59 9.03
C MET F 291 -46.65 -25.17 9.48
N VAL F 292 -45.81 -24.25 9.10
CA VAL F 292 -45.96 -22.84 9.46
C VAL F 292 -47.30 -22.30 8.91
N ARG F 293 -47.61 -22.62 7.65
N ARG F 293 -47.63 -22.63 7.67
CA ARG F 293 -48.85 -22.15 7.07
CA ARG F 293 -48.86 -22.13 7.08
C ARG F 293 -50.09 -22.65 7.82
C ARG F 293 -50.10 -22.65 7.80
N MET F 294 -50.09 -23.90 8.22
CA MET F 294 -51.19 -24.46 8.99
C MET F 294 -51.38 -23.75 10.34
N ALA F 295 -50.38 -23.01 10.79
CA ALA F 295 -50.46 -22.26 12.06
C ALA F 295 -50.85 -20.80 11.90
N GLN F 296 -50.98 -20.29 10.65
CA GLN F 296 -51.24 -18.89 10.43
C GLN F 296 -52.72 -18.61 10.23
N ASP F 297 -53.31 -17.78 11.06
CA ASP F 297 -54.75 -17.49 10.97
C ASP F 297 -55.17 -16.73 9.72
N PHE F 298 -54.16 -16.14 9.06
CA PHE F 298 -54.44 -15.41 7.78
C PHE F 298 -54.29 -16.37 6.54
N SER F 299 -53.75 -17.56 6.73
CA SER F 299 -53.72 -18.51 5.65
C SER F 299 -54.77 -19.62 5.75
N TYR F 300 -55.00 -20.14 6.94
CA TYR F 300 -55.92 -21.25 7.16
C TYR F 300 -57.21 -20.74 7.83
N ARG F 301 -58.33 -20.98 7.21
CA ARG F 301 -59.61 -20.61 7.80
C ARG F 301 -59.88 -21.30 9.09
N TYR F 302 -59.37 -22.52 9.24
CA TYR F 302 -59.41 -23.28 10.51
C TYR F 302 -58.05 -23.83 10.72
N PRO F 303 -57.17 -23.09 11.41
CA PRO F 303 -55.75 -23.49 11.57
C PRO F 303 -55.61 -24.86 12.17
N LEU F 304 -54.71 -25.67 11.60
CA LEU F 304 -54.49 -27.04 12.05
C LEU F 304 -53.28 -27.17 12.95
N VAL F 305 -52.46 -26.14 13.06
CA VAL F 305 -51.28 -26.13 13.93
C VAL F 305 -51.34 -24.97 14.85
N ASP F 306 -50.98 -25.18 16.11
CA ASP F 306 -50.93 -24.13 17.15
C ASP F 306 -49.44 -23.84 17.39
N GLY F 307 -49.04 -22.62 17.01
CA GLY F 307 -47.62 -22.27 16.99
C GLY F 307 -47.25 -21.29 18.13
N GLN F 308 -46.02 -21.46 18.64
CA GLN F 308 -45.49 -20.57 19.64
C GLN F 308 -44.17 -20.01 19.14
N GLY F 309 -44.13 -18.67 19.10
CA GLY F 309 -42.94 -17.95 18.58
C GLY F 309 -43.32 -17.14 17.34
N ASN F 310 -42.36 -16.81 16.53
CA ASN F 310 -42.68 -15.93 15.35
C ASN F 310 -43.01 -16.90 14.21
N PHE F 311 -44.29 -16.90 13.86
CA PHE F 311 -44.80 -17.76 12.75
C PHE F 311 -45.18 -16.94 11.53
N GLY F 312 -44.60 -15.77 11.39
CA GLY F 312 -44.79 -14.93 10.21
C GLY F 312 -45.89 -13.92 10.36
N SER F 313 -46.11 -13.17 9.28
CA SER F 313 -47.13 -12.08 9.34
C SER F 313 -47.78 -11.98 7.95
N MET F 314 -48.80 -11.14 7.87
N MET F 314 -48.80 -11.13 7.86
CA MET F 314 -49.46 -10.86 6.59
CA MET F 314 -49.44 -10.88 6.58
C MET F 314 -48.54 -10.13 5.62
C MET F 314 -48.52 -10.15 5.60
N ASP F 315 -47.44 -9.58 6.10
CA ASP F 315 -46.49 -8.85 5.23
C ASP F 315 -45.48 -9.71 4.54
N GLY F 316 -45.74 -10.99 4.43
CA GLY F 316 -44.77 -11.90 3.78
C GLY F 316 -43.56 -12.21 4.65
N ASP F 317 -43.54 -11.72 5.91
N ASP F 317 -43.55 -11.74 5.91
CA ASP F 317 -42.52 -12.12 6.83
CA ASP F 317 -42.51 -12.09 6.84
C ASP F 317 -42.62 -13.66 7.03
C ASP F 317 -42.60 -13.61 7.12
N GLY F 318 -41.46 -14.30 7.04
CA GLY F 318 -41.45 -15.71 7.29
C GLY F 318 -41.39 -15.99 8.79
N ALA F 319 -41.56 -17.24 9.14
CA ALA F 319 -41.37 -17.63 10.51
C ALA F 319 -39.91 -17.62 10.87
N ALA F 320 -39.65 -17.51 12.19
CA ALA F 320 -38.28 -17.70 12.66
C ALA F 320 -37.82 -19.15 12.31
N ALA F 321 -36.52 -19.35 12.31
CA ALA F 321 -35.98 -20.65 11.97
C ALA F 321 -36.57 -21.69 13.00
N MET F 322 -36.68 -22.93 12.53
CA MET F 322 -37.46 -23.91 13.23
C MET F 322 -36.84 -24.33 14.60
N ARG F 323 -35.58 -23.98 14.81
CA ARG F 323 -35.02 -24.26 16.14
C ARG F 323 -35.48 -23.23 17.16
N PHE F 324 -36.11 -22.17 16.71
CA PHE F 324 -36.58 -21.13 17.64
C PHE F 324 -38.08 -21.16 17.93
N THR F 325 -38.83 -21.94 17.18
CA THR F 325 -40.27 -22.03 17.42
C THR F 325 -40.74 -23.36 17.97
N GLU F 326 -41.96 -23.41 18.43
CA GLU F 326 -42.62 -24.58 19.00
C GLU F 326 -44.01 -24.75 18.44
N ALA F 327 -44.60 -25.95 18.54
CA ALA F 327 -45.90 -26.20 17.98
C ALA F 327 -46.54 -27.42 18.58
N ARG F 328 -47.86 -27.52 18.39
CA ARG F 328 -48.67 -28.68 18.72
C ARG F 328 -49.93 -28.58 17.87
N MET F 329 -50.82 -29.57 18.03
N MET F 329 -50.82 -29.58 18.00
CA MET F 329 -52.07 -29.56 17.32
CA MET F 329 -52.00 -29.52 17.18
C MET F 329 -53.00 -28.44 17.82
C MET F 329 -53.07 -28.60 17.82
N THR F 330 -53.95 -28.06 16.99
CA THR F 330 -55.08 -27.32 17.46
C THR F 330 -56.19 -28.35 17.84
N LYS F 331 -57.20 -27.84 18.57
CA LYS F 331 -58.29 -28.70 18.93
C LYS F 331 -59.07 -29.24 17.75
N ILE F 332 -59.23 -28.45 16.71
CA ILE F 332 -59.98 -28.93 15.53
C ILE F 332 -59.20 -30.02 14.80
N THR F 333 -57.87 -30.00 14.93
CA THR F 333 -57.07 -31.06 14.32
C THR F 333 -57.32 -32.42 15.02
N LEU F 334 -57.73 -32.39 16.28
CA LEU F 334 -58.18 -33.64 16.92
C LEU F 334 -59.27 -34.31 16.07
N GLU F 335 -60.11 -33.54 15.40
CA GLU F 335 -61.20 -34.09 14.63
C GLU F 335 -60.73 -34.65 13.27
N LEU F 336 -59.59 -34.17 12.74
CA LEU F 336 -59.05 -34.85 11.56
C LEU F 336 -58.48 -36.23 11.88
N LEU F 337 -57.96 -36.42 13.08
CA LEU F 337 -57.31 -37.66 13.47
C LEU F 337 -58.21 -38.57 14.33
N ARG F 338 -59.41 -38.12 14.67
N ARG F 338 -59.41 -38.12 14.67
CA ARG F 338 -60.27 -38.90 15.55
CA ARG F 338 -60.29 -38.89 15.54
C ARG F 338 -60.63 -40.24 14.90
C ARG F 338 -60.63 -40.24 14.90
N ASP F 339 -60.55 -41.31 15.71
CA ASP F 339 -60.81 -42.70 15.30
C ASP F 339 -59.75 -43.29 14.38
N ILE F 340 -58.60 -42.66 14.25
CA ILE F 340 -57.58 -43.20 13.33
C ILE F 340 -57.04 -44.53 13.82
N ASN F 341 -57.16 -44.82 15.13
N ASN F 341 -57.18 -44.80 15.13
CA ASN F 341 -56.67 -46.11 15.63
CA ASN F 341 -56.73 -46.05 15.74
C ASN F 341 -57.82 -47.09 15.83
C ASN F 341 -57.75 -47.17 15.68
N LYS F 342 -58.90 -46.92 15.09
CA LYS F 342 -60.04 -47.85 15.12
C LYS F 342 -60.30 -48.45 13.74
N ASP F 343 -59.24 -48.71 12.99
CA ASP F 343 -59.34 -49.37 11.68
C ASP F 343 -60.31 -48.64 10.78
N THR F 344 -60.28 -47.31 10.83
CA THR F 344 -61.18 -46.49 10.00
C THR F 344 -60.56 -46.14 8.67
N ILE F 345 -59.22 -46.15 8.56
CA ILE F 345 -58.55 -45.80 7.32
C ILE F 345 -57.42 -46.80 7.10
N ASP F 346 -57.05 -46.98 5.83
CA ASP F 346 -56.00 -47.93 5.50
C ASP F 346 -54.62 -47.33 5.75
N PHE F 347 -53.73 -48.15 6.34
CA PHE F 347 -52.33 -47.76 6.50
C PHE F 347 -51.48 -48.36 5.38
N ILE F 348 -50.36 -47.70 5.08
CA ILE F 348 -49.43 -48.17 4.04
C ILE F 348 -48.01 -48.10 4.60
N ASP F 349 -47.11 -48.85 3.96
CA ASP F 349 -45.69 -48.72 4.30
C ASP F 349 -45.14 -47.35 3.89
N ASN F 350 -44.26 -46.80 4.73
CA ASN F 350 -43.61 -45.54 4.43
C ASN F 350 -42.57 -45.73 3.34
N TYR F 351 -41.73 -44.70 3.13
CA TYR F 351 -40.86 -44.72 1.95
C TYR F 351 -39.80 -45.83 2.01
N ASP F 352 -39.32 -46.18 3.21
CA ASP F 352 -38.27 -47.16 3.34
C ASP F 352 -38.73 -48.50 3.92
N GLY F 353 -40.00 -48.63 4.26
CA GLY F 353 -40.52 -49.87 4.82
C GLY F 353 -40.28 -50.07 6.30
N ASN F 354 -39.71 -49.08 6.98
CA ASN F 354 -39.48 -49.16 8.43
C ASN F 354 -40.63 -48.62 9.27
N GLU F 355 -41.61 -47.95 8.64
CA GLU F 355 -42.72 -47.34 9.35
C GLU F 355 -44.02 -47.57 8.59
N ARG F 356 -45.12 -47.21 9.26
CA ARG F 356 -46.44 -47.21 8.64
C ARG F 356 -47.03 -45.80 8.73
N GLU F 357 -47.75 -45.42 7.69
CA GLU F 357 -48.37 -44.10 7.64
C GLU F 357 -49.74 -44.20 7.04
N PRO F 358 -50.65 -43.28 7.37
CA PRO F 358 -52.00 -43.37 6.82
C PRO F 358 -52.08 -42.91 5.42
N SER F 359 -52.94 -43.59 4.63
CA SER F 359 -53.22 -43.14 3.26
C SER F 359 -54.15 -41.95 3.24
N VAL F 360 -54.94 -41.79 4.29
CA VAL F 360 -55.93 -40.68 4.39
C VAL F 360 -56.26 -40.56 5.87
N LEU F 361 -56.68 -39.40 6.29
CA LEU F 361 -57.14 -39.26 7.68
C LEU F 361 -58.62 -39.41 7.78
N PRO F 362 -59.15 -39.80 8.94
CA PRO F 362 -60.62 -39.91 9.11
C PRO F 362 -61.35 -38.62 8.80
N ALA F 363 -60.76 -37.47 9.13
CA ALA F 363 -61.25 -36.16 8.69
C ALA F 363 -62.74 -35.97 9.02
N ARG F 364 -63.01 -35.81 10.32
CA ARG F 364 -64.40 -35.76 10.74
C ARG F 364 -65.08 -34.44 10.52
N PHE F 365 -64.41 -33.47 9.91
CA PHE F 365 -65.05 -32.27 9.35
C PHE F 365 -64.56 -32.12 7.91
N PRO F 366 -65.33 -31.47 7.05
CA PRO F 366 -64.97 -31.41 5.61
C PRO F 366 -63.82 -30.45 5.33
N ASN F 367 -62.59 -30.95 5.41
CA ASN F 367 -61.40 -30.11 5.48
C ASN F 367 -61.00 -29.59 4.10
N LEU F 368 -61.21 -30.33 3.02
CA LEU F 368 -60.82 -29.85 1.70
C LEU F 368 -61.49 -28.49 1.43
N LEU F 369 -62.82 -28.42 1.59
CA LEU F 369 -63.52 -27.19 1.37
C LEU F 369 -63.38 -26.16 2.46
N ALA F 370 -63.22 -26.62 3.73
CA ALA F 370 -63.14 -25.69 4.86
C ALA F 370 -61.88 -24.82 4.73
N ASN F 371 -60.73 -25.46 4.49
CA ASN F 371 -59.47 -24.73 4.42
C ASN F 371 -58.98 -24.47 3.02
N GLY F 372 -59.64 -25.05 2.00
CA GLY F 372 -59.24 -24.84 0.64
C GLY F 372 -57.91 -25.53 0.31
N ALA F 373 -57.43 -25.25 -0.91
CA ALA F 373 -56.18 -25.84 -1.36
C ALA F 373 -55.67 -25.04 -2.54
N SER F 374 -54.32 -24.99 -2.61
CA SER F 374 -53.64 -24.36 -3.75
C SER F 374 -52.41 -25.16 -4.04
N GLY F 375 -52.27 -25.68 -5.26
CA GLY F 375 -51.10 -26.47 -5.57
C GLY F 375 -50.87 -26.50 -7.08
N ILE F 376 -49.64 -26.21 -7.50
CA ILE F 376 -49.24 -26.28 -8.87
C ILE F 376 -48.59 -27.67 -9.08
N ALA F 377 -49.22 -28.47 -9.96
CA ALA F 377 -48.67 -29.78 -10.23
C ALA F 377 -47.93 -29.80 -11.54
N VAL F 378 -48.22 -30.83 -12.34
CA VAL F 378 -47.73 -30.92 -13.70
C VAL F 378 -48.90 -31.29 -14.60
N GLY F 379 -49.09 -30.54 -15.68
CA GLY F 379 -50.23 -30.68 -16.56
C GLY F 379 -51.52 -30.16 -16.01
N MET F 380 -51.53 -29.69 -14.74
CA MET F 380 -52.77 -29.23 -14.13
C MET F 380 -52.37 -28.62 -12.77
N ALA F 381 -53.29 -27.81 -12.23
CA ALA F 381 -53.09 -27.17 -10.95
C ALA F 381 -54.45 -27.17 -10.23
N THR F 382 -54.44 -26.75 -8.96
CA THR F 382 -55.68 -26.70 -8.24
C THR F 382 -55.74 -25.37 -7.45
N ASN F 383 -56.97 -24.88 -7.28
CA ASN F 383 -57.17 -23.63 -6.56
C ASN F 383 -58.62 -23.72 -5.99
N ILE F 384 -58.72 -24.11 -4.73
CA ILE F 384 -59.97 -24.30 -4.05
C ILE F 384 -60.05 -23.29 -2.89
N PRO F 385 -61.08 -22.45 -2.84
CA PRO F 385 -61.08 -21.42 -1.77
C PRO F 385 -61.60 -22.00 -0.47
N PRO F 386 -61.29 -21.37 0.65
CA PRO F 386 -61.79 -21.82 1.95
C PRO F 386 -63.25 -21.49 2.09
N HIS F 387 -63.89 -22.14 3.07
CA HIS F 387 -65.33 -22.03 3.24
C HIS F 387 -65.67 -21.98 4.73
N ASN F 388 -66.90 -21.60 5.02
CA ASN F 388 -67.39 -21.51 6.38
C ASN F 388 -67.84 -22.90 6.86
N LEU F 389 -67.31 -23.31 8.00
CA LEU F 389 -67.52 -24.66 8.45
C LEU F 389 -68.99 -24.92 8.81
N THR F 390 -69.67 -23.94 9.40
CA THR F 390 -71.10 -24.06 9.65
C THR F 390 -71.85 -24.31 8.35
N GLU F 391 -71.59 -23.47 7.34
CA GLU F 391 -72.29 -23.60 6.07
C GLU F 391 -71.98 -24.93 5.40
N LEU F 392 -70.74 -25.40 5.49
CA LEU F 392 -70.36 -26.64 4.84
C LEU F 392 -71.09 -27.84 5.47
N ILE F 393 -71.10 -27.91 6.81
CA ILE F 393 -71.71 -29.05 7.46
C ILE F 393 -73.23 -29.05 7.23
N ASN F 394 -73.85 -27.88 7.28
CA ASN F 394 -75.26 -27.78 6.90
C ASN F 394 -75.47 -28.29 5.48
N GLY F 395 -74.53 -27.98 4.57
CA GLY F 395 -74.63 -28.50 3.23
C GLY F 395 -74.53 -30.03 3.18
N VAL F 396 -73.61 -30.61 3.94
CA VAL F 396 -73.51 -32.05 3.99
C VAL F 396 -74.75 -32.66 4.59
N LEU F 397 -75.30 -32.02 5.62
CA LEU F 397 -76.56 -32.50 6.24
C LEU F 397 -77.70 -32.46 5.25
N SER F 398 -77.80 -31.39 4.44
CA SER F 398 -78.84 -31.33 3.44
C SER F 398 -78.67 -32.43 2.41
N LEU F 399 -77.44 -32.60 1.94
CA LEU F 399 -77.15 -33.68 0.99
C LEU F 399 -77.54 -35.05 1.53
N SER F 400 -77.21 -35.32 2.80
CA SER F 400 -77.47 -36.63 3.38
C SER F 400 -78.96 -36.93 3.46
N LYS F 401 -79.79 -35.90 3.43
CA LYS F 401 -81.24 -36.06 3.41
C LYS F 401 -81.82 -36.01 2.02
N ASN F 402 -80.98 -35.81 0.99
CA ASN F 402 -81.45 -35.70 -0.39
C ASN F 402 -80.32 -35.95 -1.36
N PRO F 403 -80.10 -37.19 -1.81
CA PRO F 403 -79.02 -37.47 -2.75
C PRO F 403 -79.16 -36.77 -4.12
N ASP F 404 -80.35 -36.33 -4.47
N ASP F 404 -80.35 -36.32 -4.47
CA ASP F 404 -80.60 -35.66 -5.74
CA ASP F 404 -80.58 -35.67 -5.75
C ASP F 404 -80.63 -34.14 -5.62
C ASP F 404 -80.59 -34.15 -5.63
N ILE F 405 -80.11 -33.61 -4.51
CA ILE F 405 -80.09 -32.16 -4.31
C ILE F 405 -79.21 -31.50 -5.37
N SER F 406 -79.64 -30.31 -5.79
CA SER F 406 -78.90 -29.59 -6.84
C SER F 406 -77.86 -28.65 -6.24
N ILE F 407 -76.94 -28.21 -7.07
CA ILE F 407 -75.92 -27.26 -6.64
C ILE F 407 -76.61 -25.97 -6.16
N ALA F 408 -77.61 -25.49 -6.88
CA ALA F 408 -78.29 -24.27 -6.43
C ALA F 408 -78.93 -24.44 -5.13
N GLU F 409 -79.52 -25.61 -4.86
CA GLU F 409 -80.14 -25.87 -3.54
C GLU F 409 -79.08 -25.91 -2.46
N LEU F 410 -77.94 -26.56 -2.74
CA LEU F 410 -76.83 -26.59 -1.76
C LEU F 410 -76.31 -25.19 -1.47
N MET F 411 -76.46 -24.28 -2.44
CA MET F 411 -76.02 -22.91 -2.27
C MET F 411 -76.84 -22.12 -1.26
N GLU F 412 -78.01 -22.65 -0.90
CA GLU F 412 -78.79 -22.06 0.17
C GLU F 412 -78.13 -22.27 1.54
N ASP F 413 -77.28 -23.27 1.66
CA ASP F 413 -76.46 -23.45 2.84
C ASP F 413 -75.06 -22.83 2.68
N ILE F 414 -74.43 -23.16 1.56
CA ILE F 414 -73.09 -22.66 1.26
C ILE F 414 -73.16 -21.46 0.32
N GLU F 415 -73.13 -20.28 0.92
CA GLU F 415 -73.24 -19.03 0.19
C GLU F 415 -72.10 -18.76 -0.77
N GLY F 416 -70.93 -19.32 -0.48
CA GLY F 416 -69.76 -19.03 -1.25
C GLY F 416 -68.54 -19.21 -0.37
N PRO F 417 -67.37 -18.86 -0.87
CA PRO F 417 -66.14 -18.94 -0.08
C PRO F 417 -66.21 -18.04 1.15
N ASP F 418 -65.44 -18.41 2.17
CA ASP F 418 -65.32 -17.60 3.39
C ASP F 418 -63.83 -17.55 3.74
N PHE F 419 -63.18 -16.47 3.33
CA PHE F 419 -61.74 -16.34 3.54
C PHE F 419 -61.34 -15.98 4.96
N PRO F 420 -60.19 -16.54 5.45
CA PRO F 420 -59.88 -16.12 6.84
C PRO F 420 -59.59 -14.63 6.94
N THR F 421 -59.27 -13.98 5.81
CA THR F 421 -58.97 -12.58 5.81
C THR F 421 -60.24 -11.71 5.57
N ALA F 422 -61.40 -12.33 5.61
CA ALA F 422 -62.68 -11.60 5.59
C ALA F 422 -62.82 -10.93 4.21
N GLY F 423 -63.15 -9.66 4.14
CA GLY F 423 -63.20 -9.01 2.86
C GLY F 423 -64.59 -9.16 2.21
N LEU F 424 -64.66 -8.80 0.92
CA LEU F 424 -65.86 -8.88 0.21
C LEU F 424 -65.73 -9.65 -1.10
N ILE F 425 -66.83 -10.31 -1.50
CA ILE F 425 -66.88 -10.94 -2.81
C ILE F 425 -67.94 -10.20 -3.62
N LEU F 426 -67.63 -9.95 -4.90
CA LEU F 426 -68.50 -9.11 -5.74
C LEU F 426 -69.39 -10.04 -6.57
N GLY F 427 -70.62 -10.22 -6.09
CA GLY F 427 -71.65 -11.05 -6.60
C GLY F 427 -71.52 -12.50 -6.63
N LYS F 428 -72.53 -13.20 -7.16
CA LYS F 428 -72.59 -14.68 -7.06
C LYS F 428 -72.32 -15.31 -8.40
N SER F 429 -72.15 -14.52 -9.43
CA SER F 429 -71.96 -15.08 -10.78
C SER F 429 -70.78 -16.00 -10.86
N GLY F 430 -69.61 -15.57 -10.32
CA GLY F 430 -68.45 -16.45 -10.40
C GLY F 430 -68.58 -17.63 -9.40
N ILE F 431 -69.14 -17.36 -8.21
CA ILE F 431 -69.36 -18.41 -7.24
C ILE F 431 -70.22 -19.55 -7.83
N ARG F 432 -71.33 -19.16 -8.44
CA ARG F 432 -72.25 -20.17 -8.96
C ARG F 432 -71.58 -20.99 -10.08
N ARG F 433 -70.85 -20.33 -10.97
N ARG F 433 -70.85 -20.31 -10.97
CA ARG F 433 -70.16 -21.03 -12.01
CA ARG F 433 -70.15 -21.01 -12.03
C ARG F 433 -69.07 -21.98 -11.49
C ARG F 433 -69.11 -21.99 -11.46
N ALA F 434 -68.34 -21.51 -10.48
CA ALA F 434 -67.35 -22.39 -9.86
C ALA F 434 -67.98 -23.61 -9.19
N TYR F 435 -69.12 -23.42 -8.53
CA TYR F 435 -69.77 -24.52 -7.84
C TYR F 435 -70.46 -25.47 -8.82
N GLU F 436 -70.98 -24.95 -9.93
N GLU F 436 -70.96 -24.96 -9.94
CA GLU F 436 -71.63 -25.82 -10.90
CA GLU F 436 -71.64 -25.80 -10.90
C GLU F 436 -70.62 -26.62 -11.71
C GLU F 436 -70.65 -26.59 -11.77
N THR F 437 -69.47 -26.03 -12.03
CA THR F 437 -68.52 -26.64 -12.93
C THR F 437 -67.16 -26.94 -12.40
N GLY F 438 -66.83 -26.41 -11.21
CA GLY F 438 -65.48 -26.55 -10.65
C GLY F 438 -64.55 -25.42 -11.08
N ARG F 439 -64.98 -24.52 -11.97
CA ARG F 439 -64.14 -23.45 -12.41
C ARG F 439 -64.95 -22.15 -12.54
N GLY F 440 -64.29 -21.04 -12.27
CA GLY F 440 -64.96 -19.75 -12.30
C GLY F 440 -64.13 -18.72 -11.56
N SER F 441 -64.33 -17.48 -11.93
CA SER F 441 -63.55 -16.35 -11.42
C SER F 441 -64.40 -15.58 -10.39
N ILE F 442 -63.81 -15.42 -9.21
CA ILE F 442 -64.45 -14.73 -8.11
C ILE F 442 -63.65 -13.44 -7.79
N GLN F 443 -64.31 -12.32 -7.85
CA GLN F 443 -63.65 -11.08 -7.51
C GLN F 443 -63.67 -10.80 -6.04
N MET F 444 -62.47 -10.61 -5.48
CA MET F 444 -62.32 -10.37 -4.03
C MET F 444 -61.93 -8.89 -3.90
N ARG F 445 -62.69 -8.18 -3.05
CA ARG F 445 -62.41 -6.77 -2.86
C ARG F 445 -62.16 -6.43 -1.38
N SER F 446 -61.20 -5.56 -1.15
CA SER F 446 -60.89 -5.15 0.19
C SER F 446 -62.04 -4.38 0.79
N ARG F 447 -62.17 -4.39 2.11
CA ARG F 447 -63.12 -3.54 2.80
C ARG F 447 -62.49 -2.18 2.99
N ALA F 448 -63.00 -1.17 2.29
CA ALA F 448 -62.48 0.20 2.37
C ALA F 448 -63.67 1.14 2.51
N VAL F 449 -63.50 2.15 3.38
CA VAL F 449 -64.49 3.19 3.54
C VAL F 449 -63.85 4.57 3.33
N ILE F 450 -64.64 5.50 2.88
CA ILE F 450 -64.27 6.90 2.72
C ILE F 450 -64.81 7.69 3.89
N GLU F 451 -63.91 8.27 4.66
CA GLU F 451 -64.30 9.13 5.78
C GLU F 451 -64.21 10.60 5.38
N GLU F 452 -65.30 11.33 5.59
CA GLU F 452 -65.32 12.77 5.34
C GLU F 452 -64.79 13.53 6.53
N ARG F 453 -63.84 14.41 6.30
CA ARG F 453 -63.18 15.16 7.33
C ARG F 453 -63.34 16.68 7.13
N GLY F 454 -62.88 17.46 8.12
CA GLY F 454 -63.04 18.89 8.04
C GLY F 454 -62.31 19.52 6.87
N GLY F 455 -62.70 20.69 6.51
CA GLY F 455 -62.13 21.40 5.37
C GLY F 455 -62.22 20.69 4.04
N GLY F 456 -63.26 19.92 3.82
CA GLY F 456 -63.43 19.16 2.59
C GLY F 456 -62.43 18.02 2.41
N ARG F 457 -61.66 17.71 3.43
CA ARG F 457 -60.67 16.63 3.31
C ARG F 457 -61.34 15.26 3.37
N GLN F 458 -60.64 14.26 2.92
CA GLN F 458 -61.16 12.89 2.83
C GLN F 458 -60.02 11.93 3.11
N ARG F 459 -60.35 10.74 3.61
N ARG F 459 -60.36 10.71 3.53
CA ARG F 459 -59.36 9.71 3.79
CA ARG F 459 -59.44 9.69 3.90
C ARG F 459 -59.99 8.33 3.57
C ARG F 459 -60.02 8.30 3.59
N ILE F 460 -59.19 7.43 3.02
CA ILE F 460 -59.59 6.05 2.76
C ILE F 460 -59.02 5.17 3.86
N VAL F 461 -59.85 4.35 4.47
CA VAL F 461 -59.41 3.44 5.52
C VAL F 461 -59.75 2.00 5.06
N VAL F 462 -58.72 1.20 4.84
CA VAL F 462 -58.88 -0.19 4.47
C VAL F 462 -58.66 -1.05 5.71
N THR F 463 -59.65 -1.86 6.06
CA THR F 463 -59.59 -2.70 7.24
C THR F 463 -59.62 -4.22 6.94
N GLU F 464 -59.88 -4.62 5.68
CA GLU F 464 -59.83 -6.01 5.31
C GLU F 464 -59.25 -6.04 3.86
N ILE F 465 -58.37 -7.03 3.60
CA ILE F 465 -57.74 -7.09 2.28
C ILE F 465 -57.96 -8.50 1.72
N PRO F 466 -57.73 -8.64 0.34
CA PRO F 466 -58.03 -10.00 -0.12
C PRO F 466 -57.16 -11.15 0.34
N PHE F 467 -57.70 -12.36 0.23
CA PHE F 467 -57.03 -13.57 0.59
C PHE F 467 -55.71 -13.73 -0.19
N GLN F 468 -54.70 -14.18 0.48
CA GLN F 468 -53.37 -14.42 -0.07
C GLN F 468 -52.68 -13.15 -0.63
N VAL F 469 -53.10 -11.98 -0.20
CA VAL F 469 -52.51 -10.75 -0.65
C VAL F 469 -51.53 -10.26 0.43
N ASN F 470 -50.28 -10.03 0.02
CA ASN F 470 -49.28 -9.50 0.92
C ASN F 470 -49.57 -8.01 1.17
N LYS F 471 -49.79 -7.66 2.43
CA LYS F 471 -50.21 -6.29 2.75
C LYS F 471 -49.14 -5.27 2.46
N ALA F 472 -47.92 -5.52 2.99
CA ALA F 472 -46.81 -4.57 2.78
C ALA F 472 -46.51 -4.42 1.29
N ARG F 473 -46.59 -5.51 0.56
N ARG F 473 -46.58 -5.47 0.51
CA ARG F 473 -46.34 -5.48 -0.87
CA ARG F 473 -46.38 -5.37 -0.92
C ARG F 473 -47.44 -4.70 -1.62
C ARG F 473 -47.47 -4.55 -1.60
N MET F 474 -48.68 -4.77 -1.12
CA MET F 474 -49.77 -3.99 -1.69
C MET F 474 -49.56 -2.47 -1.44
N ILE F 475 -49.16 -2.13 -0.23
CA ILE F 475 -48.89 -0.75 0.13
C ILE F 475 -47.74 -0.18 -0.75
N GLU F 476 -46.70 -0.99 -0.98
N GLU F 476 -46.73 -1.00 -0.99
CA GLU F 476 -45.58 -0.53 -1.77
CA GLU F 476 -45.60 -0.62 -1.78
C GLU F 476 -46.02 -0.37 -3.26
C GLU F 476 -46.06 -0.35 -3.23
N LYS F 477 -47.02 -1.09 -3.69
N LYS F 477 -47.07 -1.08 -3.68
CA LYS F 477 -47.60 -0.94 -5.02
CA LYS F 477 -47.61 -0.91 -5.01
C LYS F 477 -48.28 0.41 -5.13
C LYS F 477 -48.29 0.42 -5.14
N ILE F 478 -49.03 0.81 -4.10
CA ILE F 478 -49.68 2.12 -4.07
C ILE F 478 -48.62 3.22 -4.03
N ALA F 479 -47.63 3.06 -3.16
CA ALA F 479 -46.57 4.05 -3.05
C ALA F 479 -45.83 4.22 -4.35
N GLU F 480 -45.59 3.11 -5.07
CA GLU F 480 -44.90 3.17 -6.37
C GLU F 480 -45.74 3.92 -7.40
N LEU F 481 -47.06 3.77 -7.35
CA LEU F 481 -47.93 4.48 -8.27
C LEU F 481 -47.96 5.98 -7.97
N VAL F 482 -48.06 6.33 -6.68
CA VAL F 482 -48.01 7.74 -6.28
C VAL F 482 -46.65 8.34 -6.65
N ARG F 483 -45.58 7.58 -6.45
CA ARG F 483 -44.24 8.10 -6.71
C ARG F 483 -44.01 8.35 -8.19
N ASP F 484 -44.58 7.50 -9.04
CA ASP F 484 -44.49 7.67 -10.48
C ASP F 484 -45.61 8.52 -11.05
N LYS F 485 -46.37 9.18 -10.19
CA LYS F 485 -47.43 10.06 -10.64
C LYS F 485 -48.51 9.32 -11.45
N LYS F 486 -48.69 8.04 -11.18
CA LYS F 486 -49.72 7.29 -11.88
C LYS F 486 -51.05 7.55 -11.21
N ILE F 487 -51.00 8.08 -9.98
CA ILE F 487 -52.23 8.42 -9.26
C ILE F 487 -52.04 9.77 -8.63
N ASP F 488 -53.13 10.54 -8.61
N ASP F 488 -53.13 10.55 -8.58
CA ASP F 488 -53.08 11.91 -8.10
CA ASP F 488 -53.06 11.94 -8.14
C ASP F 488 -54.00 12.10 -6.91
C ASP F 488 -54.02 12.17 -6.97
N GLY F 489 -53.60 12.97 -5.99
CA GLY F 489 -54.42 13.28 -4.82
C GLY F 489 -54.17 12.58 -3.51
N ILE F 490 -53.23 11.62 -3.50
CA ILE F 490 -52.88 10.90 -2.26
C ILE F 490 -51.80 11.69 -1.50
N THR F 491 -52.16 12.25 -0.35
CA THR F 491 -51.20 12.98 0.48
C THR F 491 -50.34 12.15 1.42
N ASP F 492 -50.90 11.06 1.98
CA ASP F 492 -50.15 10.19 2.87
C ASP F 492 -50.63 8.73 2.77
N LEU F 493 -49.71 7.80 3.01
CA LEU F 493 -50.02 6.37 3.00
C LEU F 493 -49.43 5.76 4.25
N ARG F 494 -50.27 5.16 5.10
CA ARG F 494 -49.80 4.59 6.35
C ARG F 494 -50.42 3.24 6.69
N ASP F 495 -49.56 2.33 7.22
CA ASP F 495 -50.05 1.06 7.69
C ASP F 495 -50.14 1.19 9.24
N GLU F 496 -51.37 1.30 9.74
CA GLU F 496 -51.61 1.41 11.15
C GLU F 496 -52.14 0.12 11.76
N THR F 497 -51.91 -1.01 11.09
CA THR F 497 -52.35 -2.31 11.57
C THR F 497 -51.79 -2.54 12.96
N SER F 498 -52.63 -3.06 13.85
CA SER F 498 -52.18 -3.39 15.21
C SER F 498 -52.98 -4.57 15.71
N LEU F 499 -52.56 -5.11 16.84
CA LEU F 499 -53.34 -6.13 17.51
C LEU F 499 -54.71 -5.62 17.93
N ARG F 500 -54.80 -4.36 18.35
CA ARG F 500 -56.05 -3.82 18.86
C ARG F 500 -57.09 -3.63 17.70
N THR F 501 -56.63 -3.12 16.54
CA THR F 501 -57.51 -2.79 15.46
C THR F 501 -57.52 -3.79 14.34
N GLY F 502 -56.53 -4.70 14.28
CA GLY F 502 -56.44 -5.51 13.08
C GLY F 502 -55.92 -4.67 11.93
N VAL F 503 -56.09 -5.17 10.71
CA VAL F 503 -55.66 -4.50 9.50
C VAL F 503 -56.22 -3.10 9.47
N ARG F 504 -55.34 -2.12 9.26
CA ARG F 504 -55.77 -0.71 9.15
C ARG F 504 -54.75 -0.01 8.22
N VAL F 505 -55.14 0.21 6.98
CA VAL F 505 -54.29 0.91 6.04
C VAL F 505 -54.98 2.21 5.66
N VAL F 506 -54.27 3.32 5.88
CA VAL F 506 -54.89 4.64 5.78
C VAL F 506 -54.28 5.38 4.60
N ILE F 507 -55.15 5.97 3.79
CA ILE F 507 -54.75 6.77 2.63
C ILE F 507 -55.38 8.12 2.74
N ASP F 508 -54.57 9.14 2.96
CA ASP F 508 -55.06 10.53 3.02
C ASP F 508 -55.15 11.12 1.63
N VAL F 509 -56.22 11.86 1.39
CA VAL F 509 -56.55 12.39 0.05
C VAL F 509 -56.49 13.89 0.08
N ARG F 510 -55.84 14.47 -0.90
N ARG F 510 -55.89 14.45 -0.95
CA ARG F 510 -55.70 15.92 -1.09
CA ARG F 510 -55.76 15.91 -1.17
C ARG F 510 -57.04 16.61 -1.31
C ARG F 510 -57.12 16.60 -1.32
N LYS F 511 -57.21 17.81 -0.77
CA LYS F 511 -58.46 18.53 -0.94
C LYS F 511 -58.72 18.74 -2.46
N ASP F 512 -59.98 18.79 -2.83
CA ASP F 512 -60.36 18.95 -4.22
C ASP F 512 -59.93 17.79 -5.11
N ALA F 513 -59.53 16.69 -4.47
CA ALA F 513 -59.37 15.39 -5.14
C ALA F 513 -60.54 14.51 -4.70
N ASN F 514 -60.98 13.67 -5.65
CA ASN F 514 -62.13 12.81 -5.36
C ASN F 514 -61.64 11.44 -4.79
N ALA F 515 -62.01 11.18 -3.55
CA ALA F 515 -61.58 9.94 -2.94
C ALA F 515 -62.24 8.73 -3.56
N SER F 516 -63.49 8.87 -4.00
CA SER F 516 -64.15 7.75 -4.64
C SER F 516 -63.43 7.38 -5.94
N VAL F 517 -62.96 8.38 -6.68
CA VAL F 517 -62.26 8.14 -7.93
C VAL F 517 -60.95 7.42 -7.67
N ILE F 518 -60.23 7.89 -6.66
CA ILE F 518 -58.96 7.28 -6.30
C ILE F 518 -59.16 5.85 -5.83
N LEU F 519 -60.20 5.62 -5.04
CA LEU F 519 -60.46 4.28 -4.51
C LEU F 519 -60.86 3.31 -5.63
N ASN F 520 -61.69 3.77 -6.56
CA ASN F 520 -62.09 2.95 -7.68
C ASN F 520 -60.89 2.62 -8.55
N ASN F 521 -60.00 3.58 -8.72
CA ASN F 521 -58.76 3.35 -9.47
C ASN F 521 -57.85 2.38 -8.74
N LEU F 522 -57.77 2.50 -7.41
CA LEU F 522 -56.91 1.60 -6.63
C LEU F 522 -57.34 0.16 -6.81
N TYR F 523 -58.65 -0.10 -6.90
CA TYR F 523 -59.12 -1.46 -7.11
C TYR F 523 -58.58 -2.01 -8.44
N LYS F 524 -58.49 -1.17 -9.43
CA LYS F 524 -57.99 -1.61 -10.76
C LYS F 524 -56.48 -1.73 -10.83
N GLN F 525 -55.75 -0.89 -10.10
CA GLN F 525 -54.30 -0.75 -10.28
C GLN F 525 -53.48 -1.55 -9.31
N THR F 526 -54.12 -2.02 -8.24
CA THR F 526 -53.44 -2.72 -7.17
C THR F 526 -54.16 -3.99 -6.74
N PRO F 527 -53.46 -4.78 -5.84
CA PRO F 527 -54.16 -5.96 -5.38
C PRO F 527 -55.31 -5.64 -4.40
N LEU F 528 -55.64 -4.37 -4.24
CA LEU F 528 -56.73 -3.95 -3.37
C LEU F 528 -57.99 -4.73 -3.74
N GLN F 529 -58.08 -5.05 -5.02
CA GLN F 529 -59.14 -5.92 -5.50
C GLN F 529 -58.37 -7.00 -6.27
N THR F 530 -58.66 -8.25 -5.99
CA THR F 530 -57.97 -9.35 -6.63
C THR F 530 -58.94 -10.46 -6.94
N SER F 531 -58.62 -11.22 -8.01
CA SER F 531 -59.52 -12.30 -8.36
C SER F 531 -59.00 -13.64 -7.89
N PHE F 532 -59.94 -14.51 -7.53
CA PHE F 532 -59.59 -15.86 -7.13
C PHE F 532 -60.13 -16.77 -8.26
N GLY F 533 -59.24 -17.34 -9.01
CA GLY F 533 -59.71 -18.21 -10.11
C GLY F 533 -59.88 -19.66 -9.56
N VAL F 534 -61.13 -20.02 -9.31
CA VAL F 534 -61.44 -21.31 -8.76
C VAL F 534 -61.14 -22.40 -9.83
N ASN F 535 -60.53 -23.50 -9.39
CA ASN F 535 -60.12 -24.58 -10.26
C ASN F 535 -60.00 -25.83 -9.32
N MET F 536 -61.15 -26.47 -9.09
CA MET F 536 -61.31 -27.42 -8.00
C MET F 536 -60.87 -28.83 -8.48
N ILE F 537 -59.58 -29.13 -8.33
CA ILE F 537 -59.00 -30.38 -8.72
C ILE F 537 -58.46 -31.07 -7.43
N ALA F 538 -58.97 -32.30 -7.19
CA ALA F 538 -58.51 -33.05 -6.06
C ALA F 538 -58.34 -34.52 -6.49
N LEU F 539 -57.64 -35.28 -5.63
CA LEU F 539 -57.43 -36.68 -5.91
C LEU F 539 -58.69 -37.45 -5.50
N VAL F 540 -59.30 -38.12 -6.46
CA VAL F 540 -60.47 -38.95 -6.23
C VAL F 540 -60.11 -40.37 -6.65
N ASN F 541 -60.17 -41.29 -5.68
CA ASN F 541 -59.74 -42.69 -5.91
C ASN F 541 -58.29 -42.74 -6.42
N GLY F 542 -57.49 -41.80 -5.97
CA GLY F 542 -56.10 -41.76 -6.37
C GLY F 542 -55.81 -41.11 -7.70
N ARG F 543 -56.79 -40.46 -8.34
CA ARG F 543 -56.60 -39.80 -9.60
C ARG F 543 -57.09 -38.39 -9.60
N PRO F 544 -56.40 -37.48 -10.32
CA PRO F 544 -56.83 -36.10 -10.39
C PRO F 544 -58.15 -35.97 -11.16
N LYS F 545 -59.03 -35.10 -10.65
CA LYS F 545 -60.33 -34.90 -11.23
C LYS F 545 -60.80 -33.48 -10.89
N LEU F 546 -61.38 -32.85 -11.94
CA LEU F 546 -62.07 -31.56 -11.72
C LEU F 546 -63.48 -31.87 -11.23
N ILE F 547 -63.83 -31.34 -10.06
CA ILE F 547 -65.09 -31.68 -9.42
C ILE F 547 -65.89 -30.43 -9.11
N ASN F 548 -67.21 -30.56 -9.12
CA ASN F 548 -68.05 -29.41 -8.72
C ASN F 548 -68.40 -29.52 -7.28
N LEU F 549 -69.20 -28.57 -6.77
CA LEU F 549 -69.44 -28.49 -5.30
C LEU F 549 -70.12 -29.75 -4.78
N LYS F 550 -71.13 -30.25 -5.51
CA LYS F 550 -71.85 -31.43 -5.02
C LYS F 550 -70.94 -32.66 -4.98
N GLU F 551 -70.15 -32.89 -6.04
CA GLU F 551 -69.27 -34.03 -6.06
C GLU F 551 -68.21 -33.93 -4.92
N ALA F 552 -67.77 -32.73 -4.60
CA ALA F 552 -66.88 -32.59 -3.45
C ALA F 552 -67.56 -33.01 -2.18
N LEU F 553 -68.81 -32.58 -1.97
CA LEU F 553 -69.54 -32.91 -0.75
C LEU F 553 -69.94 -34.42 -0.74
N VAL F 554 -70.19 -35.01 -1.92
CA VAL F 554 -70.57 -36.38 -1.95
C VAL F 554 -69.42 -37.31 -1.54
N HIS F 555 -68.25 -37.08 -2.10
CA HIS F 555 -67.12 -37.93 -1.74
C HIS F 555 -66.75 -37.79 -0.28
N TYR F 556 -66.91 -36.60 0.28
CA TYR F 556 -66.63 -36.46 1.72
C TYR F 556 -67.63 -37.24 2.55
N LEU F 557 -68.92 -37.17 2.18
CA LEU F 557 -69.96 -37.87 2.95
C LEU F 557 -69.77 -39.38 2.84
N GLU F 558 -69.41 -39.90 1.66
N GLU F 558 -69.42 -39.90 1.65
CA GLU F 558 -69.11 -41.32 1.56
CA GLU F 558 -69.09 -41.31 1.53
C GLU F 558 -67.91 -41.70 2.42
C GLU F 558 -67.91 -41.69 2.43
N HIS F 559 -66.91 -40.83 2.46
CA HIS F 559 -65.77 -41.07 3.36
C HIS F 559 -66.20 -41.14 4.80
N GLN F 560 -67.16 -40.29 5.21
CA GLN F 560 -67.61 -40.31 6.59
C GLN F 560 -68.46 -41.53 6.90
N LYS F 561 -69.30 -41.93 5.96
CA LYS F 561 -70.06 -43.21 6.13
C LYS F 561 -69.12 -44.39 6.25
N THR F 562 -68.07 -44.41 5.46
CA THR F 562 -67.11 -45.52 5.50
C THR F 562 -66.31 -45.48 6.81
N VAL F 563 -65.98 -44.26 7.31
CA VAL F 563 -65.18 -44.16 8.50
C VAL F 563 -65.99 -44.63 9.72
N VAL F 564 -67.24 -44.14 9.84
CA VAL F 564 -68.06 -44.50 10.99
C VAL F 564 -68.44 -45.97 10.91
N ARG F 565 -68.68 -46.50 9.70
CA ARG F 565 -68.98 -47.92 9.55
C ARG F 565 -67.79 -48.78 9.97
N ARG F 566 -66.59 -48.42 9.53
CA ARG F 566 -65.41 -49.20 9.88
C ARG F 566 -65.08 -49.07 11.37
N ARG F 567 -65.42 -47.92 11.96
CA ARG F 567 -65.18 -47.71 13.38
C ARG F 567 -66.14 -48.59 14.20
N THR F 568 -67.37 -48.69 13.72
CA THR F 568 -68.39 -49.49 14.40
C THR F 568 -68.00 -50.96 14.33
N GLN F 569 -67.57 -51.41 13.18
CA GLN F 569 -67.12 -52.79 13.01
C GLN F 569 -65.92 -53.10 13.91
N TYR F 570 -64.97 -52.17 14.02
CA TYR F 570 -63.82 -52.36 14.89
C TYR F 570 -64.24 -52.47 16.33
N ASN F 571 -65.10 -51.55 16.77
CA ASN F 571 -65.59 -51.56 18.14
C ASN F 571 -66.33 -52.85 18.44
N LEU F 572 -67.07 -53.36 17.48
CA LEU F 572 -67.83 -54.60 17.67
C LEU F 572 -66.90 -55.81 17.77
N ARG F 573 -65.87 -55.86 16.97
CA ARG F 573 -64.88 -56.94 17.10
C ARG F 573 -64.22 -56.91 18.48
N LYS F 574 -63.79 -55.72 18.92
CA LYS F 574 -63.10 -55.62 20.20
C LYS F 574 -64.05 -55.90 21.37
N ALA F 575 -65.29 -55.47 21.26
CA ALA F 575 -66.25 -55.70 22.33
C ALA F 575 -66.62 -57.17 22.45
N LYS F 576 -66.76 -57.87 21.31
CA LYS F 576 -67.01 -59.30 21.33
C LYS F 576 -65.80 -60.05 21.90
N ASP F 577 -64.60 -59.60 21.59
CA ASP F 577 -63.39 -60.24 22.13
C ASP F 577 -63.33 -60.11 23.64
N ARG F 578 -63.56 -58.90 24.17
CA ARG F 578 -63.53 -58.69 25.59
C ARG F 578 -64.65 -59.47 26.29
N ALA F 579 -65.85 -59.47 25.70
CA ALA F 579 -66.97 -60.22 26.27
C ALA F 579 -66.64 -61.71 26.36
N HIS F 580 -65.98 -62.24 25.35
CA HIS F 580 -65.53 -63.62 25.39
C HIS F 580 -64.58 -63.85 26.53
N ILE F 581 -63.65 -62.90 26.76
CA ILE F 581 -62.72 -63.00 27.88
C ILE F 581 -63.50 -62.94 29.20
N LEU F 582 -64.42 -61.99 29.31
CA LEU F 582 -65.19 -61.85 30.54
C LEU F 582 -66.03 -63.08 30.84
N GLU F 583 -66.51 -63.76 29.78
CA GLU F 583 -67.22 -65.02 29.99
C GLU F 583 -66.32 -66.08 30.61
N GLY F 584 -65.07 -66.14 30.16
CA GLY F 584 -64.11 -67.04 30.79
C GLY F 584 -63.85 -66.69 32.24
N LEU F 585 -63.70 -65.40 32.53
CA LEU F 585 -63.47 -64.97 33.90
C LEU F 585 -64.69 -65.25 34.79
N ARG F 586 -65.91 -65.12 34.24
CA ARG F 586 -67.09 -65.38 35.04
C ARG F 586 -67.26 -66.89 35.34
N ILE F 587 -66.90 -67.74 34.40
CA ILE F 587 -66.85 -69.17 34.67
C ILE F 587 -65.79 -69.46 35.74
N ALA F 588 -64.66 -68.76 35.71
CA ALA F 588 -63.63 -68.99 36.71
C ALA F 588 -64.09 -68.56 38.09
N LEU F 589 -64.79 -67.43 38.19
CA LEU F 589 -65.25 -66.98 39.50
C LEU F 589 -66.38 -67.82 40.02
N ASP F 590 -67.19 -68.40 39.13
CA ASP F 590 -68.26 -69.31 39.56
C ASP F 590 -67.71 -70.61 40.11
N HIS F 591 -66.49 -70.99 39.78
CA HIS F 591 -65.93 -72.29 40.15
C HIS F 591 -64.49 -72.12 40.59
N ILE F 592 -64.27 -71.05 41.36
CA ILE F 592 -62.95 -70.65 41.73
C ILE F 592 -62.12 -71.72 42.47
N ASP F 593 -62.76 -72.45 43.38
CA ASP F 593 -62.11 -73.50 44.11
C ASP F 593 -61.59 -74.58 43.14
N GLU F 594 -62.45 -74.94 42.19
CA GLU F 594 -62.08 -75.90 41.18
C GLU F 594 -60.96 -75.36 40.28
N ILE F 595 -61.05 -74.07 39.96
CA ILE F 595 -60.05 -73.46 39.09
C ILE F 595 -58.70 -73.50 39.77
N ILE F 596 -58.67 -73.13 41.04
CA ILE F 596 -57.45 -73.09 41.78
C ILE F 596 -56.81 -74.46 41.96
N SER F 597 -57.63 -75.49 42.24
CA SER F 597 -57.09 -76.80 42.39
C SER F 597 -56.53 -77.31 41.05
N THR F 598 -57.21 -76.97 39.96
CA THR F 598 -56.77 -77.40 38.65
C THR F 598 -55.40 -76.81 38.33
N ILE F 599 -55.21 -75.54 38.67
CA ILE F 599 -53.93 -74.90 38.41
C ILE F 599 -52.78 -75.44 39.31
N ARG F 600 -53.07 -75.63 40.57
CA ARG F 600 -52.08 -76.11 41.51
C ARG F 600 -51.56 -77.50 41.18
N GLU F 601 -52.45 -78.37 40.76
CA GLU F 601 -52.04 -79.71 40.39
C GLU F 601 -51.36 -79.81 39.01
N SER F 602 -51.29 -78.68 38.30
CA SER F 602 -50.62 -78.67 37.01
C SER F 602 -49.13 -78.43 37.20
N ASP F 603 -48.31 -79.19 36.49
N ASP F 603 -48.32 -79.20 36.48
CA ASP F 603 -46.87 -79.00 36.65
CA ASP F 603 -46.87 -79.07 36.58
C ASP F 603 -46.37 -77.77 35.93
C ASP F 603 -46.33 -77.82 35.90
N THR F 604 -46.82 -77.56 34.69
CA THR F 604 -46.39 -76.42 33.89
C THR F 604 -47.60 -75.55 33.56
N ASP F 605 -47.35 -74.39 32.99
CA ASP F 605 -48.38 -73.52 32.48
C ASP F 605 -49.12 -74.17 31.33
N LYS F 606 -48.39 -74.92 30.48
CA LYS F 606 -49.01 -75.59 29.34
C LYS F 606 -50.02 -76.63 29.83
N VAL F 607 -49.69 -77.36 30.89
CA VAL F 607 -50.62 -78.34 31.43
C VAL F 607 -51.84 -77.65 32.02
N ALA F 608 -51.62 -76.59 32.79
CA ALA F 608 -52.74 -75.82 33.36
C ALA F 608 -53.63 -75.29 32.24
N MET F 609 -53.03 -74.82 31.15
CA MET F 609 -53.82 -74.35 30.01
C MET F 609 -54.72 -75.47 29.45
N GLU F 610 -54.11 -76.62 29.18
CA GLU F 610 -54.86 -77.72 28.64
C GLU F 610 -55.94 -78.22 29.60
N SER F 611 -55.65 -78.21 30.88
CA SER F 611 -56.62 -78.67 31.87
C SER F 611 -57.82 -77.74 31.97
N LEU F 612 -57.58 -76.46 32.05
CA LEU F 612 -58.67 -75.49 32.14
C LEU F 612 -59.60 -75.57 30.95
N GLN F 613 -59.02 -75.70 29.77
CA GLN F 613 -59.80 -75.80 28.54
C GLN F 613 -60.65 -77.05 28.53
N GLN F 614 -60.04 -78.17 28.91
CA GLN F 614 -60.72 -79.45 28.92
C GLN F 614 -61.81 -79.56 29.96
N ARG F 615 -61.51 -79.20 31.19
CA ARG F 615 -62.46 -79.32 32.29
C ARG F 615 -63.58 -78.31 32.31
N PHE F 616 -63.35 -77.09 31.85
CA PHE F 616 -64.38 -76.08 31.85
C PHE F 616 -64.84 -75.58 30.49
N LYS F 617 -64.50 -76.33 29.46
CA LYS F 617 -64.86 -76.01 28.09
C LYS F 617 -64.50 -74.54 27.77
N LEU F 618 -63.30 -74.16 28.17
CA LEU F 618 -62.82 -72.82 27.91
C LEU F 618 -61.99 -72.78 26.63
N SER F 619 -62.01 -71.62 25.98
CA SER F 619 -61.12 -71.42 24.84
C SER F 619 -59.69 -71.19 25.35
N GLU F 620 -58.73 -71.25 24.43
CA GLU F 620 -57.36 -70.98 24.79
C GLU F 620 -57.19 -69.55 25.31
N LYS F 621 -57.88 -68.61 24.69
CA LYS F 621 -57.77 -67.21 25.14
C LYS F 621 -58.39 -67.02 26.52
N GLN F 622 -59.51 -67.71 26.80
CA GLN F 622 -60.11 -67.61 28.12
C GLN F 622 -59.24 -68.26 29.19
N ALA F 623 -58.66 -69.42 28.88
CA ALA F 623 -57.78 -70.09 29.85
C ALA F 623 -56.57 -69.23 30.13
N GLN F 624 -56.03 -68.55 29.11
N GLN F 624 -56.01 -68.55 29.11
CA GLN F 624 -54.87 -67.67 29.33
CA GLN F 624 -54.87 -67.67 29.31
C GLN F 624 -55.25 -66.48 30.18
C GLN F 624 -55.25 -66.48 30.18
N ALA F 625 -56.43 -65.91 29.96
CA ALA F 625 -56.85 -64.75 30.75
C ALA F 625 -57.08 -65.13 32.21
N ILE F 626 -57.51 -66.35 32.47
CA ILE F 626 -57.66 -66.82 33.84
C ILE F 626 -56.28 -66.96 34.49
N LEU F 627 -55.32 -67.56 33.77
CA LEU F 627 -53.98 -67.70 34.31
C LEU F 627 -53.28 -66.36 34.53
N ASP F 628 -53.72 -65.33 33.80
CA ASP F 628 -53.16 -64.00 33.97
C ASP F 628 -53.88 -63.18 35.01
N MET F 629 -54.96 -63.72 35.55
CA MET F 629 -55.76 -62.97 36.53
C MET F 629 -54.97 -62.82 37.82
N ARG F 630 -54.93 -61.60 38.35
CA ARG F 630 -54.29 -61.33 39.61
C ARG F 630 -55.19 -61.67 40.77
N LEU F 631 -54.59 -62.01 41.91
CA LEU F 631 -55.37 -62.43 43.11
C LEU F 631 -56.38 -61.39 43.61
N ARG F 632 -55.99 -60.12 43.46
CA ARG F 632 -56.81 -59.00 43.88
C ARG F 632 -58.14 -58.96 43.10
N ARG F 633 -58.17 -59.63 41.97
CA ARG F 633 -59.37 -59.68 41.16
C ARG F 633 -60.47 -60.43 41.94
N LEU F 634 -60.03 -61.26 42.87
CA LEU F 634 -60.92 -62.06 43.68
C LEU F 634 -61.67 -61.32 44.80
N THR F 635 -61.26 -60.09 45.13
CA THR F 635 -61.96 -59.36 46.17
C THR F 635 -63.43 -59.15 45.78
N GLY F 636 -64.26 -58.70 46.71
CA GLY F 636 -65.66 -58.53 46.42
C GLY F 636 -65.97 -57.52 45.32
N LEU F 637 -65.35 -56.34 45.42
CA LEU F 637 -65.58 -55.30 44.44
C LEU F 637 -65.12 -55.72 43.06
N GLU F 638 -63.94 -56.33 42.99
CA GLU F 638 -63.40 -56.76 41.71
C GLU F 638 -64.26 -57.81 41.03
N ARG F 639 -64.81 -58.73 41.81
CA ARG F 639 -65.68 -59.75 41.23
C ARG F 639 -66.90 -59.07 40.61
N ASP F 640 -67.43 -58.08 41.32
CA ASP F 640 -68.59 -57.33 40.86
C ASP F 640 -68.28 -56.55 39.59
N LYS F 641 -67.09 -55.98 39.54
CA LYS F 641 -66.67 -55.19 38.38
C LYS F 641 -66.64 -56.04 37.12
N ILE F 642 -66.19 -57.28 37.25
CA ILE F 642 -66.16 -58.17 36.11
C ILE F 642 -67.56 -58.39 35.58
N GLU F 643 -68.52 -58.62 36.48
CA GLU F 643 -69.90 -58.83 36.09
C GLU F 643 -70.51 -57.57 35.48
N ALA F 644 -70.23 -56.42 36.09
CA ALA F 644 -70.76 -55.15 35.61
C ALA F 644 -70.22 -54.81 34.24
N GLU F 645 -68.94 -55.04 34.03
CA GLU F 645 -68.33 -54.73 32.74
C GLU F 645 -69.00 -55.60 31.67
N TYR F 646 -69.27 -56.86 32.00
CA TYR F 646 -69.86 -57.76 31.04
C TYR F 646 -71.25 -57.31 30.62
N ASN F 647 -72.09 -56.92 31.59
CA ASN F 647 -73.46 -56.51 31.27
C ASN F 647 -73.48 -55.20 30.48
N GLU F 648 -72.60 -54.27 30.84
N GLU F 648 -72.59 -54.27 30.81
CA GLU F 648 -72.44 -53.04 30.06
CA GLU F 648 -72.49 -53.03 30.03
C GLU F 648 -72.02 -53.37 28.62
C GLU F 648 -71.98 -53.33 28.62
N LEU F 649 -71.11 -54.31 28.47
N LEU F 649 -71.14 -54.33 28.49
CA LEU F 649 -70.65 -54.68 27.15
CA LEU F 649 -70.64 -54.72 27.20
C LEU F 649 -71.75 -55.29 26.30
C LEU F 649 -71.75 -55.28 26.33
N LEU F 650 -72.65 -56.07 26.94
CA LEU F 650 -73.75 -56.69 26.22
C LEU F 650 -74.66 -55.60 25.61
N ASN F 651 -74.94 -54.55 26.37
CA ASN F 651 -75.73 -53.45 25.83
C ASN F 651 -74.99 -52.72 24.73
N TYR F 652 -73.69 -52.55 24.89
CA TYR F 652 -72.88 -51.87 23.88
C TYR F 652 -72.80 -52.69 22.59
N ILE F 653 -72.69 -54.03 22.72
CA ILE F 653 -72.63 -54.87 21.54
C ILE F 653 -73.92 -54.76 20.72
N SER F 654 -75.08 -54.74 21.40
CA SER F 654 -76.33 -54.64 20.66
C SER F 654 -76.53 -53.27 20.03
N GLU F 655 -76.03 -52.23 20.68
CA GLU F 655 -76.09 -50.88 20.10
C GLU F 655 -75.26 -50.79 18.83
N LEU F 656 -74.08 -51.42 18.85
CA LEU F 656 -73.21 -51.43 17.69
C LEU F 656 -73.86 -52.26 16.56
N GLU F 657 -74.46 -53.39 16.92
CA GLU F 657 -75.11 -54.23 15.92
C GLU F 657 -76.35 -53.53 15.34
N THR F 658 -77.03 -52.70 16.12
CA THR F 658 -78.14 -51.93 15.60
C THR F 658 -77.68 -50.95 14.50
N ILE F 659 -76.52 -50.35 14.70
CA ILE F 659 -75.97 -49.43 13.74
C ILE F 659 -75.58 -50.12 12.43
N LEU F 660 -75.02 -51.33 12.51
CA LEU F 660 -74.60 -52.03 11.32
C LEU F 660 -75.76 -52.70 10.58
N ALA F 661 -76.88 -52.94 11.27
CA ALA F 661 -78.01 -53.61 10.66
C ALA F 661 -78.95 -52.68 9.90
N ASP F 662 -78.81 -51.36 10.08
CA ASP F 662 -79.71 -50.40 9.44
C ASP F 662 -78.83 -49.25 8.88
N GLU F 663 -78.84 -49.09 7.57
CA GLU F 663 -78.08 -48.03 6.92
C GLU F 663 -78.56 -46.66 7.35
N GLU F 664 -79.84 -46.54 7.71
CA GLU F 664 -80.38 -45.24 8.15
C GLU F 664 -79.88 -44.87 9.53
N VAL F 665 -79.72 -45.89 10.43
CA VAL F 665 -79.17 -45.63 11.74
C VAL F 665 -77.71 -45.17 11.59
N LEU F 666 -76.93 -45.84 10.73
CA LEU F 666 -75.57 -45.43 10.48
C LEU F 666 -75.51 -44.02 9.94
N LEU F 667 -76.42 -43.67 9.02
CA LEU F 667 -76.41 -42.34 8.40
C LEU F 667 -76.79 -41.26 9.41
N GLN F 668 -77.72 -41.54 10.31
CA GLN F 668 -78.10 -40.56 11.32
C GLN F 668 -76.97 -40.34 12.33
N LEU F 669 -76.14 -41.37 12.54
CA LEU F 669 -75.02 -41.27 13.46
C LEU F 669 -74.04 -40.25 12.85
N VAL F 670 -73.71 -40.43 11.57
CA VAL F 670 -72.84 -39.48 10.87
C VAL F 670 -73.40 -38.05 10.99
N ARG F 671 -74.72 -37.89 10.84
CA ARG F 671 -75.34 -36.59 10.95
C ARG F 671 -75.17 -36.02 12.37
N ASP F 672 -75.38 -36.86 13.40
CA ASP F 672 -75.26 -36.37 14.75
C ASP F 672 -73.82 -35.97 15.08
N GLU F 673 -72.85 -36.76 14.62
CA GLU F 673 -71.44 -36.45 14.90
C GLU F 673 -71.00 -35.20 14.14
N LEU F 674 -71.46 -35.05 12.88
CA LEU F 674 -71.16 -33.82 12.15
C LEU F 674 -71.79 -32.60 12.85
N THR F 675 -73.02 -32.76 13.37
CA THR F 675 -73.70 -31.66 14.03
C THR F 675 -72.99 -31.24 15.31
N GLU F 676 -72.50 -32.23 16.07
CA GLU F 676 -71.70 -31.92 17.25
C GLU F 676 -70.47 -31.07 16.86
N ILE F 677 -69.77 -31.47 15.81
CA ILE F 677 -68.60 -30.72 15.36
C ILE F 677 -69.00 -29.32 14.91
N ARG F 678 -70.13 -29.21 14.19
CA ARG F 678 -70.63 -27.89 13.79
C ARG F 678 -70.92 -27.02 15.00
N ASP F 679 -71.55 -27.59 16.02
CA ASP F 679 -71.90 -26.78 17.20
C ASP F 679 -70.66 -26.37 17.99
N ARG F 680 -69.61 -27.18 17.94
CA ARG F 680 -68.40 -26.88 18.75
C ARG F 680 -67.42 -25.98 17.99
N PHE F 681 -67.28 -26.17 16.68
CA PHE F 681 -66.29 -25.45 15.90
C PHE F 681 -66.79 -24.51 14.85
N GLY F 682 -68.08 -24.57 14.52
CA GLY F 682 -68.65 -23.62 13.52
C GLY F 682 -68.55 -22.21 14.05
N ASP F 683 -68.33 -21.28 13.12
CA ASP F 683 -68.17 -19.86 13.49
C ASP F 683 -68.84 -18.99 12.43
N ASP F 684 -68.82 -17.69 12.71
CA ASP F 684 -69.62 -16.77 11.81
C ASP F 684 -68.86 -16.60 10.50
N ARG F 685 -69.62 -16.19 9.50
CA ARG F 685 -69.06 -15.82 8.20
C ARG F 685 -68.23 -14.55 8.32
N ARG F 686 -67.06 -14.55 7.66
CA ARG F 686 -66.18 -13.39 7.66
C ARG F 686 -66.26 -12.59 6.35
N THR F 687 -66.31 -13.28 5.23
CA THR F 687 -66.38 -12.62 3.94
C THR F 687 -67.82 -12.26 3.60
N GLU F 688 -68.03 -11.00 3.27
CA GLU F 688 -69.37 -10.52 2.90
C GLU F 688 -69.54 -10.66 1.38
N ILE F 689 -70.56 -11.39 0.98
CA ILE F 689 -70.86 -11.59 -0.40
C ILE F 689 -71.86 -10.52 -0.87
N GLN F 690 -71.34 -9.49 -1.52
CA GLN F 690 -72.19 -8.38 -1.99
C GLN F 690 -72.90 -8.75 -3.27
N LEU F 691 -74.07 -8.18 -3.48
CA LEU F 691 -74.87 -8.45 -4.69
C LEU F 691 -74.91 -7.27 -5.63
N GLY F 692 -74.63 -7.50 -6.92
CA GLY F 692 -74.31 -8.82 -7.45
C GLY F 692 -75.43 -9.83 -7.21
#